data_5GIP
#
_entry.id   5GIP
#
_cell.length_a   97.916
_cell.length_b   97.718
_cell.length_c   128.793
_cell.angle_alpha   108.98
_cell.angle_beta   104.42
_cell.angle_gamma   89.86
#
_symmetry.space_group_name_H-M   'P 1'
#
loop_
_entity.id
_entity.type
_entity.pdbx_description
1 polymer 'C/D box methylation guide ribonucleoprotein complex aNOP56 subunit'
2 polymer '50S ribosomal protein L7Ae'
3 polymer "Fibrillarin-like rRNA/tRNA 2'-O-methyltransferase"
4 polymer 'C/D RNA'
5 polymer substrate
6 non-polymer S-ADENOSYL-L-HOMOCYSTEINE
#
loop_
_entity_poly.entity_id
_entity_poly.type
_entity_poly.pdbx_seq_one_letter_code
_entity_poly.pdbx_strand_id
1 'polypeptide(L)'
;MVKIYLIEHVIGAVAYDENGNIVDYITNPRDLGKITEELLNNEKGIPFSATVELLKKVNPQEVVVENEAEVPKLQALGYR
VSYEPYSKVSRIFRESLPKVAIDIKFASNEEDYYNFLHELSLEYTRRKLRSAAQKRDLLAIQAVRAMDDIDKTINLFSER
LREWYSIHFPELDKLIEDHEEYATIVSRFGDRGFLTIDSLKELGFNEQRINRILDAAKKSIGADISEDDLSAMRMIANTI
LDLYNIRRNLNNYLEGVMKEVAPNVTALVGPALGARLLSIAGSLDELAKMPASTIQVLGAEKALFRALRSGGRPPKHGII
FQYPAIHTSPRWQRGKIARALAAKLAIAARVDAFSGRFIGDQLNEQLKKRIDEIKEKFAQHHHHHHHH
;
A,B,K,L
2 'polypeptide(L)'
;MDAMSKASYVKFEVPQDLADKVLEAVRKAKESGKIKKGTNETTKAVERGQAKLVIIAEDVQPEEIVAHLPLLCDEKKIPY
VYVSSKKALGEACGLQVATASAAILEPGEAKDLVDEIIKRVNEIKGKTSS
;
C,D,M,N
3 'polypeptide(L)'
;MAEVITVKQTNMENIYECEFNDGSFRLCTRNLVPNFNVYGERLIKYEGVEYREWNAFRSKLAGAILKGLKTNPIRKGTKV
LYLGAASGTTISHVSDIIELNGKAYGVEFSPRVVRELLLVAQRRPNIFPLLADARFPQSYKSVVENVDVLYVDIAQPDQT
DIAIYNAKFFLKVNGDMLLVIKARSIDVTKDPKEIYKTEVEKLENSNFETIQIINLDPYDKDHAIVLSKYKG
;
E,F,O,P
4 'polyribonucleotide' GGGAGUCUUGUGAUGAGAACACUCAUGGUCUGAAGACUCCC G,H,Q,R
5 'polyribonucleotide' CCAUGAGUGUU I,J,S,T
#
loop_
_chem_comp.id
_chem_comp.type
_chem_comp.name
_chem_comp.formula
A RNA linking ADENOSINE-5'-MONOPHOSPHATE 'C10 H14 N5 O7 P'
C RNA linking CYTIDINE-5'-MONOPHOSPHATE 'C9 H14 N3 O8 P'
G RNA linking GUANOSINE-5'-MONOPHOSPHATE 'C10 H14 N5 O8 P'
U RNA linking URIDINE-5'-MONOPHOSPHATE 'C9 H13 N2 O9 P'
#
# COMPACT_ATOMS: atom_id res chain seq x y z
N LYS A 3 -12.62 -24.81 -58.03
CA LYS A 3 -11.73 -23.96 -57.24
C LYS A 3 -12.46 -23.39 -56.04
N ILE A 4 -11.86 -23.56 -54.86
CA ILE A 4 -12.48 -23.08 -53.65
C ILE A 4 -11.52 -22.18 -52.88
N TYR A 5 -12.00 -20.99 -52.49
CA TYR A 5 -11.27 -20.06 -51.63
C TYR A 5 -11.61 -20.30 -50.17
N LEU A 6 -10.59 -20.53 -49.36
CA LEU A 6 -10.80 -20.86 -47.96
C LEU A 6 -10.54 -19.64 -47.08
N ILE A 7 -11.41 -19.37 -46.11
CA ILE A 7 -11.22 -18.26 -45.19
C ILE A 7 -11.21 -18.79 -43.76
N GLU A 8 -10.19 -18.39 -43.00
CA GLU A 8 -10.00 -18.83 -41.61
C GLU A 8 -10.13 -17.58 -40.74
N HIS A 9 -11.00 -17.64 -39.73
CA HIS A 9 -11.32 -16.46 -38.91
C HIS A 9 -11.71 -16.86 -37.48
N VAL A 10 -11.84 -15.90 -36.56
CA VAL A 10 -12.29 -16.18 -35.20
C VAL A 10 -13.58 -16.96 -35.28
N ILE A 11 -14.41 -16.49 -36.21
CA ILE A 11 -15.78 -16.95 -36.49
C ILE A 11 -15.89 -18.46 -36.85
N GLY A 12 -14.86 -19.02 -37.48
CA GLY A 12 -14.89 -20.37 -37.98
C GLY A 12 -14.24 -20.46 -39.35
N ALA A 13 -14.51 -21.53 -40.08
CA ALA A 13 -13.94 -21.69 -41.41
C ALA A 13 -15.04 -21.68 -42.47
N VAL A 14 -14.83 -20.88 -43.51
CA VAL A 14 -15.80 -20.74 -44.57
C VAL A 14 -15.14 -21.06 -45.92
N ALA A 15 -15.85 -21.77 -46.78
CA ALA A 15 -15.39 -22.04 -48.14
C ALA A 15 -16.15 -21.11 -49.09
N TYR A 16 -15.45 -20.54 -50.05
CA TYR A 16 -16.06 -19.57 -50.97
C TYR A 16 -15.82 -20.00 -52.41
N ASP A 17 -16.73 -19.63 -53.32
CA ASP A 17 -16.44 -19.78 -54.75
C ASP A 17 -15.76 -18.50 -55.21
N GLU A 18 -15.33 -18.45 -56.47
CA GLU A 18 -14.54 -17.31 -56.97
C GLU A 18 -15.33 -16.03 -57.15
N ASN A 19 -16.66 -16.14 -57.11
CA ASN A 19 -17.54 -14.99 -57.24
C ASN A 19 -17.82 -14.41 -55.86
N GLY A 20 -17.74 -15.27 -54.84
CA GLY A 20 -17.92 -14.87 -53.46
C GLY A 20 -19.14 -15.40 -52.74
N ASN A 21 -19.52 -16.65 -53.03
CA ASN A 21 -20.67 -17.27 -52.36
C ASN A 21 -20.27 -18.43 -51.47
N ILE A 22 -20.90 -18.50 -50.30
CA ILE A 22 -20.57 -19.53 -49.33
C ILE A 22 -20.94 -20.93 -49.82
N VAL A 23 -19.93 -21.67 -50.27
CA VAL A 23 -20.13 -23.03 -50.71
C VAL A 23 -20.51 -23.89 -49.52
N ASP A 24 -19.82 -23.71 -48.40
CA ASP A 24 -20.18 -24.37 -47.15
C ASP A 24 -19.40 -23.69 -46.01
N TYR A 25 -19.82 -23.93 -44.76
CA TYR A 25 -19.12 -23.34 -43.62
C TYR A 25 -19.14 -24.25 -42.40
N ILE A 26 -18.17 -24.09 -41.51
CA ILE A 26 -18.22 -24.78 -40.23
C ILE A 26 -17.90 -23.84 -39.09
N THR A 27 -18.92 -23.49 -38.30
CA THR A 27 -18.75 -22.51 -37.23
C THR A 27 -17.82 -23.01 -36.12
N ASN A 28 -16.96 -22.12 -35.63
CA ASN A 28 -16.07 -22.43 -34.52
C ASN A 28 -16.84 -22.48 -33.21
N PRO A 29 -16.35 -23.25 -32.24
CA PRO A 29 -17.07 -23.30 -30.97
C PRO A 29 -16.91 -21.96 -30.26
N ARG A 30 -17.98 -21.44 -29.68
CA ARG A 30 -17.88 -20.17 -28.98
C ARG A 30 -17.16 -20.36 -27.63
N ASP A 31 -15.87 -20.65 -27.70
CA ASP A 31 -15.07 -20.88 -26.50
C ASP A 31 -13.72 -20.15 -26.63
N LEU A 32 -13.46 -19.19 -25.72
CA LEU A 32 -12.23 -18.40 -25.74
C LEU A 32 -10.96 -19.23 -25.79
N GLY A 33 -10.83 -20.12 -24.81
CA GLY A 33 -9.67 -20.98 -24.68
C GLY A 33 -9.29 -21.69 -25.96
N LYS A 34 -10.29 -22.26 -26.63
CA LYS A 34 -10.03 -23.07 -27.81
C LYS A 34 -9.70 -22.24 -29.03
N ILE A 35 -10.37 -21.10 -29.20
CA ILE A 35 -10.10 -20.24 -30.35
C ILE A 35 -8.69 -19.65 -30.21
N THR A 36 -8.30 -19.34 -28.96
CA THR A 36 -6.96 -18.81 -28.73
C THR A 36 -5.91 -19.79 -29.22
N GLU A 37 -6.02 -21.05 -28.81
CA GLU A 37 -5.03 -22.07 -29.17
C GLU A 37 -4.95 -22.28 -30.69
N GLU A 38 -6.08 -22.17 -31.38
CA GLU A 38 -6.08 -22.35 -32.83
C GLU A 38 -5.43 -21.19 -33.55
N LEU A 39 -5.63 -19.98 -33.02
CA LEU A 39 -5.02 -18.78 -33.58
C LEU A 39 -3.50 -18.79 -33.40
N LEU A 40 -3.06 -19.12 -32.18
CA LEU A 40 -1.64 -19.24 -31.89
C LEU A 40 -0.99 -20.26 -32.80
N ASN A 41 -1.66 -21.39 -32.99
CA ASN A 41 -1.12 -22.44 -33.84
C ASN A 41 -1.16 -22.08 -35.32
N ASN A 42 -2.18 -21.35 -35.75
CA ASN A 42 -2.28 -20.89 -37.13
C ASN A 42 -1.08 -20.02 -37.55
N GLU A 43 -0.43 -19.39 -36.57
CA GLU A 43 0.82 -18.65 -36.81
C GLU A 43 1.91 -19.57 -37.35
N LYS A 44 1.95 -20.79 -36.83
CA LYS A 44 2.92 -21.79 -37.26
C LYS A 44 2.50 -22.49 -38.56
N GLY A 45 1.34 -22.14 -39.09
CA GLY A 45 0.88 -22.73 -40.34
C GLY A 45 -0.24 -23.74 -40.14
N ILE A 46 -0.36 -24.28 -38.94
CA ILE A 46 -1.40 -25.27 -38.60
C ILE A 46 -2.80 -24.77 -38.91
N PRO A 47 -3.55 -25.53 -39.74
CA PRO A 47 -4.92 -25.14 -40.07
C PRO A 47 -5.83 -25.33 -38.87
N PHE A 48 -6.89 -24.55 -38.81
CA PHE A 48 -7.93 -24.78 -37.81
C PHE A 48 -8.38 -26.22 -37.93
N SER A 49 -8.74 -26.85 -36.83
CA SER A 49 -9.32 -28.18 -36.90
C SER A 49 -10.69 -28.08 -37.57
N ALA A 50 -11.24 -26.88 -37.55
CA ALA A 50 -12.47 -26.55 -38.26
C ALA A 50 -12.26 -26.52 -39.77
N THR A 51 -11.02 -26.33 -40.21
CA THR A 51 -10.73 -26.27 -41.63
C THR A 51 -10.60 -27.66 -42.21
N VAL A 52 -10.02 -28.57 -41.44
CA VAL A 52 -9.95 -29.97 -41.83
C VAL A 52 -11.36 -30.59 -41.94
N GLU A 53 -12.24 -30.29 -40.98
CA GLU A 53 -13.64 -30.76 -41.07
C GLU A 53 -14.31 -30.26 -42.34
N LEU A 54 -14.10 -29.00 -42.68
CA LEU A 54 -14.77 -28.39 -43.84
C LEU A 54 -14.23 -28.93 -45.14
N LEU A 55 -12.92 -29.21 -45.17
CA LEU A 55 -12.30 -29.69 -46.39
C LEU A 55 -12.65 -31.16 -46.69
N LYS A 56 -13.32 -31.81 -45.75
CA LYS A 56 -13.81 -33.16 -45.99
C LYS A 56 -15.23 -33.07 -46.54
N LYS A 57 -16.06 -32.21 -45.93
CA LYS A 57 -17.42 -31.96 -46.38
C LYS A 57 -17.44 -31.55 -47.86
N VAL A 58 -16.82 -30.43 -48.17
CA VAL A 58 -16.60 -30.11 -49.57
C VAL A 58 -15.39 -30.97 -49.96
N ASN A 59 -15.31 -31.46 -51.20
CA ASN A 59 -14.12 -32.23 -51.61
C ASN A 59 -13.49 -31.64 -52.88
N PRO A 60 -12.77 -30.51 -52.72
CA PRO A 60 -12.36 -29.58 -53.77
C PRO A 60 -11.07 -29.95 -54.49
N GLN A 61 -11.01 -29.71 -55.80
CA GLN A 61 -9.82 -30.04 -56.59
C GLN A 61 -8.66 -29.05 -56.36
N GLU A 62 -8.95 -27.75 -56.45
CA GLU A 62 -7.96 -26.70 -56.18
C GLU A 62 -8.47 -25.79 -55.06
N VAL A 63 -7.74 -25.72 -53.95
CA VAL A 63 -8.09 -24.78 -52.88
C VAL A 63 -7.02 -23.70 -52.81
N VAL A 64 -7.40 -22.52 -52.30
CA VAL A 64 -6.47 -21.40 -52.14
C VAL A 64 -6.66 -20.72 -50.80
N VAL A 65 -5.58 -20.62 -50.03
CA VAL A 65 -5.65 -20.08 -48.67
C VAL A 65 -5.10 -18.66 -48.61
N GLU A 66 -5.29 -18.01 -47.47
CA GLU A 66 -4.86 -16.63 -47.26
C GLU A 66 -3.41 -16.62 -46.86
N ASN A 67 -3.02 -17.65 -46.12
CA ASN A 67 -1.71 -17.73 -45.47
C ASN A 67 -0.73 -18.67 -46.18
N GLU A 68 0.45 -18.16 -46.48
CA GLU A 68 1.41 -18.96 -47.22
C GLU A 68 2.08 -20.00 -46.33
N ALA A 69 1.92 -19.87 -45.02
CA ALA A 69 2.47 -20.86 -44.09
C ALA A 69 1.52 -22.04 -43.93
N GLU A 70 0.28 -21.89 -44.38
CA GLU A 70 -0.69 -23.00 -44.35
C GLU A 70 -0.55 -24.05 -45.47
N VAL A 71 -0.14 -23.60 -46.65
CA VAL A 71 -0.15 -24.44 -47.85
C VAL A 71 0.50 -25.81 -47.67
N PRO A 72 1.77 -25.88 -47.21
CA PRO A 72 2.38 -27.21 -47.11
C PRO A 72 1.66 -28.11 -46.12
N LYS A 73 1.09 -27.52 -45.08
CA LYS A 73 0.35 -28.29 -44.10
C LYS A 73 -0.86 -28.97 -44.75
N LEU A 74 -1.49 -28.28 -45.70
CA LEU A 74 -2.68 -28.79 -46.37
C LEU A 74 -2.35 -29.66 -47.58
N GLN A 75 -1.17 -29.45 -48.16
CA GLN A 75 -0.74 -30.34 -49.22
C GLN A 75 -0.46 -31.70 -48.63
N ALA A 76 0.20 -31.70 -47.48
CA ALA A 76 0.54 -32.93 -46.77
C ALA A 76 -0.72 -33.66 -46.30
N LEU A 77 -1.86 -32.99 -46.37
CA LEU A 77 -3.13 -33.61 -46.00
C LEU A 77 -3.81 -34.19 -47.25
N GLY A 78 -3.19 -33.96 -48.41
CA GLY A 78 -3.63 -34.56 -49.65
C GLY A 78 -4.16 -33.62 -50.72
N TYR A 79 -4.36 -32.36 -50.39
CA TYR A 79 -5.03 -31.44 -51.31
C TYR A 79 -4.05 -30.67 -52.21
N ARG A 80 -4.55 -30.21 -53.35
CA ARG A 80 -3.77 -29.32 -54.20
C ARG A 80 -4.01 -27.87 -53.79
N VAL A 81 -2.98 -27.20 -53.28
CA VAL A 81 -3.13 -25.89 -52.66
C VAL A 81 -2.24 -24.77 -53.21
N SER A 82 -2.79 -23.57 -53.28
CA SER A 82 -2.00 -22.35 -53.48
C SER A 82 -2.48 -21.27 -52.50
N TYR A 83 -1.90 -20.07 -52.57
CA TYR A 83 -2.35 -18.98 -51.70
C TYR A 83 -2.39 -17.63 -52.42
N GLU A 84 -3.32 -16.76 -52.04
CA GLU A 84 -3.43 -15.43 -52.63
C GLU A 84 -3.55 -14.38 -51.53
N PRO A 85 -2.56 -13.47 -51.45
CA PRO A 85 -2.66 -12.42 -50.46
C PRO A 85 -3.66 -11.39 -50.92
N TYR A 86 -4.29 -10.71 -49.98
CA TYR A 86 -5.36 -9.75 -50.22
C TYR A 86 -6.26 -10.05 -51.40
N SER A 87 -6.69 -11.30 -51.49
CA SER A 87 -7.61 -11.75 -52.53
C SER A 87 -8.96 -11.01 -52.45
N LYS A 88 -9.69 -10.90 -53.56
CA LYS A 88 -10.97 -10.21 -53.51
C LYS A 88 -11.92 -10.87 -52.53
N VAL A 89 -11.90 -12.20 -52.52
CA VAL A 89 -12.78 -12.98 -51.67
C VAL A 89 -12.55 -12.66 -50.21
N SER A 90 -11.30 -12.72 -49.79
CA SER A 90 -10.97 -12.44 -48.40
C SER A 90 -11.37 -11.00 -48.10
N ARG A 91 -11.19 -10.11 -49.07
CA ARG A 91 -11.69 -8.76 -48.90
C ARG A 91 -13.22 -8.80 -48.80
N ILE A 92 -13.89 -9.46 -49.75
CA ILE A 92 -15.34 -9.63 -49.73
C ILE A 92 -15.86 -10.17 -48.39
N PHE A 93 -15.22 -11.22 -47.88
CA PHE A 93 -15.61 -11.83 -46.61
C PHE A 93 -15.65 -10.82 -45.48
N ARG A 94 -14.57 -10.05 -45.38
CA ARG A 94 -14.44 -9.08 -44.31
C ARG A 94 -15.37 -7.90 -44.51
N GLU A 95 -15.82 -7.69 -45.76
CA GLU A 95 -16.77 -6.61 -46.01
C GLU A 95 -18.07 -6.87 -45.23
N SER A 96 -18.43 -8.15 -45.14
CA SER A 96 -19.71 -8.60 -44.58
C SER A 96 -19.59 -9.13 -43.16
N LEU A 97 -18.51 -8.75 -42.48
CA LEU A 97 -18.17 -9.37 -41.19
C LEU A 97 -18.91 -8.96 -39.94
N PRO A 98 -19.52 -7.75 -39.87
CA PRO A 98 -20.38 -7.69 -38.69
C PRO A 98 -21.45 -8.79 -38.77
N LYS A 99 -22.02 -8.98 -39.97
CA LYS A 99 -23.18 -9.83 -40.19
C LYS A 99 -22.91 -11.34 -40.27
N VAL A 100 -21.98 -11.79 -41.12
CA VAL A 100 -21.84 -13.24 -41.41
C VAL A 100 -21.53 -14.05 -40.15
N ALA A 101 -21.32 -13.36 -39.04
CA ALA A 101 -21.16 -13.97 -37.72
C ALA A 101 -22.49 -14.51 -37.25
N ILE A 102 -23.55 -13.81 -37.65
CA ILE A 102 -24.92 -14.22 -37.36
C ILE A 102 -25.44 -15.31 -38.30
N ASP A 103 -25.15 -15.15 -39.59
CA ASP A 103 -25.68 -16.06 -40.60
C ASP A 103 -25.25 -17.49 -40.36
N ILE A 104 -23.95 -17.68 -40.11
CA ILE A 104 -23.44 -19.03 -39.87
C ILE A 104 -23.55 -19.38 -38.38
N LYS A 105 -24.34 -18.57 -37.68
CA LYS A 105 -24.74 -18.84 -36.31
C LYS A 105 -23.59 -19.10 -35.34
N PHE A 106 -22.69 -18.12 -35.23
CA PHE A 106 -21.60 -18.10 -34.26
C PHE A 106 -21.97 -17.21 -33.09
N ALA A 107 -22.73 -16.16 -33.41
CA ALA A 107 -23.29 -15.27 -32.41
C ALA A 107 -24.69 -14.88 -32.82
N SER A 108 -25.53 -14.64 -31.81
CA SER A 108 -26.93 -14.34 -32.03
C SER A 108 -27.12 -12.94 -32.61
N ASN A 109 -26.47 -11.93 -32.03
CA ASN A 109 -26.48 -10.58 -32.60
C ASN A 109 -25.10 -9.91 -32.54
N GLU A 110 -25.01 -8.70 -33.10
CA GLU A 110 -23.79 -7.91 -33.02
C GLU A 110 -23.34 -7.71 -31.58
N GLU A 111 -24.29 -7.51 -30.68
CA GLU A 111 -24.04 -7.32 -29.27
C GLU A 111 -23.00 -8.27 -28.75
N ASP A 112 -23.16 -9.57 -28.95
CA ASP A 112 -22.14 -10.45 -28.37
C ASP A 112 -21.26 -11.17 -29.40
N TYR A 113 -21.32 -10.78 -30.66
CA TYR A 113 -20.21 -11.13 -31.52
C TYR A 113 -19.06 -10.28 -31.04
N TYR A 114 -19.31 -8.98 -31.07
CA TYR A 114 -18.34 -7.99 -30.65
C TYR A 114 -17.92 -8.10 -29.19
N ASN A 115 -18.84 -8.44 -28.30
CA ASN A 115 -18.41 -8.73 -26.92
C ASN A 115 -17.50 -9.93 -26.85
N PHE A 116 -17.76 -10.96 -27.66
CA PHE A 116 -16.89 -12.11 -27.64
C PHE A 116 -15.54 -11.74 -28.23
N LEU A 117 -15.59 -11.18 -29.43
CA LEU A 117 -14.37 -10.78 -30.13
C LEU A 117 -13.51 -9.91 -29.26
N HIS A 118 -14.13 -9.01 -28.52
CA HIS A 118 -13.40 -8.17 -27.60
C HIS A 118 -12.71 -9.01 -26.55
N GLU A 119 -13.45 -9.90 -25.90
CA GLU A 119 -12.80 -10.67 -24.86
C GLU A 119 -11.85 -11.73 -25.39
N LEU A 120 -11.98 -12.07 -26.67
CA LEU A 120 -10.99 -12.91 -27.30
C LEU A 120 -9.66 -12.17 -27.42
N SER A 121 -9.73 -10.94 -27.92
CA SER A 121 -8.53 -10.16 -28.16
C SER A 121 -7.72 -9.92 -26.88
N LEU A 122 -8.43 -9.65 -25.79
CA LEU A 122 -7.79 -9.51 -24.50
C LEU A 122 -7.10 -10.80 -24.09
N GLU A 123 -7.71 -11.94 -24.36
CA GLU A 123 -7.05 -13.21 -24.03
C GLU A 123 -5.96 -13.60 -24.99
N TYR A 124 -6.16 -13.27 -26.26
CA TYR A 124 -5.17 -13.61 -27.25
C TYR A 124 -3.87 -12.86 -26.96
N THR A 125 -3.97 -11.55 -26.75
CA THR A 125 -2.76 -10.76 -26.56
C THR A 125 -2.23 -10.87 -25.14
N ARG A 126 -3.09 -11.12 -24.15
CA ARG A 126 -2.55 -11.46 -22.83
C ARG A 126 -1.68 -12.70 -22.94
N ARG A 127 -2.07 -13.62 -23.81
CA ARG A 127 -1.32 -14.85 -23.94
C ARG A 127 0.04 -14.59 -24.56
N LYS A 128 0.06 -13.77 -25.63
CA LYS A 128 1.32 -13.47 -26.33
C LYS A 128 2.26 -12.68 -25.46
N LEU A 129 1.71 -11.70 -24.77
CA LEU A 129 2.41 -10.91 -23.77
C LEU A 129 3.15 -11.80 -22.77
N ARG A 130 2.53 -12.89 -22.35
CA ARG A 130 3.16 -13.77 -21.36
C ARG A 130 4.32 -14.55 -21.96
N SER A 131 4.20 -14.90 -23.23
CA SER A 131 5.24 -15.60 -23.94
C SER A 131 6.49 -14.73 -24.06
N ALA A 132 6.29 -13.43 -24.26
CA ALA A 132 7.42 -12.53 -24.47
C ALA A 132 8.24 -12.37 -23.22
N ALA A 133 7.57 -12.34 -22.07
CA ALA A 133 8.20 -12.11 -20.78
C ALA A 133 9.12 -13.23 -20.38
N GLN A 134 8.84 -14.39 -20.97
CA GLN A 134 9.48 -15.65 -20.62
C GLN A 134 10.81 -15.91 -21.33
N LYS A 135 11.18 -15.00 -22.25
CA LYS A 135 12.43 -15.04 -23.02
C LYS A 135 13.67 -14.84 -22.15
N ARG A 136 14.58 -15.80 -22.14
CA ARG A 136 15.73 -15.71 -21.26
C ARG A 136 16.64 -14.46 -21.43
N ASP A 137 16.81 -13.95 -22.66
CA ASP A 137 17.75 -12.82 -22.84
C ASP A 137 17.31 -11.50 -22.18
N LEU A 138 16.02 -11.39 -21.86
CA LEU A 138 15.53 -10.23 -21.15
C LEU A 138 16.21 -10.16 -19.79
N LEU A 139 16.41 -11.31 -19.17
CA LEU A 139 17.03 -11.34 -17.85
C LEU A 139 18.48 -10.89 -17.95
N ALA A 140 19.10 -11.35 -19.02
CA ALA A 140 20.45 -10.95 -19.31
C ALA A 140 20.50 -9.45 -19.49
N ILE A 141 19.58 -8.91 -20.28
CA ILE A 141 19.66 -7.51 -20.65
C ILE A 141 19.50 -6.65 -19.42
N GLN A 142 18.48 -6.90 -18.61
CA GLN A 142 18.33 -6.13 -17.38
C GLN A 142 19.52 -6.19 -16.42
N ALA A 143 20.18 -7.33 -16.28
CA ALA A 143 21.28 -7.45 -15.33
C ALA A 143 22.48 -6.61 -15.73
N VAL A 144 22.83 -6.64 -17.02
CA VAL A 144 24.00 -5.88 -17.47
C VAL A 144 23.73 -4.38 -17.40
N ARG A 145 22.46 -4.01 -17.56
CA ARG A 145 22.07 -2.61 -17.41
C ARG A 145 22.20 -2.18 -15.97
N ALA A 146 21.73 -3.01 -15.05
CA ALA A 146 21.93 -2.76 -13.62
C ALA A 146 23.43 -2.78 -13.27
N MET A 147 24.17 -3.72 -13.83
CA MET A 147 25.60 -3.80 -13.58
C MET A 147 26.34 -2.53 -14.01
N ASP A 148 25.86 -1.91 -15.07
CA ASP A 148 26.48 -0.66 -15.52
C ASP A 148 26.09 0.52 -14.60
N ASP A 149 24.86 0.48 -14.12
CA ASP A 149 24.37 1.50 -13.22
C ASP A 149 25.25 1.46 -11.98
N ILE A 150 25.65 0.26 -11.59
CA ILE A 150 26.52 0.13 -10.45
C ILE A 150 27.95 0.62 -10.75
N ASP A 151 28.50 0.29 -11.92
CA ASP A 151 29.76 0.85 -12.35
C ASP A 151 29.75 2.38 -12.25
N LYS A 152 28.72 2.99 -12.82
CA LYS A 152 28.56 4.44 -12.80
C LYS A 152 28.55 4.99 -11.39
N THR A 153 27.74 4.35 -10.55
CA THR A 153 27.53 4.78 -9.18
C THR A 153 28.76 4.56 -8.32
N ILE A 154 29.45 3.45 -8.51
CA ILE A 154 30.68 3.26 -7.76
C ILE A 154 31.66 4.40 -8.04
N ASN A 155 31.85 4.71 -9.32
CA ASN A 155 32.75 5.78 -9.72
C ASN A 155 32.27 7.09 -9.15
N LEU A 156 30.98 7.31 -9.23
CA LEU A 156 30.43 8.57 -8.74
C LEU A 156 30.71 8.76 -7.23
N PHE A 157 30.42 7.76 -6.40
CA PHE A 157 30.64 7.91 -4.98
C PHE A 157 32.14 7.95 -4.67
N SER A 158 32.93 7.18 -5.38
CA SER A 158 34.34 7.24 -5.11
C SER A 158 34.91 8.62 -5.40
N GLU A 159 34.47 9.25 -6.47
CA GLU A 159 35.00 10.57 -6.78
C GLU A 159 34.61 11.57 -5.67
N ARG A 160 33.36 11.49 -5.23
CA ARG A 160 32.85 12.28 -4.11
C ARG A 160 33.60 12.03 -2.82
N LEU A 161 33.72 10.76 -2.42
CA LEU A 161 34.42 10.42 -1.18
C LEU A 161 35.84 11.00 -1.13
N ARG A 162 36.62 10.81 -2.19
CA ARG A 162 37.97 11.40 -2.23
C ARG A 162 37.98 12.90 -2.03
N GLU A 163 37.02 13.61 -2.62
CA GLU A 163 36.96 15.05 -2.45
C GLU A 163 36.59 15.38 -1.03
N TRP A 164 35.72 14.57 -0.46
CA TRP A 164 35.21 14.79 0.88
C TRP A 164 36.27 14.41 1.90
N TYR A 165 36.81 13.20 1.76
CA TYR A 165 37.78 12.72 2.73
C TYR A 165 39.04 13.57 2.68
N SER A 166 39.28 14.22 1.55
CA SER A 166 40.51 14.99 1.40
C SER A 166 40.51 16.27 2.22
N ILE A 167 39.38 16.60 2.83
CA ILE A 167 39.34 17.70 3.80
C ILE A 167 40.18 17.33 5.03
N HIS A 168 40.15 16.06 5.39
CA HIS A 168 40.88 15.54 6.52
C HIS A 168 42.28 15.00 6.16
N PHE A 169 42.41 14.38 5.00
CA PHE A 169 43.64 13.69 4.63
C PHE A 169 43.87 13.76 3.12
N PRO A 170 44.26 14.94 2.62
CA PRO A 170 44.35 15.22 1.17
C PRO A 170 45.38 14.38 0.47
N GLU A 171 46.47 14.04 1.16
CA GLU A 171 47.59 13.32 0.53
C GLU A 171 47.23 11.87 0.18
N LEU A 172 46.30 11.28 0.92
CA LEU A 172 45.90 9.89 0.71
C LEU A 172 45.34 9.71 -0.70
N ASP A 173 44.75 10.76 -1.23
CA ASP A 173 44.12 10.72 -2.55
C ASP A 173 45.09 10.24 -3.65
N LYS A 174 46.27 10.86 -3.74
CA LYS A 174 47.25 10.54 -4.79
C LYS A 174 48.10 9.30 -4.45
N LEU A 175 47.89 8.76 -3.26
CA LEU A 175 48.64 7.59 -2.79
C LEU A 175 47.89 6.30 -3.07
N ILE A 176 46.57 6.35 -3.00
CA ILE A 176 45.78 5.16 -3.25
C ILE A 176 45.01 5.37 -4.56
N GLU A 177 45.48 4.70 -5.60
CA GLU A 177 44.92 4.79 -6.94
C GLU A 177 43.58 4.03 -7.05
N ASP A 178 43.45 2.94 -6.31
CA ASP A 178 42.29 2.07 -6.44
C ASP A 178 41.07 2.54 -5.63
N HIS A 179 39.90 2.65 -6.23
CA HIS A 179 38.74 3.14 -5.48
C HIS A 179 38.35 2.16 -4.38
N GLU A 180 38.31 0.87 -4.68
CA GLU A 180 37.94 -0.07 -3.63
C GLU A 180 38.94 -0.01 -2.47
N GLU A 181 40.22 0.21 -2.75
CA GLU A 181 41.18 0.41 -1.68
C GLU A 181 40.87 1.66 -0.83
N TYR A 182 40.85 2.84 -1.46
CA TYR A 182 40.60 4.13 -0.78
C TYR A 182 39.40 4.01 0.12
N ALA A 183 38.33 3.42 -0.39
CA ALA A 183 37.12 3.25 0.40
C ALA A 183 37.38 2.40 1.63
N THR A 184 38.17 1.35 1.46
CA THR A 184 38.50 0.50 2.61
C THR A 184 39.24 1.24 3.69
N ILE A 185 40.25 2.02 3.30
CA ILE A 185 41.00 2.77 4.29
C ILE A 185 40.05 3.71 5.04
N VAL A 186 39.22 4.44 4.30
CA VAL A 186 38.29 5.34 4.97
C VAL A 186 37.30 4.58 5.82
N SER A 187 36.88 3.43 5.34
CA SER A 187 35.87 2.69 6.07
C SER A 187 36.42 2.15 7.40
N ARG A 188 37.59 1.50 7.39
CA ARG A 188 38.09 0.84 8.61
C ARG A 188 38.78 1.78 9.59
N PHE A 189 39.51 2.79 9.11
CA PHE A 189 40.31 3.62 9.99
C PHE A 189 39.60 4.92 10.33
N GLY A 190 39.12 5.64 9.30
CA GLY A 190 38.42 6.89 9.55
C GLY A 190 39.45 7.97 9.76
N ASP A 191 39.65 8.34 11.03
CA ASP A 191 40.67 9.32 11.41
C ASP A 191 42.04 8.82 11.01
N ARG A 192 42.88 9.66 10.40
CA ARG A 192 44.17 9.17 9.94
C ARG A 192 45.10 8.84 11.10
N GLY A 193 44.75 9.27 12.31
CA GLY A 193 45.62 8.96 13.43
C GLY A 193 45.51 7.52 13.86
N PHE A 194 44.51 6.81 13.32
CA PHE A 194 44.32 5.41 13.65
C PHE A 194 45.06 4.46 12.68
N LEU A 195 45.81 5.05 11.75
CA LEU A 195 46.58 4.27 10.78
C LEU A 195 47.85 3.77 11.45
N THR A 196 48.05 2.47 11.44
CA THR A 196 49.25 1.87 12.02
C THR A 196 49.80 0.92 10.98
N ILE A 197 51.05 0.50 11.12
CA ILE A 197 51.69 -0.49 10.23
C ILE A 197 50.96 -1.82 10.15
N ASP A 198 50.55 -2.30 11.32
CA ASP A 198 49.95 -3.62 11.45
C ASP A 198 48.58 -3.72 10.79
N SER A 199 47.70 -2.78 11.08
CA SER A 199 46.36 -2.82 10.53
C SER A 199 46.43 -2.59 9.03
N LEU A 200 47.38 -1.77 8.60
CA LEU A 200 47.55 -1.55 7.19
C LEU A 200 48.15 -2.74 6.49
N LYS A 201 48.94 -3.50 7.22
CA LYS A 201 49.60 -4.67 6.66
C LYS A 201 48.60 -5.79 6.60
N GLU A 202 47.69 -5.82 7.56
CA GLU A 202 46.67 -6.85 7.61
C GLU A 202 45.67 -6.71 6.48
N LEU A 203 45.73 -5.59 5.75
CA LEU A 203 44.87 -5.38 4.60
C LEU A 203 45.67 -5.63 3.31
N GLY A 204 46.91 -6.09 3.49
CA GLY A 204 47.77 -6.46 2.39
C GLY A 204 48.52 -5.37 1.64
N PHE A 205 48.75 -4.24 2.29
CA PHE A 205 49.53 -3.20 1.65
C PHE A 205 50.98 -3.59 1.75
N ASN A 206 51.76 -3.40 0.68
CA ASN A 206 53.18 -3.70 0.82
C ASN A 206 53.83 -2.60 1.63
N GLU A 207 54.98 -2.91 2.25
CA GLU A 207 55.67 -2.00 3.15
C GLU A 207 56.12 -0.67 2.57
N GLN A 208 56.64 -0.66 1.34
CA GLN A 208 57.09 0.62 0.79
C GLN A 208 55.90 1.58 0.67
N ARG A 209 54.71 1.02 0.56
CA ARG A 209 53.52 1.84 0.53
C ARG A 209 53.10 2.16 1.94
N ILE A 210 53.05 1.15 2.82
CA ILE A 210 52.66 1.40 4.20
C ILE A 210 53.45 2.52 4.82
N ASN A 211 54.74 2.51 4.56
CA ASN A 211 55.56 3.60 5.05
C ASN A 211 55.15 4.93 4.46
N ARG A 212 54.80 4.96 3.17
CA ARG A 212 54.43 6.23 2.52
C ARG A 212 53.11 6.84 3.07
N ILE A 213 52.09 6.01 3.30
CA ILE A 213 50.84 6.49 3.88
C ILE A 213 51.04 7.11 5.26
N LEU A 214 51.65 6.33 6.15
CA LEU A 214 51.89 6.74 7.53
C LEU A 214 52.71 8.03 7.63
N ASP A 215 53.74 8.13 6.80
CA ASP A 215 54.57 9.33 6.77
C ASP A 215 53.73 10.51 6.29
N ALA A 216 52.87 10.28 5.29
CA ALA A 216 52.01 11.34 4.77
C ALA A 216 51.00 11.75 5.81
N ALA A 217 50.44 10.77 6.51
CA ALA A 217 49.41 10.99 7.51
C ALA A 217 49.95 11.76 8.68
N LYS A 218 51.22 11.51 9.00
CA LYS A 218 51.91 12.16 10.12
C LYS A 218 52.14 13.64 9.80
N LYS A 219 52.68 13.92 8.61
CA LYS A 219 52.95 15.28 8.18
C LYS A 219 51.73 15.96 7.51
N SER A 220 50.56 15.35 7.57
CA SER A 220 49.41 15.83 6.79
C SER A 220 48.94 17.23 7.13
N ILE A 221 48.60 18.00 6.10
CA ILE A 221 48.06 19.35 6.30
C ILE A 221 46.54 19.39 6.29
N GLY A 222 45.91 18.33 6.79
CA GLY A 222 44.46 18.27 6.77
C GLY A 222 43.79 18.79 8.03
N ALA A 223 42.49 18.97 7.92
CA ALA A 223 41.72 19.52 9.02
C ALA A 223 41.38 18.48 10.09
N ASP A 224 41.29 18.94 11.32
CA ASP A 224 40.82 18.12 12.44
C ASP A 224 39.33 18.01 12.25
N ILE A 225 38.71 16.92 12.66
CA ILE A 225 37.33 16.77 12.27
C ILE A 225 36.61 15.86 13.27
N SER A 226 35.34 16.14 13.57
CA SER A 226 34.67 15.37 14.62
C SER A 226 34.41 13.92 14.19
N GLU A 227 33.99 13.09 15.14
CA GLU A 227 33.64 11.71 14.82
C GLU A 227 32.38 11.73 13.97
N ASP A 228 31.51 12.70 14.25
CA ASP A 228 30.29 12.91 13.50
C ASP A 228 30.61 13.19 12.02
N ASP A 229 31.62 14.01 11.79
CA ASP A 229 32.03 14.34 10.45
C ASP A 229 32.54 13.11 9.76
N LEU A 230 33.35 12.30 10.45
CA LEU A 230 33.90 11.11 9.82
C LEU A 230 32.82 10.11 9.54
N SER A 231 31.83 10.03 10.40
CA SER A 231 30.79 9.03 10.20
C SER A 231 29.99 9.30 8.95
N ALA A 232 29.78 10.57 8.61
CA ALA A 232 29.07 10.89 7.40
C ALA A 232 29.86 10.35 6.21
N MET A 233 31.15 10.65 6.16
CA MET A 233 32.05 10.13 5.12
C MET A 233 32.04 8.58 5.02
N ARG A 234 32.26 7.93 6.16
CA ARG A 234 32.30 6.50 6.18
C ARG A 234 30.99 5.87 5.73
N MET A 235 29.90 6.62 5.81
CA MET A 235 28.66 6.10 5.24
C MET A 235 28.84 5.83 3.76
N ILE A 236 29.34 6.84 3.05
CA ILE A 236 29.59 6.68 1.61
C ILE A 236 30.63 5.59 1.37
N ALA A 237 31.68 5.58 2.19
CA ALA A 237 32.77 4.60 2.05
C ALA A 237 32.27 3.15 2.11
N ASN A 238 31.45 2.83 3.11
CA ASN A 238 30.88 1.48 3.20
C ASN A 238 29.94 1.18 2.05
N THR A 239 29.24 2.20 1.56
CA THR A 239 28.35 1.97 0.44
C THR A 239 29.15 1.61 -0.81
N ILE A 240 30.29 2.26 -1.02
CA ILE A 240 31.12 1.91 -2.17
C ILE A 240 31.53 0.41 -2.07
N LEU A 241 31.89 -0.01 -0.86
CA LEU A 241 32.26 -1.39 -0.58
C LEU A 241 31.08 -2.33 -0.80
N ASP A 242 29.91 -1.99 -0.27
CA ASP A 242 28.69 -2.78 -0.55
C ASP A 242 28.44 -2.93 -2.04
N LEU A 243 28.61 -1.83 -2.76
CA LEU A 243 28.31 -1.81 -4.18
C LEU A 243 29.31 -2.64 -4.94
N TYR A 244 30.56 -2.66 -4.48
CA TYR A 244 31.53 -3.54 -5.11
C TYR A 244 31.14 -5.01 -5.01
N ASN A 245 30.65 -5.44 -3.85
CA ASN A 245 30.22 -6.83 -3.69
C ASN A 245 28.98 -7.13 -4.53
N ILE A 246 28.04 -6.22 -4.59
CA ILE A 246 26.91 -6.46 -5.45
C ILE A 246 27.37 -6.57 -6.90
N ARG A 247 28.38 -5.81 -7.29
CA ARG A 247 28.80 -5.85 -8.67
C ARG A 247 29.39 -7.19 -9.02
N ARG A 248 30.21 -7.69 -8.12
CA ARG A 248 30.83 -8.97 -8.35
C ARG A 248 29.79 -10.06 -8.42
N ASN A 249 28.80 -9.97 -7.55
CA ASN A 249 27.69 -10.91 -7.57
C ASN A 249 26.93 -10.95 -8.86
N LEU A 250 26.55 -9.77 -9.36
CA LEU A 250 25.75 -9.61 -10.59
C LEU A 250 26.49 -10.20 -11.77
N ASN A 251 27.80 -9.99 -11.78
CA ASN A 251 28.70 -10.55 -12.78
C ASN A 251 28.52 -12.05 -12.89
N ASN A 252 28.51 -12.74 -11.75
CA ASN A 252 28.34 -14.19 -11.75
C ASN A 252 27.00 -14.56 -12.29
N TYR A 253 25.98 -13.83 -11.85
CA TYR A 253 24.65 -14.10 -12.36
C TYR A 253 24.71 -13.90 -13.85
N LEU A 254 25.38 -12.84 -14.28
CA LEU A 254 25.38 -12.49 -15.68
C LEU A 254 26.02 -13.60 -16.54
N GLU A 255 27.23 -14.02 -16.18
CA GLU A 255 27.96 -15.05 -16.93
C GLU A 255 27.13 -16.31 -17.10
N GLY A 256 26.38 -16.65 -16.05
CA GLY A 256 25.52 -17.81 -16.08
C GLY A 256 24.49 -17.69 -17.17
N VAL A 257 23.64 -16.69 -17.05
CA VAL A 257 22.54 -16.54 -17.99
C VAL A 257 23.13 -16.43 -19.39
N MET A 258 24.25 -15.74 -19.50
CA MET A 258 24.79 -15.38 -20.80
C MET A 258 25.34 -16.62 -21.55
N LYS A 259 25.87 -17.59 -20.82
CA LYS A 259 26.32 -18.84 -21.47
C LYS A 259 25.10 -19.67 -21.92
N GLU A 260 24.00 -19.61 -21.18
CA GLU A 260 22.79 -20.27 -21.61
C GLU A 260 22.21 -19.67 -22.89
N VAL A 261 22.09 -18.34 -22.95
CA VAL A 261 21.27 -17.74 -23.99
C VAL A 261 22.05 -17.39 -25.25
N ALA A 262 23.35 -17.14 -25.12
CA ALA A 262 24.20 -16.84 -26.27
C ALA A 262 25.68 -17.14 -25.99
N PRO A 263 26.02 -18.45 -25.95
CA PRO A 263 27.35 -18.99 -25.66
C PRO A 263 28.38 -18.64 -26.72
N ASN A 264 27.99 -18.61 -27.99
CA ASN A 264 28.93 -18.27 -29.05
C ASN A 264 29.45 -16.85 -28.87
N VAL A 265 28.55 -15.95 -28.49
CA VAL A 265 28.90 -14.56 -28.24
C VAL A 265 29.72 -14.46 -26.96
N THR A 266 29.35 -15.18 -25.91
CA THR A 266 30.15 -15.12 -24.70
C THR A 266 31.58 -15.56 -24.99
N ALA A 267 31.71 -16.58 -25.84
CA ALA A 267 33.00 -17.12 -26.24
C ALA A 267 33.91 -16.06 -26.88
N LEU A 268 33.34 -15.18 -27.68
CA LEU A 268 34.16 -14.16 -28.32
C LEU A 268 34.53 -12.98 -27.38
N VAL A 269 33.53 -12.39 -26.71
CA VAL A 269 33.70 -11.13 -25.97
C VAL A 269 33.44 -11.17 -24.46
N GLY A 270 33.08 -12.32 -23.92
CA GLY A 270 32.86 -12.40 -22.49
C GLY A 270 31.41 -12.12 -22.20
N PRO A 271 30.96 -12.45 -20.99
CA PRO A 271 29.53 -12.34 -20.68
C PRO A 271 29.01 -10.90 -20.74
N ALA A 272 29.68 -9.97 -20.06
CA ALA A 272 29.19 -8.59 -19.94
C ALA A 272 29.13 -7.86 -21.28
N LEU A 273 30.22 -7.87 -22.05
CA LEU A 273 30.19 -7.17 -23.33
C LEU A 273 29.10 -7.78 -24.23
N GLY A 274 28.89 -9.09 -24.11
CA GLY A 274 27.83 -9.76 -24.84
C GLY A 274 26.45 -9.29 -24.42
N ALA A 275 26.18 -9.17 -23.13
CA ALA A 275 24.88 -8.67 -22.68
C ALA A 275 24.69 -7.26 -23.17
N ARG A 276 25.76 -6.49 -23.08
CA ARG A 276 25.73 -5.11 -23.51
C ARG A 276 25.32 -4.96 -24.97
N LEU A 277 25.89 -5.83 -25.82
CA LEU A 277 25.51 -5.84 -27.23
C LEU A 277 24.05 -6.26 -27.37
N LEU A 278 23.64 -7.22 -26.56
CA LEU A 278 22.23 -7.60 -26.49
C LEU A 278 21.42 -6.43 -26.04
N SER A 279 21.98 -5.71 -25.06
CA SER A 279 21.26 -4.62 -24.44
C SER A 279 20.95 -3.56 -25.46
N ILE A 280 21.97 -3.15 -26.23
CA ILE A 280 21.83 -2.07 -27.20
C ILE A 280 20.98 -2.49 -28.40
N ALA A 281 21.04 -3.77 -28.74
CA ALA A 281 20.29 -4.31 -29.86
C ALA A 281 18.83 -4.48 -29.51
N GLY A 282 18.58 -4.90 -28.28
CA GLY A 282 17.22 -5.08 -27.81
C GLY A 282 16.89 -6.53 -27.51
N SER A 283 17.47 -7.41 -28.31
CA SER A 283 17.28 -8.84 -28.16
C SER A 283 18.30 -9.56 -29.01
N LEU A 284 18.49 -10.85 -28.74
CA LEU A 284 19.46 -11.67 -29.48
C LEU A 284 19.03 -11.78 -30.92
N ASP A 285 17.72 -11.84 -31.13
CA ASP A 285 17.19 -11.90 -32.46
C ASP A 285 17.38 -10.59 -33.23
N GLU A 286 17.39 -9.45 -32.53
CA GLU A 286 17.59 -8.17 -33.21
C GLU A 286 19.07 -8.11 -33.60
N LEU A 287 19.91 -8.59 -32.69
CA LEU A 287 21.35 -8.65 -32.89
C LEU A 287 21.68 -9.54 -34.09
N ALA A 288 21.04 -10.69 -34.15
CA ALA A 288 21.30 -11.68 -35.19
C ALA A 288 20.95 -11.20 -36.60
N LYS A 289 20.06 -10.23 -36.71
CA LYS A 289 19.69 -9.69 -38.01
C LYS A 289 20.63 -8.61 -38.51
N MET A 290 21.63 -8.23 -37.71
CA MET A 290 22.48 -7.07 -38.04
C MET A 290 23.69 -7.41 -38.87
N PRO A 291 24.03 -6.52 -39.82
CA PRO A 291 25.27 -6.53 -40.58
C PRO A 291 26.45 -6.26 -39.68
N ALA A 292 27.65 -6.66 -40.06
CA ALA A 292 28.77 -6.41 -39.19
C ALA A 292 28.99 -4.90 -39.09
N SER A 293 28.74 -4.18 -40.18
CA SER A 293 29.01 -2.74 -40.20
C SER A 293 28.18 -1.98 -39.17
N THR A 294 27.13 -2.61 -38.63
CA THR A 294 26.33 -2.02 -37.58
C THR A 294 26.82 -2.42 -36.21
N ILE A 295 27.10 -3.71 -36.03
CA ILE A 295 27.63 -4.20 -34.74
C ILE A 295 28.88 -3.44 -34.35
N GLN A 296 29.68 -3.12 -35.37
CA GLN A 296 30.95 -2.45 -35.15
C GLN A 296 30.77 -1.08 -34.54
N VAL A 297 29.61 -0.46 -34.77
CA VAL A 297 29.38 0.90 -34.28
C VAL A 297 28.26 0.99 -33.22
N LEU A 298 27.69 -0.15 -32.81
CA LEU A 298 26.74 -0.14 -31.70
C LEU A 298 27.31 0.51 -30.45
N GLY A 299 26.59 1.49 -29.94
CA GLY A 299 27.02 2.15 -28.74
C GLY A 299 27.78 3.41 -29.05
N ALA A 300 27.94 3.74 -30.34
CA ALA A 300 28.63 4.95 -30.72
C ALA A 300 27.78 5.83 -31.62
N GLU A 301 26.48 5.87 -31.34
CA GLU A 301 25.53 6.62 -32.14
C GLU A 301 25.81 8.12 -32.14
N LYS A 302 26.36 8.64 -31.05
CA LYS A 302 26.62 10.07 -31.02
C LYS A 302 27.64 10.42 -32.08
N ALA A 303 28.77 9.73 -32.09
CA ALA A 303 29.79 10.05 -33.05
C ALA A 303 29.23 9.79 -34.43
N LEU A 304 28.55 8.66 -34.56
CA LEU A 304 28.05 8.17 -35.85
C LEU A 304 27.04 9.07 -36.54
N PHE A 305 26.11 9.64 -35.80
CA PHE A 305 25.10 10.44 -36.49
C PHE A 305 25.59 11.85 -36.72
N ARG A 306 26.65 12.25 -36.03
CA ARG A 306 27.32 13.49 -36.36
C ARG A 306 28.08 13.26 -37.66
N ALA A 307 28.56 12.04 -37.84
CA ALA A 307 29.24 11.68 -39.09
C ALA A 307 28.29 11.63 -40.27
N LEU A 308 27.19 10.89 -40.13
CA LEU A 308 26.29 10.70 -41.26
C LEU A 308 25.60 12.02 -41.63
N ARG A 309 25.45 12.91 -40.65
CA ARG A 309 24.82 14.21 -40.88
C ARG A 309 25.70 15.22 -41.60
N SER A 310 26.99 15.23 -41.29
CA SER A 310 27.88 16.28 -41.78
C SER A 310 28.82 15.78 -42.85
N GLY A 311 28.77 14.47 -43.12
CA GLY A 311 29.71 13.82 -44.03
C GLY A 311 31.11 13.71 -43.47
N GLY A 312 31.25 13.82 -42.16
CA GLY A 312 32.53 13.72 -41.49
C GLY A 312 32.97 12.28 -41.28
N ARG A 313 33.94 12.08 -40.38
CA ARG A 313 34.47 10.73 -40.17
C ARG A 313 33.65 9.94 -39.16
N PRO A 314 33.21 8.74 -39.56
CA PRO A 314 32.44 7.81 -38.76
C PRO A 314 33.30 7.16 -37.68
N PRO A 315 32.69 6.67 -36.58
CA PRO A 315 33.45 6.06 -35.48
C PRO A 315 34.02 4.69 -35.84
N LYS A 316 35.20 4.38 -35.33
CA LYS A 316 35.81 3.09 -35.61
C LYS A 316 35.23 2.00 -34.72
N HIS A 317 34.70 2.39 -33.56
CA HIS A 317 34.23 1.37 -32.59
C HIS A 317 33.18 1.92 -31.66
N GLY A 318 32.20 1.10 -31.32
CA GLY A 318 31.15 1.51 -30.42
C GLY A 318 31.44 0.89 -29.10
N ILE A 319 30.49 0.12 -28.58
CA ILE A 319 30.64 -0.53 -27.29
C ILE A 319 31.74 -1.60 -27.40
N ILE A 320 31.97 -2.05 -28.63
CA ILE A 320 32.99 -3.05 -28.95
C ILE A 320 34.40 -2.62 -28.53
N PHE A 321 34.58 -1.31 -28.39
CA PHE A 321 35.83 -0.71 -27.92
C PHE A 321 36.29 -1.31 -26.62
N GLN A 322 35.34 -1.83 -25.86
CA GLN A 322 35.60 -2.41 -24.56
C GLN A 322 36.40 -3.71 -24.61
N TYR A 323 36.42 -4.39 -25.77
CA TYR A 323 37.23 -5.60 -26.01
C TYR A 323 38.70 -5.29 -25.88
N PRO A 324 39.37 -5.89 -24.88
CA PRO A 324 40.73 -5.49 -24.47
C PRO A 324 41.65 -5.28 -25.66
N ALA A 325 41.65 -6.22 -26.61
CA ALA A 325 42.46 -6.11 -27.83
C ALA A 325 42.27 -4.81 -28.63
N ILE A 326 41.16 -4.07 -28.40
CA ILE A 326 40.95 -2.83 -29.13
C ILE A 326 41.43 -1.60 -28.35
N HIS A 327 41.04 -1.48 -27.10
CA HIS A 327 41.45 -0.28 -26.38
C HIS A 327 42.92 -0.35 -25.91
N THR A 328 43.53 -1.54 -25.95
CA THR A 328 44.94 -1.69 -25.56
C THR A 328 45.94 -1.45 -26.70
N SER A 329 45.56 -1.85 -27.91
CA SER A 329 46.41 -1.65 -29.08
C SER A 329 46.47 -0.19 -29.52
N PRO A 330 47.55 0.19 -30.21
CA PRO A 330 47.70 1.54 -30.79
C PRO A 330 46.59 1.83 -31.79
N ARG A 331 46.22 3.09 -31.99
CA ARG A 331 44.99 3.40 -32.74
C ARG A 331 44.98 2.89 -34.19
N TRP A 332 46.13 2.82 -34.86
CA TRP A 332 46.14 2.47 -36.28
C TRP A 332 45.78 0.99 -36.52
N GLN A 333 45.85 0.20 -35.46
CA GLN A 333 45.41 -1.19 -35.54
C GLN A 333 43.92 -1.35 -35.23
N ARG A 334 43.36 -0.39 -34.47
CA ARG A 334 42.01 -0.56 -33.92
C ARG A 334 40.92 -0.71 -34.94
N GLY A 335 40.94 0.18 -35.94
CA GLY A 335 39.97 0.13 -37.00
C GLY A 335 39.88 -1.27 -37.57
N LYS A 336 41.04 -1.91 -37.75
CA LYS A 336 41.06 -3.24 -38.33
C LYS A 336 40.61 -4.32 -37.36
N ILE A 337 41.08 -4.27 -36.14
CA ILE A 337 40.69 -5.27 -35.18
C ILE A 337 39.19 -5.22 -34.93
N ALA A 338 38.63 -4.01 -34.89
CA ALA A 338 37.18 -3.85 -34.72
C ALA A 338 36.41 -4.47 -35.89
N ARG A 339 36.81 -4.12 -37.10
CA ARG A 339 36.18 -4.66 -38.30
C ARG A 339 36.18 -6.18 -38.21
N ALA A 340 37.26 -6.73 -37.66
CA ALA A 340 37.39 -8.17 -37.50
C ALA A 340 36.43 -8.69 -36.45
N LEU A 341 36.36 -7.99 -35.32
CA LEU A 341 35.47 -8.35 -34.23
C LEU A 341 34.01 -8.30 -34.64
N ALA A 342 33.62 -7.19 -35.28
CA ALA A 342 32.25 -7.05 -35.68
C ALA A 342 31.86 -8.23 -36.53
N ALA A 343 32.73 -8.52 -37.49
CA ALA A 343 32.50 -9.57 -38.45
C ALA A 343 32.26 -10.92 -37.77
N LYS A 344 33.14 -11.29 -36.84
CA LYS A 344 32.99 -12.58 -36.17
C LYS A 344 31.76 -12.60 -35.28
N LEU A 345 31.50 -11.46 -34.62
CA LEU A 345 30.32 -11.31 -33.76
C LEU A 345 29.01 -11.52 -34.50
N ALA A 346 28.90 -10.94 -35.69
CA ALA A 346 27.68 -11.11 -36.49
C ALA A 346 27.39 -12.58 -36.75
N ILE A 347 28.43 -13.35 -37.08
CA ILE A 347 28.28 -14.78 -37.29
C ILE A 347 27.88 -15.45 -36.00
N ALA A 348 28.59 -15.14 -34.92
CA ALA A 348 28.33 -15.77 -33.64
C ALA A 348 26.87 -15.59 -33.21
N ALA A 349 26.32 -14.39 -33.40
CA ALA A 349 24.95 -14.13 -33.01
C ALA A 349 23.94 -14.93 -33.83
N ARG A 350 24.21 -15.11 -35.12
CA ARG A 350 23.31 -15.87 -35.97
C ARG A 350 23.29 -17.32 -35.59
N VAL A 351 24.44 -17.87 -35.26
CA VAL A 351 24.42 -19.25 -34.85
C VAL A 351 23.76 -19.38 -33.45
N ASP A 352 23.87 -18.36 -32.61
CA ASP A 352 23.17 -18.38 -31.31
C ASP A 352 21.64 -18.28 -31.38
N ALA A 353 21.19 -17.49 -32.33
CA ALA A 353 19.77 -17.22 -32.55
C ALA A 353 19.09 -18.33 -33.34
N PHE A 354 19.74 -18.79 -34.38
CA PHE A 354 19.13 -19.74 -35.31
C PHE A 354 19.38 -21.23 -35.04
N SER A 355 20.31 -21.59 -34.17
CA SER A 355 20.47 -23.02 -33.90
C SER A 355 20.82 -23.36 -32.46
N GLY A 356 21.95 -22.84 -31.99
CA GLY A 356 22.43 -23.18 -30.67
C GLY A 356 23.63 -24.10 -30.79
N ARG A 357 23.96 -24.44 -32.04
CA ARG A 357 25.17 -25.18 -32.33
C ARG A 357 26.35 -24.34 -31.79
N PHE A 358 27.36 -24.98 -31.22
CA PHE A 358 28.48 -24.24 -30.61
C PHE A 358 29.66 -24.27 -31.57
N ILE A 359 30.17 -23.10 -31.92
CA ILE A 359 31.35 -22.97 -32.77
C ILE A 359 32.21 -21.80 -32.28
N GLY A 360 32.03 -21.43 -31.02
CA GLY A 360 32.73 -20.28 -30.46
C GLY A 360 34.23 -20.45 -30.42
N ASP A 361 34.66 -21.71 -30.39
CA ASP A 361 36.08 -22.01 -30.38
C ASP A 361 36.74 -21.78 -31.73
N GLN A 362 36.14 -22.23 -32.82
CA GLN A 362 36.73 -21.95 -34.13
C GLN A 362 36.55 -20.46 -34.41
N LEU A 363 35.49 -19.87 -33.89
CA LEU A 363 35.28 -18.44 -34.05
C LEU A 363 36.31 -17.58 -33.32
N ASN A 364 36.59 -17.90 -32.06
CA ASN A 364 37.64 -17.22 -31.31
C ASN A 364 39.00 -17.37 -31.97
N GLU A 365 39.31 -18.59 -32.38
CA GLU A 365 40.59 -18.92 -32.96
C GLU A 365 40.82 -18.19 -34.29
N GLN A 366 39.82 -18.19 -35.18
CA GLN A 366 39.93 -17.44 -36.45
C GLN A 366 40.25 -15.98 -36.18
N LEU A 367 39.61 -15.43 -35.15
CA LEU A 367 39.78 -14.04 -34.77
C LEU A 367 41.19 -13.75 -34.28
N LYS A 368 41.68 -14.55 -33.34
CA LYS A 368 43.03 -14.36 -32.81
C LYS A 368 44.10 -14.51 -33.91
N LYS A 369 43.81 -15.27 -34.95
CA LYS A 369 44.65 -15.31 -36.15
C LYS A 369 44.71 -13.94 -36.81
N ARG A 370 43.55 -13.40 -37.18
CA ARG A 370 43.45 -12.11 -37.88
C ARG A 370 44.04 -10.96 -37.06
N ILE A 371 44.00 -11.09 -35.73
CA ILE A 371 44.52 -10.04 -34.87
C ILE A 371 46.04 -10.05 -34.96
N ASP A 372 46.59 -11.27 -34.99
CA ASP A 372 48.02 -11.48 -35.07
C ASP A 372 48.61 -10.92 -36.38
N GLU A 373 47.92 -11.16 -37.50
CA GLU A 373 48.36 -10.64 -38.79
C GLU A 373 48.48 -9.11 -38.75
N ILE A 374 47.46 -8.47 -38.18
CA ILE A 374 47.41 -7.03 -38.04
C ILE A 374 48.52 -6.49 -37.14
N LYS A 375 48.72 -7.14 -36.00
CA LYS A 375 49.72 -6.69 -35.03
C LYS A 375 51.14 -6.78 -35.58
N GLU A 376 51.32 -7.65 -36.57
CA GLU A 376 52.58 -7.69 -37.30
C GLU A 376 52.57 -6.68 -38.44
N LYS A 377 52.46 -5.40 -38.07
CA LYS A 377 52.54 -4.25 -38.98
C LYS A 377 52.62 -2.94 -38.18
N LYS B 3 61.37 62.67 6.11
CA LYS B 3 60.54 61.62 5.52
C LYS B 3 61.31 60.34 5.28
N ILE B 4 60.78 59.25 5.81
CA ILE B 4 61.41 57.96 5.63
C ILE B 4 60.40 56.97 5.06
N TYR B 5 60.80 56.32 3.99
CA TYR B 5 60.02 55.25 3.36
C TYR B 5 60.39 53.90 3.97
N LEU B 6 59.39 53.22 4.53
CA LEU B 6 59.62 51.97 5.25
C LEU B 6 59.29 50.72 4.39
N ILE B 7 60.13 49.70 4.49
CA ILE B 7 59.93 48.45 3.76
C ILE B 7 59.85 47.26 4.72
N GLU B 8 58.86 46.38 4.52
CA GLU B 8 58.74 45.20 5.34
C GLU B 8 58.92 43.98 4.44
N HIS B 9 59.83 43.09 4.79
CA HIS B 9 60.16 41.96 3.93
C HIS B 9 60.61 40.75 4.76
N VAL B 10 60.70 39.58 4.16
CA VAL B 10 61.17 38.37 4.82
C VAL B 10 62.48 38.67 5.52
N ILE B 11 63.27 39.44 4.78
CA ILE B 11 64.65 39.86 5.06
C ILE B 11 64.79 40.61 6.42
N GLY B 12 63.75 41.34 6.80
CA GLY B 12 63.79 42.24 7.95
C GLY B 12 63.09 43.56 7.67
N ALA B 13 63.42 44.57 8.46
CA ALA B 13 62.82 45.89 8.27
C ALA B 13 63.90 46.87 7.88
N VAL B 14 63.66 47.61 6.81
CA VAL B 14 64.62 48.58 6.31
C VAL B 14 63.99 49.96 6.20
N ALA B 15 64.72 51.00 6.62
CA ALA B 15 64.24 52.39 6.50
C ALA B 15 64.95 53.07 5.35
N TYR B 16 64.21 53.82 4.54
CA TYR B 16 64.81 54.45 3.37
C TYR B 16 64.63 55.96 3.38
N ASP B 17 65.58 56.65 2.78
CA ASP B 17 65.37 58.07 2.53
C ASP B 17 64.66 58.12 1.20
N GLU B 18 64.25 59.32 0.80
CA GLU B 18 63.45 59.47 -0.39
C GLU B 18 64.19 59.24 -1.71
N ASN B 19 65.51 59.17 -1.67
CA ASN B 19 66.28 58.91 -2.88
C ASN B 19 66.53 57.43 -3.12
N GLY B 20 66.51 56.66 -2.04
CA GLY B 20 66.68 55.21 -2.13
C GLY B 20 67.96 54.69 -1.50
N ASN B 21 68.37 55.31 -0.39
CA ASN B 21 69.52 54.83 0.37
C ASN B 21 69.12 54.38 1.76
N ILE B 22 69.68 53.27 2.21
CA ILE B 22 69.31 52.69 3.50
C ILE B 22 69.70 53.59 4.68
N VAL B 23 68.71 54.30 5.22
CA VAL B 23 68.93 55.15 6.37
C VAL B 23 69.31 54.28 7.56
N ASP B 24 68.61 53.15 7.72
CA ASP B 24 68.99 52.15 8.71
C ASP B 24 68.24 50.84 8.48
N TYR B 25 68.67 49.75 9.12
CA TYR B 25 67.99 48.48 8.96
C TYR B 25 68.00 47.65 10.23
N ILE B 26 67.03 46.74 10.33
CA ILE B 26 67.04 45.73 11.38
C ILE B 26 66.73 44.34 10.81
N THR B 27 67.74 43.49 10.76
CA THR B 27 67.62 42.17 10.18
C THR B 27 66.62 41.29 10.94
N ASN B 28 65.84 40.52 10.20
CA ASN B 28 64.90 39.56 10.78
C ASN B 28 65.65 38.33 11.29
N PRO B 29 65.08 37.63 12.29
CA PRO B 29 65.82 36.44 12.71
C PRO B 29 65.74 35.40 11.63
N ARG B 30 66.83 34.73 11.33
CA ARG B 30 66.77 33.69 10.32
C ARG B 30 66.07 32.47 10.91
N ASP B 31 64.75 32.59 11.15
CA ASP B 31 63.92 31.54 11.75
C ASP B 31 62.53 31.32 11.08
N LEU B 32 62.29 30.13 10.52
CA LEU B 32 61.01 29.81 9.85
C LEU B 32 59.77 30.10 10.68
N GLY B 33 59.71 29.53 11.89
CA GLY B 33 58.59 29.73 12.78
C GLY B 33 58.18 31.17 12.98
N LYS B 34 59.15 32.04 13.28
CA LYS B 34 58.84 33.42 13.60
C LYS B 34 58.51 34.25 12.37
N ILE B 35 59.25 34.03 11.29
CA ILE B 35 59.00 34.79 10.08
C ILE B 35 57.61 34.45 9.54
N THR B 36 57.19 33.19 9.64
CA THR B 36 55.83 32.81 9.24
C THR B 36 54.78 33.54 10.07
N GLU B 37 54.92 33.53 11.39
CA GLU B 37 53.95 34.17 12.27
C GLU B 37 53.84 35.67 12.01
N GLU B 38 54.96 36.31 11.71
CA GLU B 38 54.94 37.75 11.46
C GLU B 38 54.31 38.09 10.12
N LEU B 39 54.51 37.23 9.12
CA LEU B 39 53.88 37.43 7.81
C LEU B 39 52.36 37.28 7.95
N LEU B 40 51.93 36.22 8.64
CA LEU B 40 50.52 36.00 8.92
C LEU B 40 49.92 37.20 9.64
N ASN B 41 50.67 37.76 10.59
CA ASN B 41 50.16 38.92 11.31
C ASN B 41 50.16 40.17 10.46
N ASN B 42 51.18 40.34 9.63
CA ASN B 42 51.26 41.50 8.74
C ASN B 42 50.08 41.56 7.78
N GLU B 43 49.45 40.41 7.53
CA GLU B 43 48.20 40.35 6.76
C GLU B 43 47.08 41.14 7.45
N LYS B 44 47.03 41.01 8.78
CA LYS B 44 46.03 41.68 9.58
C LYS B 44 46.46 43.13 9.79
N GLY B 45 47.65 43.45 9.30
CA GLY B 45 48.15 44.80 9.45
C GLY B 45 49.23 44.94 10.53
N ILE B 46 49.29 43.98 11.46
CA ILE B 46 50.28 44.01 12.55
C ILE B 46 51.71 44.19 12.04
N PRO B 47 52.40 45.25 12.52
CA PRO B 47 53.76 45.53 12.06
C PRO B 47 54.74 44.49 12.55
N PHE B 48 55.80 44.25 11.78
CA PHE B 48 56.88 43.38 12.21
C PHE B 48 57.46 43.89 13.53
N SER B 49 57.86 42.97 14.40
CA SER B 49 58.56 43.34 15.61
C SER B 49 59.94 43.84 15.25
N ALA B 50 60.41 43.46 14.07
CA ALA B 50 61.63 43.99 13.52
C ALA B 50 61.42 45.43 13.04
N THR B 51 60.18 45.77 12.72
CA THR B 51 59.84 47.11 12.24
C THR B 51 59.61 48.10 13.38
N VAL B 52 58.99 47.64 14.45
CA VAL B 52 58.80 48.47 15.63
C VAL B 52 60.15 48.88 16.22
N GLU B 53 61.09 47.94 16.29
CA GLU B 53 62.47 48.20 16.72
C GLU B 53 63.17 49.22 15.83
N LEU B 54 62.94 49.15 14.51
CA LEU B 54 63.62 50.06 13.61
C LEU B 54 63.08 51.47 13.77
N LEU B 55 61.79 51.57 14.07
CA LEU B 55 61.16 52.88 14.25
C LEU B 55 61.59 53.57 15.54
N LYS B 56 62.34 52.85 16.37
CA LYS B 56 62.91 53.45 17.57
C LYS B 56 64.32 53.99 17.31
N LYS B 57 65.13 53.23 16.59
CA LYS B 57 66.48 53.65 16.19
C LYS B 57 66.42 55.01 15.49
N VAL B 58 65.73 55.07 14.36
CA VAL B 58 65.42 56.35 13.72
C VAL B 58 64.23 56.94 14.47
N ASN B 59 64.15 58.26 14.56
CA ASN B 59 62.97 58.86 15.20
C ASN B 59 62.31 59.80 14.21
N PRO B 60 61.62 59.22 13.21
CA PRO B 60 61.21 59.88 11.98
C PRO B 60 59.89 60.60 12.11
N GLN B 61 59.82 61.78 11.50
CA GLN B 61 58.62 62.60 11.54
C GLN B 61 57.57 62.03 10.58
N GLU B 62 57.97 61.72 9.36
CA GLU B 62 57.06 61.18 8.35
C GLU B 62 57.52 59.81 7.86
N VAL B 63 56.71 58.79 8.12
CA VAL B 63 56.97 57.49 7.54
C VAL B 63 55.86 57.14 6.57
N VAL B 64 56.19 56.30 5.60
CA VAL B 64 55.20 55.85 4.66
C VAL B 64 55.43 54.37 4.44
N VAL B 65 54.37 53.58 4.65
CA VAL B 65 54.46 52.14 4.54
C VAL B 65 53.88 51.75 3.20
N GLU B 66 54.04 50.48 2.83
CA GLU B 66 53.55 50.00 1.56
C GLU B 66 52.08 49.63 1.66
N ASN B 67 51.73 49.09 2.82
CA ASN B 67 50.43 48.46 3.03
C ASN B 67 49.49 49.30 3.88
N GLU B 68 48.27 49.53 3.38
CA GLU B 68 47.40 50.48 4.06
C GLU B 68 46.76 49.95 5.32
N ALA B 69 46.85 48.64 5.53
CA ALA B 69 46.26 48.07 6.73
C ALA B 69 47.24 48.23 7.87
N GLU B 70 48.48 48.56 7.53
CA GLU B 70 49.51 48.87 8.52
C GLU B 70 49.37 50.27 9.10
N VAL B 71 48.90 51.21 8.27
CA VAL B 71 48.84 52.63 8.64
C VAL B 71 48.17 52.85 10.01
N PRO B 72 46.96 52.31 10.23
CA PRO B 72 46.38 52.57 11.55
C PRO B 72 47.11 51.95 12.75
N LYS B 73 47.74 50.79 12.59
CA LYS B 73 48.49 50.17 13.69
C LYS B 73 49.69 51.00 14.20
N LEU B 74 50.39 51.67 13.29
CA LEU B 74 51.57 52.46 13.63
C LEU B 74 51.22 53.88 14.10
N GLN B 75 50.03 54.34 13.75
CA GLN B 75 49.56 55.62 14.26
C GLN B 75 49.34 55.49 15.77
N ALA B 76 48.74 54.39 16.19
CA ALA B 76 48.53 54.15 17.62
C ALA B 76 49.86 53.97 18.35
N LEU B 77 50.93 53.81 17.59
CA LEU B 77 52.26 53.63 18.16
C LEU B 77 52.98 54.97 18.32
N GLY B 78 52.36 56.05 17.83
CA GLY B 78 52.87 57.39 18.04
C GLY B 78 53.36 58.14 16.82
N TYR B 79 53.47 57.46 15.67
CA TYR B 79 54.07 58.09 14.48
C TYR B 79 53.01 58.69 13.56
N ARG B 80 53.41 59.65 12.72
CA ARG B 80 52.54 60.17 11.66
C ARG B 80 52.74 59.34 10.40
N VAL B 81 51.69 58.65 9.96
CA VAL B 81 51.84 57.66 8.90
C VAL B 81 50.92 57.89 7.71
N SER B 82 51.45 57.61 6.52
CA SER B 82 50.65 57.43 5.31
C SER B 82 51.15 56.15 4.61
N TYR B 83 50.59 55.86 3.44
CA TYR B 83 51.04 54.73 2.65
C TYR B 83 51.06 55.07 1.16
N GLU B 84 52.01 54.46 0.45
CA GLU B 84 52.14 54.67 -0.98
C GLU B 84 52.30 53.30 -1.61
N PRO B 85 51.33 52.91 -2.44
CA PRO B 85 51.44 51.61 -3.12
C PRO B 85 52.43 51.68 -4.27
N TYR B 86 53.00 50.52 -4.61
CA TYR B 86 54.04 50.38 -5.65
C TYR B 86 54.98 51.59 -5.77
N SER B 87 55.46 52.08 -4.63
CA SER B 87 56.36 53.23 -4.58
C SER B 87 57.65 52.98 -5.35
N LYS B 88 58.30 54.06 -5.80
CA LYS B 88 59.58 53.95 -6.50
C LYS B 88 60.58 53.33 -5.55
N VAL B 89 60.47 53.68 -4.28
CA VAL B 89 61.36 53.18 -3.24
C VAL B 89 61.29 51.67 -3.07
N SER B 90 60.06 51.16 -2.96
CA SER B 90 59.82 49.73 -2.80
C SER B 90 60.30 48.96 -4.04
N ARG B 91 60.13 49.53 -5.23
CA ARG B 91 60.65 48.91 -6.46
C ARG B 91 62.18 48.85 -6.37
N ILE B 92 62.81 49.98 -6.06
CA ILE B 92 64.26 50.05 -5.87
C ILE B 92 64.76 48.98 -4.92
N PHE B 93 64.09 48.84 -3.79
CA PHE B 93 64.46 47.84 -2.80
C PHE B 93 64.51 46.46 -3.41
N ARG B 94 63.45 46.11 -4.13
CA ARG B 94 63.31 44.78 -4.68
C ARG B 94 64.22 44.60 -5.89
N GLU B 95 64.54 45.70 -6.57
CA GLU B 95 65.50 45.59 -7.66
C GLU B 95 66.84 45.16 -7.08
N SER B 96 67.12 45.59 -5.85
CA SER B 96 68.41 45.32 -5.23
C SER B 96 68.32 44.10 -4.33
N LEU B 97 67.27 43.32 -4.49
CA LEU B 97 66.98 42.26 -3.52
C LEU B 97 67.79 40.97 -3.62
N PRO B 98 68.34 40.64 -4.80
CA PRO B 98 69.29 39.52 -4.66
C PRO B 98 70.38 39.90 -3.65
N LYS B 99 70.85 41.14 -3.72
CA LYS B 99 71.99 41.63 -2.95
C LYS B 99 71.69 42.01 -1.49
N VAL B 100 70.76 42.94 -1.23
CA VAL B 100 70.60 43.53 0.12
C VAL B 100 70.32 42.49 1.21
N ALA B 101 70.12 41.25 0.78
CA ALA B 101 69.98 40.10 1.68
C ALA B 101 71.32 39.72 2.30
N ILE B 102 72.37 39.90 1.51
CA ILE B 102 73.75 39.70 1.95
C ILE B 102 74.27 40.92 2.74
N ASP B 103 74.00 42.12 2.24
CA ASP B 103 74.53 43.36 2.82
C ASP B 103 74.08 43.60 4.26
N ILE B 104 72.78 43.41 4.53
CA ILE B 104 72.27 43.63 5.87
C ILE B 104 72.43 42.35 6.70
N LYS B 105 73.22 41.42 6.16
CA LYS B 105 73.66 40.21 6.87
C LYS B 105 72.51 39.36 7.43
N PHE B 106 71.64 38.90 6.53
CA PHE B 106 70.53 37.99 6.85
C PHE B 106 70.90 36.57 6.48
N ALA B 107 71.67 36.47 5.40
CA ALA B 107 72.24 35.22 4.92
C ALA B 107 73.66 35.46 4.37
N SER B 108 74.48 34.43 4.38
CA SER B 108 75.85 34.59 3.92
C SER B 108 75.94 34.78 2.40
N ASN B 109 75.25 33.97 1.59
CA ASN B 109 75.24 34.22 0.15
C ASN B 109 73.89 34.02 -0.56
N GLU B 110 73.90 34.27 -1.87
CA GLU B 110 72.73 34.04 -2.71
C GLU B 110 72.26 32.62 -2.51
N GLU B 111 73.20 31.69 -2.41
CA GLU B 111 72.90 30.28 -2.22
C GLU B 111 71.82 30.02 -1.17
N ASP B 112 71.99 30.53 0.04
CA ASP B 112 70.98 30.18 1.03
C ASP B 112 70.12 31.36 1.47
N TYR B 113 70.15 32.45 0.71
CA TYR B 113 69.02 33.35 0.82
C TYR B 113 67.85 32.61 0.18
N TYR B 114 68.05 32.24 -1.09
CA TYR B 114 67.06 31.51 -1.89
C TYR B 114 66.71 30.14 -1.32
N ASN B 115 67.67 29.41 -0.77
CA ASN B 115 67.35 28.15 -0.08
C ASN B 115 66.44 28.34 1.12
N PHE B 116 66.67 29.41 1.88
CA PHE B 116 65.81 29.71 3.00
C PHE B 116 64.44 30.14 2.51
N LEU B 117 64.44 31.12 1.61
CA LEU B 117 63.22 31.68 1.07
C LEU B 117 62.31 30.59 0.52
N HIS B 118 62.89 29.61 -0.15
CA HIS B 118 62.14 28.47 -0.67
C HIS B 118 61.47 27.68 0.44
N GLU B 119 62.21 27.36 1.49
CA GLU B 119 61.62 26.57 2.57
C GLU B 119 60.65 27.41 3.38
N LEU B 120 60.78 28.73 3.32
CA LEU B 120 59.79 29.59 3.92
C LEU B 120 58.48 29.59 3.16
N SER B 121 58.56 29.73 1.84
CA SER B 121 57.36 29.76 1.01
C SER B 121 56.54 28.46 1.12
N LEU B 122 57.23 27.32 1.21
CA LEU B 122 56.56 26.04 1.44
C LEU B 122 55.81 26.04 2.78
N GLU B 123 56.43 26.58 3.82
CA GLU B 123 55.78 26.62 5.13
C GLU B 123 54.69 27.66 5.23
N TYR B 124 54.91 28.79 4.59
CA TYR B 124 53.93 29.83 4.65
C TYR B 124 52.67 29.28 4.01
N THR B 125 52.81 28.68 2.83
CA THR B 125 51.62 28.26 2.14
C THR B 125 51.10 26.95 2.71
N ARG B 126 51.96 26.12 3.28
CA ARG B 126 51.43 24.97 4.01
C ARG B 126 50.50 25.44 5.11
N ARG B 127 50.88 26.54 5.74
CA ARG B 127 50.15 27.05 6.87
C ARG B 127 48.79 27.57 6.44
N LYS B 128 48.75 28.30 5.32
CA LYS B 128 47.49 28.84 4.80
C LYS B 128 46.54 27.74 4.31
N LEU B 129 47.12 26.79 3.55
CA LEU B 129 46.46 25.59 3.09
C LEU B 129 45.71 24.86 4.20
N ARG B 130 46.31 24.82 5.40
CA ARG B 130 45.68 24.13 6.54
C ARG B 130 44.51 24.90 7.14
N SER B 131 44.59 26.24 7.12
CA SER B 131 43.50 27.06 7.62
C SER B 131 42.29 26.96 6.73
N ALA B 132 42.52 26.95 5.43
CA ALA B 132 41.42 26.95 4.48
C ALA B 132 40.62 25.67 4.63
N ALA B 133 41.34 24.56 4.86
CA ALA B 133 40.77 23.23 5.02
C ALA B 133 39.91 23.11 6.25
N GLN B 134 40.17 24.00 7.20
CA GLN B 134 39.57 23.96 8.53
C GLN B 134 38.20 24.67 8.61
N LYS B 135 37.81 25.33 7.52
CA LYS B 135 36.53 26.03 7.41
C LYS B 135 35.33 25.11 7.43
N ARG B 136 34.44 25.30 8.40
CA ARG B 136 33.26 24.45 8.59
C ARG B 136 32.33 24.34 7.39
N ASP B 137 32.23 25.37 6.56
CA ASP B 137 31.24 25.29 5.48
C ASP B 137 31.60 24.26 4.42
N LEU B 138 32.88 23.89 4.33
CA LEU B 138 33.31 22.86 3.40
C LEU B 138 32.63 21.54 3.72
N LEU B 139 32.48 21.24 5.01
CA LEU B 139 31.84 19.99 5.42
C LEU B 139 30.39 19.99 5.01
N ALA B 140 29.74 21.13 5.15
CA ALA B 140 28.36 21.24 4.72
C ALA B 140 28.26 21.01 3.21
N ILE B 141 29.14 21.64 2.44
CA ILE B 141 29.04 21.58 0.99
C ILE B 141 29.22 20.17 0.45
N GLN B 142 30.28 19.48 0.88
CA GLN B 142 30.50 18.12 0.46
C GLN B 142 29.31 17.23 0.83
N ALA B 143 28.74 17.42 2.01
CA ALA B 143 27.67 16.55 2.50
C ALA B 143 26.40 16.67 1.64
N VAL B 144 26.02 17.89 1.29
CA VAL B 144 24.84 18.04 0.45
C VAL B 144 25.11 17.53 -0.96
N ARG B 145 26.35 17.65 -1.41
CA ARG B 145 26.71 17.14 -2.73
C ARG B 145 26.62 15.62 -2.77
N ALA B 146 27.11 14.99 -1.69
CA ALA B 146 26.94 13.56 -1.52
C ALA B 146 25.43 13.22 -1.42
N MET B 147 24.68 14.01 -0.64
CA MET B 147 23.25 13.77 -0.50
C MET B 147 22.48 13.85 -1.81
N ASP B 148 22.96 14.69 -2.71
CA ASP B 148 22.32 14.80 -3.99
C ASP B 148 22.65 13.59 -4.84
N ASP B 149 23.89 13.14 -4.74
CA ASP B 149 24.31 11.97 -5.49
C ASP B 149 23.53 10.74 -5.02
N ILE B 150 23.22 10.66 -3.73
CA ILE B 150 22.43 9.53 -3.25
C ILE B 150 21.00 9.57 -3.81
N ASP B 151 20.39 10.75 -3.83
CA ASP B 151 19.10 10.96 -4.48
C ASP B 151 19.12 10.48 -5.92
N LYS B 152 20.14 10.92 -6.65
CA LYS B 152 20.30 10.60 -8.07
C LYS B 152 20.29 9.12 -8.26
N THR B 153 21.04 8.46 -7.40
CA THR B 153 21.20 7.03 -7.41
C THR B 153 19.94 6.27 -6.97
N ILE B 154 19.25 6.78 -5.97
CA ILE B 154 18.03 6.12 -5.56
C ILE B 154 17.08 6.08 -6.76
N ASN B 155 16.98 7.19 -7.47
CA ASN B 155 16.12 7.25 -8.65
C ASN B 155 16.59 6.28 -9.76
N LEU B 156 17.89 6.24 -10.00
CA LEU B 156 18.42 5.36 -11.04
C LEU B 156 18.13 3.89 -10.72
N PHE B 157 18.39 3.46 -9.50
CA PHE B 157 18.19 2.05 -9.17
C PHE B 157 16.71 1.72 -9.14
N SER B 158 15.90 2.64 -8.64
CA SER B 158 14.48 2.41 -8.61
C SER B 158 13.95 2.29 -10.01
N GLU B 159 14.41 3.16 -10.90
CA GLU B 159 13.93 3.08 -12.26
C GLU B 159 14.37 1.74 -12.87
N ARG B 160 15.60 1.33 -12.61
CA ARG B 160 16.09 0.03 -13.09
C ARG B 160 15.30 -1.15 -12.54
N LEU B 161 15.16 -1.18 -11.22
CA LEU B 161 14.44 -2.26 -10.54
C LEU B 161 13.03 -2.49 -11.08
N ARG B 162 12.22 -1.43 -11.19
CA ARG B 162 10.90 -1.56 -11.77
C ARG B 162 10.92 -2.16 -13.16
N GLU B 163 11.87 -1.78 -14.01
CA GLU B 163 11.92 -2.35 -15.35
C GLU B 163 12.29 -3.84 -15.30
N TRP B 164 13.15 -4.18 -14.36
CA TRP B 164 13.63 -5.55 -14.17
C TRP B 164 12.59 -6.44 -13.50
N TYR B 165 12.07 -6.00 -12.35
CA TYR B 165 11.13 -6.80 -11.61
C TYR B 165 9.83 -6.93 -12.40
N SER B 166 9.60 -6.01 -13.35
CA SER B 166 8.35 -6.04 -14.10
C SER B 166 8.32 -7.19 -15.08
N ILE B 167 9.45 -7.87 -15.23
CA ILE B 167 9.48 -9.10 -16.05
C ILE B 167 8.68 -10.22 -15.36
N HIS B 168 8.80 -10.28 -14.05
CA HIS B 168 8.10 -11.25 -13.25
C HIS B 168 6.71 -10.76 -12.86
N PHE B 169 6.58 -9.46 -12.57
CA PHE B 169 5.35 -8.92 -12.00
C PHE B 169 5.05 -7.49 -12.46
N PRO B 170 4.61 -7.34 -13.72
CA PRO B 170 4.43 -6.04 -14.41
C PRO B 170 3.34 -5.15 -13.80
N GLU B 171 2.29 -5.77 -13.29
CA GLU B 171 1.15 -5.01 -12.81
C GLU B 171 1.52 -4.23 -11.56
N LEU B 172 2.49 -4.76 -10.80
CA LEU B 172 2.88 -4.13 -9.54
C LEU B 172 3.44 -2.72 -9.73
N ASP B 173 4.04 -2.48 -10.89
CA ASP B 173 4.68 -1.19 -11.18
C ASP B 173 3.74 0.00 -10.99
N LYS B 174 2.56 -0.05 -11.60
CA LYS B 174 1.60 1.05 -11.56
C LYS B 174 0.75 1.06 -10.30
N LEU B 175 0.92 0.06 -9.45
CA LEU B 175 0.17 -0.06 -8.22
C LEU B 175 0.92 0.55 -7.05
N ILE B 176 2.24 0.42 -7.05
CA ILE B 176 3.03 1.03 -6.00
C ILE B 176 3.79 2.17 -6.60
N GLU B 177 3.31 3.38 -6.31
CA GLU B 177 3.84 4.60 -6.84
C GLU B 177 5.17 4.92 -6.18
N ASP B 178 5.33 4.56 -4.90
CA ASP B 178 6.51 4.93 -4.09
C ASP B 178 7.74 4.01 -4.26
N HIS B 179 8.92 4.57 -4.49
CA HIS B 179 10.07 3.72 -4.70
C HIS B 179 10.45 2.93 -3.46
N GLU B 180 10.51 3.59 -2.31
CA GLU B 180 10.87 2.87 -1.10
C GLU B 180 9.87 1.74 -0.86
N GLU B 181 8.60 1.98 -1.17
CA GLU B 181 7.61 0.91 -1.07
C GLU B 181 7.91 -0.22 -2.02
N TYR B 182 7.96 0.07 -3.33
CA TYR B 182 8.21 -0.92 -4.37
C TYR B 182 9.39 -1.81 -4.00
N ALA B 183 10.47 -1.17 -3.56
CA ALA B 183 11.67 -1.87 -3.12
C ALA B 183 11.45 -2.79 -1.90
N THR B 184 10.69 -2.34 -0.90
CA THR B 184 10.43 -3.18 0.27
C THR B 184 9.74 -4.48 -0.15
N ILE B 185 8.71 -4.35 -0.99
CA ILE B 185 7.98 -5.51 -1.45
C ILE B 185 8.91 -6.45 -2.22
N VAL B 186 9.72 -5.92 -3.13
CA VAL B 186 10.65 -6.79 -3.84
C VAL B 186 11.68 -7.36 -2.88
N SER B 187 12.12 -6.56 -1.93
CA SER B 187 13.13 -7.01 -1.00
C SER B 187 12.58 -8.09 -0.08
N ARG B 188 11.42 -7.83 0.49
CA ARG B 188 10.88 -8.72 1.51
C ARG B 188 10.13 -9.93 0.93
N PHE B 189 9.45 -9.81 -0.20
CA PHE B 189 8.72 -10.95 -0.76
C PHE B 189 9.46 -11.66 -1.90
N GLY B 190 9.89 -10.91 -2.89
CA GLY B 190 10.59 -11.52 -4.01
C GLY B 190 9.56 -12.06 -4.99
N ASP B 191 9.36 -13.37 -5.00
CA ASP B 191 8.37 -14.03 -5.84
C ASP B 191 6.96 -13.56 -5.49
N ARG B 192 6.12 -13.26 -6.48
CA ARG B 192 4.80 -12.66 -6.21
C ARG B 192 3.83 -13.60 -5.54
N GLY B 193 4.14 -14.89 -5.56
CA GLY B 193 3.28 -15.86 -4.92
C GLY B 193 3.40 -15.86 -3.41
N PHE B 194 4.34 -15.09 -2.87
CA PHE B 194 4.54 -15.02 -1.43
C PHE B 194 3.77 -13.88 -0.78
N LEU B 195 3.01 -13.16 -1.59
CA LEU B 195 2.29 -12.01 -1.07
C LEU B 195 1.06 -12.46 -0.33
N THR B 196 0.96 -12.03 0.92
CA THR B 196 -0.16 -12.38 1.78
C THR B 196 -0.79 -11.11 2.27
N ILE B 197 -2.05 -11.20 2.66
CA ILE B 197 -2.82 -10.10 3.23
C ILE B 197 -2.11 -9.61 4.47
N ASP B 198 -1.68 -10.58 5.26
CA ASP B 198 -1.11 -10.35 6.56
C ASP B 198 0.26 -9.71 6.50
N SER B 199 1.11 -10.31 5.69
CA SER B 199 2.47 -9.85 5.59
C SER B 199 2.44 -8.47 4.95
N LEU B 200 1.50 -8.25 4.04
CA LEU B 200 1.33 -6.93 3.46
C LEU B 200 0.72 -5.94 4.44
N LYS B 201 -0.06 -6.47 5.38
CA LYS B 201 -0.73 -5.64 6.39
C LYS B 201 0.27 -5.26 7.44
N GLU B 202 1.27 -6.11 7.63
CA GLU B 202 2.31 -5.83 8.59
C GLU B 202 3.18 -4.66 8.11
N LEU B 203 3.07 -4.31 6.83
CA LEU B 203 3.84 -3.22 6.22
C LEU B 203 3.05 -1.93 6.05
N GLY B 204 1.86 -1.88 6.64
CA GLY B 204 1.04 -0.69 6.65
C GLY B 204 0.28 -0.41 5.38
N PHE B 205 0.06 -1.44 4.57
CA PHE B 205 -0.74 -1.28 3.37
C PHE B 205 -2.21 -1.38 3.77
N ASN B 206 -3.05 -0.46 3.31
CA ASN B 206 -4.46 -0.53 3.67
C ASN B 206 -5.14 -1.66 2.90
N GLU B 207 -6.28 -2.13 3.42
CA GLU B 207 -6.98 -3.27 2.81
C GLU B 207 -7.33 -3.10 1.34
N GLN B 208 -7.87 -1.96 0.95
CA GLN B 208 -8.26 -1.78 -0.43
C GLN B 208 -7.04 -1.77 -1.35
N ARG B 209 -5.86 -1.50 -0.80
CA ARG B 209 -4.67 -1.56 -1.63
C ARG B 209 -4.22 -3.01 -1.72
N ILE B 210 -4.13 -3.65 -0.55
CA ILE B 210 -3.77 -5.06 -0.43
C ILE B 210 -4.63 -5.93 -1.35
N ASN B 211 -5.92 -5.63 -1.40
CA ASN B 211 -6.78 -6.37 -2.31
C ASN B 211 -6.33 -6.16 -3.74
N ARG B 212 -6.03 -4.92 -4.11
CA ARG B 212 -5.69 -4.64 -5.48
C ARG B 212 -4.37 -5.32 -5.87
N ILE B 213 -3.38 -5.31 -4.97
CA ILE B 213 -2.11 -6.01 -5.17
C ILE B 213 -2.25 -7.53 -5.32
N LEU B 214 -2.88 -8.18 -4.34
CA LEU B 214 -3.06 -9.63 -4.36
C LEU B 214 -3.85 -10.07 -5.55
N ASP B 215 -4.88 -9.32 -5.86
CA ASP B 215 -5.70 -9.71 -6.99
C ASP B 215 -4.83 -9.56 -8.26
N ALA B 216 -4.01 -8.52 -8.30
CA ALA B 216 -3.14 -8.28 -9.46
C ALA B 216 -2.13 -9.39 -9.60
N ALA B 217 -1.59 -9.79 -8.46
CA ALA B 217 -0.54 -10.78 -8.38
C ALA B 217 -1.02 -12.15 -8.81
N LYS B 218 -2.27 -12.47 -8.48
CA LYS B 218 -2.81 -13.74 -8.90
C LYS B 218 -3.08 -13.78 -10.39
N LYS B 219 -3.72 -12.74 -10.92
CA LYS B 219 -4.07 -12.71 -12.32
C LYS B 219 -2.91 -12.20 -13.18
N SER B 220 -1.72 -12.10 -12.59
CA SER B 220 -0.57 -11.50 -13.26
C SER B 220 -0.12 -12.27 -14.49
N ILE B 221 0.16 -11.52 -15.55
CA ILE B 221 0.67 -12.07 -16.80
C ILE B 221 2.18 -11.97 -16.93
N GLY B 222 2.85 -12.13 -15.81
CA GLY B 222 4.29 -12.02 -15.76
C GLY B 222 4.89 -13.38 -15.98
N ALA B 223 6.20 -13.41 -16.13
CA ALA B 223 6.96 -14.63 -16.34
C ALA B 223 7.25 -15.32 -15.01
N ASP B 224 7.26 -16.65 -15.03
CA ASP B 224 7.78 -17.42 -13.90
C ASP B 224 9.27 -17.38 -14.00
N ILE B 225 9.95 -17.30 -12.86
CA ILE B 225 11.35 -16.96 -12.91
C ILE B 225 12.04 -17.59 -11.71
N SER B 226 13.28 -18.05 -11.89
CA SER B 226 13.97 -18.80 -10.83
C SER B 226 14.33 -17.97 -9.58
N GLU B 227 14.77 -18.62 -8.51
CA GLU B 227 15.18 -17.89 -7.30
C GLU B 227 16.47 -17.14 -7.57
N ASP B 228 17.34 -17.72 -8.39
CA ASP B 228 18.59 -17.09 -8.81
C ASP B 228 18.36 -15.77 -9.53
N ASP B 229 17.35 -15.76 -10.41
CA ASP B 229 16.94 -14.56 -11.13
C ASP B 229 16.40 -13.50 -10.16
N LEU B 230 15.60 -13.91 -9.19
CA LEU B 230 15.02 -12.97 -8.25
C LEU B 230 16.05 -12.40 -7.29
N SER B 231 17.01 -13.22 -6.87
CA SER B 231 17.97 -12.71 -5.87
C SER B 231 18.81 -11.63 -6.50
N ALA B 232 19.02 -11.77 -7.81
CA ALA B 232 19.78 -10.78 -8.57
C ALA B 232 19.06 -9.47 -8.45
N MET B 233 17.75 -9.50 -8.70
CA MET B 233 16.89 -8.34 -8.52
C MET B 233 16.96 -7.78 -7.11
N ARG B 234 16.70 -8.62 -6.13
CA ARG B 234 16.63 -8.22 -4.73
C ARG B 234 17.94 -7.60 -4.22
N MET B 235 19.04 -7.91 -4.88
CA MET B 235 20.27 -7.20 -4.52
C MET B 235 20.08 -5.72 -4.73
N ILE B 236 19.60 -5.35 -5.92
CA ILE B 236 19.36 -3.96 -6.23
C ILE B 236 18.26 -3.40 -5.30
N ALA B 237 17.20 -4.17 -5.08
CA ALA B 237 16.11 -3.77 -4.20
C ALA B 237 16.60 -3.46 -2.79
N ASN B 238 17.42 -4.34 -2.23
CA ASN B 238 17.98 -4.06 -0.89
C ASN B 238 18.90 -2.85 -0.85
N THR B 239 19.63 -2.58 -1.93
CA THR B 239 20.48 -1.39 -1.97
C THR B 239 19.67 -0.12 -1.91
N ILE B 240 18.57 -0.08 -2.65
CA ILE B 240 17.69 1.08 -2.64
C ILE B 240 17.25 1.39 -1.21
N LEU B 241 16.91 0.35 -0.47
CA LEU B 241 16.51 0.49 0.93
C LEU B 241 17.67 1.00 1.80
N ASP B 242 18.84 0.39 1.61
CA ASP B 242 20.05 0.85 2.30
C ASP B 242 20.35 2.32 2.01
N LEU B 243 20.19 2.73 0.76
CA LEU B 243 20.46 4.11 0.36
C LEU B 243 19.45 5.12 0.93
N TYR B 244 18.17 4.74 1.02
CA TYR B 244 17.19 5.63 1.64
C TYR B 244 17.62 5.94 3.09
N ASN B 245 18.12 4.94 3.81
CA ASN B 245 18.58 5.15 5.19
C ASN B 245 19.82 6.02 5.26
N ILE B 246 20.77 5.75 4.40
CA ILE B 246 21.98 6.55 4.38
C ILE B 246 21.61 8.00 4.10
N ARG B 247 20.58 8.21 3.27
CA ARG B 247 20.18 9.56 2.90
C ARG B 247 19.59 10.32 4.07
N ARG B 248 18.74 9.63 4.81
CA ARG B 248 18.11 10.22 5.96
C ARG B 248 19.14 10.60 7.00
N ASN B 249 20.14 9.76 7.20
CA ASN B 249 21.24 10.11 8.08
C ASN B 249 22.02 11.35 7.63
N LEU B 250 22.32 11.44 6.34
CA LEU B 250 23.02 12.60 5.80
C LEU B 250 22.23 13.89 6.00
N ASN B 251 20.90 13.82 5.78
CA ASN B 251 20.01 14.94 6.02
C ASN B 251 20.16 15.45 7.43
N ASN B 252 20.14 14.53 8.39
CA ASN B 252 20.28 14.92 9.78
C ASN B 252 21.65 15.50 10.01
N TYR B 253 22.68 14.90 9.44
CA TYR B 253 24.01 15.47 9.60
C TYR B 253 24.01 16.89 9.06
N LEU B 254 23.43 17.07 7.88
CA LEU B 254 23.47 18.36 7.19
C LEU B 254 22.86 19.45 8.03
N GLU B 255 21.65 19.21 8.50
CA GLU B 255 20.91 20.20 9.29
C GLU B 255 21.75 20.66 10.45
N GLY B 256 22.50 19.72 11.03
CA GLY B 256 23.36 20.01 12.16
C GLY B 256 24.38 21.04 11.77
N VAL B 257 25.21 20.72 10.79
CA VAL B 257 26.29 21.59 10.37
C VAL B 257 25.75 22.92 9.93
N MET B 258 24.62 22.85 9.24
CA MET B 258 24.07 23.98 8.56
C MET B 258 23.55 25.03 9.53
N LYS B 259 23.00 24.59 10.64
CA LYS B 259 22.54 25.53 11.65
C LYS B 259 23.72 26.26 12.29
N GLU B 260 24.85 25.57 12.42
CA GLU B 260 26.06 26.21 12.91
C GLU B 260 26.56 27.26 11.94
N VAL B 261 26.67 26.91 10.67
CA VAL B 261 27.42 27.74 9.75
C VAL B 261 26.59 28.79 9.02
N ALA B 262 25.30 28.54 8.83
CA ALA B 262 24.44 29.53 8.19
C ALA B 262 22.98 29.36 8.63
N PRO B 263 22.70 29.74 9.89
CA PRO B 263 21.39 29.65 10.51
C PRO B 263 20.36 30.56 9.87
N ASN B 264 20.78 31.77 9.49
CA ASN B 264 19.88 32.71 8.87
C ASN B 264 19.40 32.17 7.52
N VAL B 265 20.32 31.56 6.77
CA VAL B 265 19.96 30.93 5.50
C VAL B 265 19.14 29.68 5.73
N THR B 266 19.52 28.89 6.71
CA THR B 266 18.70 27.72 7.01
C THR B 266 17.27 28.11 7.36
N ALA B 267 17.15 29.21 8.10
CA ALA B 267 15.86 29.72 8.58
C ALA B 267 14.89 29.98 7.45
N LEU B 268 15.43 30.51 6.35
CA LEU B 268 14.63 30.83 5.18
C LEU B 268 14.30 29.60 4.29
N VAL B 269 15.31 28.82 3.91
CA VAL B 269 15.14 27.77 2.89
C VAL B 269 15.41 26.33 3.33
N GLY B 270 15.76 26.12 4.59
CA GLY B 270 16.06 24.80 5.09
C GLY B 270 17.53 24.47 4.90
N PRO B 271 18.00 23.40 5.56
CA PRO B 271 19.42 23.03 5.55
C PRO B 271 19.91 22.61 4.16
N ALA B 272 19.19 21.69 3.51
CA ALA B 272 19.66 21.14 2.26
C ALA B 272 19.70 22.21 1.17
N LEU B 273 18.61 22.94 0.97
CA LEU B 273 18.63 23.97 -0.06
C LEU B 273 19.68 25.06 0.21
N GLY B 274 19.90 25.40 1.49
CA GLY B 274 20.94 26.33 1.90
C GLY B 274 22.33 25.82 1.57
N ALA B 275 22.55 24.54 1.85
CA ALA B 275 23.79 23.86 1.53
C ALA B 275 24.04 23.82 0.01
N ARG B 276 22.99 23.53 -0.74
CA ARG B 276 23.07 23.52 -2.19
C ARG B 276 23.53 24.86 -2.77
N LEU B 277 22.98 25.94 -2.21
CA LEU B 277 23.36 27.28 -2.61
C LEU B 277 24.83 27.57 -2.27
N LEU B 278 25.26 27.15 -1.09
CA LEU B 278 26.66 27.28 -0.73
C LEU B 278 27.51 26.56 -1.77
N SER B 279 27.03 25.38 -2.16
CA SER B 279 27.77 24.51 -3.02
C SER B 279 27.97 25.19 -4.36
N ILE B 280 26.92 25.82 -4.88
CA ILE B 280 27.02 26.50 -6.18
C ILE B 280 27.85 27.78 -6.08
N ALA B 281 27.77 28.43 -4.92
CA ALA B 281 28.53 29.64 -4.68
C ALA B 281 30.00 29.32 -4.41
N GLY B 282 30.22 28.23 -3.68
CA GLY B 282 31.56 27.77 -3.35
C GLY B 282 31.84 27.87 -1.87
N SER B 283 31.30 28.89 -1.24
CA SER B 283 31.53 29.14 0.17
C SER B 283 30.54 30.15 0.64
N LEU B 284 30.39 30.27 1.95
CA LEU B 284 29.45 31.23 2.51
C LEU B 284 29.92 32.63 2.16
N ASP B 285 31.23 32.83 2.15
CA ASP B 285 31.77 34.11 1.82
C ASP B 285 31.53 34.52 0.37
N GLU B 286 31.47 33.57 -0.56
CA GLU B 286 31.16 33.95 -1.94
C GLU B 286 29.69 34.28 -2.09
N LEU B 287 28.86 33.50 -1.42
CA LEU B 287 27.44 33.70 -1.43
C LEU B 287 27.10 35.07 -0.85
N ALA B 288 27.78 35.44 0.22
CA ALA B 288 27.49 36.70 0.89
C ALA B 288 27.82 37.91 0.02
N LYS B 289 28.73 37.76 -0.93
CA LYS B 289 29.07 38.86 -1.83
C LYS B 289 28.15 38.97 -3.04
N MET B 290 27.19 38.07 -3.19
CA MET B 290 26.38 38.04 -4.40
C MET B 290 25.17 38.94 -4.31
N PRO B 291 24.82 39.58 -5.45
CA PRO B 291 23.55 40.28 -5.64
C PRO B 291 22.37 39.32 -5.62
N ALA B 292 21.15 39.77 -5.29
CA ALA B 292 20.06 38.82 -5.26
C ALA B 292 19.78 38.34 -6.67
N SER B 293 20.01 39.21 -7.66
CA SER B 293 19.71 38.84 -9.06
C SER B 293 20.57 37.68 -9.56
N THR B 294 21.63 37.37 -8.84
CA THR B 294 22.43 36.19 -9.13
C THR B 294 21.88 35.01 -8.35
N ILE B 295 21.63 35.21 -7.07
CA ILE B 295 21.12 34.14 -6.22
C ILE B 295 19.86 33.57 -6.80
N GLN B 296 19.06 34.42 -7.42
CA GLN B 296 17.80 33.99 -8.01
C GLN B 296 17.98 32.97 -9.15
N VAL B 297 19.13 33.02 -9.82
CA VAL B 297 19.39 32.19 -10.98
C VAL B 297 20.53 31.17 -10.82
N LEU B 298 21.16 31.12 -9.64
CA LEU B 298 22.14 30.08 -9.36
C LEU B 298 21.54 28.71 -9.62
N GLY B 299 22.20 27.91 -10.45
CA GLY B 299 21.76 26.57 -10.73
C GLY B 299 20.91 26.47 -11.97
N ALA B 300 20.71 27.60 -12.65
CA ALA B 300 19.94 27.62 -13.89
C ALA B 300 20.78 28.20 -15.00
N GLU B 301 22.08 27.90 -14.95
CA GLU B 301 23.04 28.44 -15.90
C GLU B 301 22.76 27.99 -17.34
N LYS B 302 22.21 26.79 -17.52
CA LYS B 302 21.98 26.33 -18.87
C LYS B 302 21.01 27.29 -19.52
N ALA B 303 19.89 27.53 -18.87
CA ALA B 303 18.88 28.44 -19.41
C ALA B 303 19.44 29.87 -19.51
N LEU B 304 20.12 30.29 -18.45
CA LEU B 304 20.58 31.67 -18.31
C LEU B 304 21.52 32.10 -19.39
N PHE B 305 22.45 31.25 -19.76
CA PHE B 305 23.43 31.64 -20.76
C PHE B 305 22.95 31.41 -22.18
N ARG B 306 21.97 30.53 -22.39
CA ARG B 306 21.39 30.43 -23.72
C ARG B 306 20.61 31.72 -23.92
N ALA B 307 20.08 32.26 -22.83
CA ALA B 307 19.41 33.55 -22.91
C ALA B 307 20.37 34.73 -23.18
N LEU B 308 21.41 34.88 -22.36
CA LEU B 308 22.30 36.04 -22.47
C LEU B 308 23.06 36.01 -23.79
N ARG B 309 23.20 34.82 -24.35
CA ARG B 309 23.84 34.64 -25.64
C ARG B 309 22.91 35.07 -26.77
N SER B 310 21.61 34.78 -26.63
CA SER B 310 20.65 34.98 -27.71
C SER B 310 19.73 36.19 -27.53
N GLY B 311 19.82 36.84 -26.37
CA GLY B 311 18.90 37.90 -26.03
C GLY B 311 17.52 37.33 -25.72
N GLY B 312 17.46 36.04 -25.38
CA GLY B 312 16.19 35.39 -25.08
C GLY B 312 15.69 35.63 -23.67
N ARG B 313 14.75 34.80 -23.23
CA ARG B 313 14.14 34.98 -21.90
C ARG B 313 14.92 34.23 -20.82
N PRO B 314 15.36 34.95 -19.79
CA PRO B 314 16.14 34.39 -18.69
C PRO B 314 15.32 33.50 -17.76
N PRO B 315 15.97 32.59 -17.03
CA PRO B 315 15.24 31.74 -16.10
C PRO B 315 14.74 32.54 -14.92
N LYS B 316 13.57 32.16 -14.40
CA LYS B 316 12.99 32.87 -13.30
C LYS B 316 13.62 32.45 -11.99
N HIS B 317 14.14 31.23 -11.97
CA HIS B 317 14.62 30.65 -10.74
C HIS B 317 15.59 29.53 -11.05
N GLY B 318 16.62 29.38 -10.22
CA GLY B 318 17.58 28.33 -10.39
C GLY B 318 17.30 27.21 -9.41
N ILE B 319 18.27 26.92 -8.55
CA ILE B 319 18.10 25.85 -7.60
C ILE B 319 17.05 26.27 -6.60
N ILE B 320 16.85 27.57 -6.49
CA ILE B 320 15.83 28.18 -5.63
C ILE B 320 14.40 27.68 -5.94
N PHE B 321 14.22 27.15 -7.16
CA PHE B 321 12.96 26.55 -7.56
C PHE B 321 12.51 25.50 -6.59
N GLN B 322 13.46 24.94 -5.85
CA GLN B 322 13.17 23.84 -4.93
C GLN B 322 12.37 24.24 -3.71
N TYR B 323 12.39 25.54 -3.39
CA TYR B 323 11.59 26.11 -2.32
C TYR B 323 10.12 25.87 -2.60
N PRO B 324 9.45 25.10 -1.75
CA PRO B 324 8.08 24.63 -1.98
C PRO B 324 7.12 25.72 -2.49
N ALA B 325 7.14 26.86 -1.81
CA ALA B 325 6.32 27.99 -2.24
C ALA B 325 6.53 28.37 -3.70
N ILE B 326 7.66 27.99 -4.29
CA ILE B 326 7.89 28.36 -5.67
C ILE B 326 7.42 27.26 -6.60
N HIS B 327 7.82 26.02 -6.38
CA HIS B 327 7.43 25.02 -7.36
C HIS B 327 5.97 24.56 -7.16
N THR B 328 5.34 24.90 -6.02
CA THR B 328 3.95 24.52 -5.76
C THR B 328 2.97 25.49 -6.36
N SER B 329 3.35 26.75 -6.33
CA SER B 329 2.49 27.80 -6.83
C SER B 329 2.34 27.78 -8.34
N PRO B 330 1.23 28.33 -8.83
CA PRO B 330 1.04 28.50 -10.27
C PRO B 330 2.17 29.34 -10.86
N ARG B 331 2.41 29.17 -12.15
CA ARG B 331 3.60 29.70 -12.81
C ARG B 331 3.69 31.23 -12.75
N TRP B 332 2.53 31.92 -12.81
CA TRP B 332 2.55 33.40 -12.93
C TRP B 332 2.97 34.03 -11.61
N GLN B 333 2.94 33.23 -10.55
CA GLN B 333 3.39 33.70 -9.25
C GLN B 333 4.89 33.50 -9.04
N ARG B 334 5.47 32.49 -9.72
CA ARG B 334 6.83 32.04 -9.38
C ARG B 334 7.89 33.11 -9.53
N GLY B 335 7.87 33.83 -10.64
CA GLY B 335 8.81 34.91 -10.82
C GLY B 335 8.82 35.87 -9.66
N LYS B 336 7.65 36.23 -9.14
CA LYS B 336 7.58 37.18 -8.05
C LYS B 336 8.06 36.57 -6.73
N ILE B 337 7.65 35.34 -6.47
CA ILE B 337 8.08 34.70 -5.25
C ILE B 337 9.59 34.49 -5.25
N ALA B 338 10.16 34.13 -6.40
CA ALA B 338 11.60 33.90 -6.52
C ALA B 338 12.40 35.17 -6.25
N ARG B 339 11.96 36.25 -6.88
CA ARG B 339 12.59 37.55 -6.71
C ARG B 339 12.63 37.93 -5.22
N ALA B 340 11.56 37.62 -4.50
CA ALA B 340 11.48 37.89 -3.06
C ALA B 340 12.39 36.97 -2.23
N LEU B 341 12.42 35.69 -2.60
CA LEU B 341 13.24 34.71 -1.92
C LEU B 341 14.70 35.09 -2.04
N ALA B 342 15.13 35.40 -3.25
CA ALA B 342 16.51 35.76 -3.53
C ALA B 342 16.90 36.93 -2.68
N ALA B 343 16.01 37.91 -2.63
CA ALA B 343 16.23 39.14 -1.91
C ALA B 343 16.57 38.85 -0.45
N LYS B 344 15.70 38.09 0.21
CA LYS B 344 15.89 37.78 1.63
C LYS B 344 17.11 36.92 1.84
N LEU B 345 17.35 35.99 0.92
CA LEU B 345 18.54 35.16 0.95
C LEU B 345 19.82 35.98 0.89
N ALA B 346 19.84 36.98 0.01
CA ALA B 346 21.00 37.83 -0.09
C ALA B 346 21.26 38.49 1.26
N ILE B 347 20.22 38.98 1.91
CA ILE B 347 20.39 39.58 3.23
C ILE B 347 20.80 38.52 4.25
N ALA B 348 20.08 37.40 4.26
CA ALA B 348 20.37 36.33 5.20
C ALA B 348 21.80 35.86 5.07
N ALA B 349 22.29 35.74 3.83
CA ALA B 349 23.66 35.26 3.61
C ALA B 349 24.71 36.20 4.21
N ARG B 350 24.50 37.49 4.05
CA ARG B 350 25.44 38.49 4.54
C ARG B 350 25.53 38.57 6.04
N VAL B 351 24.41 38.42 6.71
CA VAL B 351 24.48 38.51 8.16
C VAL B 351 25.16 37.24 8.74
N ASP B 352 24.98 36.07 8.10
CA ASP B 352 25.69 34.85 8.54
C ASP B 352 27.18 34.93 8.32
N ALA B 353 27.52 35.62 7.24
CA ALA B 353 28.89 35.78 6.83
C ALA B 353 29.64 36.83 7.67
N PHE B 354 29.02 37.97 7.91
CA PHE B 354 29.72 39.06 8.56
C PHE B 354 29.53 39.20 10.08
N SER B 355 28.56 38.51 10.69
CA SER B 355 28.40 38.62 12.15
C SER B 355 28.05 37.31 12.83
N GLY B 356 26.96 36.69 12.38
CA GLY B 356 26.47 35.44 12.93
C GLY B 356 25.23 35.73 13.74
N ARG B 357 24.95 37.02 13.89
CA ARG B 357 23.74 37.52 14.55
C ARG B 357 22.50 36.96 13.88
N PHE B 358 21.48 36.65 14.66
CA PHE B 358 20.34 35.98 14.10
C PHE B 358 19.18 36.93 13.82
N ILE B 359 18.69 36.92 12.59
CA ILE B 359 17.50 37.69 12.23
C ILE B 359 16.66 36.81 11.33
N GLY B 360 16.92 35.51 11.41
CA GLY B 360 16.30 34.55 10.52
C GLY B 360 14.81 34.47 10.72
N ASP B 361 14.37 34.77 11.94
CA ASP B 361 12.95 34.72 12.28
C ASP B 361 12.17 35.83 11.63
N GLN B 362 12.67 37.04 11.73
CA GLN B 362 11.96 38.13 11.08
C GLN B 362 12.13 38.07 9.56
N LEU B 363 13.29 37.61 9.10
CA LEU B 363 13.55 37.56 7.67
C LEU B 363 12.56 36.60 7.01
N ASN B 364 12.35 35.47 7.66
CA ASN B 364 11.30 34.54 7.28
C ASN B 364 9.90 35.15 7.30
N GLU B 365 9.59 35.86 8.38
CA GLU B 365 8.28 36.44 8.56
C GLU B 365 7.99 37.52 7.52
N GLN B 366 8.98 38.38 7.27
CA GLN B 366 8.88 39.41 6.23
C GLN B 366 8.56 38.78 4.90
N LEU B 367 9.25 37.67 4.65
CA LEU B 367 9.12 36.91 3.41
C LEU B 367 7.72 36.36 3.26
N LYS B 368 7.24 35.67 4.28
CA LYS B 368 5.90 35.10 4.24
C LYS B 368 4.80 36.15 4.05
N LYS B 369 5.02 37.39 4.50
CA LYS B 369 4.10 38.47 4.15
C LYS B 369 4.05 38.64 2.64
N ARG B 370 5.22 38.88 2.06
CA ARG B 370 5.31 39.19 0.65
C ARG B 370 4.73 38.07 -0.20
N ILE B 371 4.78 36.84 0.27
CA ILE B 371 4.20 35.73 -0.49
C ILE B 371 2.70 35.81 -0.43
N ASP B 372 2.16 36.20 0.73
CA ASP B 372 0.72 36.31 0.88
C ASP B 372 0.14 37.36 -0.07
N GLU B 373 0.79 38.52 -0.17
CA GLU B 373 0.33 39.58 -1.07
C GLU B 373 0.24 39.09 -2.52
N ILE B 374 1.28 38.37 -2.94
CA ILE B 374 1.31 37.82 -4.29
C ILE B 374 0.16 36.86 -4.54
N LYS B 375 -0.05 35.94 -3.60
CA LYS B 375 -1.07 34.93 -3.76
C LYS B 375 -2.46 35.55 -3.74
N GLU B 376 -2.58 36.71 -3.11
CA GLU B 376 -3.79 37.52 -3.20
C GLU B 376 -3.75 38.44 -4.43
N LYS B 377 -3.68 37.82 -5.61
CA LYS B 377 -3.76 38.47 -6.92
C LYS B 377 -3.91 37.41 -8.02
N ALA C 7 19.56 -28.19 -47.16
CA ALA C 7 19.92 -27.24 -46.09
C ALA C 7 18.71 -26.50 -45.46
N SER C 8 18.89 -25.92 -44.27
CA SER C 8 17.73 -25.58 -43.43
C SER C 8 17.17 -24.18 -43.62
N TYR C 9 18.00 -23.24 -44.06
CA TYR C 9 17.52 -21.90 -44.38
C TYR C 9 16.98 -21.86 -45.81
N VAL C 10 17.09 -22.96 -46.52
CA VAL C 10 16.61 -23.05 -47.89
C VAL C 10 15.13 -23.43 -47.86
N LYS C 11 14.27 -22.47 -48.19
CA LYS C 11 12.83 -22.60 -47.98
C LYS C 11 12.12 -23.46 -49.01
N PHE C 12 12.50 -23.30 -50.27
CA PHE C 12 11.92 -24.06 -51.37
C PHE C 12 12.99 -24.60 -52.33
N GLU C 13 12.57 -25.39 -53.32
CA GLU C 13 13.49 -26.04 -54.25
C GLU C 13 13.62 -25.31 -55.60
N VAL C 14 14.86 -24.97 -55.95
CA VAL C 14 15.11 -24.27 -57.21
C VAL C 14 15.60 -25.22 -58.30
N PRO C 15 14.81 -25.32 -59.39
CA PRO C 15 15.25 -26.08 -60.57
C PRO C 15 16.49 -25.40 -61.13
N GLN C 16 17.51 -26.15 -61.55
CA GLN C 16 18.75 -25.51 -61.96
C GLN C 16 18.61 -24.74 -63.29
N ASP C 17 17.51 -24.94 -64.00
CA ASP C 17 17.23 -24.12 -65.17
C ASP C 17 17.01 -22.69 -64.70
N LEU C 18 16.29 -22.55 -63.60
CA LEU C 18 16.05 -21.26 -62.96
C LEU C 18 17.34 -20.70 -62.37
N ALA C 19 18.00 -21.49 -61.53
CA ALA C 19 19.27 -21.10 -60.92
C ALA C 19 20.23 -20.55 -61.99
N ASP C 20 20.15 -21.09 -63.21
CA ASP C 20 20.98 -20.60 -64.30
C ASP C 20 20.42 -19.31 -64.88
N LYS C 21 19.10 -19.20 -64.93
CA LYS C 21 18.44 -18.01 -65.44
C LYS C 21 18.85 -16.83 -64.58
N VAL C 22 18.95 -17.12 -63.29
CA VAL C 22 19.38 -16.15 -62.29
C VAL C 22 20.83 -15.71 -62.50
N LEU C 23 21.76 -16.66 -62.39
CA LEU C 23 23.19 -16.40 -62.50
C LEU C 23 23.51 -15.49 -63.68
N GLU C 24 22.75 -15.65 -64.76
CA GLU C 24 22.87 -14.76 -65.91
C GLU C 24 22.26 -13.38 -65.64
N ALA C 25 21.12 -13.36 -64.96
CA ALA C 25 20.44 -12.10 -64.61
C ALA C 25 21.32 -11.23 -63.71
N VAL C 26 22.14 -11.87 -62.88
CA VAL C 26 23.12 -11.17 -62.07
C VAL C 26 24.17 -10.51 -62.97
N ARG C 27 24.75 -11.28 -63.90
CA ARG C 27 25.80 -10.80 -64.82
C ARG C 27 25.35 -9.62 -65.68
N LYS C 28 24.13 -9.70 -66.21
CA LYS C 28 23.57 -8.63 -67.04
C LYS C 28 23.40 -7.33 -66.25
N ALA C 29 23.17 -7.48 -64.95
CA ALA C 29 22.99 -6.34 -64.06
C ALA C 29 24.30 -5.65 -63.65
N LYS C 30 25.41 -6.39 -63.53
CA LYS C 30 26.69 -5.77 -63.21
C LYS C 30 27.09 -4.72 -64.22
N GLU C 31 26.91 -5.07 -65.48
CA GLU C 31 27.39 -4.21 -66.54
C GLU C 31 26.45 -3.03 -66.79
N SER C 32 25.17 -3.30 -66.94
CA SER C 32 24.22 -2.27 -67.34
C SER C 32 23.45 -1.65 -66.16
N GLY C 33 23.43 -2.33 -65.02
CA GLY C 33 22.68 -1.85 -63.86
C GLY C 33 23.50 -1.78 -62.59
N LYS C 34 22.88 -2.04 -61.45
CA LYS C 34 23.58 -1.99 -60.16
C LYS C 34 23.30 -3.22 -59.29
N ILE C 35 24.36 -3.84 -58.78
CA ILE C 35 24.19 -4.90 -57.79
C ILE C 35 25.12 -4.75 -56.57
N LYS C 36 24.76 -5.48 -55.51
CA LYS C 36 25.53 -5.52 -54.28
C LYS C 36 25.94 -6.97 -54.05
N LYS C 37 27.17 -7.18 -53.58
CA LYS C 37 27.68 -8.53 -53.41
C LYS C 37 28.26 -8.70 -52.00
N GLY C 38 27.96 -9.82 -51.36
CA GLY C 38 28.44 -10.10 -50.02
C GLY C 38 27.29 -10.04 -49.01
N THR C 39 27.30 -10.93 -48.02
CA THR C 39 26.15 -11.06 -47.13
C THR C 39 25.85 -9.76 -46.37
N ASN C 40 26.89 -9.05 -45.96
CA ASN C 40 26.67 -7.81 -45.24
C ASN C 40 26.13 -6.72 -46.14
N GLU C 41 26.68 -6.59 -47.34
CA GLU C 41 26.11 -5.57 -48.22
C GLU C 41 24.72 -5.98 -48.66
N THR C 42 24.49 -7.29 -48.80
CA THR C 42 23.16 -7.81 -49.16
C THR C 42 22.16 -7.47 -48.07
N THR C 43 22.57 -7.65 -46.83
CA THR C 43 21.74 -7.38 -45.67
C THR C 43 21.36 -5.92 -45.62
N LYS C 44 22.35 -5.05 -45.72
CA LYS C 44 22.07 -3.63 -45.69
C LYS C 44 21.18 -3.25 -46.86
N ALA C 45 21.31 -3.95 -47.98
CA ALA C 45 20.49 -3.62 -49.14
C ALA C 45 19.04 -3.95 -48.90
N VAL C 46 18.77 -4.97 -48.08
CA VAL C 46 17.40 -5.39 -47.78
C VAL C 46 16.77 -4.48 -46.75
N GLU C 47 17.50 -4.23 -45.67
CA GLU C 47 17.00 -3.35 -44.62
C GLU C 47 16.70 -1.98 -45.17
N ARG C 48 17.43 -1.59 -46.20
CA ARG C 48 17.22 -0.30 -46.83
C ARG C 48 16.21 -0.32 -47.97
N GLY C 49 15.67 -1.50 -48.27
CA GLY C 49 14.68 -1.61 -49.32
C GLY C 49 15.23 -1.26 -50.70
N GLN C 50 16.51 -1.50 -50.91
CA GLN C 50 17.10 -1.19 -52.19
C GLN C 50 16.97 -2.36 -53.12
N ALA C 51 17.07 -3.57 -52.57
CA ALA C 51 17.11 -4.81 -53.37
C ALA C 51 15.79 -5.16 -54.04
N LYS C 52 15.87 -5.57 -55.31
CA LYS C 52 14.72 -6.07 -56.07
C LYS C 52 14.73 -7.57 -56.11
N LEU C 53 15.90 -8.13 -55.88
CA LEU C 53 16.05 -9.58 -55.78
C LEU C 53 17.24 -9.97 -54.91
N VAL C 54 17.03 -10.87 -53.96
CA VAL C 54 18.13 -11.35 -53.13
C VAL C 54 18.48 -12.80 -53.48
N ILE C 55 19.74 -13.05 -53.79
CA ILE C 55 20.24 -14.38 -54.15
C ILE C 55 21.06 -14.99 -53.01
N ILE C 56 20.67 -16.17 -52.54
CA ILE C 56 21.42 -16.83 -51.48
C ILE C 56 21.98 -18.16 -52.00
N ALA C 57 23.25 -18.42 -51.74
CA ALA C 57 23.83 -19.69 -52.19
C ALA C 57 23.39 -20.79 -51.23
N GLU C 58 23.26 -22.01 -51.75
CA GLU C 58 22.67 -23.09 -50.97
C GLU C 58 23.70 -23.86 -50.19
N ASP C 59 24.98 -23.67 -50.55
CA ASP C 59 26.08 -24.42 -49.95
C ASP C 59 26.94 -23.58 -49.02
N VAL C 60 26.31 -22.81 -48.15
CA VAL C 60 27.03 -21.91 -47.24
C VAL C 60 27.33 -22.60 -45.91
N GLN C 61 28.53 -22.39 -45.38
CA GLN C 61 28.91 -22.97 -44.10
C GLN C 61 29.80 -22.03 -43.27
N PRO C 62 29.41 -21.77 -42.01
CA PRO C 62 28.26 -22.35 -41.29
C PRO C 62 26.92 -21.85 -41.80
N GLU C 63 25.90 -22.71 -41.72
CA GLU C 63 24.61 -22.46 -42.33
C GLU C 63 23.98 -21.16 -41.90
N GLU C 64 24.25 -20.78 -40.67
CA GLU C 64 23.56 -19.66 -40.06
C GLU C 64 23.92 -18.31 -40.66
N ILE C 65 25.08 -18.23 -41.28
CA ILE C 65 25.56 -16.96 -41.83
C ILE C 65 24.54 -16.24 -42.72
N VAL C 66 23.65 -16.98 -43.38
CA VAL C 66 22.63 -16.35 -44.22
C VAL C 66 21.21 -16.68 -43.78
N ALA C 67 21.11 -17.39 -42.66
CA ALA C 67 19.83 -17.87 -42.16
C ALA C 67 18.83 -16.74 -41.91
N HIS C 68 19.34 -15.51 -41.77
CA HIS C 68 18.49 -14.38 -41.46
C HIS C 68 17.87 -13.71 -42.70
N LEU C 69 18.48 -13.89 -43.86
CA LEU C 69 18.00 -13.21 -45.06
C LEU C 69 16.57 -13.60 -45.45
N PRO C 70 16.17 -14.87 -45.28
CA PRO C 70 14.74 -15.08 -45.57
C PRO C 70 13.81 -14.23 -44.68
N LEU C 71 14.03 -14.19 -43.35
CA LEU C 71 13.22 -13.34 -42.45
C LEU C 71 13.26 -11.88 -42.86
N LEU C 72 14.46 -11.39 -43.17
CA LEU C 72 14.64 -10.01 -43.55
C LEU C 72 13.89 -9.72 -44.82
N CYS C 73 13.89 -10.68 -45.74
CA CYS C 73 13.25 -10.49 -47.03
C CYS C 73 11.75 -10.55 -46.91
N ASP C 74 11.25 -11.31 -45.95
CA ASP C 74 9.82 -11.41 -45.76
C ASP C 74 9.24 -10.18 -45.04
N GLU C 75 9.99 -9.61 -44.12
CA GLU C 75 9.55 -8.37 -43.50
C GLU C 75 9.44 -7.27 -44.55
N LYS C 76 10.50 -7.08 -45.34
CA LYS C 76 10.55 -6.00 -46.31
C LYS C 76 9.93 -6.36 -47.67
N LYS C 77 9.37 -7.56 -47.77
CA LYS C 77 8.70 -8.09 -48.97
C LYS C 77 9.52 -8.00 -50.25
N ILE C 78 10.78 -8.40 -50.12
CA ILE C 78 11.69 -8.56 -51.24
C ILE C 78 11.79 -10.04 -51.54
N PRO C 79 11.60 -10.41 -52.81
CA PRO C 79 11.66 -11.81 -53.22
C PRO C 79 13.07 -12.34 -53.22
N TYR C 80 13.28 -13.59 -52.84
CA TYR C 80 14.62 -14.19 -52.83
C TYR C 80 14.69 -15.53 -53.56
N VAL C 81 15.88 -15.83 -54.09
CA VAL C 81 16.13 -17.04 -54.87
C VAL C 81 17.41 -17.71 -54.41
N TYR C 82 17.51 -19.02 -54.60
CA TYR C 82 18.74 -19.77 -54.29
C TYR C 82 19.55 -20.23 -55.52
N VAL C 83 20.86 -20.40 -55.38
CA VAL C 83 21.65 -21.10 -56.39
C VAL C 83 22.56 -22.12 -55.72
N SER C 84 23.15 -23.00 -56.50
CA SER C 84 23.83 -24.16 -55.92
C SER C 84 25.19 -23.79 -55.35
N SER C 85 25.95 -22.99 -56.08
CA SER C 85 27.30 -22.71 -55.62
C SER C 85 27.53 -21.25 -55.29
N LYS C 86 28.20 -21.04 -54.17
CA LYS C 86 28.60 -19.71 -53.77
C LYS C 86 29.77 -19.27 -54.62
N LYS C 87 30.55 -20.23 -55.09
CA LYS C 87 31.62 -19.94 -56.04
C LYS C 87 31.03 -19.63 -57.40
N ALA C 88 29.91 -20.25 -57.73
CA ALA C 88 29.23 -19.97 -58.98
C ALA C 88 28.80 -18.52 -58.95
N LEU C 89 28.15 -18.17 -57.86
CA LEU C 89 27.60 -16.83 -57.69
C LEU C 89 28.69 -15.79 -57.53
N GLY C 90 29.71 -16.13 -56.75
CA GLY C 90 30.79 -15.19 -56.50
C GLY C 90 31.43 -14.82 -57.81
N GLU C 91 31.77 -15.82 -58.59
CA GLU C 91 32.42 -15.61 -59.87
C GLU C 91 31.41 -15.07 -60.86
N ALA C 92 30.14 -15.40 -60.64
CA ALA C 92 29.09 -14.75 -61.41
C ALA C 92 29.14 -13.27 -61.11
N CYS C 93 29.27 -12.91 -59.83
CA CYS C 93 29.22 -11.49 -59.40
C CYS C 93 30.33 -10.60 -59.92
N GLY C 94 31.38 -11.21 -60.48
CA GLY C 94 32.55 -10.48 -60.93
C GLY C 94 33.67 -10.51 -59.92
N LEU C 95 33.62 -11.48 -59.01
CA LEU C 95 34.69 -11.70 -58.06
C LEU C 95 35.43 -12.96 -58.43
N GLN C 96 36.60 -13.16 -57.83
CA GLN C 96 37.31 -14.41 -58.05
C GLN C 96 37.28 -15.27 -56.80
N VAL C 97 36.50 -14.85 -55.81
CA VAL C 97 36.17 -15.66 -54.65
C VAL C 97 34.67 -15.98 -54.64
N ALA C 98 34.22 -16.81 -53.70
CA ALA C 98 32.79 -17.08 -53.56
C ALA C 98 32.07 -15.94 -52.84
N THR C 99 30.76 -15.83 -53.05
CA THR C 99 29.98 -14.85 -52.30
C THR C 99 28.70 -15.57 -51.88
N ALA C 100 28.41 -15.56 -50.58
CA ALA C 100 27.35 -16.41 -50.06
C ALA C 100 25.99 -15.84 -50.44
N SER C 101 25.94 -14.54 -50.71
CA SER C 101 24.68 -13.91 -51.09
C SER C 101 24.92 -12.64 -51.86
N ALA C 102 23.93 -12.21 -52.63
CA ALA C 102 24.05 -10.96 -53.38
C ALA C 102 22.69 -10.41 -53.75
N ALA C 103 22.64 -9.18 -54.26
CA ALA C 103 21.34 -8.64 -54.61
C ALA C 103 21.38 -7.71 -55.80
N ILE C 104 20.27 -7.67 -56.53
CA ILE C 104 20.10 -6.74 -57.63
C ILE C 104 19.31 -5.51 -57.19
N LEU C 105 19.92 -4.34 -57.25
CA LEU C 105 19.24 -3.10 -56.86
C LEU C 105 18.59 -2.48 -58.09
N GLU C 106 19.35 -2.48 -59.20
CA GLU C 106 18.85 -2.02 -60.49
C GLU C 106 19.18 -3.08 -61.53
N PRO C 107 18.16 -3.59 -62.22
CA PRO C 107 18.29 -4.74 -63.13
C PRO C 107 19.05 -4.40 -64.42
N GLY C 108 18.82 -3.19 -64.93
CA GLY C 108 19.35 -2.77 -66.22
C GLY C 108 18.74 -3.57 -67.35
N GLU C 109 19.60 -4.19 -68.15
CA GLU C 109 19.13 -5.03 -69.25
C GLU C 109 18.89 -6.46 -68.76
N ALA C 110 18.30 -6.59 -67.58
CA ALA C 110 17.96 -7.89 -67.02
C ALA C 110 16.58 -7.79 -66.43
N LYS C 111 15.98 -6.61 -66.60
CA LYS C 111 14.65 -6.30 -66.10
C LYS C 111 13.69 -7.43 -66.45
N ASP C 112 13.63 -7.72 -67.73
CA ASP C 112 12.76 -8.74 -68.25
C ASP C 112 13.17 -10.11 -67.74
N LEU C 113 14.48 -10.33 -67.65
CA LEU C 113 15.00 -11.60 -67.17
C LEU C 113 14.63 -11.74 -65.69
N VAL C 114 14.74 -10.66 -64.93
CA VAL C 114 14.36 -10.64 -63.52
C VAL C 114 12.85 -10.76 -63.32
N ASP C 115 12.04 -10.10 -64.14
CA ASP C 115 10.59 -10.22 -63.98
C ASP C 115 10.10 -11.67 -64.11
N GLU C 116 10.70 -12.45 -64.99
CA GLU C 116 10.29 -13.83 -65.12
C GLU C 116 10.76 -14.68 -63.93
N ILE C 117 11.92 -14.32 -63.38
CA ILE C 117 12.44 -14.99 -62.20
C ILE C 117 11.49 -14.81 -61.00
N ILE C 118 11.08 -13.56 -60.73
CA ILE C 118 10.17 -13.30 -59.59
C ILE C 118 8.84 -13.98 -59.85
N LYS C 119 8.59 -14.32 -61.10
CA LYS C 119 7.31 -14.88 -61.48
C LYS C 119 7.39 -16.40 -61.52
N ARG C 120 8.57 -16.97 -61.69
CA ARG C 120 8.65 -18.42 -61.57
C ARG C 120 8.86 -18.91 -60.14
N VAL C 121 9.52 -18.12 -59.30
CA VAL C 121 9.72 -18.54 -57.92
C VAL C 121 8.44 -18.35 -57.15
N ASN C 122 7.57 -17.47 -57.64
CA ASN C 122 6.26 -17.32 -57.02
C ASN C 122 5.43 -18.58 -57.23
N GLU C 123 5.67 -19.26 -58.35
CA GLU C 123 4.93 -20.49 -58.68
C GLU C 123 5.34 -21.70 -57.87
N ILE C 124 6.64 -21.92 -57.72
CA ILE C 124 7.09 -23.08 -56.99
C ILE C 124 6.89 -22.85 -55.49
N LYS C 125 6.62 -21.60 -55.15
CA LYS C 125 6.32 -21.21 -53.76
C LYS C 125 4.82 -21.33 -53.54
N GLY C 126 4.07 -21.44 -54.63
CA GLY C 126 2.63 -21.63 -54.58
C GLY C 126 1.74 -20.40 -54.53
N LYS C 127 2.07 -19.38 -55.32
CA LYS C 127 1.29 -18.14 -55.28
C LYS C 127 0.42 -17.91 -56.54
N THR C 128 -0.85 -17.57 -56.32
CA THR C 128 -1.78 -17.27 -57.40
C THR C 128 -2.09 -15.76 -57.46
N ALA D 7 29.40 53.48 13.33
CA ALA D 7 28.88 52.20 12.76
C ALA D 7 30.00 51.32 12.17
N SER D 8 29.72 50.03 11.95
CA SER D 8 30.79 49.03 11.82
C SER D 8 31.34 48.71 10.41
N TYR D 9 30.53 48.87 9.37
CA TYR D 9 31.01 48.74 7.99
C TYR D 9 31.59 50.07 7.50
N VAL D 10 31.58 51.07 8.40
CA VAL D 10 32.10 52.40 8.07
C VAL D 10 33.61 52.46 8.32
N LYS D 11 34.37 52.47 7.22
CA LYS D 11 35.82 52.31 7.25
C LYS D 11 36.56 53.59 7.63
N PHE D 12 36.11 54.72 7.12
CA PHE D 12 36.70 56.00 7.50
C PHE D 12 35.61 57.03 7.79
N GLU D 13 36.04 58.20 8.28
CA GLU D 13 35.11 59.23 8.73
C GLU D 13 34.93 60.31 7.67
N VAL D 14 33.69 60.55 7.23
CA VAL D 14 33.47 61.62 6.26
C VAL D 14 32.88 62.86 6.95
N PRO D 15 33.63 63.96 6.92
CA PRO D 15 33.14 65.27 7.37
C PRO D 15 31.97 65.68 6.47
N GLN D 16 30.93 66.32 7.02
CA GLN D 16 29.70 66.54 6.25
C GLN D 16 29.80 67.48 5.05
N ASP D 17 30.84 68.30 4.98
CA ASP D 17 31.04 69.10 3.78
C ASP D 17 31.38 68.19 2.62
N LEU D 18 32.21 67.19 2.90
CA LEU D 18 32.56 66.17 1.90
C LEU D 18 31.32 65.35 1.57
N ALA D 19 30.66 64.83 2.60
CA ALA D 19 29.44 64.07 2.41
C ALA D 19 28.44 64.81 1.49
N ASP D 20 28.39 66.13 1.60
CA ASP D 20 27.52 66.90 0.72
C ASP D 20 28.14 67.10 -0.66
N LYS D 21 29.46 67.19 -0.72
CA LYS D 21 30.16 67.36 -1.99
C LYS D 21 29.76 66.18 -2.86
N VAL D 22 29.63 65.02 -2.20
CA VAL D 22 29.24 63.77 -2.83
C VAL D 22 27.83 63.87 -3.39
N LEU D 23 26.86 64.07 -2.50
CA LEU D 23 25.48 64.14 -2.88
C LEU D 23 25.24 65.01 -4.10
N GLU D 24 26.03 66.07 -4.25
CA GLU D 24 25.90 66.90 -5.44
C GLU D 24 26.48 66.25 -6.67
N ALA D 25 27.61 65.56 -6.50
CA ALA D 25 28.22 64.81 -7.61
C ALA D 25 27.27 63.73 -8.11
N VAL D 26 26.55 63.15 -7.17
CA VAL D 26 25.55 62.16 -7.50
C VAL D 26 24.48 62.88 -8.32
N ARG D 27 23.94 63.98 -7.78
CA ARG D 27 22.87 64.73 -8.47
C ARG D 27 23.28 65.19 -9.88
N LYS D 28 24.49 65.70 -10.03
CA LYS D 28 24.97 66.09 -11.34
C LYS D 28 25.11 64.89 -12.27
N ALA D 29 25.40 63.72 -11.69
CA ALA D 29 25.58 62.52 -12.48
C ALA D 29 24.26 61.90 -12.96
N LYS D 30 23.18 62.02 -12.21
CA LYS D 30 21.87 61.54 -12.67
C LYS D 30 21.47 62.18 -13.97
N GLU D 31 21.71 63.49 -14.06
CA GLU D 31 21.27 64.29 -15.18
C GLU D 31 22.11 64.19 -16.45
N SER D 32 23.42 64.40 -16.31
CA SER D 32 24.30 64.49 -17.47
C SER D 32 25.01 63.18 -17.75
N GLY D 33 25.01 62.28 -16.76
CA GLY D 33 25.72 61.02 -16.88
C GLY D 33 24.87 59.80 -16.61
N LYS D 34 25.49 58.79 -16.00
CA LYS D 34 24.85 57.52 -15.70
C LYS D 34 25.12 57.08 -14.27
N ILE D 35 24.05 56.76 -13.54
CA ILE D 35 24.22 56.16 -12.22
C ILE D 35 23.34 54.96 -11.97
N LYS D 36 23.70 54.21 -10.95
CA LYS D 36 22.97 53.04 -10.49
C LYS D 36 22.60 53.28 -9.04
N LYS D 37 21.40 52.86 -8.66
CA LYS D 37 20.91 53.10 -7.31
C LYS D 37 20.35 51.80 -6.73
N GLY D 38 20.68 51.52 -5.46
CA GLY D 38 20.26 50.29 -4.80
C GLY D 38 21.42 49.32 -4.62
N THR D 39 21.48 48.65 -3.47
CA THR D 39 22.64 47.81 -3.16
C THR D 39 22.88 46.71 -4.19
N ASN D 40 21.81 46.13 -4.73
CA ASN D 40 22.00 45.07 -5.70
C ASN D 40 22.57 45.58 -7.00
N GLU D 41 22.07 46.70 -7.50
CA GLU D 41 22.63 47.24 -8.75
C GLU D 41 24.03 47.79 -8.51
N THR D 42 24.25 48.33 -7.32
CA THR D 42 25.57 48.85 -6.96
C THR D 42 26.57 47.73 -6.98
N THR D 43 26.16 46.60 -6.42
CA THR D 43 27.02 45.43 -6.36
C THR D 43 27.38 44.95 -7.77
N LYS D 44 26.40 44.81 -8.65
CA LYS D 44 26.69 44.40 -10.02
C LYS D 44 27.60 45.40 -10.73
N ALA D 45 27.48 46.68 -10.36
CA ALA D 45 28.28 47.76 -10.96
C ALA D 45 29.77 47.68 -10.58
N VAL D 46 30.06 47.17 -9.38
CA VAL D 46 31.42 47.04 -8.90
C VAL D 46 32.03 45.77 -9.50
N GLU D 47 31.27 44.70 -9.42
CA GLU D 47 31.68 43.42 -10.00
C GLU D 47 31.95 43.50 -11.50
N ARG D 48 31.24 44.39 -12.20
CA ARG D 48 31.45 44.57 -13.64
C ARG D 48 32.48 45.63 -13.93
N GLY D 49 33.05 46.20 -12.89
CA GLY D 49 34.09 47.21 -13.01
C GLY D 49 33.65 48.47 -13.72
N GLN D 50 32.37 48.81 -13.59
CA GLN D 50 31.83 49.99 -14.24
C GLN D 50 31.86 51.24 -13.36
N ALA D 51 31.69 51.06 -12.06
CA ALA D 51 31.57 52.19 -11.14
C ALA D 51 32.86 52.97 -10.99
N LYS D 52 32.75 54.31 -10.99
CA LYS D 52 33.89 55.17 -10.69
C LYS D 52 33.85 55.61 -9.23
N LEU D 53 32.64 55.62 -8.65
CA LEU D 53 32.49 55.91 -7.22
C LEU D 53 31.31 55.19 -6.60
N VAL D 54 31.56 54.48 -5.50
CA VAL D 54 30.47 53.82 -4.80
C VAL D 54 30.15 54.53 -3.52
N ILE D 55 28.89 54.93 -3.40
CA ILE D 55 28.41 55.66 -2.24
C ILE D 55 27.64 54.73 -1.33
N ILE D 56 28.05 54.68 -0.08
CA ILE D 56 27.38 53.86 0.92
C ILE D 56 26.81 54.71 2.04
N ALA D 57 25.56 54.48 2.40
CA ALA D 57 24.94 55.21 3.49
C ALA D 57 25.35 54.61 4.84
N GLU D 58 25.40 55.45 5.87
CA GLU D 58 25.86 55.06 7.21
C GLU D 58 24.75 54.58 8.14
N ASP D 59 23.50 54.84 7.76
CA ASP D 59 22.36 54.56 8.63
C ASP D 59 21.55 53.37 8.12
N VAL D 60 22.24 52.32 7.69
CA VAL D 60 21.59 51.14 7.14
C VAL D 60 21.46 50.03 8.20
N GLN D 61 20.30 49.39 8.24
CA GLN D 61 20.00 48.31 9.18
C GLN D 61 19.11 47.20 8.57
N PRO D 62 19.55 45.93 8.65
CA PRO D 62 20.77 45.47 9.32
C PRO D 62 22.04 45.88 8.59
N GLU D 63 23.08 46.12 9.37
CA GLU D 63 24.30 46.73 8.86
C GLU D 63 24.91 45.95 7.70
N GLU D 64 24.70 44.64 7.74
CA GLU D 64 25.36 43.72 6.82
C GLU D 64 24.88 43.82 5.38
N ILE D 65 23.71 44.41 5.17
CA ILE D 65 23.18 44.59 3.82
C ILE D 65 24.18 45.26 2.89
N VAL D 66 25.10 46.06 3.44
CA VAL D 66 26.14 46.70 2.63
C VAL D 66 27.56 46.33 3.05
N ALA D 67 27.68 45.48 4.04
CA ALA D 67 28.99 45.17 4.61
C ALA D 67 29.98 44.63 3.57
N HIS D 68 29.45 44.09 2.48
CA HIS D 68 30.27 43.48 1.48
C HIS D 68 30.84 44.47 0.48
N LEU D 69 30.21 45.63 0.36
CA LEU D 69 30.65 46.60 -0.66
C LEU D 69 32.08 47.11 -0.46
N PRO D 70 32.53 47.34 0.80
CA PRO D 70 33.93 47.72 0.92
C PRO D 70 34.93 46.66 0.41
N LEU D 71 34.77 45.37 0.73
CA LEU D 71 35.62 44.32 0.13
C LEU D 71 35.55 44.27 -1.38
N LEU D 72 34.35 44.35 -1.94
CA LEU D 72 34.22 44.30 -3.40
C LEU D 72 34.96 45.47 -4.02
N CYS D 73 34.90 46.61 -3.35
CA CYS D 73 35.53 47.81 -3.87
C CYS D 73 37.06 47.73 -3.73
N ASP D 74 37.53 46.97 -2.74
CA ASP D 74 38.95 46.81 -2.53
C ASP D 74 39.55 45.86 -3.57
N GLU D 75 38.79 44.83 -3.97
CA GLU D 75 39.22 43.89 -5.02
C GLU D 75 39.39 44.58 -6.37
N LYS D 76 38.38 45.36 -6.75
CA LYS D 76 38.37 46.07 -8.04
C LYS D 76 39.06 47.45 -8.01
N LYS D 77 39.60 47.82 -6.84
CA LYS D 77 40.29 49.09 -6.63
C LYS D 77 39.42 50.28 -7.06
N ILE D 78 38.15 50.20 -6.66
CA ILE D 78 37.17 51.25 -6.87
C ILE D 78 36.98 52.01 -5.57
N PRO D 79 36.98 53.36 -5.63
CA PRO D 79 36.83 54.20 -4.42
C PRO D 79 35.40 54.22 -3.91
N TYR D 80 35.25 54.23 -2.59
CA TYR D 80 33.92 54.28 -2.00
C TYR D 80 33.85 55.37 -0.93
N VAL D 81 32.66 55.96 -0.75
CA VAL D 81 32.46 57.03 0.22
C VAL D 81 31.17 56.84 1.01
N TYR D 82 31.12 57.40 2.21
CA TYR D 82 29.92 57.35 3.04
C TYR D 82 29.11 58.65 3.10
N VAL D 83 27.81 58.51 3.26
CA VAL D 83 26.96 59.65 3.59
C VAL D 83 26.09 59.22 4.76
N SER D 84 25.46 60.19 5.41
CA SER D 84 24.80 59.97 6.68
C SER D 84 23.44 59.32 6.55
N SER D 85 22.67 59.76 5.57
CA SER D 85 21.28 59.34 5.48
C SER D 85 20.99 58.51 4.24
N LYS D 86 20.29 57.40 4.43
CA LYS D 86 19.89 56.58 3.30
C LYS D 86 18.72 57.24 2.60
N LYS D 87 17.95 58.04 3.31
CA LYS D 87 16.90 58.82 2.65
C LYS D 87 17.49 60.01 1.89
N ALA D 88 18.57 60.58 2.42
CA ALA D 88 19.21 61.69 1.73
C ALA D 88 19.68 61.21 0.39
N LEU D 89 20.39 60.09 0.40
CA LEU D 89 20.97 59.52 -0.79
C LEU D 89 19.89 59.00 -1.72
N GLY D 90 18.90 58.35 -1.16
CA GLY D 90 17.81 57.82 -1.96
C GLY D 90 17.15 58.97 -2.69
N GLU D 91 16.85 60.03 -1.94
CA GLU D 91 16.18 61.17 -2.52
C GLU D 91 17.14 62.00 -3.37
N ALA D 92 18.43 61.91 -3.07
CA ALA D 92 19.43 62.48 -3.97
C ALA D 92 19.37 61.81 -5.32
N CYS D 93 19.29 60.48 -5.32
CA CYS D 93 19.35 59.68 -6.56
C CYS D 93 18.17 59.91 -7.50
N GLY D 94 17.16 60.63 -7.01
CA GLY D 94 15.95 60.89 -7.77
C GLY D 94 14.83 59.95 -7.40
N LEU D 95 14.94 59.33 -6.23
CA LEU D 95 13.91 58.45 -5.71
C LEU D 95 13.15 59.10 -4.57
N GLN D 96 11.98 58.57 -4.26
CA GLN D 96 11.26 59.07 -3.10
C GLN D 96 11.30 58.10 -1.96
N VAL D 97 12.10 57.04 -2.13
CA VAL D 97 12.37 56.13 -1.03
C VAL D 97 13.84 56.22 -0.68
N ALA D 98 14.24 55.62 0.43
CA ALA D 98 15.65 55.65 0.81
C ALA D 98 16.43 54.63 -0.03
N THR D 99 17.74 54.84 -0.15
CA THR D 99 18.56 53.87 -0.88
C THR D 99 19.86 53.66 -0.08
N ALA D 100 20.16 52.41 0.20
CA ALA D 100 21.26 52.10 1.12
C ALA D 100 22.63 52.30 0.50
N SER D 101 22.72 52.22 -0.83
CA SER D 101 23.99 52.42 -1.53
C SER D 101 23.74 52.74 -2.98
N ALA D 102 24.72 53.36 -3.63
CA ALA D 102 24.59 53.63 -5.05
C ALA D 102 25.95 53.93 -5.60
N ALA D 103 26.02 54.07 -6.92
CA ALA D 103 27.29 54.35 -7.56
C ALA D 103 27.16 55.21 -8.81
N ILE D 104 28.22 55.94 -9.09
CA ILE D 104 28.32 56.75 -10.29
C ILE D 104 29.13 55.97 -11.33
N LEU D 105 28.53 55.67 -12.49
CA LEU D 105 29.25 54.94 -13.52
C LEU D 105 29.93 55.89 -14.50
N GLU D 106 29.20 56.93 -14.87
CA GLU D 106 29.71 57.97 -15.76
C GLU D 106 29.43 59.32 -15.17
N PRO D 107 30.49 60.11 -14.95
CA PRO D 107 30.42 61.37 -14.21
C PRO D 107 29.70 62.44 -15.01
N GLY D 108 29.92 62.44 -16.32
CA GLY D 108 29.38 63.48 -17.17
C GLY D 108 29.93 64.83 -16.77
N GLU D 109 29.01 65.73 -16.46
CA GLU D 109 29.35 67.06 -15.99
C GLU D 109 29.49 67.08 -14.48
N ALA D 110 30.19 66.10 -13.94
CA ALA D 110 30.47 66.08 -12.51
C ALA D 110 31.90 65.65 -12.35
N LYS D 111 32.55 65.46 -13.50
CA LYS D 111 33.92 64.95 -13.60
C LYS D 111 34.85 65.61 -12.61
N ASP D 112 34.92 66.93 -12.64
CA ASP D 112 35.79 67.68 -11.75
C ASP D 112 35.36 67.49 -10.30
N LEU D 113 34.04 67.45 -10.11
CA LEU D 113 33.48 67.28 -8.77
C LEU D 113 33.82 65.92 -8.17
N VAL D 114 33.65 64.85 -8.95
CA VAL D 114 33.96 63.49 -8.48
C VAL D 114 35.47 63.32 -8.27
N ASP D 115 36.26 63.90 -9.15
CA ASP D 115 37.71 63.84 -9.02
C ASP D 115 38.20 64.50 -7.73
N GLU D 116 37.58 65.59 -7.31
CA GLU D 116 38.03 66.21 -6.07
C GLU D 116 37.64 65.34 -4.88
N ILE D 117 36.49 64.67 -4.98
CA ILE D 117 36.02 63.74 -3.94
C ILE D 117 36.92 62.51 -3.73
N ILE D 118 37.28 61.80 -4.79
CA ILE D 118 38.12 60.60 -4.64
C ILE D 118 39.50 60.99 -4.15
N LYS D 119 39.84 62.27 -4.27
CA LYS D 119 41.19 62.67 -3.92
C LYS D 119 41.22 63.17 -2.50
N ARG D 120 40.08 63.61 -2.00
CA ARG D 120 40.00 63.99 -0.60
C ARG D 120 39.73 62.77 0.29
N VAL D 121 39.02 61.75 -0.22
CA VAL D 121 38.81 60.55 0.58
C VAL D 121 40.08 59.72 0.54
N ASN D 122 40.89 59.91 -0.49
CA ASN D 122 42.15 59.21 -0.51
C ASN D 122 43.09 59.71 0.57
N GLU D 123 42.97 60.98 0.90
CA GLU D 123 43.84 61.57 1.91
C GLU D 123 43.46 61.18 3.33
N ILE D 124 42.16 61.17 3.62
CA ILE D 124 41.72 60.85 4.97
C ILE D 124 41.90 59.34 5.21
N LYS D 125 42.18 58.64 4.11
CA LYS D 125 42.46 57.20 4.12
C LYS D 125 43.99 57.01 4.30
N GLY D 126 44.73 58.11 4.11
CA GLY D 126 46.18 58.17 4.28
C GLY D 126 47.10 57.84 3.11
N LYS D 127 46.72 58.27 1.90
CA LYS D 127 47.44 57.88 0.68
C LYS D 127 48.28 58.98 0.02
N THR D 128 49.53 58.67 -0.30
CA THR D 128 50.43 59.61 -0.98
C THR D 128 50.72 59.24 -2.44
N ILE E 5 -16.30 28.52 -17.80
CA ILE E 5 -16.25 27.24 -18.49
C ILE E 5 -17.47 27.06 -19.41
N THR E 6 -17.25 26.43 -20.56
CA THR E 6 -18.28 26.12 -21.54
C THR E 6 -17.75 25.09 -22.51
N VAL E 7 -18.58 24.15 -22.93
CA VAL E 7 -18.18 23.16 -23.93
C VAL E 7 -19.05 23.37 -25.16
N LYS E 8 -18.48 23.26 -26.36
CA LYS E 8 -19.28 23.45 -27.57
C LYS E 8 -18.84 22.51 -28.66
N GLN E 9 -19.78 22.03 -29.46
CA GLN E 9 -19.46 21.15 -30.57
C GLN E 9 -18.57 21.89 -31.60
N THR E 10 -17.82 21.14 -32.39
CA THR E 10 -16.98 21.71 -33.43
C THR E 10 -17.46 21.15 -34.78
N ASN E 11 -16.78 21.52 -35.86
CA ASN E 11 -17.09 21.06 -37.20
C ASN E 11 -16.98 19.56 -37.43
N MET E 12 -16.44 18.85 -36.44
CA MET E 12 -16.28 17.40 -36.49
C MET E 12 -17.05 16.75 -35.34
N GLU E 13 -17.72 15.64 -35.66
CA GLU E 13 -18.56 14.92 -34.69
C GLU E 13 -17.84 14.53 -33.41
N ASN E 14 -18.58 14.50 -32.32
CA ASN E 14 -18.03 14.20 -31.00
C ASN E 14 -16.70 14.84 -30.59
N ILE E 15 -16.33 15.97 -31.19
CA ILE E 15 -15.12 16.67 -30.74
C ILE E 15 -15.50 18.08 -30.31
N TYR E 16 -15.10 18.45 -29.11
CA TYR E 16 -15.60 19.68 -28.52
C TYR E 16 -14.46 20.62 -28.12
N GLU E 17 -14.80 21.86 -27.78
CA GLU E 17 -13.84 22.84 -27.29
C GLU E 17 -14.22 23.24 -25.89
N CYS E 18 -13.26 23.69 -25.10
CA CYS E 18 -13.57 24.32 -23.82
C CYS E 18 -13.12 25.74 -23.76
N GLU E 19 -14.07 26.61 -23.44
CA GLU E 19 -13.76 27.88 -22.81
C GLU E 19 -13.38 27.53 -21.37
N PHE E 20 -12.38 28.18 -20.80
CA PHE E 20 -11.99 27.87 -19.43
C PHE E 20 -12.12 29.06 -18.48
N ASN E 21 -12.11 28.77 -17.17
CA ASN E 21 -12.15 29.76 -16.10
C ASN E 21 -11.21 30.96 -16.35
N ASP E 22 -10.13 30.78 -17.11
CA ASP E 22 -9.12 31.83 -17.35
C ASP E 22 -9.09 32.35 -18.80
N GLY E 23 -9.52 31.54 -19.76
CA GLY E 23 -9.53 31.93 -21.16
C GLY E 23 -8.70 31.07 -22.10
N SER E 24 -8.43 29.84 -21.70
CA SER E 24 -7.70 28.92 -22.54
C SER E 24 -8.64 27.96 -23.24
N PHE E 25 -8.29 27.58 -24.45
CA PHE E 25 -9.20 26.80 -25.24
C PHE E 25 -8.54 25.48 -25.54
N ARG E 26 -9.18 24.39 -25.12
CA ARG E 26 -8.63 23.09 -25.40
C ARG E 26 -9.62 22.11 -25.95
N LEU E 27 -9.17 21.29 -26.91
CA LEU E 27 -9.98 20.24 -27.48
C LEU E 27 -10.27 19.22 -26.41
N CYS E 28 -11.38 18.50 -26.57
CA CYS E 28 -11.72 17.40 -25.68
C CYS E 28 -12.77 16.49 -26.30
N THR E 29 -12.95 15.33 -25.70
CA THR E 29 -13.88 14.36 -26.24
C THR E 29 -14.81 13.89 -25.14
N ARG E 30 -15.94 13.33 -25.56
CA ARG E 30 -16.94 12.87 -24.63
C ARG E 30 -16.54 11.54 -24.01
N ASN E 31 -16.26 11.55 -22.72
CA ASN E 31 -15.68 10.40 -22.06
C ASN E 31 -16.58 9.17 -22.03
N LEU E 32 -16.15 8.14 -22.75
CA LEU E 32 -16.87 6.87 -22.81
C LEU E 32 -16.82 6.07 -21.50
N VAL E 33 -15.82 6.31 -20.65
CA VAL E 33 -15.76 5.62 -19.37
C VAL E 33 -15.50 6.61 -18.25
N PRO E 34 -16.58 7.27 -17.77
CA PRO E 34 -16.57 8.35 -16.78
C PRO E 34 -15.76 8.06 -15.51
N ASN E 35 -15.13 9.12 -15.00
CA ASN E 35 -14.40 9.08 -13.75
C ASN E 35 -13.11 8.28 -13.88
N PHE E 36 -12.69 8.04 -15.12
CA PHE E 36 -11.43 7.36 -15.40
C PHE E 36 -10.63 8.13 -16.44
N ASN E 37 -9.32 8.22 -16.22
CA ASN E 37 -8.44 8.84 -17.22
C ASN E 37 -7.30 7.88 -17.64
N VAL E 38 -6.96 7.88 -18.93
CA VAL E 38 -5.96 6.95 -19.43
C VAL E 38 -4.50 7.43 -19.26
N TYR E 39 -4.21 8.69 -19.57
CA TYR E 39 -2.90 9.28 -19.23
C TYR E 39 -3.12 10.17 -18.02
N GLY E 40 -2.63 11.40 -18.03
CA GLY E 40 -2.93 12.28 -16.91
C GLY E 40 -4.11 13.24 -17.08
N GLU E 41 -4.88 13.10 -18.14
CA GLU E 41 -5.69 14.22 -18.62
C GLU E 41 -6.77 14.68 -17.65
N ARG E 42 -7.10 15.97 -17.73
CA ARG E 42 -8.13 16.57 -16.88
C ARG E 42 -9.50 16.03 -17.25
N LEU E 43 -10.27 15.70 -16.22
CA LEU E 43 -11.69 15.37 -16.37
C LEU E 43 -12.56 16.60 -16.03
N ILE E 44 -13.46 16.98 -16.91
CA ILE E 44 -14.28 18.16 -16.68
C ILE E 44 -15.75 17.94 -16.94
N LYS E 45 -16.60 18.33 -15.98
CA LYS E 45 -18.04 18.21 -16.14
C LYS E 45 -18.71 19.53 -16.57
N TYR E 46 -19.54 19.47 -17.61
CA TYR E 46 -20.31 20.63 -18.11
C TYR E 46 -21.69 20.22 -18.65
N GLU E 47 -22.73 20.80 -18.05
CA GLU E 47 -24.12 20.35 -18.26
C GLU E 47 -24.20 18.87 -17.93
N GLY E 48 -23.63 18.49 -16.78
CA GLY E 48 -23.62 17.10 -16.32
C GLY E 48 -22.99 16.02 -17.21
N VAL E 49 -22.18 16.44 -18.19
CA VAL E 49 -21.48 15.52 -19.09
C VAL E 49 -19.98 15.55 -18.78
N GLU E 50 -19.33 14.39 -18.81
CA GLU E 50 -17.90 14.36 -18.50
C GLU E 50 -17.04 14.27 -19.77
N TYR E 51 -16.14 15.23 -19.91
CA TYR E 51 -15.26 15.30 -21.07
C TYR E 51 -13.81 15.03 -20.67
N ARG E 52 -13.02 14.53 -21.61
CA ARG E 52 -11.61 14.29 -21.37
C ARG E 52 -10.81 15.32 -22.12
N GLU E 53 -9.97 16.07 -21.41
CA GLU E 53 -9.14 17.06 -22.09
C GLU E 53 -8.15 16.33 -23.04
N TRP E 54 -8.13 16.79 -24.30
CA TRP E 54 -7.37 16.13 -25.38
C TRP E 54 -6.13 16.88 -25.76
N ASN E 55 -5.00 16.52 -25.18
CA ASN E 55 -3.75 17.26 -25.36
C ASN E 55 -3.11 17.14 -26.75
N ALA E 56 -2.96 18.26 -27.45
CA ALA E 56 -2.49 18.25 -28.84
C ALA E 56 -0.99 18.02 -28.95
N PHE E 57 -0.26 18.31 -27.88
CA PHE E 57 1.17 18.04 -27.88
C PHE E 57 1.48 16.53 -27.76
N ARG E 58 0.52 15.79 -27.18
CA ARG E 58 0.66 14.36 -26.97
C ARG E 58 0.04 13.52 -28.04
N SER E 59 -1.11 13.96 -28.55
CA SER E 59 -1.77 13.20 -29.59
C SER E 59 -1.68 13.92 -30.93
N LYS E 60 -1.12 13.24 -31.94
CA LYS E 60 -0.95 13.82 -33.27
C LYS E 60 -2.30 14.16 -33.88
N LEU E 61 -3.32 13.34 -33.60
CA LEU E 61 -4.62 13.56 -34.23
C LEU E 61 -5.21 14.90 -33.75
N ALA E 62 -5.23 15.12 -32.45
CA ALA E 62 -5.67 16.40 -31.91
C ALA E 62 -4.75 17.52 -32.35
N GLY E 63 -3.48 17.18 -32.55
CA GLY E 63 -2.55 18.15 -33.08
C GLY E 63 -2.96 18.62 -34.45
N ALA E 64 -3.31 17.67 -35.30
CA ALA E 64 -3.67 17.94 -36.69
C ALA E 64 -4.88 18.84 -36.77
N ILE E 65 -5.87 18.58 -35.93
CA ILE E 65 -7.10 19.37 -35.93
C ILE E 65 -6.77 20.84 -35.75
N LEU E 66 -5.98 21.15 -34.73
CA LEU E 66 -5.63 22.53 -34.43
C LEU E 66 -4.77 23.15 -35.54
N LYS E 67 -4.12 22.32 -36.32
CA LYS E 67 -3.31 22.85 -37.41
C LYS E 67 -4.14 22.85 -38.69
N GLY E 68 -5.46 22.74 -38.54
CA GLY E 68 -6.40 22.89 -39.64
C GLY E 68 -6.77 21.69 -40.50
N LEU E 69 -7.02 20.53 -39.90
CA LEU E 69 -7.53 19.41 -40.67
C LEU E 69 -8.96 19.74 -41.06
N LYS E 70 -9.16 19.96 -42.35
CA LYS E 70 -10.48 20.26 -42.91
C LYS E 70 -11.55 19.27 -42.45
N THR E 71 -11.37 17.99 -42.81
CA THR E 71 -12.39 16.98 -42.54
C THR E 71 -11.84 15.74 -41.86
N ASN E 72 -12.62 15.23 -40.92
CA ASN E 72 -12.22 14.10 -40.10
C ASN E 72 -12.95 12.82 -40.47
N PRO E 73 -12.26 11.90 -41.18
CA PRO E 73 -12.99 10.71 -41.60
C PRO E 73 -13.35 9.81 -40.42
N ILE E 74 -12.84 10.16 -39.23
CA ILE E 74 -13.11 9.39 -38.03
C ILE E 74 -14.19 10.07 -37.24
N ARG E 75 -15.37 9.46 -37.28
CA ARG E 75 -16.56 10.01 -36.64
C ARG E 75 -17.34 8.90 -35.96
N LYS E 76 -18.59 9.19 -35.60
CA LYS E 76 -19.47 8.24 -34.93
C LYS E 76 -19.59 6.92 -35.69
N GLY E 77 -19.42 5.82 -34.96
CA GLY E 77 -19.60 4.49 -35.50
C GLY E 77 -18.62 4.06 -36.58
N THR E 78 -17.55 4.82 -36.77
CA THR E 78 -16.54 4.47 -37.77
C THR E 78 -15.84 3.23 -37.31
N LYS E 79 -15.51 2.35 -38.24
CA LYS E 79 -14.60 1.25 -37.93
C LYS E 79 -13.21 1.63 -38.42
N VAL E 80 -12.25 1.72 -37.48
CA VAL E 80 -10.92 2.21 -37.80
C VAL E 80 -9.83 1.22 -37.37
N LEU E 81 -8.85 1.00 -38.27
CA LEU E 81 -7.65 0.20 -38.02
C LEU E 81 -6.55 1.14 -37.63
N TYR E 82 -5.98 0.90 -36.46
CA TYR E 82 -4.96 1.77 -35.89
C TYR E 82 -3.61 1.06 -35.86
N LEU E 83 -2.69 1.48 -36.72
CA LEU E 83 -1.36 0.93 -36.69
C LEU E 83 -0.46 1.75 -35.77
N GLY E 84 0.03 1.11 -34.72
CA GLY E 84 0.87 1.79 -33.74
C GLY E 84 0.13 2.41 -32.56
N ALA E 85 -0.60 1.59 -31.80
CA ALA E 85 -1.44 2.10 -30.72
C ALA E 85 -0.66 2.56 -29.50
N ALA E 86 0.53 2.00 -29.29
CA ALA E 86 1.39 2.39 -28.16
C ALA E 86 0.71 2.21 -26.80
N SER E 87 0.90 3.19 -25.92
CA SER E 87 0.35 3.20 -24.56
C SER E 87 -1.14 3.32 -24.56
N GLY E 88 -1.66 3.97 -25.60
CA GLY E 88 -3.09 4.16 -25.76
C GLY E 88 -3.61 5.58 -25.66
N THR E 89 -2.71 6.55 -25.69
CA THR E 89 -3.10 7.96 -25.66
C THR E 89 -4.07 8.38 -26.76
N THR E 90 -3.66 8.32 -28.02
CA THR E 90 -4.54 8.80 -29.08
C THR E 90 -5.75 7.91 -29.27
N ILE E 91 -5.52 6.60 -29.29
CA ILE E 91 -6.60 5.66 -29.60
C ILE E 91 -7.73 5.72 -28.57
N SER E 92 -7.45 6.16 -27.35
CA SER E 92 -8.50 6.25 -26.35
C SER E 92 -9.45 7.41 -26.69
N HIS E 93 -8.93 8.42 -27.38
CA HIS E 93 -9.76 9.53 -27.82
C HIS E 93 -10.56 9.17 -29.07
N VAL E 94 -10.01 8.31 -29.93
CA VAL E 94 -10.80 7.88 -31.08
C VAL E 94 -11.81 6.87 -30.58
N SER E 95 -11.54 6.26 -29.44
CA SER E 95 -12.55 5.44 -28.77
C SER E 95 -13.75 6.32 -28.39
N ASP E 96 -13.48 7.43 -27.70
CA ASP E 96 -14.52 8.39 -27.31
C ASP E 96 -15.35 8.93 -28.48
N ILE E 97 -14.72 9.04 -29.65
CA ILE E 97 -15.36 9.54 -30.86
C ILE E 97 -16.24 8.50 -31.58
N ILE E 98 -15.73 7.29 -31.79
CA ILE E 98 -16.46 6.28 -32.56
C ILE E 98 -17.59 5.58 -31.75
N GLU E 99 -17.42 5.49 -30.44
CA GLU E 99 -18.54 5.28 -29.52
C GLU E 99 -19.30 3.94 -29.61
N LEU E 100 -18.65 2.84 -29.27
CA LEU E 100 -19.33 1.54 -29.06
C LEU E 100 -19.89 0.92 -30.34
N ASN E 101 -20.61 1.71 -31.13
CA ASN E 101 -21.08 1.25 -32.43
C ASN E 101 -19.90 1.17 -33.39
N GLY E 102 -18.96 2.08 -33.17
CA GLY E 102 -17.72 2.04 -33.92
C GLY E 102 -16.75 1.06 -33.27
N LYS E 103 -15.70 0.73 -34.02
CA LYS E 103 -14.69 -0.16 -33.50
C LYS E 103 -13.31 0.41 -33.78
N ALA E 104 -12.41 0.25 -32.81
CA ALA E 104 -11.03 0.66 -32.98
C ALA E 104 -10.15 -0.58 -32.82
N TYR E 105 -9.52 -1.04 -33.90
CA TYR E 105 -8.64 -2.21 -33.82
C TYR E 105 -7.19 -1.74 -33.68
N GLY E 106 -6.58 -2.00 -32.53
CA GLY E 106 -5.27 -1.44 -32.23
C GLY E 106 -4.08 -2.38 -32.41
N VAL E 107 -3.29 -2.13 -33.45
CA VAL E 107 -2.12 -2.94 -33.71
C VAL E 107 -0.84 -2.32 -33.18
N GLU E 108 -0.10 -3.09 -32.39
CA GLU E 108 1.11 -2.60 -31.73
C GLU E 108 2.04 -3.77 -31.39
N PHE E 109 3.34 -3.69 -31.71
CA PHE E 109 4.19 -4.87 -31.50
C PHE E 109 5.16 -4.81 -30.32
N SER E 110 5.13 -3.74 -29.55
CA SER E 110 6.06 -3.65 -28.44
C SER E 110 5.42 -4.06 -27.15
N PRO E 111 5.85 -5.20 -26.62
CA PRO E 111 5.22 -5.76 -25.41
C PRO E 111 5.25 -4.80 -24.26
N ARG E 112 6.37 -4.11 -24.05
CA ARG E 112 6.48 -3.21 -22.91
C ARG E 112 5.33 -2.18 -22.89
N VAL E 113 4.80 -1.84 -24.05
CA VAL E 113 3.83 -0.75 -24.11
C VAL E 113 2.40 -1.29 -24.30
N VAL E 114 2.24 -2.41 -25.01
CA VAL E 114 0.95 -3.10 -25.09
C VAL E 114 0.45 -3.46 -23.69
N ARG E 115 1.43 -3.73 -22.82
CA ARG E 115 1.29 -3.95 -21.39
C ARG E 115 0.38 -2.95 -20.72
N GLU E 116 0.50 -1.71 -21.15
CA GLU E 116 -0.38 -0.67 -20.66
C GLU E 116 -1.59 -0.41 -21.57
N LEU E 117 -1.45 -0.67 -22.86
CA LEU E 117 -2.57 -0.54 -23.77
C LEU E 117 -3.69 -1.49 -23.35
N LEU E 118 -3.29 -2.66 -22.86
CA LEU E 118 -4.23 -3.60 -22.28
C LEU E 118 -5.21 -2.93 -21.34
N LEU E 119 -4.66 -2.17 -20.40
CA LEU E 119 -5.42 -1.52 -19.35
C LEU E 119 -6.44 -0.57 -19.93
N VAL E 120 -6.07 0.14 -20.99
CA VAL E 120 -7.02 1.00 -21.67
C VAL E 120 -8.15 0.17 -22.32
N ALA E 121 -7.82 -0.98 -22.86
CA ALA E 121 -8.79 -1.78 -23.61
C ALA E 121 -9.78 -2.55 -22.73
N GLN E 122 -9.39 -2.90 -21.51
CA GLN E 122 -10.35 -3.55 -20.61
C GLN E 122 -11.52 -2.63 -20.32
N ARG E 123 -11.23 -1.39 -19.96
CA ARG E 123 -12.26 -0.38 -19.70
C ARG E 123 -13.08 0.02 -20.95
N ARG E 124 -12.64 -0.30 -22.17
CA ARG E 124 -13.36 0.14 -23.38
C ARG E 124 -13.62 -1.00 -24.35
N PRO E 125 -14.89 -1.49 -24.41
CA PRO E 125 -15.34 -2.57 -25.31
C PRO E 125 -15.17 -2.15 -26.76
N ASN E 126 -14.92 -0.87 -26.85
CA ASN E 126 -14.60 -0.17 -28.07
C ASN E 126 -13.32 -0.61 -28.82
N ILE E 127 -12.31 -1.04 -28.06
CA ILE E 127 -10.93 -1.20 -28.52
C ILE E 127 -10.45 -2.64 -28.54
N PHE E 128 -9.80 -3.06 -29.63
CA PHE E 128 -9.28 -4.43 -29.72
C PHE E 128 -7.76 -4.43 -29.90
N PRO E 129 -7.02 -4.60 -28.79
CA PRO E 129 -5.56 -4.55 -28.85
C PRO E 129 -5.03 -5.76 -29.58
N LEU E 130 -4.07 -5.55 -30.45
CA LEU E 130 -3.48 -6.66 -31.15
C LEU E 130 -1.99 -6.54 -31.07
N LEU E 131 -1.39 -7.41 -30.25
CA LEU E 131 0.05 -7.51 -30.17
C LEU E 131 0.56 -8.16 -31.45
N ALA E 132 0.91 -7.34 -32.44
CA ALA E 132 1.28 -7.85 -33.74
C ALA E 132 2.17 -6.89 -34.50
N ASP E 133 2.88 -7.41 -35.50
CA ASP E 133 3.73 -6.60 -36.37
C ASP E 133 2.91 -6.09 -37.56
N ALA E 134 2.81 -4.78 -37.72
CA ALA E 134 2.07 -4.21 -38.83
C ALA E 134 2.66 -4.56 -40.19
N ARG E 135 3.84 -5.17 -40.21
CA ARG E 135 4.48 -5.59 -41.47
C ARG E 135 3.90 -6.91 -41.97
N PHE E 136 3.24 -7.62 -41.08
CA PHE E 136 2.57 -8.87 -41.39
C PHE E 136 1.08 -8.83 -41.06
N PRO E 137 0.27 -8.18 -41.91
CA PRO E 137 -1.15 -8.08 -41.64
C PRO E 137 -1.80 -9.46 -41.60
N GLN E 138 -1.15 -10.46 -42.18
CA GLN E 138 -1.66 -11.84 -42.15
C GLN E 138 -1.85 -12.37 -40.73
N SER E 139 -1.10 -11.83 -39.77
CA SER E 139 -1.13 -12.31 -38.38
C SER E 139 -2.36 -11.84 -37.60
N TYR E 140 -3.03 -10.81 -38.09
CA TYR E 140 -4.23 -10.33 -37.40
C TYR E 140 -5.41 -10.31 -38.36
N LYS E 141 -5.12 -10.67 -39.61
CA LYS E 141 -6.12 -10.98 -40.61
C LYS E 141 -7.34 -11.65 -40.06
N SER E 142 -7.08 -12.62 -39.21
CA SER E 142 -8.08 -13.60 -38.81
C SER E 142 -8.88 -13.18 -37.60
N VAL E 143 -8.85 -11.89 -37.25
CA VAL E 143 -9.55 -11.36 -36.09
C VAL E 143 -10.31 -10.10 -36.44
N VAL E 144 -9.75 -9.33 -37.34
CA VAL E 144 -10.35 -8.06 -37.67
C VAL E 144 -11.33 -8.16 -38.82
N GLU E 145 -11.94 -7.04 -39.16
CA GLU E 145 -12.77 -6.91 -40.36
C GLU E 145 -12.19 -5.84 -41.28
N ASN E 146 -12.94 -5.47 -42.30
CA ASN E 146 -12.51 -4.33 -43.09
C ASN E 146 -13.04 -3.10 -42.38
N VAL E 147 -12.44 -1.95 -42.69
CA VAL E 147 -12.66 -0.76 -41.89
C VAL E 147 -12.81 0.47 -42.79
N ASP E 148 -13.38 1.52 -42.21
CA ASP E 148 -13.65 2.77 -42.89
C ASP E 148 -12.40 3.66 -42.91
N VAL E 149 -11.73 3.79 -41.77
CA VAL E 149 -10.51 4.62 -41.68
C VAL E 149 -9.27 3.78 -41.39
N LEU E 150 -8.16 4.08 -42.06
CA LEU E 150 -6.86 3.48 -41.75
C LEU E 150 -5.97 4.56 -41.14
N TYR E 151 -5.82 4.54 -39.82
CA TYR E 151 -4.96 5.49 -39.12
C TYR E 151 -3.57 4.87 -38.92
N VAL E 152 -2.52 5.50 -39.45
CA VAL E 152 -1.20 4.90 -39.28
C VAL E 152 -0.17 5.85 -38.67
N ASP E 153 0.30 5.48 -37.48
CA ASP E 153 1.32 6.21 -36.76
C ASP E 153 2.41 5.24 -36.26
N ILE E 154 3.29 4.76 -37.15
CA ILE E 154 4.40 3.88 -36.77
C ILE E 154 5.76 4.43 -37.13
N ALA E 155 6.70 4.26 -36.21
CA ALA E 155 8.07 4.60 -36.49
C ALA E 155 8.77 3.38 -37.13
N GLN E 156 8.89 3.41 -38.46
CA GLN E 156 9.58 2.39 -39.24
C GLN E 156 10.02 3.15 -40.48
N PRO E 157 11.21 2.84 -41.02
CA PRO E 157 11.64 3.63 -42.18
C PRO E 157 10.74 3.36 -43.38
N ASP E 158 10.18 2.15 -43.47
CA ASP E 158 9.26 1.79 -44.55
C ASP E 158 7.79 1.96 -44.11
N GLN E 159 7.51 3.00 -43.33
CA GLN E 159 6.15 3.17 -42.78
C GLN E 159 5.09 3.27 -43.85
N THR E 160 5.34 4.04 -44.90
CA THR E 160 4.33 4.31 -45.91
C THR E 160 3.95 3.01 -46.65
N ASP E 161 4.96 2.26 -47.05
CA ASP E 161 4.74 0.96 -47.65
C ASP E 161 3.96 0.03 -46.70
N ILE E 162 4.29 0.04 -45.40
CA ILE E 162 3.50 -0.75 -44.46
C ILE E 162 2.05 -0.34 -44.50
N ALA E 163 1.83 0.98 -44.50
CA ALA E 163 0.47 1.51 -44.52
C ALA E 163 -0.28 1.01 -45.73
N ILE E 164 0.38 1.04 -46.90
CA ILE E 164 -0.21 0.58 -48.15
C ILE E 164 -0.56 -0.91 -48.16
N TYR E 165 0.37 -1.74 -47.72
CA TYR E 165 0.13 -3.17 -47.62
C TYR E 165 -1.07 -3.43 -46.74
N ASN E 166 -1.18 -2.70 -45.66
CA ASN E 166 -2.32 -2.89 -44.78
C ASN E 166 -3.61 -2.43 -45.39
N ALA E 167 -3.54 -1.46 -46.28
CA ALA E 167 -4.74 -0.90 -46.90
C ALA E 167 -5.38 -1.94 -47.80
N LYS E 168 -4.59 -2.54 -48.68
CA LYS E 168 -5.16 -3.43 -49.68
C LYS E 168 -5.62 -4.73 -49.03
N PHE E 169 -5.31 -4.91 -47.74
CA PHE E 169 -5.95 -5.93 -46.93
C PHE E 169 -7.27 -5.47 -46.33
N PHE E 170 -7.26 -4.31 -45.65
CA PHE E 170 -8.37 -3.96 -44.77
C PHE E 170 -9.10 -2.67 -45.08
N LEU E 171 -8.56 -1.85 -45.95
CA LEU E 171 -9.19 -0.56 -46.23
C LEU E 171 -10.30 -0.68 -47.29
N LYS E 172 -11.54 -0.38 -46.88
CA LYS E 172 -12.66 -0.30 -47.81
C LYS E 172 -12.33 0.66 -48.97
N VAL E 173 -12.77 0.33 -50.19
CA VAL E 173 -12.56 1.24 -51.32
C VAL E 173 -13.32 2.55 -51.08
N ASN E 174 -12.69 3.66 -51.44
CA ASN E 174 -13.17 5.03 -51.12
C ASN E 174 -13.17 5.33 -49.63
N GLY E 175 -12.44 4.52 -48.86
CA GLY E 175 -12.15 4.80 -47.48
C GLY E 175 -10.97 5.76 -47.32
N ASP E 176 -10.75 6.23 -46.10
CA ASP E 176 -9.69 7.21 -45.84
C ASP E 176 -8.53 6.64 -45.04
N MET E 177 -7.34 7.17 -45.32
CA MET E 177 -6.13 6.85 -44.58
C MET E 177 -5.56 8.12 -43.98
N LEU E 178 -5.38 8.12 -42.66
CA LEU E 178 -4.55 9.12 -41.98
C LEU E 178 -3.16 8.54 -41.75
N LEU E 179 -2.18 9.15 -42.40
CA LEU E 179 -0.81 8.67 -42.32
C LEU E 179 0.04 9.73 -41.67
N VAL E 180 0.71 9.36 -40.59
CA VAL E 180 1.67 10.24 -39.96
C VAL E 180 3.05 10.03 -40.58
N ILE E 181 3.64 11.07 -41.17
CA ILE E 181 4.98 10.96 -41.74
C ILE E 181 6.05 11.43 -40.76
N LYS E 182 6.75 10.47 -40.16
CA LYS E 182 7.80 10.74 -39.20
C LYS E 182 9.15 10.86 -39.86
N ALA E 183 9.49 12.08 -40.29
CA ALA E 183 10.67 12.30 -41.11
C ALA E 183 11.97 11.74 -40.52
N ARG E 184 12.17 11.94 -39.23
CA ARG E 184 13.44 11.59 -38.62
C ARG E 184 13.57 10.11 -38.37
N SER E 185 12.51 9.34 -38.64
CA SER E 185 12.61 7.88 -38.49
C SER E 185 12.70 7.25 -39.87
N ILE E 186 12.53 8.07 -40.89
CA ILE E 186 12.72 7.58 -42.24
C ILE E 186 14.17 7.82 -42.63
N ASP E 187 14.66 9.03 -42.38
CA ASP E 187 16.06 9.38 -42.64
C ASP E 187 16.46 10.66 -41.93
N VAL E 188 17.32 10.55 -40.93
CA VAL E 188 17.72 11.73 -40.17
C VAL E 188 18.60 12.65 -40.95
N THR E 189 19.25 12.12 -41.99
CA THR E 189 20.12 12.92 -42.86
C THR E 189 19.30 13.84 -43.74
N LYS E 190 18.36 13.26 -44.48
CA LYS E 190 17.58 14.03 -45.43
C LYS E 190 16.72 15.13 -44.76
N ASP E 191 16.35 16.11 -45.56
CA ASP E 191 15.47 17.18 -45.13
C ASP E 191 14.03 16.68 -45.01
N PRO E 192 13.35 17.03 -43.90
CA PRO E 192 11.97 16.57 -43.70
C PRO E 192 11.03 16.95 -44.84
N LYS E 193 11.28 18.06 -45.50
CA LYS E 193 10.38 18.48 -46.57
C LYS E 193 10.53 17.55 -47.78
N GLU E 194 11.77 17.12 -48.06
CA GLU E 194 12.05 16.13 -49.11
C GLU E 194 11.28 14.85 -48.88
N ILE E 195 11.31 14.42 -47.62
CA ILE E 195 10.69 13.19 -47.19
C ILE E 195 9.19 13.25 -47.38
N TYR E 196 8.57 14.34 -46.92
CA TYR E 196 7.14 14.54 -47.10
C TYR E 196 6.78 14.38 -48.56
N LYS E 197 7.65 14.92 -49.42
CA LYS E 197 7.37 15.00 -50.83
C LYS E 197 7.47 13.64 -51.49
N THR E 198 8.56 12.93 -51.21
CA THR E 198 8.80 11.63 -51.84
C THR E 198 7.84 10.55 -51.34
N GLU E 199 7.39 10.67 -50.10
CA GLU E 199 6.49 9.68 -49.51
C GLU E 199 5.04 9.79 -50.02
N VAL E 200 4.55 11.01 -50.19
CA VAL E 200 3.22 11.25 -50.77
C VAL E 200 3.22 10.70 -52.21
N GLU E 201 4.37 10.78 -52.88
CA GLU E 201 4.54 10.20 -54.21
C GLU E 201 4.28 8.69 -54.16
N LYS E 202 4.77 8.02 -53.12
CA LYS E 202 4.48 6.61 -52.89
C LYS E 202 2.97 6.36 -52.78
N LEU E 203 2.28 7.30 -52.14
CA LEU E 203 0.83 7.19 -51.95
C LEU E 203 0.11 7.32 -53.27
N GLU E 204 0.57 8.25 -54.10
CA GLU E 204 -0.12 8.53 -55.34
C GLU E 204 0.14 7.45 -56.38
N ASN E 205 1.33 6.87 -56.38
CA ASN E 205 1.60 5.76 -57.27
C ASN E 205 0.91 4.48 -56.81
N SER E 206 0.35 4.50 -55.62
CA SER E 206 -0.44 3.38 -55.15
C SER E 206 -1.90 3.78 -55.13
N ASN E 207 -2.24 4.66 -56.05
CA ASN E 207 -3.57 5.26 -56.24
C ASN E 207 -4.31 5.61 -54.91
N PHE E 208 -3.60 6.32 -54.05
CA PHE E 208 -4.24 7.11 -53.03
C PHE E 208 -4.35 8.53 -53.54
N GLU E 209 -5.50 9.14 -53.26
CA GLU E 209 -5.77 10.46 -53.76
C GLU E 209 -5.49 11.46 -52.63
N THR E 210 -4.36 12.14 -52.69
CA THR E 210 -4.00 13.12 -51.64
C THR E 210 -5.06 14.19 -51.40
N ILE E 211 -5.70 14.14 -50.24
CA ILE E 211 -6.78 15.08 -49.89
C ILE E 211 -6.25 16.34 -49.21
N GLN E 212 -5.32 16.14 -48.27
CA GLN E 212 -4.78 17.24 -47.45
C GLN E 212 -3.42 16.87 -46.85
N ILE E 213 -2.56 17.86 -46.63
CA ILE E 213 -1.29 17.62 -45.95
C ILE E 213 -1.03 18.63 -44.85
N ILE E 214 -0.98 18.16 -43.61
CA ILE E 214 -0.73 19.05 -42.50
C ILE E 214 0.67 18.89 -41.89
N ASN E 215 1.29 20.00 -41.57
CA ASN E 215 2.54 20.02 -40.84
C ASN E 215 2.29 20.18 -39.35
N LEU E 216 2.66 19.20 -38.54
CA LEU E 216 2.32 19.26 -37.11
C LEU E 216 3.12 20.20 -36.20
N ASP E 217 4.09 20.96 -36.72
CA ASP E 217 4.87 21.89 -35.88
C ASP E 217 3.93 22.93 -35.26
N PRO E 218 4.08 23.27 -33.96
CA PRO E 218 5.07 22.94 -32.95
C PRO E 218 4.68 21.81 -32.02
N TYR E 219 3.53 21.19 -32.28
CA TYR E 219 3.05 20.09 -31.46
C TYR E 219 4.02 18.92 -31.60
N ASP E 220 4.47 18.68 -32.82
CA ASP E 220 5.46 17.63 -33.06
C ASP E 220 6.45 18.04 -34.15
N LYS E 221 7.73 18.08 -33.82
CA LYS E 221 8.77 18.49 -34.76
C LYS E 221 9.04 17.41 -35.82
N ASP E 222 9.30 17.86 -37.05
CA ASP E 222 9.62 16.97 -38.16
C ASP E 222 8.57 15.90 -38.40
N HIS E 223 7.30 16.27 -38.26
CA HIS E 223 6.21 15.38 -38.57
C HIS E 223 5.23 16.07 -39.50
N ALA E 224 4.65 15.29 -40.41
CA ALA E 224 3.58 15.76 -41.26
C ALA E 224 2.54 14.66 -41.29
N ILE E 225 1.29 15.02 -41.55
CA ILE E 225 0.23 14.04 -41.58
C ILE E 225 -0.55 14.12 -42.89
N VAL E 226 -0.87 12.97 -43.45
CA VAL E 226 -1.56 12.91 -44.73
C VAL E 226 -3.00 12.41 -44.58
N LEU E 227 -3.97 13.10 -45.16
CA LEU E 227 -5.29 12.52 -45.31
C LEU E 227 -5.44 12.18 -46.79
N SER E 228 -5.92 10.98 -47.10
CA SER E 228 -6.15 10.61 -48.51
C SER E 228 -7.24 9.55 -48.63
N LYS E 229 -7.75 9.34 -49.85
CA LYS E 229 -8.77 8.32 -50.10
C LYS E 229 -8.25 7.15 -50.92
N TYR E 230 -8.60 5.94 -50.52
CA TYR E 230 -8.14 4.76 -51.22
C TYR E 230 -9.04 4.51 -52.43
N LYS E 231 -8.47 4.14 -53.56
CA LYS E 231 -9.28 3.88 -54.74
C LYS E 231 -9.30 2.40 -55.12
N ILE F 5 64.43 8.24 -33.02
CA ILE F 5 64.50 9.24 -31.97
C ILE F 5 65.77 10.07 -32.13
N THR F 6 65.65 11.35 -31.79
CA THR F 6 66.76 12.31 -31.72
C THR F 6 66.25 13.53 -30.94
N VAL F 7 67.10 14.14 -30.12
CA VAL F 7 66.70 15.37 -29.44
C VAL F 7 67.63 16.46 -29.91
N LYS F 8 67.13 17.64 -30.20
CA LYS F 8 68.03 18.70 -30.64
C LYS F 8 67.60 20.09 -30.14
N GLN F 9 68.58 20.92 -29.81
CA GLN F 9 68.28 22.26 -29.29
C GLN F 9 67.51 23.08 -30.33
N THR F 10 66.83 24.12 -29.88
CA THR F 10 66.06 25.00 -30.78
C THR F 10 66.55 26.44 -30.73
N ASN F 11 65.85 27.28 -31.48
CA ASN F 11 66.10 28.73 -31.53
C ASN F 11 65.93 29.43 -30.17
N MET F 12 65.39 28.70 -29.20
CA MET F 12 65.16 29.21 -27.86
C MET F 12 65.88 28.37 -26.79
N GLU F 13 66.48 29.05 -25.81
CA GLU F 13 67.27 28.39 -24.77
C GLU F 13 66.56 27.25 -24.06
N ASN F 14 67.32 26.22 -23.73
CA ASN F 14 66.84 25.02 -23.03
C ASN F 14 65.51 24.43 -23.47
N ILE F 15 65.17 24.63 -24.72
CA ILE F 15 63.98 24.02 -25.29
C ILE F 15 64.41 23.13 -26.44
N TYR F 16 63.94 21.89 -26.46
CA TYR F 16 64.42 20.89 -27.40
C TYR F 16 63.26 20.31 -28.24
N GLU F 17 63.57 19.55 -29.26
CA GLU F 17 62.57 18.88 -30.10
C GLU F 17 62.86 17.40 -30.05
N CYS F 18 61.86 16.56 -30.26
CA CYS F 18 62.17 15.15 -30.50
C CYS F 18 61.73 14.70 -31.87
N GLU F 19 62.66 14.14 -32.61
CA GLU F 19 62.33 13.24 -33.69
C GLU F 19 61.86 12.00 -32.96
N PHE F 20 60.82 11.34 -33.45
CA PHE F 20 60.34 10.17 -32.73
C PHE F 20 60.39 8.88 -33.53
N ASN F 21 60.28 7.77 -32.80
CA ASN F 21 60.27 6.41 -33.36
C ASN F 21 59.41 6.26 -34.63
N ASP F 22 58.37 7.09 -34.74
CA ASP F 22 57.40 7.04 -35.85
C ASP F 22 57.48 8.24 -36.81
N GLY F 23 57.95 9.39 -36.34
CA GLY F 23 58.07 10.56 -37.19
C GLY F 23 57.26 11.76 -36.76
N SER F 24 56.90 11.77 -35.47
CA SER F 24 56.16 12.85 -34.85
C SER F 24 57.08 13.77 -34.04
N PHE F 25 56.74 15.06 -33.97
CA PHE F 25 57.64 16.02 -33.38
C PHE F 25 57.07 16.66 -32.16
N ARG F 26 57.74 16.54 -31.03
CA ARG F 26 57.25 17.26 -29.86
C ARG F 26 58.28 18.08 -29.12
N LEU F 27 57.86 19.27 -28.68
CA LEU F 27 58.70 20.11 -27.84
C LEU F 27 58.95 19.37 -26.54
N CYS F 28 60.05 19.70 -25.88
CA CYS F 28 60.34 19.14 -24.56
C CYS F 28 61.40 19.96 -23.88
N THR F 29 61.58 19.74 -22.59
CA THR F 29 62.54 20.54 -21.86
C THR F 29 63.47 19.63 -21.12
N ARG F 30 64.60 20.20 -20.71
CA ARG F 30 65.65 19.51 -19.99
C ARG F 30 65.30 19.34 -18.52
N ASN F 31 64.99 18.12 -18.13
CA ASN F 31 64.44 17.87 -16.80
C ASN F 31 65.41 18.14 -15.66
N LEU F 32 65.08 19.13 -14.86
CA LEU F 32 65.82 19.57 -13.68
C LEU F 32 65.83 18.57 -12.52
N VAL F 33 64.86 17.66 -12.47
CA VAL F 33 64.80 16.64 -11.43
C VAL F 33 64.55 15.29 -12.06
N PRO F 34 65.62 14.62 -12.51
CA PRO F 34 65.52 13.36 -13.24
C PRO F 34 64.65 12.32 -12.56
N ASN F 35 63.99 11.52 -13.39
CA ASN F 35 63.21 10.36 -12.97
C ASN F 35 61.89 10.72 -12.26
N PHE F 36 61.45 11.98 -12.42
CA PHE F 36 60.18 12.46 -11.86
C PHE F 36 59.37 13.24 -12.90
N ASN F 37 58.06 13.02 -12.93
CA ASN F 37 57.17 13.78 -13.80
C ASN F 37 56.03 14.48 -13.02
N VAL F 38 55.70 15.70 -13.41
CA VAL F 38 54.70 16.47 -12.67
C VAL F 38 53.25 16.16 -13.09
N TYR F 39 52.96 16.09 -14.39
CA TYR F 39 51.66 15.56 -14.80
C TYR F 39 51.89 14.17 -15.34
N GLY F 40 51.29 13.80 -16.47
CA GLY F 40 51.54 12.45 -16.96
C GLY F 40 52.64 12.28 -17.99
N GLU F 41 53.40 13.33 -18.28
CA GLU F 41 54.18 13.39 -19.52
C GLU F 41 55.28 12.34 -19.59
N ARG F 42 55.65 11.99 -20.82
CA ARG F 42 56.68 11.00 -21.08
C ARG F 42 58.02 11.51 -20.63
N LEU F 43 58.79 10.65 -19.95
CA LEU F 43 60.18 10.93 -19.62
C LEU F 43 61.07 10.27 -20.67
N ILE F 44 62.01 11.02 -21.24
CA ILE F 44 62.82 10.41 -22.27
C ILE F 44 64.32 10.64 -22.08
N LYS F 45 65.08 9.54 -22.18
CA LYS F 45 66.55 9.59 -22.13
C LYS F 45 67.14 9.56 -23.54
N TYR F 46 68.07 10.48 -23.80
CA TYR F 46 68.81 10.56 -25.07
C TYR F 46 70.19 11.08 -24.76
N GLU F 47 71.23 10.31 -25.15
CA GLU F 47 72.59 10.66 -24.78
C GLU F 47 72.68 10.78 -23.28
N GLY F 48 72.12 9.80 -22.57
CA GLY F 48 72.17 9.79 -21.12
C GLY F 48 71.61 11.01 -20.41
N VAL F 49 70.85 11.84 -21.13
CA VAL F 49 70.21 13.02 -20.54
C VAL F 49 68.68 12.89 -20.53
N GLU F 50 68.03 13.34 -19.46
CA GLU F 50 66.58 13.17 -19.36
C GLU F 50 65.77 14.42 -19.71
N TYR F 51 64.90 14.25 -20.70
CA TYR F 51 64.05 15.31 -21.19
C TYR F 51 62.60 15.01 -20.84
N ARG F 52 61.83 16.06 -20.62
CA ARG F 52 60.41 15.94 -20.32
C ARG F 52 59.59 16.43 -21.49
N GLU F 53 58.70 15.57 -22.00
CA GLU F 53 57.83 15.97 -23.09
C GLU F 53 56.88 17.10 -22.71
N TRP F 54 56.82 18.11 -23.56
CA TRP F 54 56.06 19.32 -23.30
C TRP F 54 54.81 19.39 -24.16
N ASN F 55 53.66 18.96 -23.64
CA ASN F 55 52.45 18.89 -24.45
C ASN F 55 51.86 20.27 -24.81
N ALA F 56 51.77 20.56 -26.10
CA ALA F 56 51.36 21.89 -26.57
C ALA F 56 49.87 22.13 -26.34
N PHE F 57 49.10 21.06 -26.26
CA PHE F 57 47.67 21.21 -25.98
C PHE F 57 47.38 21.54 -24.49
N ARG F 58 48.32 21.19 -23.61
CA ARG F 58 48.18 21.43 -22.18
C ARG F 58 48.82 22.71 -21.68
N SER F 59 49.94 23.09 -22.27
CA SER F 59 50.59 24.29 -21.82
C SER F 59 50.41 25.39 -22.84
N LYS F 60 49.87 26.54 -22.40
CA LYS F 60 49.63 27.69 -23.28
C LYS F 60 50.96 28.15 -23.84
N LEU F 61 52.00 28.10 -23.00
CA LEU F 61 53.30 28.60 -23.38
C LEU F 61 53.87 27.80 -24.55
N ALA F 62 53.90 26.47 -24.43
CA ALA F 62 54.35 25.62 -25.53
C ALA F 62 53.43 25.76 -26.75
N GLY F 63 52.16 26.04 -26.52
CA GLY F 63 51.27 26.25 -27.62
C GLY F 63 51.72 27.41 -28.46
N ALA F 64 52.03 28.52 -27.79
CA ALA F 64 52.41 29.77 -28.44
C ALA F 64 53.65 29.56 -29.29
N ILE F 65 54.59 28.78 -28.78
CA ILE F 65 55.82 28.52 -29.50
C ILE F 65 55.52 27.91 -30.86
N LEU F 66 54.82 26.77 -30.88
CA LEU F 66 54.54 26.06 -32.14
C LEU F 66 53.64 26.89 -33.06
N LYS F 67 52.96 27.88 -32.50
CA LYS F 67 52.11 28.72 -33.32
C LYS F 67 52.92 29.94 -33.74
N GLY F 68 54.23 29.83 -33.62
CA GLY F 68 55.10 30.89 -34.10
C GLY F 68 55.41 32.06 -33.16
N LEU F 69 55.74 31.77 -31.90
CA LEU F 69 56.21 32.81 -30.98
C LEU F 69 57.60 33.29 -31.37
N LYS F 70 57.67 34.56 -31.75
CA LYS F 70 58.88 35.28 -32.12
C LYS F 70 60.08 35.15 -31.19
N THR F 71 59.91 35.72 -30.01
CA THR F 71 60.99 35.83 -29.04
C THR F 71 60.46 35.34 -27.71
N ASN F 72 61.26 34.53 -27.03
CA ASN F 72 60.82 33.92 -25.78
C ASN F 72 61.56 34.49 -24.58
N PRO F 73 60.92 35.38 -23.82
CA PRO F 73 61.63 36.06 -22.75
C PRO F 73 62.00 35.14 -21.60
N ILE F 74 61.54 33.90 -21.64
CA ILE F 74 61.83 33.00 -20.53
C ILE F 74 62.97 32.05 -20.85
N ARG F 75 64.11 32.33 -20.25
CA ARG F 75 65.34 31.61 -20.52
C ARG F 75 66.15 31.32 -19.25
N LYS F 76 67.39 30.91 -19.45
CA LYS F 76 68.31 30.58 -18.36
C LYS F 76 68.41 31.74 -17.35
N GLY F 77 68.26 31.39 -16.08
CA GLY F 77 68.41 32.34 -14.99
C GLY F 77 67.41 33.47 -14.94
N THR F 78 66.33 33.37 -15.72
CA THR F 78 65.31 34.41 -15.72
C THR F 78 64.54 34.41 -14.40
N LYS F 79 64.23 35.59 -13.90
CA LYS F 79 63.36 35.71 -12.74
C LYS F 79 61.95 36.06 -13.22
N VAL F 80 61.00 35.17 -12.95
CA VAL F 80 59.64 35.28 -13.49
C VAL F 80 58.53 35.22 -12.42
N LEU F 81 57.54 36.11 -12.56
CA LEU F 81 56.33 36.12 -11.74
C LEU F 81 55.24 35.40 -12.50
N TYR F 82 54.68 34.36 -11.88
CA TYR F 82 53.68 33.54 -12.54
C TYR F 82 52.33 33.73 -11.85
N LEU F 83 51.38 34.39 -12.52
CA LEU F 83 50.02 34.50 -11.98
C LEU F 83 49.11 33.38 -12.48
N GLY F 84 48.62 32.55 -11.56
CA GLY F 84 47.81 31.41 -11.95
C GLY F 84 48.62 30.14 -12.16
N ALA F 85 49.30 29.69 -11.11
CA ALA F 85 50.22 28.55 -11.23
C ALA F 85 49.49 27.21 -11.36
N ALA F 86 48.26 27.15 -10.84
CA ALA F 86 47.40 25.97 -10.89
C ALA F 86 48.09 24.75 -10.29
N SER F 87 47.93 23.60 -10.96
CA SER F 87 48.54 22.32 -10.56
C SER F 87 50.03 22.35 -10.74
N GLY F 88 50.48 23.17 -11.68
CA GLY F 88 51.90 23.30 -11.91
C GLY F 88 52.38 22.77 -13.23
N THR F 89 51.46 22.51 -14.16
CA THR F 89 51.84 22.04 -15.49
C THR F 89 52.81 22.96 -16.21
N THR F 90 52.40 24.19 -16.52
CA THR F 90 53.30 25.07 -17.26
C THR F 90 54.47 25.55 -16.44
N ILE F 91 54.21 25.91 -15.19
CA ILE F 91 55.25 26.47 -14.36
C ILE F 91 56.41 25.48 -14.12
N SER F 92 56.14 24.18 -14.25
CA SER F 92 57.19 23.20 -14.09
C SER F 92 58.14 23.20 -15.29
N HIS F 93 57.61 23.57 -16.45
CA HIS F 93 58.46 23.68 -17.63
C HIS F 93 59.25 24.97 -17.65
N VAL F 94 58.71 26.06 -17.10
CA VAL F 94 59.49 27.28 -16.98
C VAL F 94 60.50 27.09 -15.87
N SER F 95 60.20 26.20 -14.94
CA SER F 95 61.19 25.80 -13.97
C SER F 95 62.35 25.12 -14.69
N ASP F 96 62.08 24.12 -15.53
CA ASP F 96 63.15 23.41 -16.25
C ASP F 96 64.03 24.33 -17.10
N ILE F 97 63.42 25.39 -17.61
CA ILE F 97 64.08 26.34 -18.50
C ILE F 97 64.96 27.34 -17.75
N ILE F 98 64.46 27.95 -16.69
CA ILE F 98 65.24 28.98 -15.98
C ILE F 98 66.37 28.40 -15.07
N GLU F 99 66.19 27.18 -14.57
CA GLU F 99 67.31 26.34 -14.11
C GLU F 99 68.11 26.85 -12.89
N LEU F 100 67.47 26.87 -11.73
CA LEU F 100 68.16 27.08 -10.43
C LEU F 100 68.73 28.46 -10.23
N ASN F 101 69.37 29.01 -11.27
CA ASN F 101 69.83 30.38 -11.20
C ASN F 101 68.62 31.31 -11.28
N GLY F 102 67.65 30.88 -12.08
CA GLY F 102 66.40 31.61 -12.22
C GLY F 102 65.39 31.26 -11.15
N LYS F 103 64.39 32.11 -11.01
CA LYS F 103 63.37 31.88 -10.02
C LYS F 103 62.00 32.06 -10.63
N ALA F 104 61.09 31.19 -10.21
CA ALA F 104 59.70 31.23 -10.65
C ALA F 104 58.81 31.44 -9.44
N TYR F 105 58.16 32.59 -9.37
CA TYR F 105 57.27 32.87 -8.27
C TYR F 105 55.83 32.55 -8.71
N GLY F 106 55.26 31.51 -8.14
CA GLY F 106 53.97 31.06 -8.61
C GLY F 106 52.81 31.45 -7.72
N VAL F 107 52.01 32.41 -8.17
CA VAL F 107 50.84 32.87 -7.42
C VAL F 107 49.54 32.21 -7.87
N GLU F 108 48.84 31.62 -6.91
CA GLU F 108 47.63 30.88 -7.19
C GLU F 108 46.76 30.87 -5.94
N PHE F 109 45.47 31.20 -6.11
CA PHE F 109 44.61 31.44 -4.93
C PHE F 109 43.64 30.32 -4.57
N SER F 110 43.71 29.20 -5.30
CA SER F 110 42.81 28.08 -5.09
C SER F 110 43.43 26.98 -4.27
N PRO F 111 42.99 26.82 -3.02
CA PRO F 111 43.55 25.85 -2.10
C PRO F 111 43.49 24.43 -2.64
N ARG F 112 42.40 24.08 -3.30
CA ARG F 112 42.24 22.73 -3.84
C ARG F 112 43.38 22.38 -4.79
N VAL F 113 43.93 23.39 -5.45
CA VAL F 113 44.91 23.14 -6.49
C VAL F 113 46.34 23.48 -6.05
N VAL F 114 46.51 24.47 -5.17
CA VAL F 114 47.81 24.71 -4.55
C VAL F 114 48.33 23.46 -3.86
N ARG F 115 47.40 22.69 -3.30
CA ARG F 115 47.63 21.37 -2.74
C ARG F 115 48.52 20.48 -3.62
N GLU F 116 48.29 20.54 -4.93
CA GLU F 116 49.10 19.78 -5.86
C GLU F 116 50.30 20.57 -6.36
N LEU F 117 50.19 21.89 -6.37
CA LEU F 117 51.31 22.75 -6.72
C LEU F 117 52.41 22.61 -5.68
N LEU F 118 52.02 22.47 -4.42
CA LEU F 118 52.95 22.17 -3.35
C LEU F 118 53.90 21.07 -3.73
N LEU F 119 53.35 19.95 -4.21
CA LEU F 119 54.12 18.75 -4.56
C LEU F 119 55.14 19.05 -5.64
N VAL F 120 54.76 19.85 -6.63
CA VAL F 120 55.71 20.24 -7.64
C VAL F 120 56.82 21.13 -7.09
N ALA F 121 56.50 22.05 -6.18
CA ALA F 121 57.49 23.03 -5.71
C ALA F 121 58.49 22.44 -4.73
N GLN F 122 58.10 21.43 -3.96
CA GLN F 122 59.04 20.79 -3.06
C GLN F 122 60.16 20.20 -3.88
N ARG F 123 59.80 19.48 -4.93
CA ARG F 123 60.79 18.83 -5.79
C ARG F 123 61.70 19.86 -6.52
N ARG F 124 61.29 21.12 -6.58
CA ARG F 124 62.01 22.13 -7.36
C ARG F 124 62.26 23.45 -6.62
N PRO F 125 63.51 23.66 -6.13
CA PRO F 125 63.93 24.88 -5.40
C PRO F 125 63.77 26.14 -6.24
N ASN F 126 63.59 25.91 -7.53
CA ASN F 126 63.30 26.91 -8.51
C ASN F 126 61.97 27.63 -8.31
N ILE F 127 61.02 26.94 -7.68
CA ILE F 127 59.63 27.39 -7.62
C ILE F 127 59.24 27.79 -6.22
N PHE F 128 58.61 28.95 -6.10
CA PHE F 128 58.14 29.49 -4.81
C PHE F 128 56.61 29.65 -4.86
N PRO F 129 55.87 28.64 -4.39
CA PRO F 129 54.41 28.70 -4.45
C PRO F 129 53.85 29.76 -3.52
N LEU F 130 52.86 30.50 -4.00
CA LEU F 130 52.25 31.53 -3.19
C LEU F 130 50.75 31.43 -3.24
N LEU F 131 50.17 30.90 -2.17
CA LEU F 131 48.74 30.85 -2.03
C LEU F 131 48.25 32.25 -1.71
N ALA F 132 47.89 33.03 -2.72
CA ALA F 132 47.54 34.43 -2.52
C ALA F 132 46.57 34.91 -3.59
N ASP F 133 45.85 36.01 -3.35
CA ASP F 133 44.95 36.59 -4.37
C ASP F 133 45.73 37.56 -5.27
N ALA F 134 45.82 37.27 -6.56
CA ALA F 134 46.56 38.11 -7.49
C ALA F 134 45.97 39.50 -7.63
N ARG F 135 44.80 39.72 -7.05
CA ARG F 135 44.18 41.05 -7.04
C ARG F 135 44.77 41.94 -5.95
N PHE F 136 45.46 41.35 -4.99
CA PHE F 136 46.12 42.08 -3.91
C PHE F 136 47.61 41.76 -3.85
N PRO F 137 48.41 42.32 -4.77
CA PRO F 137 49.83 41.96 -4.75
C PRO F 137 50.51 42.36 -3.45
N GLN F 138 49.89 43.25 -2.69
CA GLN F 138 50.42 43.63 -1.39
C GLN F 138 50.62 42.38 -0.48
N SER F 139 49.91 41.30 -0.76
CA SER F 139 49.96 40.09 0.07
C SER F 139 51.19 39.21 -0.10
N TYR F 140 51.90 39.36 -1.20
CA TYR F 140 53.11 38.58 -1.44
C TYR F 140 54.28 39.51 -1.76
N LYS F 141 53.98 40.80 -1.76
CA LYS F 141 54.98 41.87 -1.76
C LYS F 141 56.21 41.56 -0.94
N SER F 142 55.94 41.03 0.25
CA SER F 142 56.91 40.91 1.32
C SER F 142 57.68 39.61 1.27
N VAL F 143 57.68 38.95 0.12
CA VAL F 143 58.36 37.68 -0.04
C VAL F 143 59.13 37.62 -1.35
N VAL F 144 58.60 38.27 -2.37
CA VAL F 144 59.20 38.22 -3.70
C VAL F 144 60.17 39.36 -3.93
N GLU F 145 60.80 39.37 -5.10
CA GLU F 145 61.61 40.47 -5.60
C GLU F 145 60.95 40.98 -6.86
N ASN F 146 61.64 41.83 -7.61
CA ASN F 146 61.10 42.23 -8.91
C ASN F 146 61.63 41.25 -9.95
N VAL F 147 60.98 41.17 -11.10
CA VAL F 147 61.25 40.08 -12.03
C VAL F 147 61.39 40.52 -13.48
N ASP F 148 61.99 39.65 -14.28
CA ASP F 148 62.27 40.00 -15.66
C ASP F 148 61.02 39.81 -16.51
N VAL F 149 60.42 38.62 -16.39
CA VAL F 149 59.26 38.25 -17.18
C VAL F 149 58.07 38.13 -16.25
N LEU F 150 56.93 38.69 -16.65
CA LEU F 150 55.70 38.54 -15.88
C LEU F 150 54.68 37.73 -16.67
N TYR F 151 54.55 36.45 -16.34
CA TYR F 151 53.64 35.55 -17.04
C TYR F 151 52.29 35.48 -16.37
N VAL F 152 51.22 35.84 -17.09
CA VAL F 152 49.90 35.90 -16.48
C VAL F 152 48.84 35.03 -17.18
N ASP F 153 48.40 34.00 -16.48
CA ASP F 153 47.35 33.09 -16.94
C ASP F 153 46.34 32.90 -15.80
N ILE F 154 45.47 33.89 -15.60
CA ILE F 154 44.41 33.85 -14.59
C ILE F 154 43.08 33.93 -15.30
N ALA F 155 42.12 33.14 -14.84
CA ALA F 155 40.76 33.26 -15.32
C ALA F 155 40.06 34.27 -14.43
N GLN F 156 39.91 35.48 -14.94
CA GLN F 156 39.24 36.56 -14.21
C GLN F 156 38.70 37.49 -15.25
N PRO F 157 37.55 38.11 -15.00
CA PRO F 157 37.08 39.01 -16.04
C PRO F 157 38.00 40.21 -16.16
N ASP F 158 38.57 40.66 -15.04
CA ASP F 158 39.48 41.81 -15.07
C ASP F 158 40.95 41.40 -15.09
N GLN F 159 41.29 40.31 -15.77
CA GLN F 159 42.65 39.75 -15.76
C GLN F 159 43.70 40.76 -16.22
N THR F 160 43.42 41.47 -17.30
CA THR F 160 44.38 42.42 -17.88
C THR F 160 44.68 43.55 -16.89
N ASP F 161 43.64 44.12 -16.28
CA ASP F 161 43.80 45.09 -15.19
C ASP F 161 44.58 44.49 -14.02
N ILE F 162 44.29 43.25 -13.65
CA ILE F 162 45.07 42.55 -12.61
C ILE F 162 46.54 42.42 -13.03
N ALA F 163 46.78 42.10 -14.30
CA ALA F 163 48.15 41.95 -14.78
C ALA F 163 48.96 43.23 -14.65
N ILE F 164 48.34 44.35 -15.02
CA ILE F 164 48.99 45.66 -14.98
C ILE F 164 49.39 46.10 -13.58
N TYR F 165 48.46 45.96 -12.64
CA TYR F 165 48.70 46.25 -11.24
C TYR F 165 49.89 45.43 -10.72
N ASN F 166 49.96 44.18 -11.12
CA ASN F 166 51.06 43.35 -10.70
C ASN F 166 52.39 43.76 -11.33
N ALA F 167 52.30 44.35 -12.53
CA ALA F 167 53.52 44.80 -13.21
C ALA F 167 54.11 46.02 -12.49
N LYS F 168 53.29 47.03 -12.18
CA LYS F 168 53.88 48.23 -11.62
C LYS F 168 54.37 48.00 -10.19
N PHE F 169 54.06 46.83 -9.65
CA PHE F 169 54.72 46.39 -8.43
C PHE F 169 56.07 45.72 -8.70
N PHE F 170 56.10 44.75 -9.62
CA PHE F 170 57.25 43.85 -9.72
C PHE F 170 57.97 43.77 -11.07
N LEU F 171 57.43 44.36 -12.13
CA LEU F 171 58.07 44.22 -13.44
C LEU F 171 59.20 45.21 -13.63
N LYS F 172 60.43 44.70 -13.74
CA LYS F 172 61.59 45.52 -14.08
C LYS F 172 61.24 46.30 -15.35
N VAL F 173 61.55 47.58 -15.41
CA VAL F 173 61.24 48.37 -16.60
C VAL F 173 62.01 47.81 -17.77
N ASN F 174 61.38 47.80 -18.94
CA ASN F 174 61.86 47.12 -20.14
C ASN F 174 61.82 45.60 -20.00
N GLY F 175 61.09 45.14 -18.98
CA GLY F 175 60.80 43.73 -18.81
C GLY F 175 59.64 43.32 -19.71
N ASP F 176 59.39 42.01 -19.76
CA ASP F 176 58.35 41.48 -20.61
C ASP F 176 57.17 40.91 -19.83
N MET F 177 56.00 40.98 -20.47
CA MET F 177 54.80 40.33 -19.96
C MET F 177 54.23 39.36 -20.99
N LEU F 178 54.04 38.12 -20.60
CA LEU F 178 53.21 37.22 -21.36
C LEU F 178 51.81 37.22 -20.74
N LEU F 179 50.82 37.67 -21.49
CA LEU F 179 49.46 37.72 -20.98
C LEU F 179 48.57 36.80 -21.81
N VAL F 180 47.95 35.84 -21.15
CA VAL F 180 46.97 34.99 -21.81
C VAL F 180 45.57 35.63 -21.66
N ILE F 181 44.96 35.93 -22.80
CA ILE F 181 43.62 36.52 -22.83
C ILE F 181 42.54 35.47 -22.99
N LYS F 182 41.84 35.21 -21.89
CA LYS F 182 40.75 34.24 -21.89
C LYS F 182 39.39 34.87 -22.21
N ALA F 183 39.08 34.95 -23.49
CA ALA F 183 37.87 35.65 -23.95
C ALA F 183 36.59 35.18 -23.25
N ARG F 184 36.45 33.87 -23.05
CA ARG F 184 35.21 33.33 -22.50
C ARG F 184 35.16 33.49 -20.99
N SER F 185 36.24 33.93 -20.37
CA SER F 185 36.17 34.22 -18.94
C SER F 185 36.07 35.74 -18.75
N ILE F 186 36.18 36.47 -19.84
CA ILE F 186 35.98 37.89 -19.78
C ILE F 186 34.51 38.21 -20.05
N ASP F 187 33.94 37.63 -21.11
CA ASP F 187 32.52 37.79 -21.45
C ASP F 187 32.06 36.79 -22.52
N VAL F 188 31.23 35.82 -22.14
CA VAL F 188 30.77 34.79 -23.08
C VAL F 188 29.81 35.33 -24.13
N THR F 189 29.25 36.51 -23.88
CA THR F 189 28.40 37.17 -24.86
C THR F 189 29.23 37.61 -26.06
N LYS F 190 30.26 38.41 -25.77
CA LYS F 190 31.06 39.04 -26.81
C LYS F 190 31.88 38.09 -27.68
N ASP F 191 32.19 38.58 -28.88
CA ASP F 191 33.06 37.88 -29.81
C ASP F 191 34.54 37.95 -29.41
N PRO F 192 35.25 36.80 -29.41
CA PRO F 192 36.63 36.81 -28.95
C PRO F 192 37.54 37.79 -29.68
N LYS F 193 37.28 38.09 -30.94
CA LYS F 193 38.20 38.98 -31.62
C LYS F 193 38.08 40.38 -31.02
N GLU F 194 36.86 40.82 -30.74
CA GLU F 194 36.64 42.11 -30.08
C GLU F 194 37.29 42.18 -28.74
N ILE F 195 37.21 41.09 -27.99
CA ILE F 195 37.78 41.04 -26.66
C ILE F 195 39.30 41.22 -26.76
N TYR F 196 39.92 40.50 -27.70
CA TYR F 196 41.37 40.63 -27.90
C TYR F 196 41.76 42.09 -28.14
N LYS F 197 40.95 42.79 -28.91
CA LYS F 197 41.27 44.14 -29.36
C LYS F 197 41.13 45.14 -28.19
N THR F 198 40.05 45.01 -27.43
CA THR F 198 39.82 45.92 -26.32
C THR F 198 40.85 45.69 -25.21
N GLU F 199 41.37 44.47 -25.07
CA GLU F 199 42.33 44.18 -24.01
C GLU F 199 43.76 44.62 -24.33
N VAL F 200 44.19 44.43 -25.56
CA VAL F 200 45.52 44.87 -25.99
C VAL F 200 45.61 46.38 -25.89
N GLU F 201 44.49 47.03 -26.19
CA GLU F 201 44.37 48.47 -26.05
C GLU F 201 44.50 48.93 -24.59
N LYS F 202 43.90 48.19 -23.65
CA LYS F 202 44.11 48.50 -22.23
C LYS F 202 45.60 48.51 -21.91
N LEU F 203 46.32 47.58 -22.53
CA LEU F 203 47.76 47.40 -22.34
C LEU F 203 48.60 48.55 -22.91
N GLU F 204 48.20 49.02 -24.08
CA GLU F 204 48.96 50.03 -24.79
C GLU F 204 48.76 51.39 -24.12
N ASN F 205 47.57 51.60 -23.53
CA ASN F 205 47.33 52.80 -22.72
C ASN F 205 47.98 52.78 -21.35
N SER F 206 48.54 51.66 -20.95
CA SER F 206 49.36 51.61 -19.74
C SER F 206 50.80 51.40 -20.15
N ASN F 207 51.13 51.97 -21.31
CA ASN F 207 52.45 51.90 -21.96
C ASN F 207 53.17 50.54 -21.87
N PHE F 208 52.45 49.51 -22.27
CA PHE F 208 53.09 48.28 -22.67
C PHE F 208 53.20 48.35 -24.19
N GLU F 209 54.31 47.88 -24.73
CA GLU F 209 54.53 47.91 -26.17
C GLU F 209 54.25 46.53 -26.81
N THR F 210 53.12 46.38 -27.49
CA THR F 210 52.79 45.11 -28.16
C THR F 210 53.86 44.57 -29.12
N ILE F 211 54.50 43.48 -28.73
CA ILE F 211 55.56 42.85 -29.51
C ILE F 211 55.00 41.79 -30.45
N GLN F 212 54.07 40.97 -29.95
CA GLN F 212 53.45 39.90 -30.75
C GLN F 212 52.09 39.46 -30.16
N ILE F 213 51.20 38.97 -31.03
CA ILE F 213 49.92 38.42 -30.58
C ILE F 213 49.61 37.08 -31.23
N ILE F 214 49.53 36.03 -30.42
CA ILE F 214 49.24 34.73 -30.99
C ILE F 214 47.85 34.24 -30.68
N ASN F 215 47.22 33.63 -31.66
CA ASN F 215 45.97 32.94 -31.42
C ASN F 215 46.26 31.47 -31.11
N LEU F 216 45.94 31.01 -29.91
CA LEU F 216 46.25 29.64 -29.52
C LEU F 216 45.34 28.58 -30.14
N ASP F 217 44.38 28.97 -30.98
CA ASP F 217 43.54 27.97 -31.62
C ASP F 217 44.45 27.10 -32.48
N PRO F 218 44.32 25.77 -32.45
CA PRO F 218 43.36 24.87 -31.79
C PRO F 218 43.85 24.30 -30.47
N TYR F 219 45.01 24.72 -29.98
CA TYR F 219 45.52 24.18 -28.72
C TYR F 219 44.57 24.55 -27.58
N ASP F 220 44.07 25.78 -27.62
CA ASP F 220 43.11 26.27 -26.65
C ASP F 220 42.11 27.14 -27.40
N LYS F 221 40.83 26.83 -27.35
CA LYS F 221 39.84 27.61 -28.09
C LYS F 221 39.57 28.95 -27.41
N ASP F 222 39.35 29.99 -28.22
CA ASP F 222 38.99 31.30 -27.70
C ASP F 222 40.01 31.88 -26.72
N HIS F 223 41.28 31.67 -27.02
CA HIS F 223 42.39 32.19 -26.24
C HIS F 223 43.40 32.92 -27.14
N ALA F 224 44.03 33.95 -26.63
CA ALA F 224 45.14 34.56 -27.33
C ALA F 224 46.23 34.87 -26.32
N ILE F 225 47.47 34.96 -26.77
CA ILE F 225 48.56 35.31 -25.87
C ILE F 225 49.30 36.52 -26.43
N VAL F 226 49.57 37.48 -25.55
CA VAL F 226 50.21 38.73 -25.92
C VAL F 226 51.60 38.79 -25.32
N LEU F 227 52.60 39.11 -26.14
CA LEU F 227 53.92 39.41 -25.62
C LEU F 227 54.12 40.93 -25.69
N SER F 228 54.64 41.53 -24.63
CA SER F 228 54.88 42.98 -24.64
C SER F 228 56.02 43.40 -23.70
N LYS F 229 56.52 44.62 -23.88
CA LYS F 229 57.55 45.15 -22.98
C LYS F 229 57.01 46.30 -22.16
N TYR F 230 57.24 46.25 -20.87
CA TYR F 230 56.78 47.26 -19.94
C TYR F 230 57.74 48.43 -19.95
N LYS F 231 57.20 49.64 -19.96
CA LYS F 231 58.04 50.83 -19.91
C LYS F 231 57.78 51.64 -18.65
N LYS K 3 4.57 38.42 49.78
CA LYS K 3 3.91 37.42 48.95
C LYS K 3 4.69 36.10 48.88
N ILE K 4 4.02 35.00 49.21
CA ILE K 4 4.65 33.68 49.18
C ILE K 4 3.84 32.66 48.37
N TYR K 5 4.51 31.99 47.42
CA TYR K 5 3.93 30.85 46.69
C TYR K 5 4.31 29.52 47.33
N LEU K 6 3.33 28.70 47.72
CA LEU K 6 3.63 27.45 48.42
C LEU K 6 3.56 26.24 47.50
N ILE K 7 4.53 25.35 47.63
CA ILE K 7 4.57 24.10 46.85
C ILE K 7 4.59 22.85 47.75
N GLU K 8 3.73 21.89 47.43
CA GLU K 8 3.63 20.65 48.18
C GLU K 8 4.05 19.46 47.30
N HIS K 9 4.92 18.60 47.83
CA HIS K 9 5.47 17.48 47.07
C HIS K 9 5.84 16.32 47.99
N VAL K 10 6.14 15.15 47.42
CA VAL K 10 6.62 13.99 48.17
C VAL K 10 7.81 14.43 49.00
N ILE K 11 8.60 15.28 48.35
CA ILE K 11 9.87 15.85 48.79
C ILE K 11 9.79 16.62 50.12
N GLY K 12 8.63 17.23 50.40
CA GLY K 12 8.47 18.12 51.52
C GLY K 12 7.62 19.33 51.16
N ALA K 13 7.75 20.40 51.93
CA ALA K 13 7.02 21.64 51.66
C ALA K 13 8.03 22.74 51.37
N VAL K 14 7.86 23.46 50.26
CA VAL K 14 8.80 24.52 49.89
C VAL K 14 8.10 25.88 49.71
N ALA K 15 8.67 26.95 50.26
CA ALA K 15 8.08 28.28 50.11
C ALA K 15 8.84 29.09 49.07
N TYR K 16 8.11 29.76 48.21
CA TYR K 16 8.73 30.49 47.11
C TYR K 16 8.35 31.95 47.08
N ASP K 17 9.25 32.78 46.57
CA ASP K 17 8.91 34.16 46.25
C ASP K 17 8.42 34.20 44.80
N GLU K 18 7.96 35.36 44.34
CA GLU K 18 7.32 35.48 43.04
C GLU K 18 8.27 35.31 41.89
N ASN K 19 9.58 35.31 42.17
CA ASN K 19 10.59 35.14 41.14
C ASN K 19 11.02 33.69 40.94
N GLY K 20 10.94 32.90 42.00
CA GLY K 20 11.30 31.49 41.93
C GLY K 20 12.54 31.12 42.72
N ASN K 21 12.73 31.75 43.88
CA ASN K 21 13.83 31.38 44.78
C ASN K 21 13.29 30.84 46.11
N ILE K 22 13.90 29.76 46.58
CA ILE K 22 13.44 29.10 47.79
C ILE K 22 13.62 30.02 48.99
N VAL K 23 12.53 30.63 49.42
CA VAL K 23 12.52 31.50 50.59
C VAL K 23 12.76 30.67 51.84
N ASP K 24 12.10 29.51 51.89
CA ASP K 24 12.39 28.48 52.90
C ASP K 24 11.72 27.15 52.52
N TYR K 25 12.13 26.08 53.20
CA TYR K 25 11.58 24.75 52.98
C TYR K 25 11.60 23.93 54.28
N ILE K 26 10.75 22.91 54.37
CA ILE K 26 10.84 21.95 55.46
C ILE K 26 10.73 20.52 54.90
N THR K 27 11.84 19.80 54.87
CA THR K 27 11.88 18.47 54.26
C THR K 27 10.94 17.49 54.96
N ASN K 28 10.31 16.66 54.14
CA ASN K 28 9.45 15.57 54.59
C ASN K 28 10.27 14.40 55.11
N PRO K 29 9.72 13.62 56.05
CA PRO K 29 10.51 12.49 56.52
C PRO K 29 10.62 11.44 55.45
N ARG K 30 11.80 10.88 55.28
CA ARG K 30 11.99 9.85 54.28
C ARG K 30 11.38 8.56 54.84
N ASP K 31 10.05 8.55 54.94
CA ASP K 31 9.28 7.45 55.48
C ASP K 31 8.04 7.16 54.63
N LEU K 32 7.97 5.97 54.03
CA LEU K 32 6.83 5.57 53.19
C LEU K 32 5.45 5.72 53.86
N GLY K 33 5.26 5.06 55.00
CA GLY K 33 3.98 5.08 55.71
C GLY K 33 3.34 6.44 55.92
N LYS K 34 4.15 7.40 56.37
CA LYS K 34 3.67 8.74 56.69
C LYS K 34 3.46 9.57 55.43
N ILE K 35 4.37 9.44 54.46
CA ILE K 35 4.25 10.19 53.20
C ILE K 35 3.02 9.74 52.40
N THR K 36 2.71 8.44 52.42
CA THR K 36 1.53 7.94 51.75
C THR K 36 0.28 8.63 52.26
N GLU K 37 0.11 8.62 53.57
CA GLU K 37 -1.06 9.18 54.22
C GLU K 37 -1.28 10.67 54.05
N GLU K 38 -0.19 11.44 54.02
CA GLU K 38 -0.33 12.89 53.87
C GLU K 38 -0.77 13.24 52.46
N LEU K 39 -0.34 12.42 51.50
CA LEU K 39 -0.77 12.58 50.11
C LEU K 39 -2.25 12.28 49.99
N LEU K 40 -2.68 11.16 50.56
CA LEU K 40 -4.08 10.77 50.54
C LEU K 40 -4.96 11.87 51.11
N ASN K 41 -4.50 12.46 52.19
CA ASN K 41 -5.23 13.54 52.83
C ASN K 41 -5.16 14.80 51.99
N ASN K 42 -4.06 15.01 51.27
CA ASN K 42 -3.98 16.18 50.41
C ASN K 42 -5.09 16.23 49.37
N GLU K 43 -5.63 15.07 49.00
CA GLU K 43 -6.81 15.01 48.13
C GLU K 43 -8.06 15.62 48.77
N LYS K 44 -8.26 15.37 50.06
CA LYS K 44 -9.39 15.91 50.81
C LYS K 44 -9.13 17.34 51.23
N GLY K 45 -7.94 17.85 50.92
CA GLY K 45 -7.59 19.23 51.21
C GLY K 45 -6.64 19.39 52.38
N ILE K 46 -6.61 18.39 53.27
CA ILE K 46 -5.75 18.43 54.43
C ILE K 46 -4.30 18.66 54.03
N PRO K 47 -3.70 19.76 54.51
CA PRO K 47 -2.32 20.10 54.18
C PRO K 47 -1.32 19.13 54.83
N PHE K 48 -0.16 18.97 54.21
CA PHE K 48 0.91 18.16 54.80
C PHE K 48 1.23 18.73 56.19
N SER K 49 1.56 17.87 57.16
CA SER K 49 1.99 18.34 58.47
C SER K 49 3.34 19.04 58.38
N ALA K 50 4.07 18.78 57.29
CA ALA K 50 5.29 19.52 56.96
C ALA K 50 5.01 20.95 56.49
N THR K 51 3.79 21.19 55.99
CA THR K 51 3.38 22.50 55.47
C THR K 51 2.93 23.49 56.58
N VAL K 52 2.26 22.96 57.60
CA VAL K 52 1.86 23.77 58.75
C VAL K 52 3.10 24.33 59.46
N GLU K 53 4.12 23.48 59.59
CA GLU K 53 5.41 23.88 60.14
C GLU K 53 6.05 24.99 59.31
N LEU K 54 5.96 24.90 57.98
CA LEU K 54 6.60 25.90 57.12
C LEU K 54 5.89 27.25 57.18
N LEU K 55 4.57 27.22 57.31
CA LEU K 55 3.77 28.45 57.37
C LEU K 55 3.90 29.19 58.69
N LYS K 56 4.54 28.54 59.67
CA LYS K 56 4.84 29.23 60.91
C LYS K 56 6.24 29.86 60.78
N LYS K 57 7.21 29.12 60.25
CA LYS K 57 8.53 29.73 60.03
C LYS K 57 8.43 31.02 59.25
N VAL K 58 7.95 30.95 58.02
CA VAL K 58 7.68 32.17 57.28
C VAL K 58 6.38 32.67 57.87
N ASN K 59 6.23 33.99 57.98
CA ASN K 59 5.01 34.53 58.53
C ASN K 59 4.35 35.48 57.54
N PRO K 60 3.77 34.90 56.47
CA PRO K 60 3.35 35.56 55.23
C PRO K 60 1.95 36.13 55.27
N GLN K 61 1.74 37.32 54.71
CA GLN K 61 0.40 37.87 54.67
C GLN K 61 -0.40 37.15 53.58
N GLU K 62 0.21 36.97 52.42
CA GLU K 62 -0.44 36.27 51.30
C GLU K 62 0.32 35.03 50.81
N VAL K 63 -0.33 33.87 50.93
CA VAL K 63 0.20 32.65 50.32
C VAL K 63 -0.74 32.20 49.22
N VAL K 64 -0.19 31.49 48.24
CA VAL K 64 -0.99 30.99 47.13
C VAL K 64 -0.59 29.53 46.86
N VAL K 65 -1.59 28.65 46.89
CA VAL K 65 -1.37 27.21 46.78
C VAL K 65 -1.75 26.68 45.39
N GLU K 66 -1.43 25.42 45.14
CA GLU K 66 -1.71 24.77 43.86
C GLU K 66 -3.12 24.19 43.82
N ASN K 67 -3.56 23.74 45.00
CA ASN K 67 -4.78 22.98 45.21
C ASN K 67 -5.89 23.81 45.85
N GLU K 68 -7.07 23.85 45.23
CA GLU K 68 -8.15 24.69 45.77
C GLU K 68 -8.86 24.01 46.94
N ALA K 69 -8.62 22.72 47.13
CA ALA K 69 -9.28 22.03 48.23
C ALA K 69 -8.52 22.27 49.52
N GLU K 70 -7.30 22.76 49.38
CA GLU K 70 -6.50 23.11 50.55
C GLU K 70 -6.90 24.47 51.12
N VAL K 71 -7.27 25.42 50.25
CA VAL K 71 -7.48 26.82 50.63
C VAL K 71 -8.38 27.05 51.86
N PRO K 72 -9.60 26.49 51.90
CA PRO K 72 -10.37 26.75 53.11
C PRO K 72 -9.77 26.16 54.42
N LYS K 73 -9.07 25.04 54.36
CA LYS K 73 -8.42 24.44 55.54
C LYS K 73 -7.31 25.33 56.16
N LEU K 74 -6.59 26.05 55.31
CA LEU K 74 -5.50 26.92 55.75
C LEU K 74 -5.97 28.33 56.15
N GLN K 75 -7.14 28.73 55.66
CA GLN K 75 -7.76 29.99 56.09
C GLN K 75 -8.15 29.82 57.55
N ALA K 76 -8.68 28.64 57.89
CA ALA K 76 -9.08 28.29 59.25
C ALA K 76 -7.87 28.26 60.20
N LEU K 77 -6.68 28.30 59.62
CA LEU K 77 -5.47 28.34 60.42
C LEU K 77 -5.03 29.79 60.65
N GLY K 78 -5.74 30.72 60.02
CA GLY K 78 -5.50 32.13 60.29
C GLY K 78 -4.94 32.90 59.11
N TYR K 79 -4.56 32.20 58.04
CA TYR K 79 -3.86 32.83 56.93
C TYR K 79 -4.83 33.29 55.83
N ARG K 80 -4.43 34.30 55.06
CA ARG K 80 -5.17 34.70 53.87
C ARG K 80 -4.65 33.94 52.67
N VAL K 81 -5.48 33.07 52.09
CA VAL K 81 -5.01 32.12 51.09
C VAL K 81 -5.80 32.23 49.78
N SER K 82 -5.10 32.09 48.67
CA SER K 82 -5.74 31.89 47.39
C SER K 82 -5.05 30.71 46.75
N TYR K 83 -5.44 30.36 45.53
CA TYR K 83 -4.79 29.25 44.82
C TYR K 83 -4.60 29.62 43.37
N GLU K 84 -3.54 29.07 42.78
CA GLU K 84 -3.30 29.27 41.36
C GLU K 84 -2.87 27.96 40.72
N PRO K 85 -3.68 27.45 39.76
CA PRO K 85 -3.34 26.22 39.07
C PRO K 85 -2.25 26.48 38.04
N TYR K 86 -1.45 25.46 37.73
CA TYR K 86 -0.27 25.54 36.87
C TYR K 86 0.49 26.87 36.93
N SER K 87 0.75 27.36 38.15
CA SER K 87 1.48 28.61 38.31
C SER K 87 2.90 28.47 37.77
N LYS K 88 3.49 29.59 37.35
CA LYS K 88 4.86 29.58 36.87
C LYS K 88 5.78 29.12 37.99
N VAL K 89 5.44 29.45 39.22
CA VAL K 89 6.26 29.02 40.34
C VAL K 89 6.31 27.50 40.42
N SER K 90 5.14 26.86 40.39
CA SER K 90 5.09 25.40 40.48
C SER K 90 5.79 24.73 39.28
N ARG K 91 5.67 25.32 38.08
CA ARG K 91 6.36 24.78 36.92
C ARG K 91 7.85 24.80 37.18
N ILE K 92 8.34 25.98 37.54
CA ILE K 92 9.72 26.20 37.96
C ILE K 92 10.17 25.19 39.02
N PHE K 93 9.35 24.94 40.03
CA PHE K 93 9.72 23.97 41.06
C PHE K 93 10.01 22.60 40.46
N ARG K 94 9.11 22.14 39.60
CA ARG K 94 9.23 20.79 39.04
C ARG K 94 10.28 20.69 37.93
N GLU K 95 10.62 21.81 37.29
CA GLU K 95 11.69 21.79 36.29
C GLU K 95 13.01 21.40 36.96
N SER K 96 13.15 21.78 38.23
CA SER K 96 14.39 21.56 38.95
C SER K 96 14.29 20.32 39.83
N LEU K 97 13.29 19.49 39.58
CA LEU K 97 13.02 18.37 40.47
C LEU K 97 13.99 17.20 40.29
N PRO K 98 14.68 17.09 39.13
CA PRO K 98 15.71 16.07 39.29
C PRO K 98 16.61 16.44 40.48
N LYS K 99 16.97 17.72 40.56
CA LYS K 99 17.98 18.24 41.49
C LYS K 99 17.53 18.62 42.91
N VAL K 100 16.54 19.51 43.04
CA VAL K 100 16.22 20.17 44.33
C VAL K 100 15.83 19.23 45.46
N ALA K 101 15.70 17.95 45.16
CA ALA K 101 15.46 16.96 46.20
C ALA K 101 16.71 16.74 47.03
N ILE K 102 17.84 16.85 46.34
CA ILE K 102 19.16 16.75 46.96
C ILE K 102 19.48 18.06 47.66
N ASP K 103 19.10 19.17 47.02
CA ASP K 103 19.41 20.48 47.56
C ASP K 103 18.83 20.66 48.96
N ILE K 104 17.56 20.31 49.16
CA ILE K 104 16.95 20.46 50.49
C ILE K 104 17.16 19.23 51.36
N LYS K 105 18.07 18.36 50.94
CA LYS K 105 18.47 17.19 51.71
C LYS K 105 17.28 16.30 52.10
N PHE K 106 16.58 15.81 51.07
CA PHE K 106 15.52 14.80 51.23
C PHE K 106 16.06 13.44 50.84
N ALA K 107 16.97 13.45 49.88
CA ALA K 107 17.70 12.24 49.49
C ALA K 107 19.15 12.60 49.17
N SER K 108 20.06 11.64 49.35
CA SER K 108 21.49 11.90 49.18
C SER K 108 21.87 12.11 47.72
N ASN K 109 21.39 11.26 46.82
CA ASN K 109 21.60 11.48 45.38
C ASN K 109 20.37 11.15 44.53
N GLU K 110 20.44 11.45 43.24
CA GLU K 110 19.36 11.10 42.32
C GLU K 110 19.00 9.61 42.36
N GLU K 111 20.02 8.77 42.51
CA GLU K 111 19.83 7.32 42.61
C GLU K 111 18.65 6.95 43.53
N ASP K 112 18.67 7.43 44.77
CA ASP K 112 17.63 7.00 45.70
C ASP K 112 16.62 8.11 46.04
N TYR K 113 16.64 9.18 45.25
CA TYR K 113 15.45 10.01 45.15
C TYR K 113 14.40 9.27 44.34
N TYR K 114 14.77 8.92 43.10
CA TYR K 114 13.88 8.17 42.22
C TYR K 114 13.56 6.80 42.79
N ASN K 115 14.54 6.18 43.42
CA ASN K 115 14.29 4.88 44.05
C ASN K 115 13.20 4.96 45.10
N PHE K 116 13.17 6.06 45.85
CA PHE K 116 12.13 6.22 46.84
C PHE K 116 10.80 6.49 46.14
N LEU K 117 10.83 7.47 45.23
CA LEU K 117 9.63 7.91 44.50
C LEU K 117 8.91 6.74 43.89
N HIS K 118 9.67 5.80 43.34
CA HIS K 118 9.12 4.58 42.78
C HIS K 118 8.40 3.69 43.78
N GLU K 119 9.02 3.38 44.92
CA GLU K 119 8.36 2.46 45.84
C GLU K 119 7.21 3.13 46.55
N LEU K 120 7.24 4.46 46.56
CA LEU K 120 6.10 5.24 47.04
C LEU K 120 4.91 5.14 46.12
N SER K 121 5.11 5.32 44.83
CA SER K 121 4.02 5.21 43.88
C SER K 121 3.45 3.80 43.90
N LEU K 122 4.31 2.80 44.05
CA LEU K 122 3.79 1.45 44.18
C LEU K 122 2.91 1.30 45.41
N GLU K 123 3.31 1.89 46.53
CA GLU K 123 2.49 1.78 47.72
C GLU K 123 1.27 2.69 47.67
N TYR K 124 1.43 3.87 47.07
CA TYR K 124 0.34 4.82 46.97
C TYR K 124 -0.80 4.24 46.17
N THR K 125 -0.50 3.71 44.99
CA THR K 125 -1.55 3.24 44.13
C THR K 125 -2.03 1.89 44.64
N ARG K 126 -1.18 1.14 45.32
CA ARG K 126 -1.61 -0.06 46.00
C ARG K 126 -2.74 0.25 46.98
N ARG K 127 -2.62 1.42 47.59
CA ARG K 127 -3.57 1.85 48.61
C ARG K 127 -4.93 2.22 48.02
N LYS K 128 -4.93 2.99 46.93
CA LYS K 128 -6.16 3.39 46.27
C LYS K 128 -6.82 2.15 45.65
N LEU K 129 -6.01 1.31 45.02
CA LEU K 129 -6.44 0.03 44.47
C LEU K 129 -7.25 -0.77 45.48
N ARG K 130 -6.83 -0.73 46.73
CA ARG K 130 -7.50 -1.48 47.78
C ARG K 130 -8.79 -0.85 48.19
N SER K 131 -8.83 0.48 48.11
CA SER K 131 -10.05 1.21 48.40
C SER K 131 -11.09 0.89 47.37
N ALA K 132 -10.67 0.72 46.13
CA ALA K 132 -11.59 0.50 45.04
C ALA K 132 -12.28 -0.85 45.19
N ALA K 133 -11.52 -1.86 45.60
CA ALA K 133 -12.04 -3.22 45.76
C ALA K 133 -13.04 -3.28 46.90
N GLN K 134 -12.91 -2.30 47.79
CA GLN K 134 -13.66 -2.34 49.04
C GLN K 134 -15.07 -1.80 48.79
N LYS K 135 -15.33 -1.32 47.58
CA LYS K 135 -16.66 -0.85 47.19
C LYS K 135 -17.61 -2.06 47.11
N ARG K 136 -18.65 -2.04 47.94
CA ARG K 136 -19.62 -3.12 48.03
C ARG K 136 -20.39 -3.42 46.74
N ASP K 137 -20.69 -2.39 45.95
CA ASP K 137 -21.53 -2.55 44.77
C ASP K 137 -20.87 -3.44 43.69
N LEU K 138 -19.55 -3.61 43.78
CA LEU K 138 -18.84 -4.52 42.91
C LEU K 138 -19.35 -5.92 43.12
N LEU K 139 -19.64 -6.26 44.38
CA LEU K 139 -20.13 -7.60 44.72
C LEU K 139 -21.51 -7.79 44.16
N ALA K 140 -22.27 -6.72 44.24
CA ALA K 140 -23.62 -6.65 43.72
C ALA K 140 -23.62 -6.97 42.24
N ILE K 141 -22.73 -6.32 41.50
CA ILE K 141 -22.69 -6.47 40.07
C ILE K 141 -22.29 -7.87 39.58
N GLN K 142 -21.20 -8.40 40.12
CA GLN K 142 -20.75 -9.74 39.73
C GLN K 142 -21.83 -10.78 39.99
N ALA K 143 -22.60 -10.59 41.06
CA ALA K 143 -23.63 -11.56 41.41
C ALA K 143 -24.72 -11.56 40.35
N VAL K 144 -25.22 -10.38 39.98
CA VAL K 144 -26.30 -10.30 39.02
C VAL K 144 -25.81 -10.75 37.66
N ARG K 145 -24.53 -10.54 37.40
CA ARG K 145 -23.93 -11.01 36.16
C ARG K 145 -23.85 -12.53 36.10
N ALA K 146 -23.47 -13.15 37.20
CA ALA K 146 -23.49 -14.60 37.29
C ALA K 146 -24.92 -15.12 37.18
N MET K 147 -25.83 -14.46 37.87
CA MET K 147 -27.21 -14.88 37.88
C MET K 147 -27.82 -14.92 36.47
N ASP K 148 -27.42 -13.97 35.63
CA ASP K 148 -27.90 -13.88 34.26
C ASP K 148 -27.25 -14.99 33.44
N ASP K 149 -25.99 -15.27 33.73
CA ASP K 149 -25.26 -16.34 33.08
C ASP K 149 -25.96 -17.65 33.43
N ILE K 150 -26.45 -17.71 34.66
CA ILE K 150 -27.17 -18.88 35.09
C ILE K 150 -28.50 -19.01 34.36
N ASP K 151 -29.23 -17.90 34.25
CA ASP K 151 -30.47 -17.87 33.51
C ASP K 151 -30.32 -18.44 32.11
N LYS K 152 -29.33 -17.90 31.40
CA LYS K 152 -29.00 -18.27 30.03
C LYS K 152 -28.74 -19.75 29.89
N THR K 153 -27.93 -20.25 30.82
CA THR K 153 -27.49 -21.64 30.85
C THR K 153 -28.66 -22.56 31.17
N ILE K 154 -29.51 -22.17 32.13
CA ILE K 154 -30.66 -23.00 32.44
C ILE K 154 -31.52 -23.17 31.20
N ASN K 155 -31.72 -22.07 30.48
CA ASN K 155 -32.52 -22.14 29.27
C ASN K 155 -31.86 -23.01 28.22
N LEU K 156 -30.54 -22.85 28.08
CA LEU K 156 -29.79 -23.59 27.10
C LEU K 156 -29.87 -25.08 27.36
N PHE K 157 -29.66 -25.51 28.61
CA PHE K 157 -29.72 -26.94 28.94
C PHE K 157 -31.13 -27.53 28.84
N SER K 158 -32.12 -26.76 29.26
CA SER K 158 -33.49 -27.24 29.20
C SER K 158 -33.82 -27.50 27.78
N GLU K 159 -33.39 -26.60 26.90
CA GLU K 159 -33.67 -26.76 25.50
C GLU K 159 -32.99 -28.03 24.98
N ARG K 160 -31.74 -28.26 25.38
CA ARG K 160 -31.06 -29.49 25.00
C ARG K 160 -31.78 -30.69 25.52
N LEU K 161 -32.04 -30.70 26.83
CA LEU K 161 -32.64 -31.85 27.49
C LEU K 161 -33.95 -32.27 26.83
N ARG K 162 -34.86 -31.35 26.57
CA ARG K 162 -36.10 -31.71 25.87
C ARG K 162 -35.85 -32.33 24.51
N GLU K 163 -34.89 -31.79 23.75
CA GLU K 163 -34.62 -32.30 22.40
C GLU K 163 -33.99 -33.68 22.45
N TRP K 164 -33.21 -33.93 23.48
CA TRP K 164 -32.51 -35.21 23.69
C TRP K 164 -33.44 -36.28 24.22
N TYR K 165 -34.11 -35.97 25.32
CA TYR K 165 -34.98 -36.90 26.00
C TYR K 165 -36.22 -37.29 25.16
N SER K 166 -36.61 -36.42 24.23
CA SER K 166 -37.79 -36.68 23.42
C SER K 166 -37.50 -37.76 22.37
N ILE K 167 -36.26 -38.20 22.30
CA ILE K 167 -35.92 -39.35 21.45
C ILE K 167 -36.54 -40.61 22.03
N HIS K 168 -36.57 -40.66 23.36
CA HIS K 168 -37.14 -41.76 24.10
C HIS K 168 -38.64 -41.59 24.44
N PHE K 169 -39.03 -40.37 24.79
CA PHE K 169 -40.36 -40.08 25.27
C PHE K 169 -40.78 -38.68 24.81
N PRO K 170 -41.13 -38.56 23.52
CA PRO K 170 -41.41 -37.26 22.88
C PRO K 170 -42.63 -36.55 23.48
N GLU K 171 -43.58 -37.36 23.93
CA GLU K 171 -44.84 -36.84 24.39
C GLU K 171 -44.72 -36.06 25.69
N LEU K 172 -43.75 -36.41 26.52
CA LEU K 172 -43.60 -35.74 27.82
C LEU K 172 -43.36 -34.26 27.61
N ASP K 173 -42.71 -33.93 26.50
CA ASP K 173 -42.36 -32.55 26.14
C ASP K 173 -43.55 -31.60 26.11
N LYS K 174 -44.57 -31.96 25.35
CA LYS K 174 -45.74 -31.10 25.25
C LYS K 174 -46.66 -31.27 26.45
N LEU K 175 -46.32 -32.17 27.37
CA LEU K 175 -47.16 -32.37 28.57
C LEU K 175 -46.68 -31.59 29.78
N ILE K 176 -45.36 -31.42 29.91
CA ILE K 176 -44.83 -30.67 31.04
C ILE K 176 -44.26 -29.34 30.55
N GLU K 177 -44.96 -28.25 30.86
CA GLU K 177 -44.53 -26.92 30.44
C GLU K 177 -43.34 -26.45 31.26
N ASP K 178 -43.28 -26.81 32.53
CA ASP K 178 -42.27 -26.23 33.40
C ASP K 178 -40.90 -26.91 33.27
N HIS K 179 -39.85 -26.12 33.03
CA HIS K 179 -38.54 -26.70 32.83
C HIS K 179 -38.02 -27.41 34.07
N GLU K 180 -38.17 -26.79 35.23
CA GLU K 180 -37.70 -27.43 36.44
C GLU K 180 -38.47 -28.72 36.70
N GLU K 181 -39.77 -28.72 36.39
CA GLU K 181 -40.58 -29.92 36.52
C GLU K 181 -40.05 -31.02 35.61
N TYR K 182 -40.04 -30.75 34.29
CA TYR K 182 -39.55 -31.68 33.28
C TYR K 182 -38.20 -32.28 33.67
N ALA K 183 -37.29 -31.45 34.15
CA ALA K 183 -36.01 -31.96 34.62
C ALA K 183 -36.19 -32.89 35.82
N THR K 184 -37.06 -32.53 36.77
CA THR K 184 -37.31 -33.38 37.95
C THR K 184 -37.84 -34.74 37.53
N ILE K 185 -38.75 -34.77 36.56
CA ILE K 185 -39.26 -36.04 36.04
C ILE K 185 -38.16 -36.91 35.39
N VAL K 186 -37.30 -36.30 34.57
CA VAL K 186 -36.19 -37.03 33.98
C VAL K 186 -35.17 -37.44 35.02
N SER K 187 -34.96 -36.58 36.00
CA SER K 187 -33.97 -36.88 37.04
C SER K 187 -34.41 -38.06 37.91
N ARG K 188 -35.68 -38.12 38.32
CA ARG K 188 -36.14 -39.21 39.22
C ARG K 188 -36.40 -40.54 38.51
N PHE K 189 -36.99 -40.49 37.32
CA PHE K 189 -37.47 -41.73 36.67
C PHE K 189 -36.64 -42.34 35.53
N GLY K 190 -36.21 -41.54 34.56
CA GLY K 190 -35.38 -42.04 33.48
C GLY K 190 -36.17 -42.72 32.38
N ASP K 191 -36.11 -44.05 32.33
CA ASP K 191 -36.90 -44.83 31.37
C ASP K 191 -38.39 -44.54 31.60
N ARG K 192 -39.15 -44.32 30.53
CA ARG K 192 -40.55 -43.91 30.68
C ARG K 192 -41.39 -45.04 31.21
N GLY K 193 -40.83 -46.25 31.15
CA GLY K 193 -41.51 -47.42 31.67
C GLY K 193 -41.46 -47.46 33.19
N PHE K 194 -40.71 -46.56 33.80
CA PHE K 194 -40.61 -46.53 35.25
C PHE K 194 -41.63 -45.55 35.84
N LEU K 195 -42.38 -44.88 34.97
CA LEU K 195 -43.47 -44.03 35.43
C LEU K 195 -44.63 -44.94 35.71
N THR K 196 -45.04 -45.01 36.96
CA THR K 196 -46.09 -45.93 37.38
C THR K 196 -47.16 -45.19 38.14
N ILE K 197 -48.32 -45.83 38.28
CA ILE K 197 -49.42 -45.22 39.01
C ILE K 197 -48.98 -44.76 40.39
N ASP K 198 -48.28 -45.64 41.10
CA ASP K 198 -47.92 -45.38 42.49
C ASP K 198 -46.88 -44.27 42.63
N SER K 199 -45.82 -44.30 41.82
CA SER K 199 -44.76 -43.30 41.95
C SER K 199 -45.24 -41.91 41.55
N LEU K 200 -46.11 -41.85 40.53
CA LEU K 200 -46.71 -40.58 40.08
C LEU K 200 -47.74 -40.02 41.04
N LYS K 201 -48.40 -40.91 41.79
CA LYS K 201 -49.43 -40.49 42.74
C LYS K 201 -48.75 -39.92 43.99
N GLU K 202 -47.57 -40.45 44.31
CA GLU K 202 -46.78 -40.00 45.45
C GLU K 202 -46.16 -38.61 45.20
N LEU K 203 -46.25 -38.12 43.96
CA LEU K 203 -45.71 -36.79 43.62
C LEU K 203 -46.76 -35.71 43.62
N GLY K 204 -47.97 -36.08 44.03
CA GLY K 204 -49.04 -35.13 44.14
C GLY K 204 -49.67 -34.84 42.79
N PHE K 205 -49.54 -35.79 41.86
CA PHE K 205 -50.22 -35.64 40.58
C PHE K 205 -51.68 -36.02 40.73
N ASN K 206 -52.54 -35.22 40.12
CA ASN K 206 -53.98 -35.49 40.09
C ASN K 206 -54.33 -36.60 39.09
N GLU K 207 -55.50 -37.20 39.25
CA GLU K 207 -55.93 -38.31 38.41
C GLU K 207 -55.95 -37.96 36.91
N GLN K 208 -56.48 -36.81 36.54
CA GLN K 208 -56.58 -36.42 35.12
C GLN K 208 -55.19 -36.28 34.50
N ARG K 209 -54.21 -35.95 35.34
CA ARG K 209 -52.83 -35.82 34.90
C ARG K 209 -52.13 -37.16 34.82
N ILE K 210 -52.22 -37.93 35.90
CA ILE K 210 -51.62 -39.26 35.95
C ILE K 210 -52.04 -40.11 34.76
N ASN K 211 -53.33 -40.07 34.43
CA ASN K 211 -53.81 -40.81 33.27
C ASN K 211 -53.16 -40.34 31.98
N ARG K 212 -53.07 -39.04 31.79
CA ARG K 212 -52.58 -38.51 30.52
C ARG K 212 -51.10 -38.86 30.29
N ILE K 213 -50.31 -38.77 31.35
CA ILE K 213 -48.91 -39.20 31.36
C ILE K 213 -48.70 -40.71 31.15
N LEU K 214 -49.36 -41.53 31.96
CA LEU K 214 -49.21 -42.98 31.86
C LEU K 214 -49.66 -43.48 30.49
N ASP K 215 -50.73 -42.91 29.93
CA ASP K 215 -51.17 -43.29 28.57
C ASP K 215 -50.13 -42.95 27.51
N ALA K 216 -49.54 -41.77 27.66
CA ALA K 216 -48.55 -41.28 26.72
C ALA K 216 -47.36 -42.22 26.71
N ALA K 217 -46.98 -42.68 27.90
CA ALA K 217 -45.84 -43.58 28.06
C ALA K 217 -46.10 -44.94 27.41
N LYS K 218 -47.34 -45.40 27.44
CA LYS K 218 -47.66 -46.71 26.87
C LYS K 218 -47.55 -46.67 25.35
N LYS K 219 -48.28 -45.72 24.75
CA LYS K 219 -48.43 -45.65 23.30
C LYS K 219 -47.30 -44.88 22.64
N SER K 220 -46.24 -44.62 23.38
CA SER K 220 -45.20 -43.71 22.91
C SER K 220 -44.56 -44.17 21.60
N ILE K 221 -44.32 -43.22 20.72
CA ILE K 221 -43.60 -43.48 19.47
C ILE K 221 -42.11 -43.22 19.69
N GLY K 222 -41.66 -43.43 20.92
CA GLY K 222 -40.31 -43.12 21.31
C GLY K 222 -39.42 -44.32 21.16
N ALA K 223 -38.11 -44.08 21.23
CA ALA K 223 -37.10 -45.11 21.06
C ALA K 223 -36.84 -45.88 22.34
N ASP K 224 -36.55 -47.18 22.20
CA ASP K 224 -36.07 -47.98 23.32
C ASP K 224 -34.61 -47.67 23.56
N ILE K 225 -34.19 -47.64 24.81
CA ILE K 225 -32.92 -47.03 25.03
C ILE K 225 -32.23 -47.61 26.27
N SER K 226 -30.92 -47.74 26.18
CA SER K 226 -30.11 -48.39 27.20
C SER K 226 -30.04 -47.58 28.49
N GLU K 227 -29.47 -48.16 29.54
CA GLU K 227 -29.33 -47.41 30.79
C GLU K 227 -28.28 -46.33 30.65
N ASP K 228 -27.22 -46.60 29.90
CA ASP K 228 -26.18 -45.60 29.60
C ASP K 228 -26.71 -44.42 28.81
N ASP K 229 -27.61 -44.68 27.87
CA ASP K 229 -28.22 -43.60 27.11
C ASP K 229 -28.98 -42.69 28.05
N LEU K 230 -29.71 -43.30 28.99
CA LEU K 230 -30.52 -42.55 29.96
C LEU K 230 -29.67 -41.79 30.97
N SER K 231 -28.57 -42.38 31.39
CA SER K 231 -27.74 -41.76 32.40
C SER K 231 -27.05 -40.53 31.87
N ALA K 232 -26.69 -40.57 30.58
CA ALA K 232 -26.08 -39.41 29.94
C ALA K 232 -27.10 -38.28 29.97
N MET K 233 -28.31 -38.60 29.52
CA MET K 233 -29.43 -37.68 29.59
C MET K 233 -29.63 -37.15 31.00
N ARG K 234 -29.73 -38.02 32.00
CA ARG K 234 -30.01 -37.55 33.37
C ARG K 234 -28.93 -36.63 33.93
N MET K 235 -27.73 -36.69 33.38
CA MET K 235 -26.67 -35.79 33.79
C MET K 235 -27.09 -34.35 33.60
N ILE K 236 -27.60 -34.09 32.40
CA ILE K 236 -28.06 -32.76 32.04
C ILE K 236 -29.26 -32.39 32.90
N ALA K 237 -30.17 -33.36 33.07
CA ALA K 237 -31.36 -33.14 33.88
C ALA K 237 -30.96 -32.66 35.30
N ASN K 238 -30.04 -33.36 35.93
CA ASN K 238 -29.54 -32.99 37.23
C ASN K 238 -28.77 -31.68 37.28
N THR K 239 -28.07 -31.36 36.20
CA THR K 239 -27.32 -30.12 36.18
C THR K 239 -28.29 -28.95 36.21
N ILE K 240 -29.36 -29.10 35.44
CA ILE K 240 -30.43 -28.11 35.40
C ILE K 240 -30.97 -27.87 36.79
N LEU K 241 -31.22 -28.94 37.53
CA LEU K 241 -31.79 -28.80 38.87
C LEU K 241 -30.84 -28.05 39.79
N ASP K 242 -29.58 -28.48 39.82
CA ASP K 242 -28.57 -27.81 40.62
C ASP K 242 -28.48 -26.32 40.27
N LEU K 243 -28.62 -25.99 38.97
CA LEU K 243 -28.55 -24.60 38.53
C LEU K 243 -29.75 -23.79 38.96
N TYR K 244 -30.94 -24.39 38.96
CA TYR K 244 -32.11 -23.65 39.46
C TYR K 244 -31.93 -23.23 40.94
N ASN K 245 -31.39 -24.11 41.78
CA ASN K 245 -31.18 -23.76 43.17
C ASN K 245 -30.16 -22.67 43.34
N ILE K 246 -29.07 -22.77 42.61
CA ILE K 246 -28.05 -21.74 42.72
C ILE K 246 -28.62 -20.38 42.33
N ARG K 247 -29.55 -20.35 41.38
CA ARG K 247 -30.07 -19.05 41.01
C ARG K 247 -30.89 -18.45 42.14
N ARG K 248 -31.68 -19.29 42.78
CA ARG K 248 -32.55 -18.86 43.88
C ARG K 248 -31.69 -18.37 45.03
N ASN K 249 -30.61 -19.11 45.27
CA ASN K 249 -29.58 -18.79 46.25
C ASN K 249 -28.92 -17.46 45.99
N LEU K 250 -28.51 -17.23 44.74
CA LEU K 250 -27.88 -15.97 44.34
C LEU K 250 -28.86 -14.80 44.49
N ASN K 251 -30.10 -15.05 44.08
CA ASN K 251 -31.17 -14.09 44.23
C ASN K 251 -31.26 -13.55 45.64
N ASN K 252 -31.30 -14.47 46.61
CA ASN K 252 -31.39 -14.09 48.01
C ASN K 252 -30.14 -13.35 48.41
N TYR K 253 -28.99 -13.85 47.97
CA TYR K 253 -27.75 -13.16 48.24
C TYR K 253 -27.78 -11.76 47.64
N LEU K 254 -28.21 -11.68 46.39
CA LEU K 254 -28.20 -10.43 45.65
C LEU K 254 -29.07 -9.44 46.39
N GLU K 255 -30.26 -9.91 46.75
CA GLU K 255 -31.26 -9.13 47.48
C GLU K 255 -30.67 -8.58 48.76
N GLY K 256 -29.82 -9.39 49.39
CA GLY K 256 -29.14 -8.97 50.60
C GLY K 256 -28.26 -7.75 50.32
N VAL K 257 -27.30 -7.91 49.41
CA VAL K 257 -26.31 -6.88 49.13
C VAL K 257 -26.95 -5.59 48.64
N MET K 258 -27.96 -5.75 47.79
CA MET K 258 -28.55 -4.63 47.08
C MET K 258 -29.32 -3.67 48.01
N LYS K 259 -30.00 -4.21 49.02
CA LYS K 259 -30.69 -3.36 49.98
C LYS K 259 -29.69 -2.59 50.85
N GLU K 260 -28.54 -3.21 51.15
CA GLU K 260 -27.48 -2.55 51.89
C GLU K 260 -26.86 -1.39 51.11
N VAL K 261 -26.55 -1.62 49.84
CA VAL K 261 -25.75 -0.68 49.08
C VAL K 261 -26.58 0.36 48.32
N ALA K 262 -27.83 0.01 48.00
CA ALA K 262 -28.71 0.94 47.30
C ALA K 262 -30.20 0.63 47.54
N PRO K 263 -30.70 0.95 48.75
CA PRO K 263 -32.09 0.71 49.13
C PRO K 263 -33.12 1.49 48.32
N ASN K 264 -32.81 2.74 47.98
CA ASN K 264 -33.76 3.55 47.24
C ASN K 264 -34.05 3.02 45.83
N VAL K 265 -33.00 2.61 45.13
CA VAL K 265 -33.19 2.05 43.81
C VAL K 265 -33.91 0.71 43.91
N THR K 266 -33.50 -0.12 44.86
CA THR K 266 -34.13 -1.41 45.11
C THR K 266 -35.60 -1.28 45.40
N ALA K 267 -35.94 -0.24 46.15
CA ALA K 267 -37.31 0.07 46.52
C ALA K 267 -38.17 0.28 45.28
N LEU K 268 -37.61 0.90 44.26
CA LEU K 268 -38.33 1.16 43.01
C LEU K 268 -38.46 -0.04 42.07
N VAL K 269 -37.35 -0.72 41.76
CA VAL K 269 -37.32 -1.74 40.71
C VAL K 269 -36.95 -3.13 41.18
N GLY K 270 -36.68 -3.29 42.47
CA GLY K 270 -36.31 -4.60 42.98
C GLY K 270 -34.82 -4.83 42.90
N PRO K 271 -34.33 -5.90 43.56
CA PRO K 271 -32.89 -6.17 43.65
C PRO K 271 -32.24 -6.45 42.31
N ALA K 272 -32.77 -7.42 41.54
CA ALA K 272 -32.10 -7.85 40.31
C ALA K 272 -32.07 -6.75 39.26
N LEU K 273 -33.20 -6.14 38.95
CA LEU K 273 -33.17 -5.08 37.96
C LEU K 273 -32.31 -3.91 38.46
N GLY K 274 -32.29 -3.70 39.76
CA GLY K 274 -31.43 -2.70 40.34
C GLY K 274 -29.95 -3.00 40.16
N ALA K 275 -29.55 -4.24 40.40
CA ALA K 275 -28.17 -4.64 40.22
C ALA K 275 -27.75 -4.52 38.77
N ARG K 276 -28.64 -4.94 37.88
CA ARG K 276 -28.44 -4.90 36.44
C ARG K 276 -28.16 -3.49 35.96
N LEU K 277 -28.90 -2.51 36.50
CA LEU K 277 -28.66 -1.08 36.18
C LEU K 277 -27.31 -0.61 36.68
N LEU K 278 -26.95 -1.08 37.87
CA LEU K 278 -25.62 -0.80 38.38
C LEU K 278 -24.58 -1.35 37.42
N SER K 279 -24.84 -2.57 36.92
CA SER K 279 -23.92 -3.31 36.07
C SER K 279 -23.65 -2.61 34.74
N ILE K 280 -24.70 -2.13 34.08
CA ILE K 280 -24.51 -1.48 32.79
C ILE K 280 -23.84 -0.14 33.03
N ALA K 281 -24.13 0.47 34.18
CA ALA K 281 -23.57 1.77 34.54
C ALA K 281 -22.11 1.68 34.96
N GLY K 282 -21.79 0.60 35.68
CA GLY K 282 -20.44 0.35 36.11
C GLY K 282 -20.31 0.50 37.60
N SER K 283 -21.06 1.43 38.15
CA SER K 283 -21.03 1.69 39.57
C SER K 283 -22.17 2.64 39.96
N LEU K 284 -22.51 2.65 41.25
CA LEU K 284 -23.58 3.51 41.75
C LEU K 284 -23.18 4.95 41.59
N ASP K 285 -21.89 5.22 41.75
CA ASP K 285 -21.38 6.57 41.59
C ASP K 285 -21.49 7.01 40.13
N GLU K 286 -21.40 6.08 39.20
CA GLU K 286 -21.59 6.41 37.79
C GLU K 286 -23.08 6.58 37.49
N LEU K 287 -23.89 5.67 38.02
CA LEU K 287 -25.33 5.69 37.79
C LEU K 287 -25.92 6.97 38.31
N ALA K 288 -25.47 7.36 39.49
CA ALA K 288 -25.99 8.55 40.17
C ALA K 288 -25.70 9.83 39.39
N LYS K 289 -24.67 9.80 38.54
CA LYS K 289 -24.35 10.98 37.74
C LYS K 289 -25.13 11.03 36.42
N MET K 290 -25.91 10.01 36.12
CA MET K 290 -26.57 9.94 34.81
C MET K 290 -27.91 10.68 34.78
N PRO K 291 -28.20 11.35 33.64
CA PRO K 291 -29.53 11.91 33.39
C PRO K 291 -30.58 10.81 33.26
N ALA K 292 -31.84 11.11 33.52
CA ALA K 292 -32.86 10.07 33.44
C ALA K 292 -32.96 9.58 32.02
N SER K 293 -32.76 10.50 31.08
CA SER K 293 -32.86 10.19 29.66
C SER K 293 -31.81 9.16 29.22
N THR K 294 -30.78 8.96 30.04
CA THR K 294 -29.78 7.95 29.77
C THR K 294 -30.19 6.64 30.39
N ILE K 295 -30.59 6.72 31.65
CA ILE K 295 -31.02 5.55 32.41
C ILE K 295 -32.17 4.82 31.71
N GLN K 296 -33.05 5.59 31.05
CA GLN K 296 -34.21 5.04 30.35
C GLN K 296 -33.78 4.12 29.19
N VAL K 297 -32.60 4.37 28.63
CA VAL K 297 -32.17 3.62 27.49
C VAL K 297 -30.94 2.75 27.76
N LEU K 298 -30.42 2.77 28.99
CA LEU K 298 -29.33 1.86 29.36
C LEU K 298 -29.65 0.43 29.05
N GLY K 299 -28.74 -0.22 28.33
CA GLY K 299 -28.91 -1.61 28.00
C GLY K 299 -29.51 -1.81 26.64
N ALA K 300 -29.78 -0.72 25.93
CA ALA K 300 -30.33 -0.83 24.58
C ALA K 300 -29.42 -0.11 23.60
N GLU K 301 -28.11 -0.25 23.78
CA GLU K 301 -27.14 0.43 22.95
C GLU K 301 -27.19 -0.03 21.50
N LYS K 302 -27.54 -1.30 21.28
CA LYS K 302 -27.56 -1.79 19.92
C LYS K 302 -28.59 -0.98 19.15
N ALA K 303 -29.80 -0.90 19.68
CA ALA K 303 -30.85 -0.12 19.03
C ALA K 303 -30.50 1.36 19.05
N LEU K 304 -30.04 1.85 20.19
CA LEU K 304 -29.83 3.29 20.38
C LEU K 304 -28.85 3.82 19.39
N PHE K 305 -27.81 3.04 19.12
CA PHE K 305 -26.77 3.54 18.25
C PHE K 305 -27.02 3.35 16.78
N ARG K 306 -27.91 2.45 16.38
CA ARG K 306 -28.28 2.42 14.96
C ARG K 306 -29.13 3.67 14.68
N ALA K 307 -29.89 4.09 15.68
CA ALA K 307 -30.69 5.29 15.57
C ALA K 307 -29.84 6.57 15.52
N LEU K 308 -28.93 6.76 16.46
CA LEU K 308 -28.18 8.02 16.47
C LEU K 308 -27.31 8.07 15.22
N ARG K 309 -27.01 6.91 14.66
CA ARG K 309 -26.22 6.83 13.43
C ARG K 309 -27.01 7.18 12.18
N SER K 310 -28.27 6.75 12.12
CA SER K 310 -29.01 6.86 10.86
C SER K 310 -30.08 7.95 10.81
N GLY K 311 -30.30 8.63 11.94
CA GLY K 311 -31.41 9.57 12.07
C GLY K 311 -32.77 8.86 12.16
N GLY K 312 -32.73 7.58 12.51
CA GLY K 312 -33.94 6.79 12.71
C GLY K 312 -34.45 7.01 14.12
N ARG K 313 -35.35 6.16 14.58
CA ARG K 313 -35.97 6.34 15.91
C ARG K 313 -35.34 5.52 17.02
N PRO K 314 -34.95 6.21 18.10
CA PRO K 314 -34.28 5.71 19.30
C PRO K 314 -35.20 4.83 20.16
N PRO K 315 -34.61 3.98 21.00
CA PRO K 315 -35.38 3.06 21.84
C PRO K 315 -36.15 3.78 22.95
N LYS K 316 -37.31 3.24 23.29
CA LYS K 316 -38.12 3.78 24.38
C LYS K 316 -37.61 3.29 25.74
N HIS K 317 -36.91 2.16 25.74
CA HIS K 317 -36.49 1.56 26.99
C HIS K 317 -35.35 0.53 26.85
N GLY K 318 -34.49 0.47 27.85
CA GLY K 318 -33.43 -0.51 27.80
C GLY K 318 -33.75 -1.67 28.72
N ILE K 319 -32.87 -1.88 29.69
CA ILE K 319 -33.03 -2.97 30.62
C ILE K 319 -34.26 -2.72 31.51
N ILE K 320 -34.62 -1.45 31.61
CA ILE K 320 -35.80 -0.95 32.32
C ILE K 320 -37.09 -1.63 31.84
N PHE K 321 -37.04 -2.11 30.60
CA PHE K 321 -38.13 -2.89 30.01
C PHE K 321 -38.50 -4.07 30.89
N GLN K 322 -37.58 -4.49 31.76
CA GLN K 322 -37.83 -5.67 32.56
C GLN K 322 -38.90 -5.47 33.64
N TYR K 323 -39.14 -4.21 34.00
CA TYR K 323 -40.16 -3.77 34.98
C TYR K 323 -41.57 -4.17 34.57
N PRO K 324 -42.23 -5.06 35.33
CA PRO K 324 -43.51 -5.69 34.96
C PRO K 324 -44.52 -4.70 34.41
N ALA K 325 -44.62 -3.55 35.10
CA ALA K 325 -45.47 -2.46 34.67
C ALA K 325 -45.19 -1.99 33.24
N ILE K 326 -44.00 -2.26 32.71
CA ILE K 326 -43.67 -1.85 31.34
C ILE K 326 -43.91 -2.99 30.33
N HIS K 327 -43.41 -4.19 30.58
CA HIS K 327 -43.59 -5.21 29.55
C HIS K 327 -44.96 -5.88 29.59
N THR K 328 -45.71 -5.67 30.67
CA THR K 328 -47.06 -6.23 30.78
C THR K 328 -48.08 -5.31 30.16
N SER K 329 -47.83 -4.03 30.32
CA SER K 329 -48.72 -2.99 29.83
C SER K 329 -48.73 -2.89 28.30
N PRO K 330 -49.84 -2.38 27.74
CA PRO K 330 -49.96 -2.13 26.30
C PRO K 330 -48.94 -1.15 25.76
N ARG K 331 -48.55 -1.25 24.48
CA ARG K 331 -47.39 -0.53 23.97
C ARG K 331 -47.45 1.00 24.05
N TRP K 332 -48.63 1.59 23.94
CA TRP K 332 -48.72 3.06 23.94
C TRP K 332 -48.47 3.63 25.33
N GLN K 333 -48.51 2.77 26.33
CA GLN K 333 -48.22 3.24 27.66
C GLN K 333 -46.72 3.18 27.94
N ARG K 334 -46.01 2.27 27.29
CA ARG K 334 -44.63 1.92 27.67
C ARG K 334 -43.68 3.10 27.64
N GLY K 335 -43.72 3.87 26.57
CA GLY K 335 -42.88 5.06 26.52
C GLY K 335 -43.09 5.96 27.72
N LYS K 336 -44.34 6.16 28.10
CA LYS K 336 -44.69 7.07 29.19
C LYS K 336 -44.28 6.47 30.55
N ILE K 337 -44.51 5.17 30.71
CA ILE K 337 -44.14 4.49 31.94
C ILE K 337 -42.61 4.45 32.07
N ALA K 338 -41.91 4.18 30.99
CA ALA K 338 -40.44 4.14 31.02
C ALA K 338 -39.87 5.52 31.37
N ARG K 339 -40.43 6.56 30.76
CA ARG K 339 -40.02 7.93 31.05
C ARG K 339 -40.14 8.23 32.55
N ALA K 340 -41.22 7.74 33.15
CA ALA K 340 -41.46 7.93 34.57
C ALA K 340 -40.51 7.13 35.44
N LEU K 341 -40.27 5.87 35.10
CA LEU K 341 -39.39 5.03 35.90
C LEU K 341 -38.00 5.64 35.98
N ALA K 342 -37.47 6.05 34.84
CA ALA K 342 -36.14 6.62 34.77
C ALA K 342 -35.99 7.83 35.68
N ALA K 343 -36.98 8.71 35.63
CA ALA K 343 -36.93 9.94 36.43
C ALA K 343 -36.76 9.60 37.92
N LYS K 344 -37.58 8.68 38.42
CA LYS K 344 -37.54 8.31 39.82
C LYS K 344 -36.21 7.57 40.14
N LEU K 345 -35.77 6.73 39.21
CA LEU K 345 -34.48 6.05 39.30
C LEU K 345 -33.31 7.04 39.35
N ALA K 346 -33.36 8.07 38.50
CA ALA K 346 -32.31 9.07 38.56
C ALA K 346 -32.30 9.69 39.94
N ILE K 347 -33.46 10.02 40.51
CA ILE K 347 -33.49 10.56 41.88
C ILE K 347 -33.03 9.50 42.91
N ALA K 348 -33.60 8.31 42.86
CA ALA K 348 -33.27 7.27 43.81
C ALA K 348 -31.77 6.99 43.83
N ALA K 349 -31.15 6.91 42.66
CA ALA K 349 -29.74 6.61 42.59
C ALA K 349 -28.91 7.71 43.23
N ARG K 350 -29.35 8.96 43.09
CA ARG K 350 -28.58 10.05 43.68
C ARG K 350 -28.63 10.08 45.20
N VAL K 351 -29.80 9.84 45.78
CA VAL K 351 -29.84 9.82 47.23
C VAL K 351 -29.17 8.55 47.80
N ASP K 352 -29.20 7.42 47.09
CA ASP K 352 -28.46 6.25 47.57
C ASP K 352 -26.96 6.50 47.60
N ALA K 353 -26.48 7.23 46.60
CA ALA K 353 -25.05 7.48 46.44
C ALA K 353 -24.52 8.56 47.40
N PHE K 354 -25.22 9.68 47.49
CA PHE K 354 -24.76 10.83 48.25
C PHE K 354 -25.20 10.87 49.73
N SER K 355 -26.11 10.01 50.16
CA SER K 355 -26.43 10.00 51.58
C SER K 355 -26.68 8.58 52.05
N GLY K 356 -27.66 7.93 51.45
CA GLY K 356 -28.05 6.59 51.84
C GLY K 356 -29.38 6.66 52.55
N ARG K 357 -29.84 7.89 52.75
CA ARG K 357 -31.16 8.19 53.31
C ARG K 357 -32.22 7.42 52.55
N PHE K 358 -33.25 6.98 53.24
CA PHE K 358 -34.29 6.22 52.57
C PHE K 358 -35.49 7.11 52.26
N ILE K 359 -35.89 7.14 51.00
CA ILE K 359 -37.11 7.82 50.58
C ILE K 359 -37.77 6.93 49.53
N GLY K 360 -37.40 5.66 49.55
CA GLY K 360 -37.85 4.72 48.54
C GLY K 360 -39.33 4.49 48.54
N ASP K 361 -39.94 4.70 49.70
CA ASP K 361 -41.37 4.54 49.89
C ASP K 361 -42.14 5.66 49.22
N GLN K 362 -41.66 6.87 49.44
CA GLN K 362 -42.31 8.04 48.88
C GLN K 362 -42.07 8.10 47.36
N LEU K 363 -40.90 7.62 46.92
CA LEU K 363 -40.59 7.59 45.50
C LEU K 363 -41.47 6.60 44.75
N ASN K 364 -41.62 5.44 45.35
CA ASN K 364 -42.52 4.41 44.86
C ASN K 364 -43.97 4.84 44.70
N GLU K 365 -44.50 5.56 45.68
CA GLU K 365 -45.89 6.02 45.60
C GLU K 365 -46.13 7.03 44.48
N GLN K 366 -45.26 8.03 44.39
CA GLN K 366 -45.31 9.03 43.33
C GLN K 366 -45.31 8.36 41.97
N LEU K 367 -44.50 7.29 41.88
CA LEU K 367 -44.38 6.48 40.69
C LEU K 367 -45.65 5.72 40.35
N LYS K 368 -46.14 4.93 41.31
CA LYS K 368 -47.37 4.17 41.10
C LYS K 368 -48.55 5.11 40.85
N LYS K 369 -48.47 6.35 41.36
CA LYS K 369 -49.43 7.37 40.97
C LYS K 369 -49.31 7.70 39.48
N ARG K 370 -48.13 8.14 39.07
CA ARG K 370 -47.87 8.57 37.69
C ARG K 370 -48.21 7.45 36.72
N ILE K 371 -48.10 6.20 37.18
CA ILE K 371 -48.41 5.05 36.34
C ILE K 371 -49.90 4.94 36.13
N ASP K 372 -50.67 5.20 37.19
CA ASP K 372 -52.12 5.13 37.13
C ASP K 372 -52.78 6.14 36.19
N GLU K 373 -52.29 7.39 36.24
CA GLU K 373 -52.81 8.48 35.40
C GLU K 373 -52.68 8.11 33.93
N ILE K 374 -51.51 7.56 33.60
CA ILE K 374 -51.18 7.08 32.27
C ILE K 374 -52.15 5.97 31.86
N LYS K 375 -52.37 5.05 32.78
CA LYS K 375 -53.25 3.92 32.53
C LYS K 375 -54.71 4.35 32.36
N GLU K 376 -55.05 5.52 32.89
CA GLU K 376 -56.36 6.12 32.64
C GLU K 376 -56.27 6.91 31.33
N LYS K 377 -55.98 6.16 30.26
CA LYS K 377 -55.89 6.65 28.88
C LYS K 377 -55.82 5.45 27.93
N LYS L 3 -53.43 -57.84 -21.58
CA LYS L 3 -52.69 -56.88 -20.77
C LYS L 3 -53.55 -56.48 -19.58
N ILE L 4 -52.98 -56.60 -18.38
CA ILE L 4 -53.73 -56.26 -17.17
C ILE L 4 -52.93 -55.25 -16.35
N TYR L 5 -53.57 -54.14 -15.96
CA TYR L 5 -52.97 -53.13 -15.08
C TYR L 5 -53.32 -53.39 -13.63
N LEU L 6 -52.31 -53.51 -12.78
CA LEU L 6 -52.58 -53.86 -11.39
C LEU L 6 -52.57 -52.63 -10.47
N ILE L 7 -53.53 -52.55 -9.57
CA ILE L 7 -53.55 -51.44 -8.63
C ILE L 7 -53.53 -51.97 -7.20
N GLU L 8 -52.61 -51.44 -6.41
CA GLU L 8 -52.45 -51.90 -5.05
C GLU L 8 -52.80 -50.73 -4.14
N HIS L 9 -53.67 -50.96 -3.16
CA HIS L 9 -54.16 -49.88 -2.32
C HIS L 9 -54.51 -50.36 -0.91
N VAL L 10 -54.75 -49.44 0.01
CA VAL L 10 -55.19 -49.75 1.38
C VAL L 10 -56.38 -50.69 1.27
N ILE L 11 -57.21 -50.38 0.29
CA ILE L 11 -58.48 -51.01 -0.06
C ILE L 11 -58.39 -52.53 -0.39
N GLY L 12 -57.24 -52.97 -0.94
CA GLY L 12 -57.06 -54.32 -1.47
C GLY L 12 -56.26 -54.32 -2.76
N ALA L 13 -56.40 -55.37 -3.55
CA ALA L 13 -55.73 -55.41 -4.86
C ALA L 13 -56.76 -55.51 -6.01
N VAL L 14 -56.63 -54.63 -7.00
CA VAL L 14 -57.58 -54.58 -8.09
C VAL L 14 -56.90 -54.72 -9.46
N ALA L 15 -57.50 -55.51 -10.35
CA ALA L 15 -56.97 -55.68 -11.70
C ALA L 15 -57.78 -54.94 -12.75
N TYR L 16 -57.09 -54.22 -13.63
CA TYR L 16 -57.74 -53.39 -14.64
C TYR L 16 -57.27 -53.74 -16.04
N ASP L 17 -58.16 -53.59 -17.01
CA ASP L 17 -57.81 -53.68 -18.43
C ASP L 17 -57.33 -52.32 -18.90
N GLU L 18 -56.90 -52.21 -20.16
CA GLU L 18 -56.31 -50.93 -20.59
C GLU L 18 -57.33 -49.78 -20.77
N ASN L 19 -58.63 -50.07 -20.76
CA ASN L 19 -59.67 -49.04 -20.85
C ASN L 19 -60.17 -48.51 -19.50
N GLY L 20 -60.06 -49.33 -18.46
CA GLY L 20 -60.45 -48.89 -17.14
C GLY L 20 -61.64 -49.57 -16.53
N ASN L 21 -61.78 -50.88 -16.77
CA ASN L 21 -62.86 -51.67 -16.17
C ASN L 21 -62.31 -52.72 -15.21
N ILE L 22 -62.96 -52.86 -14.05
CA ILE L 22 -62.49 -53.80 -13.04
C ILE L 22 -62.63 -55.25 -13.51
N VAL L 23 -61.53 -55.81 -13.99
CA VAL L 23 -61.49 -57.18 -14.47
C VAL L 23 -61.73 -58.18 -13.34
N ASP L 24 -61.11 -57.95 -12.20
CA ASP L 24 -61.40 -58.71 -10.99
C ASP L 24 -60.75 -58.01 -9.80
N TYR L 25 -61.12 -58.42 -8.58
CA TYR L 25 -60.55 -57.80 -7.39
C TYR L 25 -60.44 -58.77 -6.22
N ILE L 26 -59.57 -58.47 -5.27
CA ILE L 26 -59.55 -59.17 -4.00
C ILE L 26 -59.47 -58.14 -2.86
N THR L 27 -60.59 -57.96 -2.17
CA THR L 27 -60.69 -56.97 -1.10
C THR L 27 -59.76 -57.30 0.07
N ASN L 28 -59.18 -56.26 0.66
CA ASN L 28 -58.34 -56.38 1.84
C ASN L 28 -59.15 -56.63 3.10
N PRO L 29 -58.53 -57.24 4.12
CA PRO L 29 -59.22 -57.40 5.39
C PRO L 29 -59.32 -56.06 6.10
N ARG L 30 -60.46 -55.80 6.71
CA ARG L 30 -60.59 -54.61 7.52
C ARG L 30 -59.84 -54.86 8.86
N ASP L 31 -58.50 -54.92 8.79
CA ASP L 31 -57.64 -55.10 9.96
C ASP L 31 -56.43 -54.15 9.90
N LEU L 32 -56.30 -53.27 10.88
CA LEU L 32 -55.17 -52.33 10.96
C LEU L 32 -53.81 -53.02 10.89
N GLY L 33 -53.60 -53.97 11.80
CA GLY L 33 -52.36 -54.71 11.87
C GLY L 33 -51.87 -55.24 10.53
N LYS L 34 -52.76 -55.84 9.76
CA LYS L 34 -52.35 -56.46 8.51
C LYS L 34 -52.13 -55.47 7.38
N ILE L 35 -52.98 -54.44 7.26
CA ILE L 35 -52.80 -53.49 6.16
C ILE L 35 -51.55 -52.64 6.34
N THR L 36 -51.27 -52.23 7.58
CA THR L 36 -50.07 -51.46 7.88
C THR L 36 -48.83 -52.24 7.46
N GLU L 37 -48.75 -53.51 7.88
CA GLU L 37 -47.58 -54.33 7.58
C GLU L 37 -47.35 -54.51 6.10
N GLU L 38 -48.42 -54.66 5.33
CA GLU L 38 -48.24 -54.88 3.90
C GLU L 38 -47.76 -53.63 3.20
N LEU L 39 -48.21 -52.47 3.70
CA LEU L 39 -47.78 -51.18 3.19
C LEU L 39 -46.30 -50.95 3.48
N LEU L 40 -45.84 -51.27 4.69
CA LEU L 40 -44.41 -51.19 4.97
C LEU L 40 -43.60 -52.07 4.02
N ASN L 41 -44.06 -53.30 3.77
CA ASN L 41 -43.33 -54.20 2.88
C ASN L 41 -43.41 -53.79 1.41
N ASN L 42 -44.53 -53.20 0.99
CA ASN L 42 -44.65 -52.71 -0.38
C ASN L 42 -43.58 -51.65 -0.71
N GLU L 43 -43.05 -51.01 0.33
CA GLU L 43 -41.91 -50.10 0.18
C GLU L 43 -40.65 -50.84 -0.31
N LYS L 44 -40.43 -52.03 0.23
CA LYS L 44 -39.28 -52.85 -0.14
C LYS L 44 -39.52 -53.64 -1.43
N GLY L 45 -40.70 -53.48 -2.02
CA GLY L 45 -41.00 -54.16 -3.26
C GLY L 45 -41.96 -55.33 -3.10
N ILE L 46 -42.06 -55.84 -1.88
CA ILE L 46 -42.96 -56.94 -1.57
C ILE L 46 -44.41 -56.63 -1.94
N PRO L 47 -45.00 -57.42 -2.84
CA PRO L 47 -46.39 -57.21 -3.24
C PRO L 47 -47.32 -57.62 -2.11
N PHE L 48 -48.50 -57.01 -2.05
CA PHE L 48 -49.53 -57.42 -1.09
C PHE L 48 -49.80 -58.91 -1.25
N SER L 49 -50.05 -59.61 -0.15
CA SER L 49 -50.45 -61.02 -0.23
C SER L 49 -51.83 -61.13 -0.87
N ALA L 50 -52.57 -60.01 -0.89
CA ALA L 50 -53.82 -59.90 -1.62
C ALA L 50 -53.57 -59.83 -3.14
N THR L 51 -52.38 -59.39 -3.54
CA THR L 51 -52.06 -59.28 -4.96
C THR L 51 -51.62 -60.62 -5.53
N VAL L 52 -50.90 -61.40 -4.74
CA VAL L 52 -50.48 -62.72 -5.18
C VAL L 52 -51.72 -63.60 -5.44
N GLU L 53 -52.71 -63.51 -4.56
CA GLU L 53 -53.97 -64.23 -4.75
C GLU L 53 -54.72 -63.81 -6.03
N LEU L 54 -54.75 -62.50 -6.30
CA LEU L 54 -55.49 -62.00 -7.46
C LEU L 54 -54.77 -62.38 -8.75
N LEU L 55 -53.45 -62.41 -8.70
CA LEU L 55 -52.65 -62.77 -9.85
C LEU L 55 -52.78 -64.26 -10.18
N LYS L 56 -53.42 -65.00 -9.28
CA LYS L 56 -53.71 -66.40 -9.56
C LYS L 56 -55.08 -66.51 -10.20
N LYS L 57 -56.05 -65.77 -9.69
CA LYS L 57 -57.37 -65.75 -10.29
C LYS L 57 -57.27 -65.45 -11.78
N VAL L 58 -56.72 -64.30 -12.13
CA VAL L 58 -56.41 -64.03 -13.54
C VAL L 58 -55.10 -64.71 -13.96
N ASN L 59 -55.01 -65.11 -15.22
CA ASN L 59 -53.77 -65.69 -15.71
C ASN L 59 -53.23 -64.88 -16.87
N PRO L 60 -52.68 -63.70 -16.56
CA PRO L 60 -52.39 -62.66 -17.54
C PRO L 60 -51.05 -62.86 -18.18
N GLN L 61 -50.96 -62.69 -19.49
CA GLN L 61 -49.68 -62.90 -20.17
C GLN L 61 -48.76 -61.72 -19.90
N GLU L 62 -49.28 -60.50 -20.04
CA GLU L 62 -48.47 -59.29 -19.81
C GLU L 62 -49.14 -58.43 -18.73
N VAL L 63 -48.47 -58.21 -17.60
CA VAL L 63 -48.99 -57.28 -16.57
C VAL L 63 -48.10 -56.03 -16.35
N VAL L 64 -48.71 -54.95 -15.85
CA VAL L 64 -47.99 -53.71 -15.58
C VAL L 64 -48.39 -53.02 -14.24
N VAL L 65 -47.38 -52.76 -13.37
CA VAL L 65 -47.58 -52.22 -12.02
C VAL L 65 -47.20 -50.73 -11.90
N GLU L 66 -47.48 -50.15 -10.73
CA GLU L 66 -47.17 -48.76 -10.41
C GLU L 66 -45.75 -48.56 -9.88
N ASN L 67 -45.25 -49.56 -9.17
CA ASN L 67 -43.95 -49.50 -8.49
C ASN L 67 -42.82 -50.24 -9.19
N GLU L 68 -41.69 -49.58 -9.38
CA GLU L 68 -40.61 -50.24 -10.09
C GLU L 68 -39.89 -51.21 -9.16
N ALA L 69 -40.15 -51.12 -7.87
CA ALA L 69 -39.52 -52.05 -6.92
C ALA L 69 -40.32 -53.35 -6.76
N GLU L 70 -41.56 -53.38 -7.27
CA GLU L 70 -42.33 -54.62 -7.24
C GLU L 70 -41.90 -55.54 -8.36
N VAL L 71 -41.49 -54.95 -9.48
CA VAL L 71 -41.25 -55.72 -10.71
C VAL L 71 -40.38 -56.98 -10.56
N PRO L 72 -39.15 -56.88 -10.00
CA PRO L 72 -38.41 -58.14 -9.90
C PRO L 72 -39.04 -59.18 -8.97
N LYS L 73 -39.77 -58.73 -7.96
CA LYS L 73 -40.45 -59.65 -7.03
C LYS L 73 -41.55 -60.50 -7.73
N LEU L 74 -42.26 -59.89 -8.68
CA LEU L 74 -43.34 -60.57 -9.40
C LEU L 74 -42.84 -61.34 -10.63
N GLN L 75 -41.68 -60.96 -11.15
CA GLN L 75 -41.03 -61.74 -12.20
C GLN L 75 -40.63 -63.10 -11.62
N ALA L 76 -40.02 -63.05 -10.43
CA ALA L 76 -39.59 -64.23 -9.69
C ALA L 76 -40.77 -65.08 -9.25
N LEU L 77 -41.97 -64.56 -9.38
CA LEU L 77 -43.17 -65.30 -9.05
C LEU L 77 -43.74 -65.96 -10.31
N GLY L 78 -43.14 -65.64 -11.46
CA GLY L 78 -43.46 -66.28 -12.72
C GLY L 78 -44.10 -65.45 -13.83
N TYR L 79 -44.52 -64.22 -13.52
CA TYR L 79 -45.29 -63.41 -14.49
C TYR L 79 -44.41 -62.49 -15.34
N ARG L 80 -44.92 -62.09 -16.49
CA ARG L 80 -44.23 -61.09 -17.30
C ARG L 80 -44.68 -59.69 -16.86
N VAL L 81 -43.77 -58.92 -16.26
CA VAL L 81 -44.15 -57.65 -15.62
C VAL L 81 -43.32 -56.45 -16.06
N SER L 82 -43.98 -55.32 -16.26
CA SER L 82 -43.29 -54.04 -16.39
C SER L 82 -44.00 -53.02 -15.51
N TYR L 83 -43.55 -51.77 -15.51
CA TYR L 83 -44.19 -50.73 -14.68
C TYR L 83 -44.29 -49.42 -15.43
N GLU L 84 -45.36 -48.69 -15.10
CA GLU L 84 -45.65 -47.40 -15.68
C GLU L 84 -45.98 -46.41 -14.60
N PRO L 85 -45.19 -45.33 -14.49
CA PRO L 85 -45.51 -44.31 -13.50
C PRO L 85 -46.69 -43.46 -13.99
N TYR L 86 -47.46 -42.91 -13.03
CA TYR L 86 -48.69 -42.14 -13.27
C TYR L 86 -49.55 -42.57 -14.45
N SER L 87 -49.80 -43.87 -14.57
CA SER L 87 -50.61 -44.40 -15.67
C SER L 87 -52.02 -43.84 -15.62
N LYS L 88 -52.68 -43.77 -16.79
CA LYS L 88 -54.07 -43.31 -16.84
C LYS L 88 -54.95 -44.22 -16.00
N VAL L 89 -54.63 -45.50 -16.01
CA VAL L 89 -55.42 -46.47 -15.26
C VAL L 89 -55.39 -46.16 -13.78
N SER L 90 -54.19 -45.94 -13.24
CA SER L 90 -54.05 -45.64 -11.82
C SER L 90 -54.77 -44.34 -11.45
N ARG L 91 -54.72 -43.35 -12.34
CA ARG L 91 -55.42 -42.10 -12.12
C ARG L 91 -56.91 -42.41 -12.04
N ILE L 92 -57.42 -43.10 -13.04
CA ILE L 92 -58.81 -43.53 -13.10
C ILE L 92 -59.28 -44.26 -11.82
N PHE L 93 -58.48 -45.17 -11.29
CA PHE L 93 -58.83 -45.86 -10.04
C PHE L 93 -59.08 -44.85 -8.93
N ARG L 94 -58.18 -43.88 -8.81
CA ARG L 94 -58.25 -42.90 -7.74
C ARG L 94 -59.35 -41.86 -8.02
N GLU L 95 -59.71 -41.66 -9.29
CA GLU L 95 -60.80 -40.73 -9.60
C GLU L 95 -62.07 -41.26 -8.95
N SER L 96 -62.17 -42.58 -8.89
CA SER L 96 -63.37 -43.21 -8.39
C SER L 96 -63.20 -43.68 -6.96
N LEU L 97 -62.15 -43.20 -6.29
CA LEU L 97 -61.76 -43.83 -5.02
C LEU L 97 -62.63 -43.54 -3.80
N PRO L 98 -63.39 -42.44 -3.79
CA PRO L 98 -64.36 -42.54 -2.69
C PRO L 98 -65.22 -43.80 -2.90
N LYS L 99 -65.61 -44.05 -4.15
CA LYS L 99 -66.64 -45.05 -4.48
C LYS L 99 -66.21 -46.51 -4.47
N VAL L 100 -65.19 -46.86 -5.24
CA VAL L 100 -64.84 -48.25 -5.50
C VAL L 100 -64.51 -49.05 -4.25
N ALA L 101 -64.45 -48.39 -3.11
CA ALA L 101 -64.27 -49.07 -1.83
C ALA L 101 -65.55 -49.77 -1.39
N ILE L 102 -66.70 -49.18 -1.74
CA ILE L 102 -68.01 -49.78 -1.48
C ILE L 102 -68.30 -50.89 -2.51
N ASP L 103 -67.96 -50.62 -3.77
CA ASP L 103 -68.23 -51.55 -4.86
C ASP L 103 -67.54 -52.89 -4.65
N ILE L 104 -66.26 -52.85 -4.31
CA ILE L 104 -65.49 -54.06 -4.09
C ILE L 104 -65.63 -54.50 -2.63
N LYS L 105 -66.63 -53.92 -1.97
CA LYS L 105 -67.01 -54.32 -0.62
C LYS L 105 -65.86 -54.26 0.41
N PHE L 106 -65.25 -53.09 0.57
CA PHE L 106 -64.22 -52.90 1.59
C PHE L 106 -64.78 -52.18 2.81
N ALA L 107 -65.74 -51.29 2.58
CA ALA L 107 -66.49 -50.63 3.66
C ALA L 107 -67.94 -50.44 3.26
N SER L 108 -68.83 -50.38 4.25
CA SER L 108 -70.27 -50.29 4.00
C SER L 108 -70.70 -48.94 3.41
N ASN L 109 -70.19 -47.84 3.95
CA ASN L 109 -70.45 -46.54 3.33
C ASN L 109 -69.21 -45.65 3.31
N GLU L 110 -69.31 -44.49 2.68
CA GLU L 110 -68.21 -43.53 2.71
C GLU L 110 -67.81 -43.21 4.14
N GLU L 111 -68.81 -43.11 5.03
CA GLU L 111 -68.59 -42.79 6.43
C GLU L 111 -67.39 -43.54 7.04
N ASP L 112 -67.36 -44.85 6.94
CA ASP L 112 -66.29 -45.56 7.62
C ASP L 112 -65.27 -46.21 6.70
N TYR L 113 -65.27 -45.83 5.42
CA TYR L 113 -64.07 -46.03 4.61
C TYR L 113 -63.01 -45.07 5.09
N TYR L 114 -63.36 -43.80 5.04
CA TYR L 114 -62.53 -42.69 5.49
C TYR L 114 -62.24 -42.78 6.98
N ASN L 115 -63.20 -43.25 7.76
CA ASN L 115 -62.94 -43.46 9.19
C ASN L 115 -61.80 -44.42 9.40
N PHE L 116 -61.73 -45.44 8.55
CA PHE L 116 -60.66 -46.40 8.62
C PHE L 116 -59.34 -45.81 8.13
N LEU L 117 -59.36 -45.28 6.92
CA LEU L 117 -58.19 -44.70 6.27
C LEU L 117 -57.52 -43.69 7.20
N HIS L 118 -58.33 -42.94 7.94
CA HIS L 118 -57.77 -42.01 8.92
C HIS L 118 -57.00 -42.75 9.98
N GLU L 119 -57.61 -43.79 10.56
CA GLU L 119 -56.94 -44.50 11.63
C GLU L 119 -55.79 -45.35 11.13
N LEU L 120 -55.80 -45.69 9.85
CA LEU L 120 -54.66 -46.37 9.26
C LEU L 120 -53.49 -45.41 9.12
N SER L 121 -53.77 -44.22 8.59
CA SER L 121 -52.73 -43.23 8.37
C SER L 121 -52.06 -42.82 9.69
N LEU L 122 -52.86 -42.72 10.74
CA LEU L 122 -52.30 -42.46 12.06
C LEU L 122 -51.37 -43.60 12.54
N GLU L 123 -51.77 -44.85 12.30
CA GLU L 123 -50.95 -45.99 12.71
C GLU L 123 -49.75 -46.24 11.82
N TYR L 124 -49.93 -46.00 10.52
CA TYR L 124 -48.85 -46.18 9.55
C TYR L 124 -47.70 -45.26 9.89
N THR L 125 -48.03 -43.98 10.09
CA THR L 125 -47.01 -42.98 10.32
C THR L 125 -46.53 -43.02 11.76
N ARG L 126 -47.37 -43.47 12.68
CA ARG L 126 -46.90 -43.72 14.05
C ARG L 126 -45.76 -44.72 14.04
N ARG L 127 -45.92 -45.70 13.17
CA ARG L 127 -44.99 -46.80 13.07
C ARG L 127 -43.65 -46.34 12.51
N LYS L 128 -43.69 -45.55 11.45
CA LYS L 128 -42.48 -45.03 10.82
C LYS L 128 -41.78 -44.06 11.76
N LEU L 129 -42.56 -43.19 12.41
CA LEU L 129 -42.03 -42.31 13.43
C LEU L 129 -41.20 -43.08 14.46
N ARG L 130 -41.66 -44.26 14.84
CA ARG L 130 -41.00 -45.03 15.88
C ARG L 130 -39.71 -45.63 15.32
N SER L 131 -39.70 -45.97 14.04
CA SER L 131 -38.47 -46.47 13.41
C SER L 131 -37.43 -45.38 13.32
N ALA L 132 -37.85 -44.16 13.02
CA ALA L 132 -36.91 -43.07 12.83
C ALA L 132 -36.25 -42.77 14.16
N ALA L 133 -37.02 -42.92 15.23
CA ALA L 133 -36.54 -42.66 16.59
C ALA L 133 -35.49 -43.64 16.98
N GLN L 134 -35.55 -44.81 16.37
CA GLN L 134 -34.78 -45.93 16.84
C GLN L 134 -33.35 -45.87 16.33
N LYS L 135 -33.06 -44.91 15.43
CA LYS L 135 -31.71 -44.71 14.85
C LYS L 135 -30.70 -44.24 15.88
N ARG L 136 -29.66 -45.03 16.08
CA ARG L 136 -28.62 -44.80 17.09
C ARG L 136 -27.87 -43.49 16.97
N ASP L 137 -27.64 -43.01 15.75
CA ASP L 137 -26.83 -41.82 15.56
C ASP L 137 -27.46 -40.55 16.14
N LEU L 138 -28.78 -40.56 16.34
CA LEU L 138 -29.51 -39.46 16.97
C LEU L 138 -29.04 -39.25 18.38
N LEU L 139 -28.76 -40.35 19.09
CA LEU L 139 -28.29 -40.23 20.45
C LEU L 139 -26.93 -39.58 20.44
N ALA L 140 -26.15 -40.00 19.47
CA ALA L 140 -24.82 -39.46 19.28
C ALA L 140 -24.86 -37.95 19.07
N ILE L 141 -25.76 -37.48 18.21
CA ILE L 141 -25.82 -36.07 17.86
C ILE L 141 -26.21 -35.20 19.09
N GLN L 142 -27.27 -35.57 19.81
CA GLN L 142 -27.66 -34.84 21.02
C GLN L 142 -26.52 -34.82 22.02
N ALA L 143 -25.78 -35.90 22.09
CA ALA L 143 -24.71 -36.00 23.08
C ALA L 143 -23.58 -35.01 22.81
N VAL L 144 -23.12 -34.92 21.56
CA VAL L 144 -22.03 -33.98 21.28
C VAL L 144 -22.54 -32.55 21.34
N ARG L 145 -23.83 -32.35 21.04
CA ARG L 145 -24.45 -31.05 21.15
C ARG L 145 -24.55 -30.56 22.60
N ALA L 146 -24.91 -31.46 23.50
CA ALA L 146 -24.89 -31.18 24.92
C ALA L 146 -23.46 -30.91 25.36
N MET L 147 -22.55 -31.75 24.89
CA MET L 147 -21.16 -31.61 25.27
C MET L 147 -20.55 -30.28 24.88
N ASP L 148 -20.97 -29.73 23.75
CA ASP L 148 -20.51 -28.41 23.33
C ASP L 148 -21.15 -27.32 24.16
N ASP L 149 -22.41 -27.55 24.54
CA ASP L 149 -23.09 -26.59 25.41
C ASP L 149 -22.33 -26.51 26.72
N ILE L 150 -21.81 -27.65 27.18
CA ILE L 150 -21.05 -27.65 28.42
C ILE L 150 -19.71 -26.91 28.27
N ASP L 151 -19.01 -27.18 27.16
CA ASP L 151 -17.79 -26.47 26.80
C ASP L 151 -18.00 -24.95 26.88
N LYS L 152 -19.08 -24.52 26.23
CA LYS L 152 -19.49 -23.13 26.20
C LYS L 152 -19.73 -22.55 27.59
N THR L 153 -20.42 -23.33 28.43
CA THR L 153 -20.78 -22.93 29.80
C THR L 153 -19.59 -22.87 30.74
N ILE L 154 -18.71 -23.85 30.62
CA ILE L 154 -17.53 -23.88 31.47
C ILE L 154 -16.76 -22.60 31.25
N ASN L 155 -16.62 -22.23 29.97
CA ASN L 155 -15.91 -21.03 29.65
C ASN L 155 -16.63 -19.80 30.21
N LEU L 156 -17.94 -19.77 30.07
CA LEU L 156 -18.71 -18.64 30.58
C LEU L 156 -18.60 -18.49 32.10
N PHE L 157 -18.81 -19.56 32.87
CA PHE L 157 -18.74 -19.44 34.33
C PHE L 157 -17.33 -19.16 34.79
N SER L 158 -16.36 -19.80 34.14
CA SER L 158 -14.97 -19.62 34.51
C SER L 158 -14.56 -18.19 34.40
N GLU L 159 -14.96 -17.56 33.30
CA GLU L 159 -14.59 -16.18 33.04
C GLU L 159 -15.25 -15.29 34.08
N ARG L 160 -16.50 -15.57 34.37
CA ARG L 160 -17.23 -14.88 35.40
C ARG L 160 -16.53 -15.07 36.75
N LEU L 161 -16.24 -16.33 37.11
CA LEU L 161 -15.62 -16.64 38.39
C LEU L 161 -14.34 -15.84 38.60
N ARG L 162 -13.45 -15.83 37.62
CA ARG L 162 -12.22 -15.03 37.73
C ARG L 162 -12.45 -13.55 38.00
N GLU L 163 -13.43 -12.99 37.31
CA GLU L 163 -13.74 -11.57 37.45
C GLU L 163 -14.35 -11.29 38.83
N TRP L 164 -15.11 -12.25 39.33
CA TRP L 164 -15.79 -12.15 40.61
C TRP L 164 -14.85 -12.36 41.78
N TYR L 165 -14.14 -13.49 41.73
CA TYR L 165 -13.26 -13.87 42.81
C TYR L 165 -12.07 -12.93 42.95
N SER L 166 -11.70 -12.26 41.87
CA SER L 166 -10.56 -11.35 41.89
C SER L 166 -10.85 -10.07 42.66
N ILE L 167 -12.10 -9.91 43.12
CA ILE L 167 -12.42 -8.77 43.97
C ILE L 167 -11.73 -8.98 45.32
N HIS L 168 -11.67 -10.25 45.72
CA HIS L 168 -11.05 -10.63 46.99
C HIS L 168 -9.55 -10.92 46.86
N PHE L 169 -9.17 -11.59 45.77
CA PHE L 169 -7.81 -12.09 45.59
C PHE L 169 -7.40 -11.99 44.12
N PRO L 170 -7.11 -10.76 43.65
CA PRO L 170 -6.86 -10.44 42.24
C PRO L 170 -5.61 -11.13 41.70
N GLU L 171 -4.63 -11.30 42.57
CA GLU L 171 -3.36 -11.79 42.12
C GLU L 171 -3.45 -13.22 41.63
N LEU L 172 -4.40 -13.97 42.19
CA LEU L 172 -4.54 -15.39 41.86
C LEU L 172 -4.87 -15.62 40.40
N ASP L 173 -5.55 -14.67 39.80
CA ASP L 173 -6.02 -14.79 38.43
C ASP L 173 -4.87 -15.10 37.50
N LYS L 174 -3.81 -14.29 37.57
CA LYS L 174 -2.65 -14.42 36.68
C LYS L 174 -1.70 -15.51 37.09
N LEU L 175 -1.97 -16.17 38.22
CA LEU L 175 -1.08 -17.22 38.69
C LEU L 175 -1.54 -18.59 38.27
N ILE L 176 -2.85 -18.79 38.24
CA ILE L 176 -3.39 -20.07 37.85
C ILE L 176 -4.03 -19.96 36.49
N GLU L 177 -3.35 -20.59 35.53
CA GLU L 177 -3.73 -20.59 34.12
C GLU L 177 -4.92 -21.53 33.85
N ASP L 178 -4.99 -22.66 34.57
CA ASP L 178 -6.03 -23.65 34.27
C ASP L 178 -7.37 -23.38 34.98
N HIS L 179 -8.48 -23.40 34.25
CA HIS L 179 -9.78 -23.08 34.86
C HIS L 179 -10.24 -24.07 35.94
N GLU L 180 -10.10 -25.36 35.69
CA GLU L 180 -10.48 -26.35 36.70
C GLU L 180 -9.65 -26.18 37.97
N GLU L 181 -8.38 -25.82 37.85
CA GLU L 181 -7.56 -25.52 39.02
C GLU L 181 -8.12 -24.33 39.76
N TYR L 182 -8.17 -23.17 39.09
CA TYR L 182 -8.66 -21.92 39.67
C TYR L 182 -9.98 -22.16 40.39
N ALA L 183 -10.87 -22.91 39.76
CA ALA L 183 -12.13 -23.29 40.40
C ALA L 183 -11.93 -24.14 41.64
N THR L 184 -11.03 -25.13 41.56
CA THR L 184 -10.74 -26.00 42.70
C THR L 184 -10.25 -25.23 43.92
N ILE L 185 -9.35 -24.29 43.67
CA ILE L 185 -8.83 -23.46 44.73
C ILE L 185 -9.95 -22.66 45.43
N VAL L 186 -10.85 -22.03 44.67
CA VAL L 186 -11.98 -21.28 45.24
C VAL L 186 -12.97 -22.19 45.95
N SER L 187 -13.16 -23.39 45.42
CA SER L 187 -14.10 -24.34 45.96
C SER L 187 -13.75 -24.79 47.36
N ARG L 188 -12.48 -25.11 47.56
CA ARG L 188 -12.01 -25.67 48.82
C ARG L 188 -11.64 -24.63 49.93
N PHE L 189 -11.07 -23.48 49.55
CA PHE L 189 -10.56 -22.51 50.54
C PHE L 189 -11.43 -21.29 50.86
N GLY L 190 -11.90 -20.60 49.82
CA GLY L 190 -12.75 -19.44 50.00
C GLY L 190 -11.88 -18.24 50.27
N ASP L 191 -11.86 -17.79 51.52
CA ASP L 191 -11.01 -16.66 51.91
C ASP L 191 -9.57 -17.07 51.65
N ARG L 192 -8.77 -16.16 51.11
CA ARG L 192 -7.41 -16.49 50.72
C ARG L 192 -6.56 -16.74 51.96
N GLY L 193 -7.09 -16.36 53.11
CA GLY L 193 -6.41 -16.60 54.37
C GLY L 193 -6.54 -18.04 54.86
N PHE L 194 -7.33 -18.86 54.18
CA PHE L 194 -7.49 -20.26 54.57
C PHE L 194 -6.49 -21.12 53.79
N LEU L 195 -5.66 -20.45 53.00
CA LEU L 195 -4.60 -21.10 52.23
C LEU L 195 -3.38 -21.40 53.09
N THR L 196 -2.98 -22.67 53.16
CA THR L 196 -1.83 -23.09 53.96
C THR L 196 -0.84 -23.82 53.09
N ILE L 197 0.40 -23.92 53.54
CA ILE L 197 1.42 -24.69 52.84
C ILE L 197 0.94 -26.12 52.64
N ASP L 198 0.34 -26.66 53.69
CA ASP L 198 -0.09 -28.05 53.75
C ASP L 198 -1.25 -28.35 52.82
N SER L 199 -2.28 -27.52 52.89
CA SER L 199 -3.48 -27.70 52.08
C SER L 199 -3.17 -27.46 50.59
N LEU L 200 -2.24 -26.54 50.33
CA LEU L 200 -1.76 -26.28 48.97
C LEU L 200 -0.89 -27.42 48.49
N LYS L 201 -0.31 -28.17 49.42
CA LYS L 201 0.49 -29.32 49.07
C LYS L 201 -0.43 -30.47 48.68
N GLU L 202 -1.62 -30.49 49.28
CA GLU L 202 -2.59 -31.55 49.07
C GLU L 202 -3.14 -31.56 47.64
N LEU L 203 -2.84 -30.51 46.90
CA LEU L 203 -3.27 -30.38 45.51
C LEU L 203 -2.14 -30.69 44.54
N GLY L 204 -1.01 -31.17 45.06
CA GLY L 204 0.06 -31.58 44.20
C GLY L 204 0.79 -30.39 43.61
N PHE L 205 0.74 -29.25 44.30
CA PHE L 205 1.47 -28.07 43.86
C PHE L 205 2.95 -28.19 44.17
N ASN L 206 3.78 -27.81 43.21
CA ASN L 206 5.23 -27.81 43.42
C ASN L 206 5.61 -26.66 44.35
N GLU L 207 6.76 -26.78 45.03
CA GLU L 207 7.17 -25.78 46.01
C GLU L 207 7.31 -24.36 45.49
N GLN L 208 7.98 -24.19 44.34
CA GLN L 208 8.22 -22.84 43.85
C GLN L 208 6.93 -22.09 43.49
N ARG L 209 5.85 -22.80 43.17
CA ARG L 209 4.57 -22.13 42.91
C ARG L 209 3.84 -21.86 44.23
N ILE L 210 3.77 -22.87 45.10
CA ILE L 210 3.13 -22.75 46.42
C ILE L 210 3.54 -21.46 47.12
N ASN L 211 4.83 -21.18 47.06
CA ASN L 211 5.37 -19.96 47.63
C ASN L 211 4.76 -18.73 46.98
N ARG L 212 4.62 -18.77 45.65
CA ARG L 212 4.16 -17.61 44.89
C ARG L 212 2.68 -17.32 45.21
N ILE L 213 1.88 -18.36 45.36
CA ILE L 213 0.50 -18.20 45.80
C ILE L 213 0.42 -17.57 47.22
N LEU L 214 1.11 -18.19 48.18
CA LEU L 214 1.10 -17.75 49.57
C LEU L 214 1.61 -16.33 49.73
N ASP L 215 2.67 -15.96 49.01
CA ASP L 215 3.16 -14.59 49.07
C ASP L 215 2.13 -13.61 48.55
N ALA L 216 1.43 -14.02 47.49
CA ALA L 216 0.42 -13.18 46.86
C ALA L 216 -0.73 -12.91 47.84
N ALA L 217 -1.12 -13.96 48.57
CA ALA L 217 -2.24 -13.86 49.49
C ALA L 217 -1.92 -12.91 50.66
N LYS L 218 -0.66 -12.93 51.08
CA LYS L 218 -0.22 -12.05 52.15
C LYS L 218 -0.13 -10.64 51.63
N LYS L 219 0.53 -10.46 50.49
CA LYS L 219 0.74 -9.12 49.96
C LYS L 219 -0.42 -8.64 49.10
N SER L 220 -1.55 -9.35 49.15
CA SER L 220 -2.71 -9.04 48.31
C SER L 220 -3.34 -7.66 48.56
N ILE L 221 -3.72 -6.99 47.48
CA ILE L 221 -4.48 -5.74 47.58
C ILE L 221 -5.99 -6.01 47.43
N GLY L 222 -6.45 -7.18 47.84
CA GLY L 222 -7.82 -7.55 47.61
C GLY L 222 -8.72 -7.08 48.73
N ALA L 223 -10.04 -7.15 48.50
CA ALA L 223 -11.00 -6.68 49.49
C ALA L 223 -11.20 -7.75 50.51
N ASP L 224 -11.40 -7.35 51.75
CA ASP L 224 -11.84 -8.30 52.75
C ASP L 224 -13.33 -8.41 52.57
N ILE L 225 -13.85 -9.62 52.69
CA ILE L 225 -15.18 -9.89 52.24
C ILE L 225 -15.78 -11.00 53.09
N SER L 226 -17.06 -10.87 53.40
CA SER L 226 -17.71 -11.77 54.34
C SER L 226 -17.82 -13.21 53.85
N GLU L 227 -18.23 -14.11 54.73
CA GLU L 227 -18.45 -15.51 54.36
C GLU L 227 -19.65 -15.64 53.45
N ASP L 228 -20.64 -14.79 53.67
CA ASP L 228 -21.81 -14.75 52.81
C ASP L 228 -21.40 -14.38 51.39
N ASP L 229 -20.51 -13.40 51.28
CA ASP L 229 -19.97 -12.99 49.99
C ASP L 229 -19.22 -14.12 49.30
N LEU L 230 -18.39 -14.84 50.06
CA LEU L 230 -17.54 -15.90 49.52
C LEU L 230 -18.28 -17.12 49.09
N SER L 231 -19.33 -17.48 49.83
CA SER L 231 -20.06 -18.71 49.55
C SER L 231 -20.77 -18.55 48.22
N ALA L 232 -21.17 -17.31 47.96
CA ALA L 232 -21.84 -16.98 46.72
C ALA L 232 -20.90 -17.33 45.58
N MET L 233 -19.68 -16.82 45.64
CA MET L 233 -18.66 -17.14 44.66
C MET L 233 -18.47 -18.64 44.51
N ARG L 234 -18.27 -19.31 45.63
CA ARG L 234 -17.98 -20.75 45.63
C ARG L 234 -19.07 -21.58 44.99
N MET L 235 -20.29 -21.03 44.96
CA MET L 235 -21.39 -21.70 44.27
C MET L 235 -21.01 -21.93 42.80
N ILE L 236 -20.56 -20.85 42.17
CA ILE L 236 -20.14 -20.88 40.77
C ILE L 236 -18.90 -21.78 40.61
N ALA L 237 -17.97 -21.67 41.55
CA ALA L 237 -16.73 -22.45 41.53
C ALA L 237 -17.02 -23.93 41.46
N ASN L 238 -17.94 -24.37 42.31
CA ASN L 238 -18.36 -25.77 42.35
C ASN L 238 -19.05 -26.24 41.10
N THR L 239 -19.84 -25.37 40.50
CA THR L 239 -20.59 -25.78 39.31
C THR L 239 -19.63 -26.04 38.19
N ILE L 240 -18.62 -25.18 38.09
CA ILE L 240 -17.58 -25.38 37.10
C ILE L 240 -16.96 -26.75 37.33
N LEU L 241 -16.70 -27.09 38.59
CA LEU L 241 -16.10 -28.38 38.89
C LEU L 241 -17.03 -29.51 38.49
N ASP L 242 -18.30 -29.42 38.89
CA ASP L 242 -19.29 -30.38 38.45
C ASP L 242 -19.37 -30.50 36.92
N LEU L 243 -19.29 -29.37 36.23
CA LEU L 243 -19.46 -29.37 34.78
C LEU L 243 -18.32 -30.07 34.01
N TYR L 244 -17.08 -29.91 34.48
CA TYR L 244 -15.93 -30.59 33.87
C TYR L 244 -16.08 -32.09 33.90
N ASN L 245 -16.59 -32.56 35.03
CA ASN L 245 -16.79 -33.97 35.24
C ASN L 245 -17.87 -34.48 34.32
N ILE L 246 -18.94 -33.71 34.23
CA ILE L 246 -20.04 -34.07 33.35
C ILE L 246 -19.53 -34.15 31.90
N ARG L 247 -18.64 -33.24 31.55
CA ARG L 247 -18.16 -33.23 30.19
C ARG L 247 -17.32 -34.43 29.92
N ARG L 248 -16.45 -34.75 30.88
CA ARG L 248 -15.57 -35.91 30.75
C ARG L 248 -16.40 -37.17 30.65
N ASN L 249 -17.44 -37.23 31.47
CA ASN L 249 -18.41 -38.30 31.43
C ASN L 249 -19.09 -38.41 30.06
N LEU L 250 -19.54 -37.29 29.52
CA LEU L 250 -20.20 -37.27 28.22
C LEU L 250 -19.25 -37.68 27.10
N ASN L 251 -18.02 -37.17 27.14
CA ASN L 251 -17.01 -37.58 26.17
C ASN L 251 -16.88 -39.08 26.13
N ASN L 252 -16.82 -39.70 27.31
CA ASN L 252 -16.66 -41.13 27.39
C ASN L 252 -17.87 -41.83 26.78
N TYR L 253 -19.05 -41.33 27.12
CA TYR L 253 -20.28 -41.87 26.56
C TYR L 253 -20.29 -41.71 25.04
N LEU L 254 -19.90 -40.53 24.57
CA LEU L 254 -19.95 -40.21 23.16
C LEU L 254 -19.12 -41.22 22.36
N GLU L 255 -17.90 -41.49 22.83
CA GLU L 255 -17.00 -42.48 22.22
C GLU L 255 -17.62 -43.86 22.05
N GLY L 256 -18.44 -44.25 23.04
CA GLY L 256 -19.10 -45.53 22.98
C GLY L 256 -19.96 -45.57 21.75
N VAL L 257 -20.95 -44.69 21.70
CA VAL L 257 -21.92 -44.73 20.63
C VAL L 257 -21.25 -44.52 19.29
N MET L 258 -20.28 -43.62 19.28
CA MET L 258 -19.69 -43.17 18.03
C MET L 258 -18.87 -44.27 17.38
N LYS L 259 -18.23 -45.11 18.19
CA LYS L 259 -17.53 -46.27 17.63
C LYS L 259 -18.54 -47.25 17.10
N GLU L 260 -19.67 -47.38 17.81
CA GLU L 260 -20.76 -48.26 17.42
C GLU L 260 -21.42 -47.90 16.10
N VAL L 261 -21.76 -46.62 15.94
CA VAL L 261 -22.61 -46.20 14.83
C VAL L 261 -21.79 -45.77 13.61
N ALA L 262 -20.56 -45.32 13.83
CA ALA L 262 -19.68 -44.88 12.73
C ALA L 262 -18.19 -44.98 13.11
N PRO L 263 -17.68 -46.22 13.14
CA PRO L 263 -16.31 -46.54 13.51
C PRO L 263 -15.27 -45.95 12.55
N ASN L 264 -15.58 -46.01 11.26
CA ASN L 264 -14.67 -45.57 10.20
C ASN L 264 -14.40 -44.08 10.28
N VAL L 265 -15.44 -43.32 10.57
CA VAL L 265 -15.27 -41.90 10.82
C VAL L 265 -14.56 -41.65 12.14
N THR L 266 -14.94 -42.37 13.19
CA THR L 266 -14.29 -42.22 14.49
C THR L 266 -12.82 -42.50 14.36
N ALA L 267 -12.51 -43.52 13.55
CA ALA L 267 -11.15 -43.90 13.30
C ALA L 267 -10.34 -42.74 12.76
N LEU L 268 -10.94 -41.98 11.84
CA LEU L 268 -10.26 -40.86 11.21
C LEU L 268 -10.13 -39.61 12.09
N VAL L 269 -11.23 -39.10 12.64
CA VAL L 269 -11.23 -37.77 13.25
C VAL L 269 -11.53 -37.79 14.74
N GLY L 270 -11.78 -38.98 15.28
CA GLY L 270 -12.14 -39.14 16.68
C GLY L 270 -13.64 -39.09 16.89
N PRO L 271 -14.12 -39.46 18.08
CA PRO L 271 -15.56 -39.50 18.30
C PRO L 271 -16.19 -38.11 18.24
N ALA L 272 -15.65 -37.17 19.02
CA ALA L 272 -16.31 -35.87 19.16
C ALA L 272 -16.40 -35.12 17.81
N LEU L 273 -15.29 -34.96 17.10
CA LEU L 273 -15.33 -34.28 15.82
C LEU L 273 -16.22 -35.04 14.82
N GLY L 274 -16.24 -36.35 14.94
CA GLY L 274 -17.12 -37.14 14.10
C GLY L 274 -18.58 -36.87 14.39
N ALA L 275 -18.93 -36.81 15.66
CA ALA L 275 -20.30 -36.55 16.06
C ALA L 275 -20.74 -35.21 15.53
N ARG L 276 -19.82 -34.26 15.64
CA ARG L 276 -20.02 -32.89 15.20
C ARG L 276 -20.40 -32.88 13.71
N LEU L 277 -19.73 -33.71 12.91
CA LEU L 277 -20.02 -33.88 11.49
C LEU L 277 -21.39 -34.49 11.23
N LEU L 278 -21.77 -35.45 12.07
CA LEU L 278 -23.10 -36.04 12.04
C LEU L 278 -24.12 -34.97 12.37
N SER L 279 -23.75 -34.14 13.35
CA SER L 279 -24.65 -33.13 13.86
C SER L 279 -25.00 -32.13 12.78
N ILE L 280 -23.99 -31.61 12.08
CA ILE L 280 -24.22 -30.62 11.04
C ILE L 280 -24.87 -31.22 9.81
N ALA L 281 -24.53 -32.47 9.53
CA ALA L 281 -25.07 -33.14 8.36
C ALA L 281 -26.50 -33.51 8.64
N GLY L 282 -26.76 -33.91 9.87
CA GLY L 282 -28.13 -34.22 10.26
C GLY L 282 -28.38 -35.66 10.61
N SER L 283 -27.67 -36.54 9.92
CA SER L 283 -27.76 -37.96 10.14
C SER L 283 -26.61 -38.53 9.36
N LEU L 284 -26.25 -39.79 9.68
CA LEU L 284 -25.16 -40.46 8.99
C LEU L 284 -25.51 -40.71 7.54
N ASP L 285 -26.78 -41.02 7.28
CA ASP L 285 -27.22 -41.25 5.90
C ASP L 285 -27.06 -40.00 5.06
N GLU L 286 -27.16 -38.84 5.71
CA GLU L 286 -26.95 -37.59 5.02
C GLU L 286 -25.46 -37.31 4.83
N LEU L 287 -24.64 -37.65 5.81
CA LEU L 287 -23.22 -37.42 5.68
C LEU L 287 -22.66 -38.24 4.52
N ALA L 288 -23.15 -39.47 4.41
CA ALA L 288 -22.75 -40.44 3.40
C ALA L 288 -23.13 -40.06 1.97
N LYS L 289 -24.15 -39.23 1.80
CA LYS L 289 -24.55 -38.84 0.46
C LYS L 289 -23.76 -37.63 -0.04
N MET L 290 -22.94 -37.03 0.81
CA MET L 290 -22.29 -35.77 0.46
C MET L 290 -20.99 -35.91 -0.32
N PRO L 291 -20.77 -35.02 -1.28
CA PRO L 291 -19.46 -34.90 -1.94
C PRO L 291 -18.44 -34.44 -0.93
N ALA L 292 -17.16 -34.68 -1.18
CA ALA L 292 -16.12 -34.27 -0.25
C ALA L 292 -16.06 -32.76 -0.18
N SER L 293 -16.34 -32.10 -1.30
CA SER L 293 -16.29 -30.65 -1.33
C SER L 293 -17.33 -30.00 -0.40
N THR L 294 -18.31 -30.77 0.06
CA THR L 294 -19.27 -30.27 1.04
C THR L 294 -18.73 -30.58 2.44
N ILE L 295 -18.30 -31.83 2.65
CA ILE L 295 -17.77 -32.27 3.94
C ILE L 295 -16.63 -31.37 4.42
N GLN L 296 -15.84 -30.90 3.49
CA GLN L 296 -14.71 -30.06 3.82
C GLN L 296 -15.15 -28.72 4.41
N VAL L 297 -16.36 -28.27 4.08
CA VAL L 297 -16.77 -26.94 4.56
C VAL L 297 -17.97 -26.98 5.48
N LEU L 298 -18.46 -28.17 5.84
CA LEU L 298 -19.51 -28.27 6.84
C LEU L 298 -19.07 -27.50 8.05
N GLY L 299 -19.94 -26.62 8.52
CA GLY L 299 -19.68 -25.86 9.72
C GLY L 299 -19.10 -24.48 9.48
N ALA L 300 -18.91 -24.13 8.21
CA ALA L 300 -18.40 -22.81 7.86
C ALA L 300 -19.36 -22.11 6.92
N GLU L 301 -20.64 -22.29 7.17
CA GLU L 301 -21.68 -21.71 6.33
C GLU L 301 -21.66 -20.22 6.36
N LYS L 302 -21.31 -19.65 7.50
CA LYS L 302 -21.32 -18.20 7.63
C LYS L 302 -20.32 -17.65 6.64
N ALA L 303 -19.09 -18.15 6.71
CA ALA L 303 -18.07 -17.68 5.78
C ALA L 303 -18.44 -18.06 4.37
N LEU L 304 -18.88 -19.29 4.18
CA LEU L 304 -19.14 -19.85 2.86
C LEU L 304 -20.19 -19.10 2.09
N PHE L 305 -21.23 -18.66 2.77
CA PHE L 305 -22.31 -17.95 2.10
C PHE L 305 -22.08 -16.45 1.95
N ARG L 306 -21.20 -15.85 2.74
CA ARG L 306 -20.82 -14.48 2.47
C ARG L 306 -19.92 -14.48 1.22
N ALA L 307 -19.11 -15.51 1.12
CA ALA L 307 -18.24 -15.66 -0.04
C ALA L 307 -19.03 -15.94 -1.31
N LEU L 308 -19.90 -16.97 -1.32
CA LEU L 308 -20.61 -17.31 -2.56
C LEU L 308 -21.56 -16.18 -2.93
N ARG L 309 -21.93 -15.35 -1.95
CA ARG L 309 -22.78 -14.20 -2.25
C ARG L 309 -21.98 -13.10 -2.94
N SER L 310 -20.75 -12.85 -2.49
CA SER L 310 -20.03 -11.66 -2.95
C SER L 310 -18.93 -12.01 -3.97
N GLY L 311 -18.77 -13.29 -4.27
CA GLY L 311 -17.68 -13.76 -5.13
C GLY L 311 -16.28 -13.71 -4.52
N GLY L 312 -16.23 -13.66 -3.18
CA GLY L 312 -14.99 -13.62 -2.42
C GLY L 312 -14.37 -15.00 -2.31
N ARG L 313 -13.50 -15.20 -1.33
CA ARG L 313 -12.83 -16.49 -1.21
C ARG L 313 -13.65 -17.46 -0.37
N PRO L 314 -13.94 -18.65 -0.91
CA PRO L 314 -14.69 -19.62 -0.11
C PRO L 314 -13.77 -20.12 0.98
N PRO L 315 -14.32 -20.63 2.08
CA PRO L 315 -13.54 -21.09 3.22
C PRO L 315 -12.80 -22.38 2.87
N LYS L 316 -11.62 -22.57 3.47
CA LYS L 316 -10.81 -23.76 3.23
C LYS L 316 -11.28 -24.94 4.04
N HIS L 317 -11.90 -24.70 5.18
CA HIS L 317 -12.27 -25.75 6.10
C HIS L 317 -13.39 -25.35 7.05
N GLY L 318 -14.25 -26.28 7.42
CA GLY L 318 -15.31 -25.98 8.35
C GLY L 318 -14.97 -26.50 9.74
N ILE L 319 -15.84 -27.37 10.24
CA ILE L 319 -15.66 -27.94 11.56
C ILE L 319 -14.41 -28.87 11.52
N ILE L 320 -14.07 -29.29 10.30
CA ILE L 320 -12.89 -30.09 10.02
C ILE L 320 -11.61 -29.41 10.51
N PHE L 321 -11.66 -28.09 10.62
CA PHE L 321 -10.56 -27.30 11.15
C PHE L 321 -10.08 -27.81 12.50
N GLN L 322 -10.96 -28.50 13.22
CA GLN L 322 -10.65 -28.97 14.56
C GLN L 322 -9.65 -30.08 14.59
N TYR L 323 -9.53 -30.82 13.50
CA TYR L 323 -8.56 -31.89 13.35
C TYR L 323 -7.14 -31.35 13.46
N PRO L 324 -6.43 -31.72 14.55
CA PRO L 324 -5.16 -31.14 15.03
C PRO L 324 -4.16 -30.91 13.90
N ALA L 325 -4.07 -31.86 12.97
CA ALA L 325 -3.22 -31.69 11.80
C ALA L 325 -3.51 -30.40 11.04
N ILE L 326 -4.71 -29.82 11.23
CA ILE L 326 -5.04 -28.59 10.51
C ILE L 326 -4.80 -27.33 11.32
N HIS L 327 -5.29 -27.26 12.55
CA HIS L 327 -5.15 -26.00 13.24
C HIS L 327 -3.76 -25.78 13.86
N THR L 328 -2.95 -26.84 13.90
CA THR L 328 -1.57 -26.77 14.41
C THR L 328 -0.53 -26.41 13.37
N SER L 329 -0.76 -26.92 12.18
CA SER L 329 0.14 -26.71 11.04
C SER L 329 0.07 -25.28 10.54
N PRO L 330 1.17 -24.79 9.96
CA PRO L 330 1.24 -23.46 9.34
C PRO L 330 0.20 -23.27 8.24
N ARG L 331 -0.21 -22.03 7.98
CA ARG L 331 -1.41 -21.77 7.18
C ARG L 331 -1.40 -22.37 5.77
N TRP L 332 -0.24 -22.45 5.13
CA TRP L 332 -0.19 -22.89 3.73
C TRP L 332 -0.44 -24.39 3.54
N GLN L 333 -0.33 -25.17 4.60
CA GLN L 333 -0.54 -26.59 4.48
C GLN L 333 -2.00 -26.98 4.63
N ARG L 334 -2.74 -26.14 5.35
CA ARG L 334 -4.06 -26.46 5.84
C ARG L 334 -5.06 -26.79 4.74
N GLY L 335 -5.09 -25.97 3.69
CA GLY L 335 -5.98 -26.22 2.57
C GLY L 335 -5.85 -27.61 1.98
N LYS L 336 -4.60 -28.05 1.84
CA LYS L 336 -4.33 -29.36 1.28
C LYS L 336 -4.67 -30.46 2.25
N ILE L 337 -4.33 -30.28 3.51
CA ILE L 337 -4.65 -31.29 4.50
C ILE L 337 -6.17 -31.42 4.60
N ALA L 338 -6.87 -30.28 4.57
CA ALA L 338 -8.33 -30.27 4.64
C ALA L 338 -8.92 -31.02 3.46
N ARG L 339 -8.43 -30.74 2.25
CA ARG L 339 -8.90 -31.44 1.06
C ARG L 339 -8.76 -32.95 1.21
N ALA L 340 -7.68 -33.34 1.88
CA ALA L 340 -7.40 -34.74 2.14
C ALA L 340 -8.36 -35.33 3.14
N LEU L 341 -8.63 -34.60 4.22
CA LEU L 341 -9.50 -35.16 5.24
C LEU L 341 -10.88 -35.43 4.68
N ALA L 342 -11.46 -34.44 4.01
CA ALA L 342 -12.82 -34.55 3.47
C ALA L 342 -12.94 -35.75 2.59
N ALA L 343 -11.92 -35.95 1.75
CA ALA L 343 -11.88 -37.06 0.81
C ALA L 343 -12.00 -38.40 1.53
N LYS L 344 -11.20 -38.60 2.57
CA LYS L 344 -11.24 -39.85 3.32
C LYS L 344 -12.53 -40.00 4.12
N LEU L 345 -12.95 -38.90 4.75
CA LEU L 345 -14.21 -38.81 5.51
C LEU L 345 -15.42 -39.15 4.64
N ALA L 346 -15.43 -38.64 3.43
CA ALA L 346 -16.53 -38.96 2.54
C ALA L 346 -16.62 -40.46 2.35
N ILE L 347 -15.47 -41.11 2.14
CA ILE L 347 -15.37 -42.57 2.00
C ILE L 347 -15.68 -43.33 3.30
N ALA L 348 -15.06 -42.89 4.39
CA ALA L 348 -15.29 -43.49 5.69
C ALA L 348 -16.79 -43.46 6.04
N ALA L 349 -17.44 -42.33 5.75
CA ALA L 349 -18.87 -42.17 6.02
C ALA L 349 -19.73 -43.09 5.17
N ARG L 350 -19.37 -43.30 3.91
CA ARG L 350 -20.16 -44.16 3.04
C ARG L 350 -20.04 -45.63 3.45
N VAL L 351 -18.87 -46.06 3.86
CA VAL L 351 -18.74 -47.45 4.31
C VAL L 351 -19.42 -47.63 5.67
N ASP L 352 -19.44 -46.60 6.51
CA ASP L 352 -20.12 -46.69 7.81
C ASP L 352 -21.61 -46.84 7.66
N ALA L 353 -22.13 -46.14 6.68
CA ALA L 353 -23.54 -46.06 6.43
C ALA L 353 -24.09 -47.25 5.67
N PHE L 354 -23.39 -47.67 4.62
CA PHE L 354 -23.92 -48.70 3.74
C PHE L 354 -23.54 -50.17 4.05
N SER L 355 -22.61 -50.41 4.97
CA SER L 355 -22.30 -51.77 5.37
C SER L 355 -21.97 -51.84 6.85
N GLY L 356 -20.95 -51.09 7.25
CA GLY L 356 -20.49 -51.05 8.62
C GLY L 356 -19.16 -51.76 8.80
N ARG L 357 -18.70 -52.41 7.72
CA ARG L 357 -17.38 -53.04 7.69
C ARG L 357 -16.28 -51.99 7.99
N PHE L 358 -15.21 -52.41 8.65
CA PHE L 358 -14.19 -51.47 9.12
C PHE L 358 -13.01 -51.40 8.16
N ILE L 359 -12.65 -50.19 7.73
CA ILE L 359 -11.45 -50.01 6.92
C ILE L 359 -10.78 -48.72 7.40
N GLY L 360 -11.11 -48.35 8.63
CA GLY L 360 -10.63 -47.11 9.19
C GLY L 360 -9.13 -47.09 9.33
N ASP L 361 -8.53 -48.28 9.41
CA ASP L 361 -7.09 -48.41 9.58
C ASP L 361 -6.26 -48.02 8.35
N GLN L 362 -6.64 -48.57 7.19
CA GLN L 362 -5.97 -48.22 5.95
C GLN L 362 -6.37 -46.80 5.55
N LEU L 363 -7.58 -46.39 5.91
CA LEU L 363 -8.03 -45.05 5.57
C LEU L 363 -7.18 -44.02 6.28
N ASN L 364 -6.93 -44.27 7.56
CA ASN L 364 -6.02 -43.49 8.35
C ASN L 364 -4.62 -43.48 7.82
N GLU L 365 -4.14 -44.64 7.39
CA GLU L 365 -2.79 -44.77 6.88
C GLU L 365 -2.56 -43.94 5.62
N GLN L 366 -3.46 -44.07 4.65
CA GLN L 366 -3.39 -43.32 3.41
C GLN L 366 -3.32 -41.85 3.71
N LEU L 367 -4.14 -41.43 4.68
CA LEU L 367 -4.23 -40.05 5.09
C LEU L 367 -2.92 -39.54 5.69
N LYS L 368 -2.40 -40.27 6.69
CA LYS L 368 -1.16 -39.86 7.33
C LYS L 368 0.00 -39.83 6.35
N LYS L 369 -0.09 -40.63 5.30
CA LYS L 369 0.86 -40.50 4.18
C LYS L 369 0.71 -39.14 3.52
N ARG L 370 -0.50 -38.88 3.03
CA ARG L 370 -0.78 -37.69 2.25
C ARG L 370 -0.41 -36.43 3.04
N ILE L 371 -0.48 -36.50 4.36
CA ILE L 371 -0.13 -35.34 5.17
C ILE L 371 1.38 -35.14 5.13
N ASP L 372 2.10 -36.27 5.15
CA ASP L 372 3.57 -36.28 5.13
C ASP L 372 4.14 -35.68 3.85
N GLU L 373 3.58 -36.06 2.72
CA GLU L 373 3.99 -35.56 1.42
C GLU L 373 3.82 -34.04 1.42
N ILE L 374 2.67 -33.59 1.91
CA ILE L 374 2.34 -32.17 2.03
C ILE L 374 3.30 -31.44 2.95
N LYS L 375 3.56 -32.06 4.10
CA LYS L 375 4.45 -31.47 5.10
C LYS L 375 5.90 -31.38 4.61
N GLU L 376 6.26 -32.21 3.63
CA GLU L 376 7.55 -32.07 2.98
C GLU L 376 7.40 -31.01 1.88
N LYS L 377 7.07 -29.80 2.34
CA LYS L 377 6.92 -28.59 1.54
C LYS L 377 6.84 -27.35 2.45
N ALA M 7 -26.84 24.79 53.33
CA ALA M 7 -27.03 23.40 52.87
C ALA M 7 -25.76 22.80 52.24
N SER M 8 -25.76 21.48 52.11
CA SER M 8 -24.51 20.70 51.99
C SER M 8 -23.93 20.49 50.60
N TYR M 9 -24.78 20.46 49.58
CA TYR M 9 -24.27 20.41 48.22
C TYR M 9 -23.94 21.83 47.80
N VAL M 10 -24.22 22.78 48.69
CA VAL M 10 -23.93 24.18 48.41
C VAL M 10 -22.50 24.44 48.80
N LYS M 11 -21.66 24.56 47.78
CA LYS M 11 -20.22 24.59 47.95
C LYS M 11 -19.70 25.93 48.44
N PHE M 12 -20.24 27.04 47.92
CA PHE M 12 -19.81 28.35 48.42
C PHE M 12 -20.95 29.34 48.64
N GLU M 13 -20.60 30.52 49.17
CA GLU M 13 -21.58 31.54 49.50
C GLU M 13 -21.71 32.59 48.42
N VAL M 14 -22.92 32.76 47.94
CA VAL M 14 -23.18 33.74 46.92
C VAL M 14 -23.77 34.98 47.56
N PRO M 15 -23.03 36.10 47.46
CA PRO M 15 -23.58 37.37 47.89
C PRO M 15 -24.83 37.64 47.07
N GLN M 16 -25.88 38.13 47.70
CA GLN M 16 -27.13 38.22 46.98
C GLN M 16 -27.16 39.30 45.89
N ASP M 17 -26.17 40.20 45.83
CA ASP M 17 -26.06 41.07 44.65
C ASP M 17 -25.65 40.28 43.43
N LEU M 18 -24.78 39.29 43.63
CA LEU M 18 -24.36 38.36 42.58
C LEU M 18 -25.50 37.46 42.14
N ALA M 19 -26.11 36.80 43.11
CA ALA M 19 -27.27 35.95 42.88
C ALA M 19 -28.29 36.69 42.05
N ASP M 20 -28.36 38.00 42.25
CA ASP M 20 -29.30 38.83 41.50
C ASP M 20 -28.74 39.10 40.12
N LYS M 21 -27.42 39.26 40.07
CA LYS M 21 -26.69 39.49 38.83
C LYS M 21 -26.85 38.26 37.94
N VAL M 22 -26.90 37.09 38.56
CA VAL M 22 -27.10 35.81 37.90
C VAL M 22 -28.47 35.71 37.21
N LEU M 23 -29.54 35.75 37.99
CA LEU M 23 -30.91 35.66 37.48
C LEU M 23 -31.18 36.58 36.30
N GLU M 24 -30.52 37.74 36.27
CA GLU M 24 -30.67 38.64 35.14
C GLU M 24 -29.96 38.11 33.89
N ALA M 25 -28.77 37.53 34.07
CA ALA M 25 -28.00 36.93 32.96
C ALA M 25 -28.74 35.76 32.31
N VAL M 26 -29.49 35.01 33.12
CA VAL M 26 -30.27 33.91 32.61
C VAL M 26 -31.34 34.45 31.66
N ARG M 27 -32.11 35.43 32.13
CA ARG M 27 -33.21 36.04 31.36
C ARG M 27 -32.74 36.64 30.02
N LYS M 28 -31.60 37.33 30.05
CA LYS M 28 -31.02 37.89 28.84
C LYS M 28 -30.64 36.78 27.87
N ALA M 29 -30.36 35.61 28.42
CA ALA M 29 -29.98 34.50 27.58
C ALA M 29 -31.19 33.85 26.88
N LYS M 30 -32.36 33.82 27.51
CA LYS M 30 -33.57 33.31 26.83
C LYS M 30 -33.87 34.08 25.57
N GLU M 31 -33.70 35.40 25.66
CA GLU M 31 -34.01 36.26 24.55
C GLU M 31 -32.85 36.27 23.54
N SER M 32 -31.63 36.49 24.01
CA SER M 32 -30.52 36.70 23.08
C SER M 32 -29.64 35.47 22.81
N GLY M 33 -29.70 34.48 23.70
CA GLY M 33 -28.83 33.32 23.56
C GLY M 33 -29.58 32.01 23.60
N LYS M 34 -28.94 31.01 24.20
CA LYS M 34 -29.52 29.68 24.33
C LYS M 34 -29.36 29.21 25.78
N ILE M 35 -30.46 28.78 26.41
CA ILE M 35 -30.34 28.14 27.70
C ILE M 35 -31.08 26.81 27.79
N LYS M 36 -30.68 26.04 28.80
CA LYS M 36 -31.27 24.75 29.09
C LYS M 36 -31.78 24.89 30.51
N LYS M 37 -32.94 24.29 30.77
CA LYS M 37 -33.58 24.42 32.06
C LYS M 37 -34.03 23.06 32.56
N GLY M 38 -33.80 22.79 33.85
CA GLY M 38 -34.21 21.53 34.45
C GLY M 38 -32.99 20.67 34.72
N THR M 39 -32.98 19.94 35.83
CA THR M 39 -31.78 19.20 36.20
C THR M 39 -31.29 18.15 35.18
N ASN M 40 -32.20 17.44 34.53
CA ASN M 40 -31.73 16.46 33.58
C ASN M 40 -31.15 17.10 32.31
N GLU M 41 -31.79 18.12 31.76
CA GLU M 41 -31.22 18.73 30.58
C GLU M 41 -29.90 19.45 30.91
N THR M 42 -29.82 20.01 32.11
CA THR M 42 -28.61 20.71 32.53
C THR M 42 -27.43 19.75 32.59
N THR M 43 -27.69 18.55 33.10
CA THR M 43 -26.66 17.51 33.23
C THR M 43 -26.10 17.17 31.85
N LYS M 44 -27.00 16.90 30.90
CA LYS M 44 -26.58 16.59 29.54
C LYS M 44 -25.76 17.75 28.96
N ALA M 45 -26.10 18.97 29.38
CA ALA M 45 -25.43 20.19 28.92
C ALA M 45 -23.99 20.26 29.43
N VAL M 46 -23.77 19.69 30.61
CA VAL M 46 -22.47 19.64 31.24
C VAL M 46 -21.63 18.52 30.64
N GLU M 47 -22.26 17.36 30.54
CA GLU M 47 -21.62 16.20 29.96
C GLU M 47 -21.14 16.43 28.51
N ARG M 48 -21.88 17.25 27.76
CA ARG M 48 -21.54 17.60 26.37
C ARG M 48 -20.65 18.86 26.24
N GLY M 49 -20.27 19.44 27.39
CA GLY M 49 -19.41 20.61 27.42
C GLY M 49 -20.01 21.83 26.74
N GLN M 50 -21.34 21.88 26.71
CA GLN M 50 -22.02 22.95 26.02
C GLN M 50 -22.24 24.11 26.99
N ALA M 51 -22.44 23.78 28.27
CA ALA M 51 -22.75 24.80 29.27
C ALA M 51 -21.53 25.68 29.48
N LYS M 52 -21.74 26.99 29.51
CA LYS M 52 -20.66 27.91 29.83
C LYS M 52 -20.84 28.31 31.27
N LEU M 53 -22.08 28.21 31.76
CA LEU M 53 -22.39 28.49 33.15
C LEU M 53 -23.55 27.67 33.64
N VAL M 54 -23.37 27.01 34.78
CA VAL M 54 -24.44 26.23 35.39
C VAL M 54 -25.02 26.87 36.67
N ILE M 55 -26.34 27.03 36.71
CA ILE M 55 -26.99 27.59 37.90
C ILE M 55 -27.68 26.51 38.72
N ILE M 56 -27.37 26.43 40.00
CA ILE M 56 -28.02 25.48 40.90
C ILE M 56 -28.78 26.26 41.98
N ALA M 57 -30.02 25.88 42.24
CA ALA M 57 -30.80 26.53 43.29
C ALA M 57 -30.41 25.97 44.65
N GLU M 58 -30.51 26.78 45.69
CA GLU M 58 -30.02 26.39 47.01
C GLU M 58 -31.08 25.66 47.82
N ASP M 59 -32.34 25.77 47.40
CA ASP M 59 -33.46 25.22 48.16
C ASP M 59 -34.12 23.97 47.57
N VAL M 60 -33.32 23.00 47.14
CA VAL M 60 -33.88 21.81 46.52
C VAL M 60 -34.13 20.75 47.58
N GLN M 61 -35.25 20.04 47.47
CA GLN M 61 -35.55 18.97 48.40
C GLN M 61 -36.20 17.80 47.68
N PRO M 62 -35.60 16.58 47.76
CA PRO M 62 -34.40 16.20 48.52
C PRO M 62 -33.10 16.79 47.95
N GLU M 63 -32.14 17.12 48.81
CA GLU M 63 -30.96 17.88 48.38
C GLU M 63 -30.16 17.22 47.26
N GLU M 64 -30.22 15.89 47.17
CA GLU M 64 -29.38 15.10 46.25
C GLU M 64 -29.69 15.21 44.75
N ILE M 65 -30.90 15.63 44.40
CA ILE M 65 -31.32 15.81 43.01
C ILE M 65 -30.35 16.67 42.20
N VAL M 66 -29.60 17.54 42.88
CA VAL M 66 -28.58 18.33 42.21
C VAL M 66 -27.16 18.08 42.75
N ALA M 67 -27.03 17.13 43.66
CA ALA M 67 -25.76 16.88 44.32
C ALA M 67 -24.62 16.52 43.36
N HIS M 68 -24.96 16.05 42.18
CA HIS M 68 -23.96 15.59 41.24
C HIS M 68 -23.36 16.71 40.39
N LEU M 69 -24.09 17.81 40.26
CA LEU M 69 -23.66 18.91 39.38
C LEU M 69 -22.31 19.55 39.76
N PRO M 70 -22.01 19.67 41.06
CA PRO M 70 -20.65 20.14 41.37
C PRO M 70 -19.49 19.22 40.89
N LEU M 71 -19.57 17.90 41.13
CA LEU M 71 -18.56 16.98 40.60
C LEU M 71 -18.43 17.08 39.09
N LEU M 72 -19.57 17.09 38.42
CA LEU M 72 -19.60 17.09 36.97
C LEU M 72 -19.00 18.33 36.36
N CYS M 73 -19.27 19.46 37.02
CA CYS M 73 -18.82 20.75 36.52
C CYS M 73 -17.34 20.89 36.76
N ASP M 74 -16.87 20.17 37.77
CA ASP M 74 -15.47 20.21 38.12
C ASP M 74 -14.70 19.36 37.10
N GLU M 75 -15.29 18.24 36.69
CA GLU M 75 -14.69 17.36 35.68
C GLU M 75 -14.52 18.05 34.33
N LYS M 76 -15.58 18.70 33.84
CA LYS M 76 -15.48 19.40 32.56
C LYS M 76 -14.93 20.81 32.73
N LYS M 77 -14.63 21.17 33.98
CA LYS M 77 -14.14 22.51 34.32
C LYS M 77 -15.07 23.59 33.75
N ILE M 78 -16.37 23.37 34.01
CA ILE M 78 -17.45 24.32 33.73
C ILE M 78 -17.88 25.00 35.02
N PRO M 79 -17.99 26.35 35.03
CA PRO M 79 -18.34 27.11 36.23
C PRO M 79 -19.81 27.02 36.67
N TYR M 80 -20.01 27.02 37.98
CA TYR M 80 -21.37 26.97 38.51
C TYR M 80 -21.60 28.03 39.62
N VAL M 81 -22.84 28.49 39.75
CA VAL M 81 -23.21 29.51 40.73
C VAL M 81 -24.45 29.04 41.43
N TYR M 82 -24.69 29.52 42.64
CA TYR M 82 -25.95 29.18 43.29
C TYR M 82 -26.94 30.35 43.29
N VAL M 83 -28.23 30.04 43.29
CA VAL M 83 -29.25 31.05 43.56
C VAL M 83 -30.16 30.52 44.67
N SER M 84 -30.89 31.42 45.33
CA SER M 84 -31.57 31.06 46.56
C SER M 84 -32.91 30.33 46.39
N SER M 85 -33.73 30.77 45.45
CA SER M 85 -35.05 30.16 45.31
C SER M 85 -35.18 29.48 43.96
N LYS M 86 -35.70 28.27 43.96
CA LYS M 86 -35.94 27.57 42.71
C LYS M 86 -37.18 28.08 41.99
N LYS M 87 -38.12 28.68 42.72
CA LYS M 87 -39.24 29.31 42.06
C LYS M 87 -38.74 30.57 41.34
N ALA M 88 -37.73 31.21 41.90
CA ALA M 88 -37.13 32.38 41.30
C ALA M 88 -36.51 32.05 39.96
N LEU M 89 -35.72 30.98 39.94
CA LEU M 89 -34.97 30.54 38.78
C LEU M 89 -35.87 30.04 37.66
N GLY M 90 -36.87 29.23 38.02
CA GLY M 90 -37.80 28.69 37.05
C GLY M 90 -38.50 29.84 36.35
N GLU M 91 -38.93 30.81 37.14
CA GLU M 91 -39.64 31.98 36.67
C GLU M 91 -38.72 32.89 35.89
N ALA M 92 -37.44 32.89 36.26
CA ALA M 92 -36.42 33.55 35.48
C ALA M 92 -36.32 32.88 34.13
N CYS M 93 -36.32 31.55 34.15
CA CYS M 93 -36.11 30.75 32.94
C CYS M 93 -37.23 30.86 31.91
N GLY M 94 -38.34 31.46 32.31
CA GLY M 94 -39.49 31.59 31.44
C GLY M 94 -40.49 30.48 31.68
N LEU M 95 -40.36 29.83 32.82
CA LEU M 95 -41.32 28.78 33.16
C LEU M 95 -42.22 29.39 34.20
N GLN M 96 -43.36 28.78 34.40
CA GLN M 96 -44.23 29.27 35.43
C GLN M 96 -44.28 28.28 36.58
N VAL M 97 -43.36 27.32 36.50
CA VAL M 97 -43.05 26.37 37.58
C VAL M 97 -41.61 26.61 38.07
N ALA M 98 -41.20 25.94 39.14
CA ALA M 98 -39.81 26.04 39.63
C ALA M 98 -38.80 25.13 38.89
N THR M 99 -37.53 25.51 38.92
CA THR M 99 -36.47 24.67 38.33
C THR M 99 -35.23 24.60 39.23
N ALA M 100 -34.78 23.38 39.52
CA ALA M 100 -33.75 23.19 40.51
C ALA M 100 -32.39 23.61 39.97
N SER M 101 -32.24 23.56 38.65
CA SER M 101 -30.98 23.94 38.03
C SER M 101 -31.18 24.32 36.57
N ALA M 102 -30.23 25.06 36.04
CA ALA M 102 -30.25 25.39 34.63
C ALA M 102 -28.87 25.79 34.18
N ALA M 103 -28.67 25.93 32.88
CA ALA M 103 -27.37 26.31 32.41
C ALA M 103 -27.49 27.16 31.18
N ILE M 104 -26.52 28.03 30.98
CA ILE M 104 -26.46 28.84 29.78
C ILE M 104 -25.51 28.21 28.78
N LEU M 105 -26.00 27.89 27.59
CA LEU M 105 -25.18 27.34 26.52
C LEU M 105 -24.63 28.45 25.64
N GLU M 106 -25.45 29.47 25.38
CA GLU M 106 -25.05 30.64 24.62
C GLU M 106 -25.48 31.90 25.36
N PRO M 107 -24.53 32.77 25.71
CA PRO M 107 -24.87 33.92 26.56
C PRO M 107 -25.70 34.95 25.81
N GLY M 108 -25.41 35.08 24.52
CA GLY M 108 -26.02 36.12 23.71
C GLY M 108 -25.63 37.46 24.26
N GLU M 109 -26.64 38.30 24.52
CA GLU M 109 -26.42 39.63 25.08
C GLU M 109 -26.33 39.58 26.60
N ALA M 110 -25.59 38.60 27.09
CA ALA M 110 -25.34 38.45 28.51
C ALA M 110 -23.87 38.08 28.63
N LYS M 111 -23.20 38.08 27.48
CA LYS M 111 -21.79 37.72 27.38
C LYS M 111 -20.97 38.37 28.47
N ASP M 112 -21.00 39.70 28.52
CA ASP M 112 -20.23 40.47 29.49
C ASP M 112 -20.69 40.18 30.91
N LEU M 113 -21.99 40.01 31.08
CA LEU M 113 -22.56 39.72 32.39
C LEU M 113 -22.14 38.34 32.89
N VAL M 114 -22.21 37.34 32.00
CA VAL M 114 -21.85 35.98 32.35
C VAL M 114 -20.36 35.92 32.68
N ASP M 115 -19.57 36.68 31.94
CA ASP M 115 -18.12 36.76 32.18
C ASP M 115 -17.76 37.31 33.58
N GLU M 116 -18.51 38.30 34.06
CA GLU M 116 -18.26 38.87 35.39
C GLU M 116 -18.73 37.91 36.48
N ILE M 117 -19.81 37.19 36.20
CA ILE M 117 -20.30 36.19 37.13
C ILE M 117 -19.26 35.10 37.32
N ILE M 118 -18.77 34.55 36.21
CA ILE M 118 -17.82 33.45 36.28
C ILE M 118 -16.51 33.92 36.88
N LYS M 119 -16.28 35.22 36.86
CA LYS M 119 -15.00 35.71 37.32
C LYS M 119 -15.09 36.13 38.76
N ARG M 120 -16.28 36.48 39.23
CA ARG M 120 -16.45 36.82 40.63
C ARG M 120 -16.62 35.59 41.51
N VAL M 121 -17.18 34.51 40.97
CA VAL M 121 -17.29 33.29 41.75
C VAL M 121 -15.93 32.62 41.77
N ASN M 122 -15.11 32.91 40.76
CA ASN M 122 -13.74 32.46 40.80
C ASN M 122 -12.98 33.21 41.87
N GLU M 123 -13.40 34.44 42.16
CA GLU M 123 -12.70 35.21 43.19
C GLU M 123 -12.98 34.61 44.55
N ILE M 124 -14.26 34.36 44.84
CA ILE M 124 -14.68 33.87 46.16
C ILE M 124 -14.35 32.41 46.35
N LYS M 125 -13.95 31.80 45.25
CA LYS M 125 -13.52 30.40 45.19
C LYS M 125 -12.04 30.33 45.57
N GLY M 126 -11.41 31.52 45.56
CA GLY M 126 -10.01 31.74 45.91
C GLY M 126 -8.95 31.65 44.81
N LYS M 127 -9.25 32.17 43.61
CA LYS M 127 -8.35 32.01 42.46
C LYS M 127 -7.62 33.28 42.04
N THR M 128 -6.31 33.17 41.81
CA THR M 128 -5.53 34.31 41.34
C THR M 128 -5.18 34.16 39.86
N ALA N 7 -21.84 -57.60 -7.55
CA ALA N 7 -21.73 -56.56 -6.52
C ALA N 7 -23.08 -55.95 -6.17
N SER N 8 -23.14 -55.30 -5.02
CA SER N 8 -24.44 -55.05 -4.38
C SER N 8 -25.08 -53.71 -4.73
N TYR N 9 -24.28 -52.71 -5.07
CA TYR N 9 -24.82 -51.45 -5.53
C TYR N 9 -25.14 -51.54 -7.02
N VAL N 10 -24.88 -52.69 -7.62
CA VAL N 10 -25.23 -52.87 -9.02
C VAL N 10 -26.67 -53.38 -9.05
N LYS N 11 -27.58 -52.50 -9.44
CA LYS N 11 -29.02 -52.73 -9.31
C LYS N 11 -29.60 -53.61 -10.40
N PHE N 12 -29.13 -53.42 -11.63
CA PHE N 12 -29.62 -54.22 -12.75
C PHE N 12 -28.45 -54.72 -13.57
N GLU N 13 -28.70 -55.58 -14.55
CA GLU N 13 -27.63 -56.20 -15.29
C GLU N 13 -27.42 -55.61 -16.69
N VAL N 14 -26.20 -55.14 -16.99
CA VAL N 14 -25.94 -54.58 -18.30
C VAL N 14 -25.25 -55.54 -19.25
N PRO N 15 -25.92 -55.90 -20.34
CA PRO N 15 -25.31 -56.67 -21.42
C PRO N 15 -24.19 -55.85 -22.04
N GLN N 16 -23.08 -56.49 -22.37
CA GLN N 16 -21.85 -55.80 -22.78
C GLN N 16 -21.92 -55.09 -24.12
N ASP N 17 -22.96 -55.37 -24.89
CA ASP N 17 -23.22 -54.59 -26.08
C ASP N 17 -23.59 -53.17 -25.68
N LEU N 18 -24.40 -53.05 -24.64
CA LEU N 18 -24.82 -51.76 -24.09
C LEU N 18 -23.67 -51.01 -23.40
N ALA N 19 -22.99 -51.70 -22.49
CA ALA N 19 -21.84 -51.14 -21.79
C ALA N 19 -20.82 -50.55 -22.76
N ASP N 20 -20.67 -51.18 -23.91
CA ASP N 20 -19.73 -50.72 -24.92
C ASP N 20 -20.33 -49.53 -25.63
N LYS N 21 -21.64 -49.58 -25.80
CA LYS N 21 -22.37 -48.48 -26.38
C LYS N 21 -22.26 -47.25 -25.47
N VAL N 22 -22.22 -47.51 -24.16
CA VAL N 22 -22.05 -46.46 -23.17
C VAL N 22 -20.72 -45.74 -23.33
N LEU N 23 -19.63 -46.48 -23.11
CA LEU N 23 -18.27 -45.95 -23.17
C LEU N 23 -18.03 -45.08 -24.39
N GLU N 24 -18.68 -45.44 -25.49
CA GLU N 24 -18.59 -44.66 -26.71
C GLU N 24 -19.36 -43.36 -26.60
N ALA N 25 -20.54 -43.42 -25.98
CA ALA N 25 -21.34 -42.21 -25.79
C ALA N 25 -20.58 -41.21 -24.94
N VAL N 26 -19.81 -41.75 -24.00
CA VAL N 26 -18.95 -40.95 -23.15
C VAL N 26 -17.86 -40.28 -23.99
N ARG N 27 -17.14 -41.06 -24.79
CA ARG N 27 -16.03 -40.53 -25.58
C ARG N 27 -16.45 -39.41 -26.51
N LYS N 28 -17.56 -39.60 -27.21
CA LYS N 28 -18.10 -38.59 -28.11
C LYS N 28 -18.53 -37.34 -27.34
N ALA N 29 -18.86 -37.52 -26.07
CA ALA N 29 -19.30 -36.40 -25.25
C ALA N 29 -18.11 -35.52 -24.84
N LYS N 30 -16.92 -36.11 -24.68
CA LYS N 30 -15.74 -35.29 -24.42
C LYS N 30 -15.47 -34.28 -25.52
N GLU N 31 -15.57 -34.74 -26.77
CA GLU N 31 -15.26 -33.90 -27.92
C GLU N 31 -16.41 -32.96 -28.21
N SER N 32 -17.62 -33.50 -28.27
CA SER N 32 -18.77 -32.73 -28.72
C SER N 32 -19.65 -32.16 -27.62
N GLY N 33 -19.53 -32.70 -26.40
CA GLY N 33 -20.39 -32.22 -25.32
C GLY N 33 -19.66 -31.83 -24.06
N LYS N 34 -20.33 -32.05 -22.93
CA LYS N 34 -19.80 -31.69 -21.62
C LYS N 34 -19.93 -32.88 -20.67
N ILE N 35 -18.82 -33.28 -20.05
CA ILE N 35 -18.87 -34.32 -19.01
C ILE N 35 -18.15 -33.98 -17.71
N LYS N 36 -18.54 -34.71 -16.67
CA LYS N 36 -17.94 -34.63 -15.36
C LYS N 36 -17.44 -36.03 -15.07
N LYS N 37 -16.25 -36.09 -14.49
CA LYS N 37 -15.58 -37.37 -14.23
C LYS N 37 -15.06 -37.39 -12.81
N GLY N 38 -15.32 -38.50 -12.12
CA GLY N 38 -14.92 -38.65 -10.73
C GLY N 38 -16.15 -38.65 -9.82
N THR N 39 -16.11 -39.49 -8.79
CA THR N 39 -17.28 -39.71 -7.95
C THR N 39 -17.74 -38.45 -7.25
N ASN N 40 -16.84 -37.58 -6.82
CA ASN N 40 -17.32 -36.35 -6.19
C ASN N 40 -17.97 -35.37 -7.20
N GLU N 41 -17.37 -35.17 -8.37
CA GLU N 41 -18.00 -34.26 -9.32
C GLU N 41 -19.32 -34.83 -9.84
N THR N 42 -19.39 -36.15 -9.95
CA THR N 42 -20.59 -36.84 -10.39
C THR N 42 -21.71 -36.62 -9.40
N THR N 43 -21.39 -36.72 -8.12
CA THR N 43 -22.38 -36.49 -7.08
C THR N 43 -22.89 -35.06 -7.15
N LYS N 44 -21.99 -34.09 -7.21
CA LYS N 44 -22.44 -32.71 -7.33
C LYS N 44 -23.31 -32.52 -8.58
N ALA N 45 -23.01 -33.23 -9.65
CA ALA N 45 -23.76 -33.08 -10.89
C ALA N 45 -25.20 -33.62 -10.76
N VAL N 46 -25.38 -34.61 -9.91
CA VAL N 46 -26.71 -35.18 -9.71
C VAL N 46 -27.49 -34.30 -8.76
N GLU N 47 -26.83 -33.93 -7.67
CA GLU N 47 -27.43 -33.04 -6.68
C GLU N 47 -27.89 -31.73 -7.30
N ARG N 48 -27.18 -31.26 -8.32
CA ARG N 48 -27.54 -30.04 -9.02
C ARG N 48 -28.50 -30.25 -10.17
N GLY N 49 -28.89 -31.50 -10.39
CA GLY N 49 -29.82 -31.82 -11.47
C GLY N 49 -29.25 -31.48 -12.84
N GLN N 50 -27.92 -31.53 -12.97
CA GLN N 50 -27.27 -31.23 -14.24
C GLN N 50 -27.02 -32.47 -15.09
N ALA N 51 -26.80 -33.62 -14.44
CA ALA N 51 -26.46 -34.87 -15.14
C ALA N 51 -27.63 -35.38 -15.95
N LYS N 52 -27.37 -35.81 -17.18
CA LYS N 52 -28.39 -36.44 -18.01
C LYS N 52 -28.22 -37.96 -17.99
N LEU N 53 -26.99 -38.41 -17.71
CA LEU N 53 -26.72 -39.83 -17.59
C LEU N 53 -25.59 -40.02 -16.60
N VAL N 54 -25.78 -40.91 -15.63
CA VAL N 54 -24.73 -41.24 -14.68
C VAL N 54 -24.18 -42.66 -14.93
N ILE N 55 -22.86 -42.80 -15.11
CA ILE N 55 -22.22 -44.10 -15.35
C ILE N 55 -21.47 -44.60 -14.11
N ILE N 56 -21.75 -45.80 -13.64
CA ILE N 56 -21.06 -46.34 -12.46
C ILE N 56 -20.25 -47.58 -12.83
N ALA N 57 -19.02 -47.69 -12.32
CA ALA N 57 -18.21 -48.88 -12.59
C ALA N 57 -18.61 -50.03 -11.68
N GLU N 58 -18.49 -51.27 -12.18
CA GLU N 58 -18.95 -52.42 -11.40
C GLU N 58 -17.85 -52.96 -10.50
N ASP N 59 -16.62 -52.55 -10.77
CA ASP N 59 -15.46 -53.05 -10.04
C ASP N 59 -14.88 -52.05 -9.06
N VAL N 60 -15.72 -51.37 -8.29
CA VAL N 60 -15.19 -50.37 -7.36
C VAL N 60 -14.94 -50.98 -5.98
N GLN N 61 -13.80 -50.67 -5.37
CA GLN N 61 -13.51 -51.17 -4.03
C GLN N 61 -12.74 -50.16 -3.18
N PRO N 62 -13.26 -49.83 -1.96
CA PRO N 62 -14.45 -50.51 -1.41
C PRO N 62 -15.71 -50.15 -2.18
N GLU N 63 -16.62 -51.11 -2.32
CA GLU N 63 -17.78 -50.90 -3.20
C GLU N 63 -18.61 -49.68 -2.79
N GLU N 64 -18.52 -49.29 -1.52
CA GLU N 64 -19.37 -48.24 -0.99
C GLU N 64 -19.12 -46.85 -1.59
N ILE N 65 -17.93 -46.64 -2.13
CA ILE N 65 -17.59 -45.35 -2.70
C ILE N 65 -18.60 -44.88 -3.74
N VAL N 66 -19.34 -45.79 -4.35
CA VAL N 66 -20.39 -45.37 -5.28
C VAL N 66 -21.79 -45.83 -4.84
N ALA N 67 -21.87 -46.43 -3.66
CA ALA N 67 -23.12 -47.04 -3.17
C ALA N 67 -24.29 -46.06 -3.08
N HIS N 68 -23.96 -44.78 -2.98
CA HIS N 68 -24.96 -43.75 -2.81
C HIS N 68 -25.53 -43.23 -4.13
N LEU N 69 -24.81 -43.41 -5.24
CA LEU N 69 -25.27 -42.80 -6.49
C LEU N 69 -26.65 -43.26 -7.01
N PRO N 70 -26.97 -44.56 -6.90
CA PRO N 70 -28.33 -44.96 -7.30
C PRO N 70 -29.46 -44.27 -6.53
N LEU N 71 -29.30 -44.18 -5.21
CA LEU N 71 -30.26 -43.49 -4.34
C LEU N 71 -30.46 -42.05 -4.83
N LEU N 72 -29.34 -41.37 -5.12
CA LEU N 72 -29.35 -39.99 -5.58
C LEU N 72 -29.99 -39.85 -6.94
N CYS N 73 -29.73 -40.82 -7.79
CA CYS N 73 -30.21 -40.75 -9.14
C CYS N 73 -31.72 -40.99 -9.18
N ASP N 74 -32.26 -41.73 -8.21
CA ASP N 74 -33.69 -41.93 -8.20
C ASP N 74 -34.40 -40.68 -7.70
N GLU N 75 -33.84 -39.99 -6.71
CA GLU N 75 -34.43 -38.75 -6.21
C GLU N 75 -34.54 -37.70 -7.30
N LYS N 76 -33.47 -37.48 -8.05
CA LYS N 76 -33.53 -36.49 -9.12
C LYS N 76 -34.05 -37.09 -10.43
N LYS N 77 -34.43 -38.37 -10.38
CA LYS N 77 -34.96 -39.15 -11.52
C LYS N 77 -34.07 -39.03 -12.77
N ILE N 78 -32.77 -39.16 -12.55
CA ILE N 78 -31.75 -39.20 -13.57
C ILE N 78 -31.30 -40.65 -13.78
N PRO N 79 -31.24 -41.11 -15.05
CA PRO N 79 -30.90 -42.49 -15.40
C PRO N 79 -29.43 -42.82 -15.18
N TYR N 80 -29.18 -44.05 -14.76
CA TYR N 80 -27.80 -44.49 -14.55
C TYR N 80 -27.56 -45.83 -15.22
N VAL N 81 -26.33 -46.04 -15.68
CA VAL N 81 -25.94 -47.26 -16.39
C VAL N 81 -24.64 -47.74 -15.78
N TYR N 82 -24.40 -49.04 -15.83
CA TYR N 82 -23.13 -49.56 -15.35
C TYR N 82 -22.20 -49.98 -16.48
N VAL N 83 -20.89 -49.89 -16.22
CA VAL N 83 -19.91 -50.51 -17.09
C VAL N 83 -18.99 -51.36 -16.22
N SER N 84 -18.24 -52.25 -16.84
CA SER N 84 -17.52 -53.29 -16.11
C SER N 84 -16.20 -52.83 -15.45
N SER N 85 -15.40 -52.02 -16.14
CA SER N 85 -14.10 -51.62 -15.62
C SER N 85 -13.95 -50.14 -15.33
N LYS N 86 -13.35 -49.83 -14.20
CA LYS N 86 -13.06 -48.45 -13.86
C LYS N 86 -11.87 -47.90 -14.64
N LYS N 87 -10.96 -48.78 -15.06
CA LYS N 87 -9.87 -48.37 -15.95
C LYS N 87 -10.41 -48.08 -17.35
N ALA N 88 -11.42 -48.84 -17.77
CA ALA N 88 -12.07 -48.62 -19.06
C ALA N 88 -12.72 -47.25 -19.14
N LEU N 89 -13.50 -46.96 -18.10
CA LEU N 89 -14.28 -45.72 -17.99
C LEU N 89 -13.37 -44.52 -17.81
N GLY N 90 -12.34 -44.68 -16.99
CA GLY N 90 -11.35 -43.64 -16.78
C GLY N 90 -10.65 -43.32 -18.09
N GLU N 91 -10.24 -44.37 -18.82
CA GLU N 91 -9.56 -44.20 -20.11
C GLU N 91 -10.49 -43.77 -21.23
N ALA N 92 -11.75 -44.14 -21.13
CA ALA N 92 -12.73 -43.57 -22.04
C ALA N 92 -12.75 -42.09 -21.83
N CYS N 93 -12.75 -41.68 -20.55
CA CYS N 93 -12.91 -40.26 -20.15
C CYS N 93 -11.78 -39.31 -20.55
N GLY N 94 -10.65 -39.85 -21.01
CA GLY N 94 -9.54 -39.02 -21.44
C GLY N 94 -8.56 -38.88 -20.30
N LEU N 95 -8.69 -39.77 -19.33
CA LEU N 95 -7.77 -39.79 -18.21
C LEU N 95 -6.86 -40.96 -18.41
N GLN N 96 -5.74 -40.97 -17.71
CA GLN N 96 -4.86 -42.11 -17.78
C GLN N 96 -4.89 -42.86 -16.44
N VAL N 97 -5.82 -42.45 -15.57
CA VAL N 97 -6.13 -43.19 -14.35
C VAL N 97 -7.56 -43.70 -14.44
N ALA N 98 -7.96 -44.54 -13.48
CA ALA N 98 -9.33 -45.03 -13.42
C ALA N 98 -10.32 -44.04 -12.77
N THR N 99 -11.59 -44.21 -13.10
CA THR N 99 -12.65 -43.41 -12.50
C THR N 99 -13.88 -44.30 -12.19
N ALA N 100 -14.35 -44.24 -10.94
CA ALA N 100 -15.40 -45.16 -10.48
C ALA N 100 -16.73 -44.73 -11.03
N SER N 101 -16.82 -43.45 -11.35
CA SER N 101 -18.05 -42.89 -11.88
C SER N 101 -17.79 -41.60 -12.65
N ALA N 102 -18.74 -41.29 -13.52
CA ALA N 102 -18.72 -40.06 -14.29
C ALA N 102 -20.11 -39.79 -14.80
N ALA N 103 -20.33 -38.61 -15.37
CA ALA N 103 -21.65 -38.29 -15.88
C ALA N 103 -21.56 -37.43 -17.11
N ILE N 104 -22.54 -37.60 -17.98
CA ILE N 104 -22.62 -36.77 -19.18
C ILE N 104 -23.63 -35.67 -18.93
N LEU N 105 -23.18 -34.42 -19.03
CA LEU N 105 -24.07 -33.29 -18.85
C LEU N 105 -24.66 -32.82 -20.18
N GLU N 106 -23.82 -32.79 -21.21
CA GLU N 106 -24.26 -32.43 -22.55
C GLU N 106 -23.72 -33.46 -23.53
N PRO N 107 -24.61 -34.12 -24.28
CA PRO N 107 -24.21 -35.25 -25.12
C PRO N 107 -23.40 -34.85 -26.34
N GLY N 108 -23.73 -33.70 -26.93
CA GLY N 108 -23.14 -33.28 -28.18
C GLY N 108 -23.51 -34.22 -29.32
N GLU N 109 -22.49 -34.76 -29.98
CA GLU N 109 -22.68 -35.76 -31.03
C GLU N 109 -22.75 -37.16 -30.43
N ALA N 110 -23.48 -37.26 -29.32
CA ALA N 110 -23.74 -38.53 -28.67
C ALA N 110 -25.20 -38.52 -28.22
N LYS N 111 -25.89 -37.43 -28.57
CA LYS N 111 -27.29 -37.24 -28.20
C LYS N 111 -28.12 -38.47 -28.48
N ASP N 112 -28.08 -38.92 -29.73
CA ASP N 112 -28.87 -40.05 -30.18
C ASP N 112 -28.45 -41.32 -29.45
N LEU N 113 -27.14 -41.45 -29.27
CA LEU N 113 -26.53 -42.62 -28.65
C LEU N 113 -26.98 -42.76 -27.19
N VAL N 114 -27.00 -41.63 -26.50
CA VAL N 114 -27.44 -41.56 -25.11
C VAL N 114 -28.94 -41.87 -25.02
N ASP N 115 -29.73 -41.40 -25.97
CA ASP N 115 -31.15 -41.71 -25.96
C ASP N 115 -31.43 -43.22 -26.08
N GLU N 116 -30.66 -43.94 -26.89
CA GLU N 116 -30.90 -45.38 -27.00
C GLU N 116 -30.39 -46.08 -25.73
N ILE N 117 -29.33 -45.56 -25.15
CA ILE N 117 -28.87 -46.14 -23.89
C ILE N 117 -29.96 -45.97 -22.82
N ILE N 118 -30.49 -44.75 -22.66
CA ILE N 118 -31.49 -44.54 -21.61
C ILE N 118 -32.76 -45.31 -21.93
N LYS N 119 -32.94 -45.70 -23.18
CA LYS N 119 -34.18 -46.38 -23.54
C LYS N 119 -34.00 -47.88 -23.52
N ARG N 120 -32.77 -48.36 -23.64
CA ARG N 120 -32.56 -49.78 -23.50
C ARG N 120 -32.46 -50.15 -22.02
N VAL N 121 -31.95 -49.24 -21.20
CA VAL N 121 -31.86 -49.49 -19.76
C VAL N 121 -33.21 -49.36 -19.09
N ASN N 122 -34.11 -48.60 -19.71
CA ASN N 122 -35.47 -48.51 -19.21
C ASN N 122 -36.23 -49.80 -19.41
N GLU N 123 -35.89 -50.53 -20.46
CA GLU N 123 -36.54 -51.80 -20.75
C GLU N 123 -36.10 -52.89 -19.80
N ILE N 124 -34.80 -52.95 -19.53
CA ILE N 124 -34.28 -54.00 -18.66
C ILE N 124 -34.63 -53.65 -17.22
N LYS N 125 -35.02 -52.40 -17.01
CA LYS N 125 -35.43 -51.91 -15.70
C LYS N 125 -36.93 -52.13 -15.58
N GLY N 126 -37.55 -52.42 -16.73
CA GLY N 126 -38.96 -52.75 -16.84
C GLY N 126 -39.98 -51.63 -16.97
N LYS N 127 -39.67 -50.59 -17.75
CA LYS N 127 -40.52 -49.39 -17.81
C LYS N 127 -41.39 -49.27 -19.05
N THR N 128 -42.65 -48.89 -18.84
CA THR N 128 -43.61 -48.70 -19.93
C THR N 128 -43.87 -47.21 -20.20
N ILE O 5 18.09 -14.82 11.28
CA ILE O 5 17.72 -13.84 12.28
C ILE O 5 18.83 -12.83 12.40
N THR O 6 18.44 -11.57 12.57
CA THR O 6 19.36 -10.46 12.75
C THR O 6 18.60 -9.29 13.34
N VAL O 7 19.24 -8.53 14.21
CA VAL O 7 18.66 -7.33 14.79
C VAL O 7 19.52 -6.13 14.41
N LYS O 8 18.92 -4.99 14.06
CA LYS O 8 19.73 -3.81 13.70
C LYS O 8 19.14 -2.49 14.23
N GLN O 9 20.00 -1.57 14.66
CA GLN O 9 19.51 -0.27 15.12
C GLN O 9 18.76 0.43 13.98
N THR O 10 17.89 1.37 14.32
CA THR O 10 17.13 2.11 13.32
C THR O 10 17.51 3.59 13.43
N ASN O 11 16.91 4.45 12.61
CA ASN O 11 17.19 5.89 12.70
C ASN O 11 16.85 6.50 14.06
N MET O 12 16.16 5.74 14.92
CA MET O 12 15.76 6.20 16.26
C MET O 12 16.36 5.38 17.40
N GLU O 13 16.79 6.08 18.45
CA GLU O 13 17.45 5.46 19.59
C GLU O 13 16.73 4.28 20.18
N ASN O 14 17.48 3.31 20.68
CA ASN O 14 16.91 2.14 21.34
C ASN O 14 15.70 1.46 20.71
N ILE O 15 15.52 1.61 19.40
CA ILE O 15 14.48 0.89 18.68
C ILE O 15 15.07 0.05 17.56
N TYR O 16 14.73 -1.22 17.49
CA TYR O 16 15.41 -2.13 16.57
C TYR O 16 14.47 -2.85 15.59
N GLU O 17 15.04 -3.54 14.60
CA GLU O 17 14.31 -4.36 13.62
C GLU O 17 14.74 -5.82 13.68
N CYS O 18 13.88 -6.74 13.25
CA CYS O 18 14.32 -8.10 13.01
C CYS O 18 14.20 -8.57 11.58
N GLU O 19 15.31 -9.05 11.05
CA GLU O 19 15.30 -10.00 9.96
C GLU O 19 14.87 -11.30 10.63
N PHE O 20 13.99 -12.08 10.01
CA PHE O 20 13.55 -13.31 10.68
C PHE O 20 13.83 -14.62 9.94
N ASN O 21 13.67 -15.72 10.68
CA ASN O 21 13.78 -17.08 10.15
C ASN O 21 13.05 -17.25 8.81
N ASP O 22 12.04 -16.39 8.55
CA ASP O 22 11.21 -16.49 7.34
C ASP O 22 11.36 -15.34 6.32
N GLY O 23 11.69 -14.13 6.78
CA GLY O 23 11.84 -12.96 5.92
C GLY O 23 10.87 -11.84 6.24
N SER O 24 10.35 -11.87 7.47
CA SER O 24 9.45 -10.86 8.00
C SER O 24 10.18 -9.94 8.94
N PHE O 25 9.74 -8.69 9.01
CA PHE O 25 10.42 -7.66 9.80
C PHE O 25 9.55 -7.11 10.90
N ARG O 26 10.01 -7.19 12.16
CA ARG O 26 9.25 -6.56 13.25
C ARG O 26 10.11 -5.70 14.15
N LEU O 27 9.54 -4.58 14.57
CA LEU O 27 10.17 -3.66 15.50
C LEU O 27 10.33 -4.37 16.81
N CYS O 28 11.31 -3.91 17.60
CA CYS O 28 11.49 -4.43 18.96
C CYS O 28 12.38 -3.50 19.77
N THR O 29 12.39 -3.71 21.08
CA THR O 29 13.15 -2.82 21.93
C THR O 29 14.03 -3.62 22.88
N ARG O 30 14.98 -2.92 23.45
CA ARG O 30 15.97 -3.53 24.30
C ARG O 30 15.34 -3.83 25.65
N ASN O 31 15.11 -5.09 25.98
CA ASN O 31 14.36 -5.42 27.19
C ASN O 31 15.11 -5.01 28.44
N LEU O 32 14.53 -4.03 29.13
CA LEU O 32 15.09 -3.47 30.34
C LEU O 32 15.12 -4.45 31.48
N VAL O 33 14.26 -5.46 31.41
CA VAL O 33 14.23 -6.49 32.44
C VAL O 33 14.20 -7.87 31.81
N PRO O 34 15.38 -8.39 31.48
CA PRO O 34 15.56 -9.68 30.79
C PRO O 34 14.80 -10.85 31.40
N ASN O 35 14.33 -11.75 30.53
CA ASN O 35 13.60 -13.00 30.84
C ASN O 35 12.14 -12.83 31.32
N PHE O 36 11.60 -11.64 31.10
CA PHE O 36 10.21 -11.35 31.43
C PHE O 36 9.53 -10.65 30.26
N ASN O 37 8.30 -11.05 29.96
CA ASN O 37 7.51 -10.37 28.93
C ASN O 37 6.21 -9.82 29.54
N VAL O 38 5.81 -8.61 29.14
CA VAL O 38 4.66 -7.95 29.76
C VAL O 38 3.29 -8.36 29.19
N TYR O 39 3.16 -8.43 27.86
CA TYR O 39 1.97 -9.04 27.31
C TYR O 39 2.38 -10.39 26.85
N GLY O 40 1.99 -10.80 25.66
CA GLY O 40 2.40 -12.12 25.22
C GLY O 40 3.62 -12.21 24.35
N GLU O 41 4.33 -11.10 24.19
CA GLU O 41 5.27 -10.93 23.07
C GLU O 41 6.52 -11.84 23.13
N ARG O 42 7.05 -12.10 21.93
CA ARG O 42 8.24 -12.93 21.74
C ARG O 42 9.49 -12.27 22.34
N LEU O 43 10.25 -13.04 23.11
CA LEU O 43 11.56 -12.63 23.57
C LEU O 43 12.63 -13.21 22.65
N ILE O 44 13.55 -12.37 22.16
CA ILE O 44 14.59 -12.86 21.24
C ILE O 44 16.00 -12.43 21.64
N LYS O 45 16.90 -13.41 21.66
CA LYS O 45 18.30 -13.15 21.97
C LYS O 45 19.09 -13.02 20.69
N TYR O 46 19.88 -11.96 20.60
CA TYR O 46 20.73 -11.76 19.45
C TYR O 46 22.03 -11.11 19.91
N GLU O 47 23.14 -11.80 19.65
CA GLU O 47 24.44 -11.40 20.18
C GLU O 47 24.34 -11.29 21.72
N GLY O 48 23.83 -12.34 22.34
CA GLY O 48 23.69 -12.47 23.78
C GLY O 48 22.89 -11.40 24.52
N VAL O 49 22.10 -10.62 23.77
CA VAL O 49 21.27 -9.54 24.31
C VAL O 49 19.78 -9.86 24.15
N GLU O 50 18.94 -9.50 25.13
CA GLU O 50 17.51 -9.83 25.03
C GLU O 50 16.61 -8.70 24.59
N TYR O 51 15.87 -8.96 23.51
CA TYR O 51 14.95 -7.99 22.94
C TYR O 51 13.48 -8.41 23.08
N ARG O 52 12.58 -7.43 23.13
CA ARG O 52 11.13 -7.66 23.18
C ARG O 52 10.47 -7.27 21.86
N GLU O 53 9.81 -8.22 21.19
CA GLU O 53 9.10 -7.92 19.94
C GLU O 53 8.04 -6.86 20.19
N TRP O 54 7.97 -5.84 19.35
CA TRP O 54 7.05 -4.72 19.56
C TRP O 54 5.87 -4.75 18.60
N ASN O 55 4.73 -5.30 19.04
CA ASN O 55 3.57 -5.46 18.15
C ASN O 55 2.84 -4.16 17.80
N ALA O 56 2.77 -3.81 16.50
CA ALA O 56 2.21 -2.52 16.03
C ALA O 56 0.67 -2.45 16.05
N PHE O 57 0.03 -3.61 16.00
CA PHE O 57 -1.42 -3.69 16.10
C PHE O 57 -1.90 -3.45 17.53
N ARG O 58 -0.98 -3.62 18.47
CA ARG O 58 -1.19 -3.40 19.89
C ARG O 58 -0.70 -2.05 20.38
N SER O 59 0.39 -1.56 19.81
CA SER O 59 0.88 -0.27 20.24
C SER O 59 0.74 0.84 19.20
N LYS O 60 0.11 1.94 19.57
CA LYS O 60 -0.03 3.05 18.63
C LYS O 60 1.33 3.60 18.24
N LEU O 61 2.25 3.66 19.20
CA LEU O 61 3.54 4.31 18.96
C LEU O 61 4.30 3.59 17.87
N ALA O 62 4.44 2.27 18.02
CA ALA O 62 5.06 1.43 17.01
C ALA O 62 4.24 1.48 15.73
N GLY O 63 2.93 1.64 15.85
CA GLY O 63 2.11 1.80 14.68
C GLY O 63 2.54 3.06 13.96
N ALA O 64 2.72 4.13 14.73
CA ALA O 64 3.07 5.44 14.20
C ALA O 64 4.41 5.38 13.46
N ILE O 65 5.36 4.68 14.06
CA ILE O 65 6.70 4.50 13.49
C ILE O 65 6.66 3.89 12.08
N LEU O 66 6.00 2.74 11.95
CA LEU O 66 5.87 2.04 10.66
C LEU O 66 5.04 2.83 9.67
N LYS O 67 4.29 3.78 10.18
CA LYS O 67 3.46 4.60 9.32
C LYS O 67 4.18 5.89 8.94
N GLY O 68 5.50 5.90 9.15
CA GLY O 68 6.31 7.01 8.69
C GLY O 68 6.44 8.16 9.66
N LEU O 69 6.66 7.86 10.93
CA LEU O 69 6.92 8.93 11.88
C LEU O 69 8.27 9.56 11.59
N LYS O 70 8.26 10.80 11.15
CA LYS O 70 9.49 11.56 10.91
C LYS O 70 10.47 11.48 12.08
N THR O 71 10.09 11.99 13.24
CA THR O 71 11.00 12.04 14.39
C THR O 71 10.34 11.55 15.67
N ASN O 72 11.07 10.78 16.47
CA ASN O 72 10.53 10.24 17.71
C ASN O 72 11.14 10.88 18.95
N PRO O 73 10.37 11.76 19.61
CA PRO O 73 10.88 12.52 20.76
C PRO O 73 11.12 11.64 21.98
N ILE O 74 10.77 10.37 21.88
CA ILE O 74 11.00 9.46 22.99
C ILE O 74 12.25 8.63 22.75
N ARG O 75 13.31 8.98 23.47
CA ARG O 75 14.61 8.35 23.30
C ARG O 75 15.29 8.17 24.66
N LYS O 76 16.58 7.86 24.66
CA LYS O 76 17.32 7.68 25.91
C LYS O 76 17.15 8.84 26.89
N GLY O 77 16.83 8.49 28.14
CA GLY O 77 16.74 9.43 29.22
C GLY O 77 15.67 10.50 29.13
N THR O 78 14.74 10.34 28.18
CA THR O 78 13.64 11.28 28.05
C THR O 78 12.68 11.10 29.22
N LYS O 79 12.15 12.20 29.73
CA LYS O 79 11.09 12.10 30.73
C LYS O 79 9.72 12.35 30.13
N VAL O 80 8.88 11.33 30.18
CA VAL O 80 7.58 11.30 29.50
C VAL O 80 6.37 11.05 30.42
N LEU O 81 5.32 11.84 30.21
CA LEU O 81 4.04 11.68 30.90
C LEU O 81 3.14 10.88 29.99
N TYR O 82 2.63 9.75 30.48
CA TYR O 82 1.82 8.87 29.67
C TYR O 82 0.39 8.91 30.22
N LEU O 83 -0.49 9.55 29.46
CA LEU O 83 -1.90 9.56 29.81
C LEU O 83 -2.67 8.41 29.18
N GLY O 84 -3.20 7.53 30.03
CA GLY O 84 -3.89 6.33 29.60
C GLY O 84 -2.95 5.14 29.47
N ALA O 85 -2.31 4.78 30.59
CA ALA O 85 -1.27 3.75 30.62
C ALA O 85 -1.81 2.34 30.47
N ALA O 86 -3.06 2.16 30.89
CA ALA O 86 -3.78 0.90 30.74
C ALA O 86 -3.05 -0.32 31.35
N SER O 87 -3.05 -1.42 30.60
CA SER O 87 -2.44 -2.68 31.00
C SER O 87 -0.93 -2.61 31.07
N GLY O 88 -0.36 -1.72 30.26
CA GLY O 88 1.07 -1.47 30.21
C GLY O 88 1.75 -1.92 28.92
N THR O 89 0.96 -2.27 27.90
CA THR O 89 1.52 -2.69 26.62
C THR O 89 2.49 -1.67 25.99
N THR O 90 2.00 -0.49 25.62
CA THR O 90 2.89 0.50 25.02
C THR O 90 3.89 1.09 26.02
N ILE O 91 3.45 1.42 27.23
CA ILE O 91 4.37 2.05 28.19
C ILE O 91 5.54 1.15 28.60
N SER O 92 5.39 -0.16 28.50
CA SER O 92 6.51 -0.99 28.89
C SER O 92 7.61 -0.81 27.86
N HIS O 93 7.22 -0.47 26.63
CA HIS O 93 8.17 -0.23 25.56
C HIS O 93 8.79 1.17 25.62
N VAL O 94 8.08 2.17 26.12
CA VAL O 94 8.74 3.47 26.26
C VAL O 94 9.67 3.35 27.46
N SER O 95 9.38 2.39 28.33
CA SER O 95 10.30 2.08 29.41
C SER O 95 11.65 1.59 28.82
N ASP O 96 11.59 0.56 27.98
CA ASP O 96 12.78 -0.03 27.38
C ASP O 96 13.64 0.96 26.64
N ILE O 97 13.01 1.99 26.09
CA ILE O 97 13.70 3.01 25.31
C ILE O 97 14.39 4.08 26.15
N ILE O 98 13.71 4.64 27.14
CA ILE O 98 14.32 5.73 27.89
C ILE O 98 15.37 5.20 28.86
N GLU O 99 15.19 3.96 29.28
CA GLU O 99 16.27 3.17 29.84
C GLU O 99 16.86 3.73 31.13
N LEU O 100 16.05 3.73 32.18
CA LEU O 100 16.51 4.01 33.55
C LEU O 100 16.91 5.46 33.84
N ASN O 101 17.62 6.11 32.92
CA ASN O 101 17.95 7.53 33.07
C ASN O 101 16.71 8.40 32.89
N GLY O 102 15.82 7.97 31.99
CA GLY O 102 14.55 8.62 31.77
C GLY O 102 13.50 8.10 32.73
N LYS O 103 12.38 8.80 32.81
CA LYS O 103 11.31 8.37 33.67
C LYS O 103 9.99 8.42 32.92
N ALA O 104 9.14 7.43 33.17
CA ALA O 104 7.84 7.38 32.51
C ALA O 104 6.75 7.45 33.53
N TYR O 105 6.03 8.57 33.51
CA TYR O 105 4.94 8.79 34.43
C TYR O 105 3.62 8.38 33.80
N GLY O 106 3.07 7.29 34.33
CA GLY O 106 1.89 6.67 33.77
C GLY O 106 0.61 6.90 34.53
N VAL O 107 -0.27 7.73 33.99
CA VAL O 107 -1.54 8.03 34.63
C VAL O 107 -2.67 7.19 34.03
N GLU O 108 -3.44 6.52 34.88
CA GLU O 108 -4.53 5.65 34.45
C GLU O 108 -5.58 5.50 35.54
N PHE O 109 -6.87 5.70 35.20
CA PHE O 109 -7.91 5.77 36.23
C PHE O 109 -8.84 4.55 36.39
N SER O 110 -8.58 3.49 35.65
CA SER O 110 -9.43 2.32 35.76
C SER O 110 -8.79 1.28 36.67
N PRO O 111 -9.36 1.06 37.87
CA PRO O 111 -8.77 0.16 38.86
C PRO O 111 -8.56 -1.25 38.32
N ARG O 112 -9.50 -1.76 37.54
CA ARG O 112 -9.43 -3.12 37.04
C ARG O 112 -8.15 -3.40 36.24
N VAL O 113 -7.65 -2.39 35.57
CA VAL O 113 -6.57 -2.59 34.62
C VAL O 113 -5.24 -2.13 35.24
N VAL O 114 -5.26 -1.09 36.08
CA VAL O 114 -4.11 -0.69 36.90
C VAL O 114 -3.61 -1.87 37.72
N ARG O 115 -4.55 -2.70 38.12
CA ARG O 115 -4.27 -3.95 38.79
C ARG O 115 -3.15 -4.74 38.12
N GLU O 116 -3.17 -4.75 36.79
CA GLU O 116 -2.14 -5.42 36.04
C GLU O 116 -0.95 -4.51 35.68
N LEU O 117 -1.17 -3.20 35.61
CA LEU O 117 -0.10 -2.23 35.38
C LEU O 117 0.89 -2.21 36.56
N LEU O 118 0.35 -2.36 37.77
CA LEU O 118 1.19 -2.56 38.94
C LEU O 118 2.25 -3.61 38.69
N LEU O 119 1.81 -4.79 38.27
CA LEU O 119 2.69 -5.93 38.09
C LEU O 119 3.78 -5.55 37.12
N VAL O 120 3.40 -4.85 36.06
CA VAL O 120 4.38 -4.35 35.11
C VAL O 120 5.30 -3.30 35.74
N ALA O 121 4.75 -2.43 36.58
CA ALA O 121 5.52 -1.31 37.11
C ALA O 121 6.50 -1.75 38.19
N GLN O 122 6.17 -2.83 38.89
CA GLN O 122 7.04 -3.40 39.91
C GLN O 122 8.39 -3.82 39.31
N ARG O 123 8.34 -4.60 38.23
CA ARG O 123 9.55 -5.09 37.57
C ARG O 123 10.43 -4.00 36.96
N ARG O 124 9.89 -2.79 36.79
CA ARG O 124 10.63 -1.74 36.09
C ARG O 124 10.69 -0.47 36.93
N PRO O 125 11.86 -0.21 37.53
CA PRO O 125 12.17 0.96 38.39
C PRO O 125 11.97 2.23 37.58
N ASN O 126 11.85 1.99 36.29
CA ASN O 126 11.56 2.96 35.27
C ASN O 126 10.18 3.68 35.30
N ILE O 127 9.16 2.96 35.77
CA ILE O 127 7.75 3.33 35.64
C ILE O 127 7.11 3.69 36.98
N PHE O 128 6.33 4.76 37.01
CA PHE O 128 5.66 5.15 38.25
C PHE O 128 4.14 5.17 38.04
N PRO O 129 3.45 4.06 38.38
CA PRO O 129 2.01 4.00 38.12
C PRO O 129 1.25 5.00 38.96
N LEU O 130 0.30 5.69 38.36
CA LEU O 130 -0.52 6.64 39.09
C LEU O 130 -1.98 6.38 38.81
N LEU O 131 -2.69 5.80 39.77
CA LEU O 131 -4.13 5.63 39.65
C LEU O 131 -4.85 6.98 39.86
N ALA O 132 -5.06 7.73 38.78
CA ALA O 132 -5.62 9.04 38.92
C ALA O 132 -6.39 9.42 37.69
N ASP O 133 -7.31 10.36 37.87
CA ASP O 133 -8.14 10.85 36.80
C ASP O 133 -7.30 11.91 36.10
N ALA O 134 -7.00 11.66 34.83
CA ALA O 134 -6.18 12.58 34.04
C ALA O 134 -6.79 13.96 33.88
N ARG O 135 -8.05 14.08 34.29
CA ARG O 135 -8.75 15.34 34.26
C ARG O 135 -8.39 16.19 35.47
N PHE O 136 -7.78 15.57 36.48
CA PHE O 136 -7.37 16.32 37.67
C PHE O 136 -5.89 16.19 37.97
N PRO O 137 -5.06 16.90 37.21
CA PRO O 137 -3.62 16.74 37.44
C PRO O 137 -3.23 17.10 38.87
N GLN O 138 -4.07 17.85 39.55
CA GLN O 138 -3.81 18.18 40.94
C GLN O 138 -3.70 16.92 41.79
N SER O 139 -4.34 15.85 41.34
CA SER O 139 -4.37 14.61 42.10
C SER O 139 -3.04 13.84 42.01
N TYR O 140 -2.23 14.15 40.99
CA TYR O 140 -0.92 13.53 40.86
C TYR O 140 0.22 14.56 40.69
N LYS O 141 -0.14 15.84 40.64
CA LYS O 141 0.81 16.97 40.68
C LYS O 141 1.99 16.76 41.61
N SER O 142 1.67 16.22 42.77
CA SER O 142 2.57 16.20 43.91
C SER O 142 3.49 14.98 43.90
N VAL O 143 3.60 14.33 42.75
CA VAL O 143 4.40 13.11 42.64
C VAL O 143 5.28 13.12 41.39
N VAL O 144 4.80 13.75 40.33
CA VAL O 144 5.56 13.76 39.09
C VAL O 144 6.47 14.97 39.09
N GLU O 145 7.25 15.11 38.03
CA GLU O 145 7.99 16.33 37.77
C GLU O 145 7.49 16.87 36.45
N ASN O 146 8.21 17.83 35.86
CA ASN O 146 7.88 18.22 34.49
C ASN O 146 8.64 17.36 33.50
N VAL O 147 8.16 17.33 32.27
CA VAL O 147 8.58 16.30 31.33
C VAL O 147 8.83 16.80 29.92
N ASP O 148 9.55 15.99 29.14
CA ASP O 148 9.92 16.35 27.79
C ASP O 148 8.81 16.00 26.82
N VAL O 149 8.34 14.77 26.91
CA VAL O 149 7.35 14.24 25.98
C VAL O 149 6.02 14.02 26.70
N LEU O 150 4.95 14.42 26.04
CA LEU O 150 3.59 14.17 26.51
C LEU O 150 2.87 13.19 25.58
N TYR O 151 2.76 11.94 25.99
CA TYR O 151 2.04 10.92 25.22
C TYR O 151 0.62 10.76 25.78
N VAL O 152 -0.41 10.99 24.96
CA VAL O 152 -1.77 10.92 25.46
C VAL O 152 -2.60 9.95 24.65
N ASP O 153 -3.01 8.87 25.30
CA ASP O 153 -3.87 7.87 24.67
C ASP O 153 -5.02 7.51 25.63
N ILE O 154 -6.02 8.40 25.72
CA ILE O 154 -7.21 8.20 26.57
C ILE O 154 -8.49 8.23 25.77
N ALA O 155 -9.41 7.32 26.09
CA ALA O 155 -10.72 7.35 25.45
C ALA O 155 -11.60 8.27 26.26
N GLN O 156 -11.79 9.48 25.76
CA GLN O 156 -12.64 10.50 26.39
C GLN O 156 -13.10 11.41 25.30
N PRO O 157 -14.34 11.90 25.37
CA PRO O 157 -14.72 12.77 24.26
C PRO O 157 -13.95 14.09 24.30
N ASP O 158 -13.56 14.57 25.49
CA ASP O 158 -12.84 15.84 25.62
C ASP O 158 -11.32 15.65 25.75
N GLN O 159 -10.80 14.64 25.07
CA GLN O 159 -9.42 14.23 25.24
C GLN O 159 -8.37 15.31 24.95
N THR O 160 -8.55 16.03 23.84
CA THR O 160 -7.58 17.02 23.38
C THR O 160 -7.46 18.14 24.39
N ASP O 161 -8.59 18.63 24.90
CA ASP O 161 -8.54 19.59 25.97
C ASP O 161 -7.80 19.04 27.21
N ILE O 162 -8.11 17.81 27.60
CA ILE O 162 -7.40 17.18 28.71
C ILE O 162 -5.90 17.11 28.49
N ALA O 163 -5.50 16.78 27.27
CA ALA O 163 -4.09 16.76 26.94
C ALA O 163 -3.51 18.16 27.16
N ILE O 164 -4.22 19.16 26.68
CA ILE O 164 -3.78 20.54 26.79
C ILE O 164 -3.65 20.99 28.24
N TYR O 165 -4.65 20.69 29.07
CA TYR O 165 -4.62 21.01 30.50
C TYR O 165 -3.40 20.37 31.18
N ASN O 166 -3.10 19.12 30.80
CA ASN O 166 -1.95 18.44 31.39
C ASN O 166 -0.63 19.04 30.95
N ALA O 167 -0.62 19.57 29.72
CA ALA O 167 0.61 20.10 29.14
C ALA O 167 1.07 21.32 29.89
N LYS O 168 0.17 22.25 30.12
CA LYS O 168 0.58 23.51 30.72
C LYS O 168 0.91 23.33 32.20
N PHE O 169 0.66 22.15 32.74
CA PHE O 169 1.20 21.82 34.06
C PHE O 169 2.63 21.29 33.97
N PHE O 170 2.84 20.29 33.10
CA PHE O 170 4.04 19.46 33.15
C PHE O 170 4.91 19.46 31.90
N LEU O 171 4.44 20.02 30.79
CA LEU O 171 5.22 19.97 29.56
C LEU O 171 6.28 21.06 29.49
N LYS O 172 7.55 20.65 29.44
CA LYS O 172 8.62 21.61 29.17
C LYS O 172 8.27 22.36 27.89
N VAL O 173 8.53 23.66 27.86
CA VAL O 173 8.31 24.44 26.65
C VAL O 173 9.28 23.93 25.60
N ASN O 174 8.82 23.86 24.35
CA ASN O 174 9.55 23.20 23.25
C ASN O 174 9.61 21.70 23.48
N GLY O 175 8.79 21.20 24.40
CA GLY O 175 8.62 19.78 24.57
C GLY O 175 7.69 19.27 23.48
N ASP O 176 7.58 17.95 23.40
CA ASP O 176 6.78 17.38 22.34
C ASP O 176 5.54 16.73 22.92
N MET O 177 4.45 16.76 22.15
CA MET O 177 3.27 16.03 22.55
C MET O 177 2.83 15.07 21.48
N LEU O 178 2.74 13.81 21.85
CA LEU O 178 2.05 12.83 21.04
C LEU O 178 0.63 12.59 21.55
N LEU O 179 -0.35 12.94 20.73
CA LEU O 179 -1.77 12.82 21.07
C LEU O 179 -2.47 11.85 20.16
N VAL O 180 -3.06 10.79 20.69
CA VAL O 180 -3.83 9.87 19.84
C VAL O 180 -5.25 10.39 19.75
N ILE O 181 -5.73 10.59 18.52
CA ILE O 181 -7.08 11.08 18.29
C ILE O 181 -8.05 9.93 18.07
N LYS O 182 -8.85 9.62 19.08
CA LYS O 182 -9.80 8.53 18.96
C LYS O 182 -11.17 8.93 18.43
N ALA O 183 -11.26 8.96 17.11
CA ALA O 183 -12.43 9.47 16.40
C ALA O 183 -13.72 8.83 16.89
N ARG O 184 -13.67 7.53 17.16
CA ARG O 184 -14.89 6.84 17.56
C ARG O 184 -15.23 6.99 19.03
N SER O 185 -14.34 7.58 19.81
CA SER O 185 -14.67 7.86 21.20
C SER O 185 -14.94 9.34 21.40
N ILE O 186 -14.75 10.12 20.35
CA ILE O 186 -15.10 11.52 20.41
C ILE O 186 -16.55 11.70 19.93
N ASP O 187 -16.90 11.03 18.81
CA ASP O 187 -18.28 11.02 18.30
C ASP O 187 -18.45 9.94 17.23
N VAL O 188 -19.20 8.87 17.52
CA VAL O 188 -19.33 7.79 16.54
C VAL O 188 -20.12 8.24 15.34
N THR O 189 -20.87 9.32 15.55
CA THR O 189 -21.75 9.93 14.56
C THR O 189 -20.98 10.58 13.43
N LYS O 190 -20.05 11.45 13.82
CA LYS O 190 -19.25 12.19 12.86
C LYS O 190 -18.28 11.31 12.08
N ASP O 191 -17.89 11.81 10.92
CA ASP O 191 -16.86 11.23 10.10
C ASP O 191 -15.53 11.45 10.82
N PRO O 192 -14.71 10.40 10.93
CA PRO O 192 -13.43 10.52 11.64
C PRO O 192 -12.51 11.59 11.05
N LYS O 193 -12.62 11.83 9.75
CA LYS O 193 -11.72 12.78 9.11
C LYS O 193 -12.08 14.20 9.57
N GLU O 194 -13.36 14.47 9.74
CA GLU O 194 -13.84 15.74 10.30
C GLU O 194 -13.30 15.93 11.70
N ILE O 195 -13.33 14.85 12.48
CA ILE O 195 -12.90 14.89 13.87
C ILE O 195 -11.41 15.23 14.00
N TYR O 196 -10.57 14.57 13.22
CA TYR O 196 -9.13 14.87 13.21
C TYR O 196 -8.88 16.35 12.98
N LYS O 197 -9.64 16.94 12.07
CA LYS O 197 -9.35 18.28 11.58
C LYS O 197 -9.67 19.29 12.68
N THR O 198 -10.83 19.17 13.32
CA THR O 198 -11.19 20.10 14.39
C THR O 198 -10.30 19.92 15.64
N GLU O 199 -9.78 18.73 15.86
CA GLU O 199 -8.95 18.48 17.03
C GLU O 199 -7.55 19.04 16.89
N VAL O 200 -6.99 18.96 15.69
CA VAL O 200 -5.66 19.53 15.44
C VAL O 200 -5.69 21.05 15.62
N GLU O 201 -6.79 21.66 15.19
CA GLU O 201 -6.98 23.09 15.34
C GLU O 201 -6.93 23.48 16.81
N LYS O 202 -7.60 22.72 17.67
CA LYS O 202 -7.57 22.98 19.10
C LYS O 202 -6.15 23.07 19.63
N LEU O 203 -5.29 22.22 19.10
CA LEU O 203 -3.89 22.20 19.53
C LEU O 203 -3.22 23.49 19.12
N GLU O 204 -3.55 23.94 17.93
CA GLU O 204 -2.90 25.11 17.36
C GLU O 204 -3.42 26.41 18.00
N ASN O 205 -4.70 26.45 18.35
CA ASN O 205 -5.26 27.57 19.09
C ASN O 205 -4.92 27.58 20.57
N SER O 206 -4.27 26.52 21.03
CA SER O 206 -3.61 26.53 22.33
C SER O 206 -2.08 26.51 22.09
N ASN O 207 -1.70 27.09 20.94
CA ASN O 207 -0.33 27.20 20.40
C ASN O 207 0.61 25.99 20.63
N PHE O 208 0.13 24.83 20.19
CA PHE O 208 1.01 23.70 19.91
C PHE O 208 1.37 23.75 18.42
N GLU O 209 2.63 23.42 18.11
CA GLU O 209 3.13 23.46 16.73
C GLU O 209 3.03 22.09 16.07
N THR O 210 1.98 21.89 15.28
CA THR O 210 1.79 20.64 14.58
C THR O 210 2.99 20.21 13.74
N ILE O 211 3.68 19.15 14.17
CA ILE O 211 4.85 18.63 13.44
C ILE O 211 4.42 17.58 12.42
N GLN O 212 3.55 16.66 12.83
CA GLN O 212 3.12 15.61 11.93
C GLN O 212 1.77 15.01 12.33
N ILE O 213 1.05 14.50 11.33
CA ILE O 213 -0.21 13.80 11.53
C ILE O 213 -0.23 12.47 10.80
N ILE O 214 -0.29 11.39 11.57
CA ILE O 214 -0.32 10.08 10.98
C ILE O 214 -1.67 9.38 11.16
N ASN O 215 -2.11 8.70 10.13
CA ASN O 215 -3.28 7.84 10.20
C ASN O 215 -2.81 6.41 10.52
N LEU O 216 -3.23 5.85 11.66
CA LEU O 216 -2.70 4.56 12.12
C LEU O 216 -3.19 3.34 11.36
N ASP O 217 -3.98 3.54 10.30
CA ASP O 217 -4.50 2.43 9.48
C ASP O 217 -3.38 1.60 8.90
N PRO O 218 -3.49 0.27 8.93
CA PRO O 218 -4.48 -0.72 9.35
C PRO O 218 -4.22 -1.29 10.75
N TYR O 219 -3.27 -0.71 11.47
CA TYR O 219 -2.96 -1.12 12.84
C TYR O 219 -4.10 -0.79 13.79
N ASP O 220 -4.69 0.38 13.56
CA ASP O 220 -5.80 0.86 14.35
C ASP O 220 -6.79 1.58 13.45
N LYS O 221 -8.05 1.14 13.48
CA LYS O 221 -9.13 1.75 12.71
C LYS O 221 -9.62 3.07 13.32
N ASP O 222 -9.93 4.04 12.46
CA ASP O 222 -10.48 5.32 12.88
C ASP O 222 -9.60 6.03 13.93
N HIS O 223 -8.29 5.96 13.75
CA HIS O 223 -7.34 6.65 14.63
C HIS O 223 -6.31 7.49 13.89
N ALA O 224 -5.89 8.57 14.53
CA ALA O 224 -4.77 9.35 14.05
C ALA O 224 -3.87 9.69 15.23
N ILE O 225 -2.60 9.91 14.97
CA ILE O 225 -1.65 10.32 16.01
C ILE O 225 -0.94 11.61 15.55
N VAL O 226 -0.90 12.58 16.45
CA VAL O 226 -0.38 13.92 16.17
C VAL O 226 0.89 14.18 16.95
N LEU O 227 1.91 14.67 16.27
CA LEU O 227 3.10 15.15 16.96
C LEU O 227 3.08 16.67 16.95
N SER O 228 3.37 17.30 18.08
CA SER O 228 3.43 18.76 18.11
C SER O 228 4.36 19.26 19.20
N LYS O 229 4.78 20.51 19.09
CA LYS O 229 5.66 21.08 20.09
C LYS O 229 4.97 22.15 20.91
N TYR O 230 5.19 22.08 22.21
CA TYR O 230 4.55 23.00 23.11
C TYR O 230 5.33 24.31 23.10
N LYS O 231 4.61 25.44 22.96
CA LYS O 231 5.25 26.77 22.95
C LYS O 231 4.85 27.65 24.13
N ILE P 5 -66.29 -6.55 18.94
CA ILE P 5 -66.03 -7.76 18.19
C ILE P 5 -67.21 -8.10 17.26
N THR P 6 -66.89 -8.59 16.07
CA THR P 6 -67.87 -9.05 15.09
C THR P 6 -67.16 -9.99 14.12
N VAL P 7 -67.82 -11.06 13.71
CA VAL P 7 -67.25 -11.93 12.72
C VAL P 7 -68.16 -12.02 11.51
N LYS P 8 -67.61 -11.93 10.30
CA LYS P 8 -68.47 -12.00 9.11
C LYS P 8 -67.86 -12.74 7.92
N GLN P 9 -68.70 -13.41 7.14
CA GLN P 9 -68.24 -14.10 5.93
C GLN P 9 -67.56 -13.14 4.96
N THR P 10 -66.70 -13.70 4.11
CA THR P 10 -65.98 -12.95 3.10
C THR P 10 -66.39 -13.51 1.75
N ASN P 11 -65.83 -13.01 0.64
CA ASN P 11 -66.13 -13.57 -0.68
C ASN P 11 -65.73 -15.05 -0.85
N MET P 12 -64.99 -15.63 0.11
CA MET P 12 -64.57 -17.03 0.03
C MET P 12 -65.13 -17.90 1.15
N GLU P 13 -65.57 -19.10 0.78
CA GLU P 13 -66.22 -20.03 1.69
C GLU P 13 -65.48 -20.32 2.96
N ASN P 14 -66.24 -20.54 4.02
CA ASN P 14 -65.69 -20.87 5.32
C ASN P 14 -64.45 -20.08 5.75
N ILE P 15 -64.31 -18.87 5.22
CA ILE P 15 -63.28 -17.93 5.61
C ILE P 15 -63.94 -16.63 6.10
N TYR P 16 -63.54 -16.17 7.28
CA TYR P 16 -64.21 -15.05 7.96
C TYR P 16 -63.23 -13.95 8.33
N GLU P 17 -63.78 -12.80 8.76
CA GLU P 17 -63.03 -11.63 9.21
C GLU P 17 -63.40 -11.34 10.64
N CYS P 18 -62.54 -10.65 11.37
CA CYS P 18 -62.97 -10.10 12.66
C CYS P 18 -62.87 -8.62 12.71
N GLU P 19 -63.98 -7.98 13.03
CA GLU P 19 -63.97 -6.65 13.59
C GLU P 19 -63.49 -6.96 15.03
N PHE P 20 -62.58 -6.18 15.59
CA PHE P 20 -62.13 -6.49 16.95
C PHE P 20 -62.41 -5.38 17.94
N ASN P 21 -62.31 -5.71 19.23
CA ASN P 21 -62.50 -4.73 20.31
C ASN P 21 -61.83 -3.38 20.05
N ASP P 22 -60.78 -3.36 19.23
CA ASP P 22 -59.99 -2.14 18.99
C ASP P 22 -60.08 -1.50 17.58
N GLY P 23 -60.32 -2.30 16.54
CA GLY P 23 -60.36 -1.81 15.17
C GLY P 23 -59.33 -2.50 14.29
N SER P 24 -58.89 -3.66 14.76
CA SER P 24 -57.95 -4.50 14.05
C SER P 24 -58.70 -5.62 13.37
N PHE P 25 -58.20 -6.06 12.22
CA PHE P 25 -58.91 -7.05 11.41
C PHE P 25 -58.05 -8.27 11.16
N ARG P 26 -58.55 -9.43 11.53
CA ARG P 26 -57.81 -10.66 11.26
C ARG P 26 -58.72 -11.75 10.67
N LEU P 27 -58.18 -12.50 9.71
CA LEU P 27 -58.90 -13.63 9.12
C LEU P 27 -59.10 -14.75 10.14
N CYS P 28 -60.10 -15.59 9.89
CA CYS P 28 -60.30 -16.77 10.75
C CYS P 28 -61.16 -17.88 10.13
N THR P 29 -61.16 -19.05 10.74
CA THR P 29 -61.87 -20.17 10.13
C THR P 29 -62.79 -20.83 11.12
N ARG P 30 -63.75 -21.57 10.59
CA ARG P 30 -64.73 -22.17 11.45
C ARG P 30 -64.06 -23.37 12.13
N ASN P 31 -63.79 -23.25 13.43
CA ASN P 31 -63.01 -24.27 14.12
C ASN P 31 -63.73 -25.60 14.19
N LEU P 32 -63.20 -26.57 13.45
CA LEU P 32 -63.76 -27.90 13.34
C LEU P 32 -63.68 -28.72 14.62
N VAL P 33 -62.81 -28.32 15.54
CA VAL P 33 -62.73 -29.00 16.83
C VAL P 33 -62.64 -28.00 17.99
N PRO P 34 -63.82 -27.56 18.49
CA PRO P 34 -63.99 -26.57 19.56
C PRO P 34 -63.11 -26.85 20.78
N ASN P 35 -62.66 -25.78 21.42
CA ASN P 35 -61.84 -25.77 22.64
C ASN P 35 -60.39 -26.20 22.47
N PHE P 36 -59.94 -26.34 21.23
CA PHE P 36 -58.57 -26.75 20.98
C PHE P 36 -57.92 -25.84 19.96
N ASN P 37 -56.67 -25.45 20.23
CA ASN P 37 -55.90 -24.64 19.30
C ASN P 37 -54.64 -25.38 18.91
N VAL P 38 -54.25 -25.29 17.64
CA VAL P 38 -53.12 -26.08 17.11
C VAL P 38 -51.79 -25.37 17.34
N TYR P 39 -51.71 -24.08 17.05
CA TYR P 39 -50.55 -23.32 17.49
C TYR P 39 -50.96 -22.46 18.68
N GLY P 40 -50.59 -21.20 18.68
CA GLY P 40 -50.95 -20.34 19.80
C GLY P 40 -52.19 -19.49 19.59
N GLU P 41 -52.91 -19.73 18.50
CA GLU P 41 -53.89 -18.78 18.01
C GLU P 41 -55.06 -18.56 18.96
N ARG P 42 -55.65 -17.36 18.85
CA ARG P 42 -56.80 -16.98 19.64
C ARG P 42 -58.02 -17.80 19.22
N LEU P 43 -58.70 -18.39 20.20
CA LEU P 43 -60.01 -19.02 19.96
C LEU P 43 -61.06 -18.02 20.36
N ILE P 44 -62.02 -17.77 19.47
CA ILE P 44 -63.06 -16.79 19.77
C ILE P 44 -64.48 -17.27 19.46
N LYS P 45 -65.37 -17.12 20.43
CA LYS P 45 -66.78 -17.46 20.23
C LYS P 45 -67.58 -16.23 19.84
N TYR P 46 -68.37 -16.37 18.79
CA TYR P 46 -69.22 -15.28 18.37
C TYR P 46 -70.53 -15.89 17.91
N GLU P 47 -71.62 -15.46 18.56
CA GLU P 47 -72.94 -16.06 18.36
C GLU P 47 -72.81 -17.58 18.55
N GLY P 48 -72.19 -17.98 19.66
CA GLY P 48 -72.02 -19.38 20.03
C GLY P 48 -71.30 -20.34 19.08
N VAL P 49 -70.56 -19.79 18.12
CA VAL P 49 -69.74 -20.61 17.22
C VAL P 49 -68.28 -20.26 17.54
N GLU P 50 -67.38 -21.25 17.55
CA GLU P 50 -65.99 -20.99 17.90
C GLU P 50 -65.11 -20.90 16.66
N TYR P 51 -64.39 -19.79 16.56
CA TYR P 51 -63.50 -19.49 15.44
C TYR P 51 -62.05 -19.52 15.87
N ARG P 52 -61.17 -19.78 14.90
CA ARG P 52 -59.73 -19.77 15.11
C ARG P 52 -59.10 -18.61 14.36
N GLU P 53 -58.42 -17.71 15.07
CA GLU P 53 -57.73 -16.61 14.42
C GLU P 53 -56.62 -17.16 13.52
N TRP P 54 -56.56 -16.67 12.28
CA TRP P 54 -55.65 -17.18 11.23
C TRP P 54 -54.48 -16.25 10.94
N ASN P 55 -53.33 -16.48 11.56
CA ASN P 55 -52.20 -15.55 11.44
C ASN P 55 -51.58 -15.58 10.05
N ALA P 56 -51.62 -14.46 9.33
CA ALA P 56 -51.16 -14.43 7.94
C ALA P 56 -49.63 -14.48 7.82
N PHE P 57 -48.94 -14.08 8.88
CA PHE P 57 -47.49 -14.11 8.90
C PHE P 57 -46.92 -15.53 9.03
N ARG P 58 -47.76 -16.44 9.52
CA ARG P 58 -47.45 -17.85 9.72
C ARG P 58 -47.93 -18.74 8.58
N SER P 59 -49.08 -18.42 8.02
CA SER P 59 -49.61 -19.19 6.93
C SER P 59 -49.60 -18.44 5.60
N LYS P 60 -48.91 -18.97 4.61
CA LYS P 60 -48.88 -18.33 3.29
C LYS P 60 -50.27 -18.25 2.69
N LEU P 61 -51.12 -19.22 2.98
CA LEU P 61 -52.43 -19.22 2.32
C LEU P 61 -53.18 -17.99 2.73
N ALA P 62 -53.29 -17.76 4.04
CA ALA P 62 -53.93 -16.56 4.57
C ALA P 62 -53.20 -15.30 4.13
N GLY P 63 -51.88 -15.39 3.98
CA GLY P 63 -51.14 -14.27 3.44
C GLY P 63 -51.62 -13.98 2.03
N ALA P 64 -51.74 -15.01 1.21
CA ALA P 64 -52.11 -14.88 -0.19
C ALA P 64 -53.48 -14.21 -0.34
N ILE P 65 -54.43 -14.63 0.50
CA ILE P 65 -55.78 -14.08 0.53
C ILE P 65 -55.73 -12.56 0.79
N LEU P 66 -55.04 -12.15 1.87
CA LEU P 66 -54.90 -10.74 2.21
C LEU P 66 -54.08 -9.97 1.18
N LYS P 67 -53.27 -10.68 0.40
CA LYS P 67 -52.52 -10.01 -0.65
C LYS P 67 -53.31 -10.09 -1.95
N GLY P 68 -54.59 -10.35 -1.81
CA GLY P 68 -55.51 -10.29 -2.91
C GLY P 68 -55.63 -11.52 -3.76
N LEU P 69 -55.72 -12.70 -3.14
CA LEU P 69 -55.97 -13.88 -3.93
C LEU P 69 -57.39 -13.73 -4.48
N LYS P 70 -57.45 -13.53 -5.79
CA LYS P 70 -58.67 -13.39 -6.59
C LYS P 70 -59.67 -14.53 -6.34
N THR P 71 -59.23 -15.76 -6.56
CA THR P 71 -60.09 -16.93 -6.43
C THR P 71 -59.43 -18.00 -5.58
N ASN P 72 -60.20 -18.59 -4.69
CA ASN P 72 -59.67 -19.60 -3.79
C ASN P 72 -60.18 -20.99 -4.08
N PRO P 73 -59.35 -21.86 -4.68
CA PRO P 73 -59.87 -23.18 -5.05
C PRO P 73 -60.13 -24.09 -3.85
N ILE P 74 -59.75 -23.64 -2.65
CA ILE P 74 -59.92 -24.46 -1.45
C ILE P 74 -61.15 -24.01 -0.69
N ARG P 75 -62.19 -24.85 -0.75
CA ARG P 75 -63.49 -24.52 -0.18
C ARG P 75 -64.13 -25.73 0.50
N LYS P 76 -65.42 -25.63 0.81
CA LYS P 76 -66.15 -26.76 1.42
C LYS P 76 -66.01 -28.05 0.62
N GLY P 77 -65.71 -29.13 1.32
CA GLY P 77 -65.67 -30.47 0.77
C GLY P 77 -64.62 -30.74 -0.30
N THR P 78 -63.67 -29.82 -0.44
CA THR P 78 -62.58 -29.96 -1.41
C THR P 78 -61.64 -31.08 -0.96
N LYS P 79 -61.13 -31.86 -1.92
CA LYS P 79 -60.05 -32.80 -1.60
C LYS P 79 -58.72 -32.22 -2.09
N VAL P 80 -57.83 -31.99 -1.13
CA VAL P 80 -56.57 -31.28 -1.36
C VAL P 80 -55.34 -32.08 -0.91
N LEU P 81 -54.31 -32.03 -1.75
CA LEU P 81 -53.01 -32.62 -1.47
C LEU P 81 -52.10 -31.56 -0.91
N TYR P 82 -51.56 -31.79 0.28
CA TYR P 82 -50.71 -30.81 0.91
C TYR P 82 -49.27 -31.35 1.01
N LEU P 83 -48.38 -30.83 0.18
CA LEU P 83 -46.96 -31.17 0.23
C LEU P 83 -46.16 -30.24 1.12
N GLY P 84 -45.62 -30.78 2.20
CA GLY P 84 -44.89 -29.99 3.18
C GLY P 84 -45.80 -29.44 4.25
N ALA P 85 -46.48 -30.33 4.96
CA ALA P 85 -47.48 -30.00 5.96
C ALA P 85 -46.84 -29.44 7.23
N ALA P 86 -45.60 -29.83 7.46
CA ALA P 86 -44.81 -29.36 8.59
C ALA P 86 -45.53 -29.60 9.93
N SER P 87 -45.45 -28.64 10.84
CA SER P 87 -46.04 -28.74 12.19
C SER P 87 -47.56 -28.80 12.18
N GLY P 88 -48.16 -28.27 11.12
CA GLY P 88 -49.60 -28.31 10.93
C GLY P 88 -50.30 -26.98 11.02
N THR P 89 -49.55 -25.89 11.00
CA THR P 89 -50.11 -24.56 11.08
C THR P 89 -51.15 -24.27 10.01
N THR P 90 -50.74 -24.24 8.74
CA THR P 90 -51.69 -23.95 7.68
C THR P 90 -52.69 -25.06 7.45
N ILE P 91 -52.24 -26.31 7.45
CA ILE P 91 -53.14 -27.41 7.08
C ILE P 91 -54.31 -27.55 8.06
N SER P 92 -54.13 -27.08 9.28
CA SER P 92 -55.22 -27.16 10.22
C SER P 92 -56.28 -26.16 9.78
N HIS P 93 -55.87 -25.10 9.11
CA HIS P 93 -56.84 -24.14 8.61
C HIS P 93 -57.50 -24.59 7.32
N VAL P 94 -56.80 -25.36 6.47
CA VAL P 94 -57.45 -25.84 5.25
C VAL P 94 -58.40 -26.95 5.67
N SER P 95 -58.12 -27.53 6.82
CA SER P 95 -59.03 -28.48 7.46
C SER P 95 -60.35 -27.79 7.84
N ASP P 96 -60.25 -26.70 8.60
CA ASP P 96 -61.40 -25.93 9.07
C ASP P 96 -62.29 -25.50 7.92
N ILE P 97 -61.66 -25.28 6.76
CA ILE P 97 -62.38 -24.83 5.60
C ILE P 97 -63.11 -26.00 4.91
N ILE P 98 -62.42 -27.11 4.67
CA ILE P 98 -63.04 -28.20 3.91
C ILE P 98 -64.07 -29.07 4.69
N GLU P 99 -63.90 -29.13 6.01
CA GLU P 99 -64.99 -29.46 6.92
C GLU P 99 -65.58 -30.85 6.79
N LEU P 100 -64.80 -31.86 7.16
CA LEU P 100 -65.29 -33.24 7.31
C LEU P 100 -65.61 -33.91 5.97
N ASN P 101 -66.32 -33.18 5.10
CA ASN P 101 -66.66 -33.66 3.77
C ASN P 101 -65.44 -33.68 2.85
N GLY P 102 -64.55 -32.72 3.05
CA GLY P 102 -63.30 -32.62 2.32
C GLY P 102 -62.16 -33.42 2.94
N LYS P 103 -61.07 -33.54 2.20
CA LYS P 103 -59.93 -34.23 2.76
C LYS P 103 -58.63 -33.46 2.51
N ALA P 104 -57.78 -33.43 3.52
CA ALA P 104 -56.48 -32.78 3.38
C ALA P 104 -55.44 -33.83 3.61
N TYR P 105 -54.71 -34.19 2.56
CA TYR P 105 -53.68 -35.20 2.66
C TYR P 105 -52.33 -34.53 2.86
N GLY P 106 -51.77 -34.72 4.05
CA GLY P 106 -50.58 -34.00 4.46
C GLY P 106 -49.29 -34.76 4.37
N VAL P 107 -48.46 -34.41 3.38
CA VAL P 107 -47.17 -35.04 3.15
C VAL P 107 -46.00 -34.26 3.76
N GLU P 108 -45.21 -34.93 4.59
CA GLU P 108 -44.10 -34.28 5.26
C GLU P 108 -43.05 -35.32 5.62
N PHE P 109 -41.78 -35.05 5.28
CA PHE P 109 -40.75 -36.09 5.42
C PHE P 109 -39.81 -35.92 6.61
N SER P 110 -40.02 -34.89 7.43
CA SER P 110 -39.16 -34.69 8.58
C SER P 110 -39.78 -35.22 9.86
N PRO P 111 -39.24 -36.33 10.38
CA PRO P 111 -39.82 -36.98 11.56
C PRO P 111 -39.94 -36.04 12.72
N ARG P 112 -38.96 -35.16 12.93
CA ARG P 112 -39.01 -34.27 14.08
C ARG P 112 -40.29 -33.47 14.13
N VAL P 113 -40.85 -33.20 12.96
CA VAL P 113 -41.95 -32.27 12.88
C VAL P 113 -43.30 -32.98 12.63
N VAL P 114 -43.31 -34.10 11.91
CA VAL P 114 -44.50 -34.95 11.79
C VAL P 114 -44.96 -35.39 13.15
N ARG P 115 -44.00 -35.56 14.03
CA ARG P 115 -44.26 -35.88 15.42
C ARG P 115 -45.34 -34.99 15.99
N GLU P 116 -45.29 -33.71 15.63
CA GLU P 116 -46.30 -32.77 16.11
C GLU P 116 -47.51 -32.63 15.14
N LEU P 117 -47.31 -32.87 13.85
CA LEU P 117 -48.45 -32.87 12.92
C LEU P 117 -49.47 -33.96 13.29
N LEU P 118 -48.97 -35.11 13.75
CA LEU P 118 -49.77 -36.20 14.34
C LEU P 118 -50.78 -35.70 15.35
N LEU P 119 -50.30 -34.91 16.31
CA LEU P 119 -51.13 -34.35 17.39
C LEU P 119 -52.28 -33.55 16.82
N VAL P 120 -52.00 -32.74 15.79
CA VAL P 120 -53.06 -32.06 15.05
C VAL P 120 -53.96 -33.07 14.29
N ALA P 121 -53.35 -34.13 13.76
CA ALA P 121 -54.05 -35.06 12.88
C ALA P 121 -54.98 -35.98 13.65
N GLN P 122 -54.65 -36.27 14.90
CA GLN P 122 -55.52 -37.06 15.72
C GLN P 122 -56.86 -36.39 15.93
N ARG P 123 -56.81 -35.11 16.30
CA ARG P 123 -58.01 -34.33 16.62
C ARG P 123 -58.95 -34.12 15.43
N ARG P 124 -58.45 -34.34 14.21
CA ARG P 124 -59.17 -33.99 12.99
C ARG P 124 -59.27 -35.09 11.94
N PRO P 125 -60.47 -35.68 11.81
CA PRO P 125 -60.78 -36.74 10.82
C PRO P 125 -60.52 -36.25 9.39
N ASN P 126 -60.35 -34.96 9.27
CA ASN P 126 -60.03 -34.30 8.02
C ASN P 126 -58.66 -34.57 7.38
N ILE P 127 -57.66 -34.78 8.25
CA ILE P 127 -56.25 -34.78 7.87
C ILE P 127 -55.60 -36.16 7.98
N PHE P 128 -54.85 -36.54 6.96
CA PHE P 128 -54.16 -37.83 6.92
C PHE P 128 -52.66 -37.63 6.81
N PRO P 129 -51.98 -37.68 7.96
CA PRO P 129 -50.55 -37.40 7.91
C PRO P 129 -49.85 -38.50 7.15
N LEU P 130 -48.91 -38.12 6.30
CA LEU P 130 -48.16 -39.10 5.54
C LEU P 130 -46.69 -38.76 5.69
N LEU P 131 -45.98 -39.52 6.51
CA LEU P 131 -44.53 -39.34 6.61
C LEU P 131 -43.86 -39.86 5.33
N ALA P 132 -43.67 -38.99 4.34
CA ALA P 132 -43.11 -39.44 3.08
C ALA P 132 -42.39 -38.32 2.39
N ASP P 133 -41.49 -38.68 1.48
CA ASP P 133 -40.74 -37.76 0.67
C ASP P 133 -41.60 -37.47 -0.52
N ALA P 134 -41.95 -36.20 -0.70
CA ALA P 134 -42.77 -35.75 -1.80
C ALA P 134 -42.12 -36.00 -3.16
N ARG P 135 -40.85 -36.43 -3.17
CA ARG P 135 -40.19 -36.77 -4.42
C ARG P 135 -40.59 -38.16 -4.91
N PHE P 136 -41.17 -38.95 -4.01
CA PHE P 136 -41.58 -40.30 -4.36
C PHE P 136 -43.06 -40.49 -4.12
N PRO P 137 -43.91 -39.98 -5.02
CA PRO P 137 -45.36 -40.10 -4.79
C PRO P 137 -45.78 -41.57 -4.69
N GLN P 138 -44.94 -42.43 -5.23
CA GLN P 138 -45.17 -43.85 -5.18
C GLN P 138 -45.27 -44.39 -3.75
N SER P 139 -44.68 -43.66 -2.81
CA SER P 139 -44.65 -44.08 -1.42
C SER P 139 -45.98 -43.87 -0.73
N TYR P 140 -46.81 -43.00 -1.31
CA TYR P 140 -48.12 -42.76 -0.71
C TYR P 140 -49.29 -42.92 -1.70
N LYS P 141 -48.95 -43.14 -2.97
CA LYS P 141 -49.90 -43.54 -4.02
C LYS P 141 -50.99 -44.46 -3.49
N SER P 142 -50.55 -45.39 -2.66
CA SER P 142 -51.35 -46.52 -2.26
C SER P 142 -52.16 -46.20 -1.01
N VAL P 143 -52.34 -44.92 -0.71
CA VAL P 143 -53.10 -44.48 0.48
C VAL P 143 -54.05 -43.35 0.15
N VAL P 144 -53.65 -42.53 -0.81
CA VAL P 144 -54.43 -41.37 -1.18
C VAL P 144 -55.41 -41.66 -2.33
N GLU P 145 -56.18 -40.66 -2.71
CA GLU P 145 -56.97 -40.69 -3.94
C GLU P 145 -56.47 -39.57 -4.84
N ASN P 146 -57.17 -39.26 -5.92
CA ASN P 146 -56.84 -38.07 -6.68
C ASN P 146 -57.61 -36.89 -6.08
N VAL P 147 -57.17 -35.66 -6.36
CA VAL P 147 -57.63 -34.50 -5.62
C VAL P 147 -57.94 -33.26 -6.48
N ASP P 148 -58.67 -32.30 -5.90
CA ASP P 148 -59.05 -31.08 -6.59
C ASP P 148 -57.93 -30.03 -6.55
N VAL P 149 -57.42 -29.78 -5.35
CA VAL P 149 -56.42 -28.75 -5.14
C VAL P 149 -55.09 -29.35 -4.78
N LEU P 150 -54.01 -28.84 -5.37
CA LEU P 150 -52.65 -29.22 -5.01
C LEU P 150 -51.88 -28.07 -4.36
N TYR P 151 -51.79 -28.09 -3.04
CA TYR P 151 -51.04 -27.06 -2.33
C TYR P 151 -49.62 -27.54 -2.08
N VAL P 152 -48.63 -26.80 -2.54
CA VAL P 152 -47.23 -27.20 -2.38
C VAL P 152 -46.40 -26.15 -1.68
N ASP P 153 -45.91 -26.50 -0.48
CA ASP P 153 -45.04 -25.61 0.26
C ASP P 153 -43.81 -26.38 0.78
N ILE P 154 -42.85 -26.67 -0.09
CA ILE P 154 -41.65 -27.41 0.31
C ILE P 154 -40.34 -26.66 0.07
N ALA P 155 -39.44 -26.72 1.03
CA ALA P 155 -38.14 -26.17 0.79
C ALA P 155 -37.28 -27.23 0.11
N GLN P 156 -37.12 -27.09 -1.21
CA GLN P 156 -36.29 -27.95 -2.05
C GLN P 156 -35.90 -27.12 -3.25
N PRO P 157 -34.67 -27.28 -3.76
CA PRO P 157 -34.29 -26.46 -4.91
C PRO P 157 -35.10 -26.89 -6.12
N ASP P 158 -35.51 -28.15 -6.17
CA ASP P 158 -36.30 -28.68 -7.29
C ASP P 158 -37.82 -28.71 -6.97
N GLN P 159 -38.28 -27.75 -6.18
CA GLN P 159 -39.67 -27.75 -5.68
C GLN P 159 -40.70 -27.76 -6.80
N THR P 160 -40.49 -26.97 -7.85
CA THR P 160 -41.48 -26.84 -8.91
C THR P 160 -41.67 -28.15 -9.65
N ASP P 161 -40.55 -28.78 -10.04
CA ASP P 161 -40.54 -30.10 -10.67
C ASP P 161 -41.21 -31.19 -9.82
N ILE P 162 -40.91 -31.23 -8.52
CA ILE P 162 -41.58 -32.18 -7.63
C ILE P 162 -43.09 -32.00 -7.70
N ALA P 163 -43.51 -30.74 -7.67
CA ALA P 163 -44.91 -30.37 -7.73
C ALA P 163 -45.53 -30.86 -9.04
N ILE P 164 -44.82 -30.66 -10.14
CA ILE P 164 -45.33 -31.12 -11.43
C ILE P 164 -45.51 -32.65 -11.42
N TYR P 165 -44.49 -33.37 -10.95
CA TYR P 165 -44.52 -34.81 -10.83
C TYR P 165 -45.70 -35.27 -9.94
N ASN P 166 -45.93 -34.56 -8.84
CA ASN P 166 -47.03 -34.95 -7.98
C ASN P 166 -48.38 -34.72 -8.61
N ALA P 167 -48.43 -33.72 -9.49
CA ALA P 167 -49.70 -33.36 -10.11
C ALA P 167 -50.13 -34.47 -11.04
N LYS P 168 -49.23 -34.89 -11.93
CA LYS P 168 -49.61 -35.86 -12.94
C LYS P 168 -49.83 -37.25 -12.34
N PHE P 169 -49.54 -37.41 -11.05
CA PHE P 169 -50.03 -38.57 -10.30
C PHE P 169 -51.45 -38.34 -9.74
N PHE P 170 -51.66 -37.23 -9.05
CA PHE P 170 -52.87 -37.08 -8.24
C PHE P 170 -53.78 -35.90 -8.56
N LEU P 171 -53.34 -34.98 -9.41
CA LEU P 171 -54.16 -33.80 -9.70
C LEU P 171 -55.15 -34.05 -10.81
N LYS P 172 -56.45 -34.00 -10.48
CA LYS P 172 -57.53 -34.07 -11.46
C LYS P 172 -57.26 -33.04 -12.56
N VAL P 173 -57.54 -33.40 -13.82
CA VAL P 173 -57.38 -32.43 -14.89
C VAL P 173 -58.39 -31.29 -14.67
N ASN P 174 -57.96 -30.06 -14.92
CA ASN P 174 -58.73 -28.86 -14.59
C ASN P 174 -58.87 -28.66 -13.09
N GLY P 175 -58.07 -29.38 -12.31
CA GLY P 175 -57.92 -29.14 -10.89
C GLY P 175 -56.97 -27.96 -10.73
N ASP P 176 -56.84 -27.46 -9.50
CA ASP P 176 -55.99 -26.30 -9.26
C ASP P 176 -54.74 -26.59 -8.42
N MET P 177 -53.68 -25.83 -8.68
CA MET P 177 -52.45 -25.89 -7.89
C MET P 177 -51.96 -24.56 -7.30
N LEU P 178 -51.80 -24.52 -5.98
CA LEU P 178 -51.06 -23.43 -5.33
C LEU P 178 -49.59 -23.75 -5.00
N LEU P 179 -48.65 -23.10 -5.67
CA LEU P 179 -47.23 -23.40 -5.52
C LEU P 179 -46.49 -22.25 -4.89
N VAL P 180 -45.87 -22.48 -3.74
CA VAL P 180 -45.08 -21.45 -3.09
C VAL P 180 -43.68 -21.45 -3.63
N ILE P 181 -43.26 -20.35 -4.22
CA ILE P 181 -41.93 -20.25 -4.76
C ILE P 181 -41.01 -19.71 -3.68
N LYS P 182 -40.17 -20.55 -3.06
CA LYS P 182 -39.27 -20.06 -2.03
C LYS P 182 -37.91 -19.69 -2.65
N ALA P 183 -37.81 -18.44 -3.11
CA ALA P 183 -36.67 -17.98 -3.88
C ALA P 183 -35.33 -18.28 -3.19
N ARG P 184 -35.30 -18.14 -1.88
CA ARG P 184 -34.05 -18.33 -1.15
C ARG P 184 -33.74 -19.80 -0.86
N SER P 185 -34.68 -20.69 -1.15
CA SER P 185 -34.38 -22.13 -1.01
C SER P 185 -34.18 -22.75 -2.38
N ILE P 186 -34.38 -21.96 -3.43
CA ILE P 186 -34.04 -22.42 -4.75
C ILE P 186 -32.62 -21.96 -5.07
N ASP P 187 -32.30 -20.70 -4.77
CA ASP P 187 -30.92 -20.19 -4.90
C ASP P 187 -30.68 -18.82 -4.23
N VAL P 188 -29.87 -18.79 -3.18
CA VAL P 188 -29.60 -17.56 -2.44
C VAL P 188 -28.78 -16.58 -3.27
N THR P 189 -28.17 -17.13 -4.31
CA THR P 189 -27.37 -16.36 -5.27
C THR P 189 -28.23 -15.47 -6.14
N LYS P 190 -29.21 -16.08 -6.80
CA LYS P 190 -30.05 -15.36 -7.76
C LYS P 190 -30.96 -14.35 -7.10
N ASP P 191 -31.40 -13.40 -7.91
CA ASP P 191 -32.43 -12.45 -7.55
C ASP P 191 -33.82 -13.12 -7.59
N PRO P 192 -34.63 -12.95 -6.53
CA PRO P 192 -35.95 -13.56 -6.45
C PRO P 192 -36.88 -13.23 -7.62
N LYS P 193 -36.68 -12.11 -8.30
CA LYS P 193 -37.54 -11.82 -9.43
C LYS P 193 -37.20 -12.77 -10.59
N GLU P 194 -35.92 -13.07 -10.79
CA GLU P 194 -35.53 -14.06 -11.78
C GLU P 194 -36.07 -15.45 -11.45
N ILE P 195 -35.90 -15.86 -10.20
CA ILE P 195 -36.35 -17.17 -9.74
C ILE P 195 -37.86 -17.33 -9.89
N TYR P 196 -38.65 -16.35 -9.46
CA TYR P 196 -40.09 -16.44 -9.69
C TYR P 196 -40.36 -16.68 -11.16
N LYS P 197 -39.61 -16.00 -12.00
CA LYS P 197 -39.93 -15.96 -13.42
C LYS P 197 -39.59 -17.29 -14.10
N THR P 198 -38.40 -17.85 -13.86
CA THR P 198 -38.05 -19.10 -14.52
C THR P 198 -38.94 -20.23 -13.99
N GLU P 199 -39.38 -20.13 -12.75
CA GLU P 199 -40.19 -21.20 -12.17
C GLU P 199 -41.63 -21.20 -12.68
N VAL P 200 -42.22 -20.04 -12.90
CA VAL P 200 -43.57 -20.01 -13.47
C VAL P 200 -43.56 -20.60 -14.91
N GLU P 201 -42.48 -20.34 -15.65
CA GLU P 201 -42.32 -20.88 -17.01
C GLU P 201 -42.36 -22.41 -17.05
N LYS P 202 -41.69 -23.05 -16.09
CA LYS P 202 -41.74 -24.49 -16.01
C LYS P 202 -43.17 -24.99 -15.96
N LEU P 203 -44.02 -24.27 -15.23
CA LEU P 203 -45.40 -24.69 -15.05
C LEU P 203 -46.14 -24.67 -16.38
N GLU P 204 -45.85 -23.64 -17.15
CA GLU P 204 -46.56 -23.41 -18.39
C GLU P 204 -46.06 -24.33 -19.51
N ASN P 205 -44.75 -24.62 -19.49
CA ASN P 205 -44.12 -25.60 -20.40
C ASN P 205 -44.51 -26.99 -19.97
N SER P 206 -45.18 -27.07 -18.83
CA SER P 206 -45.84 -28.28 -18.40
C SER P 206 -47.37 -28.11 -18.45
N ASN P 207 -47.82 -27.23 -19.34
CA ASN P 207 -49.22 -26.83 -19.54
C ASN P 207 -50.05 -26.77 -18.23
N PHE P 208 -49.52 -25.99 -17.30
CA PHE P 208 -50.34 -25.41 -16.26
C PHE P 208 -50.72 -24.03 -16.73
N GLU P 209 -51.95 -23.63 -16.49
CA GLU P 209 -52.41 -22.34 -16.95
C GLU P 209 -52.32 -21.34 -15.81
N THR P 210 -51.30 -20.49 -15.85
CA THR P 210 -51.09 -19.46 -14.82
C THR P 210 -52.33 -18.58 -14.63
N ILE P 211 -52.94 -18.67 -13.45
CA ILE P 211 -54.14 -17.88 -13.12
C ILE P 211 -53.81 -16.52 -12.46
N GLN P 212 -52.90 -16.53 -11.49
CA GLN P 212 -52.56 -15.36 -10.70
C GLN P 212 -51.16 -15.54 -10.11
N ILE P 213 -50.45 -14.46 -9.84
CA ILE P 213 -49.17 -14.53 -9.13
C ILE P 213 -49.10 -13.50 -8.03
N ILE P 214 -49.00 -13.97 -6.79
CA ILE P 214 -48.93 -13.08 -5.65
C ILE P 214 -47.55 -13.05 -4.96
N ASN P 215 -47.09 -11.85 -4.61
CA ASN P 215 -45.89 -11.66 -3.80
C ASN P 215 -46.30 -11.58 -2.34
N LEU P 216 -45.84 -12.52 -1.51
CA LEU P 216 -46.32 -12.60 -0.14
C LEU P 216 -45.80 -11.50 0.78
N ASP P 217 -45.02 -10.55 0.23
CA ASP P 217 -44.46 -9.44 1.03
C ASP P 217 -45.60 -8.69 1.68
N PRO P 218 -45.48 -8.35 2.98
CA PRO P 218 -44.44 -8.49 4.00
C PRO P 218 -44.68 -9.66 4.93
N TYR P 219 -45.69 -10.45 4.61
CA TYR P 219 -46.01 -11.63 5.41
C TYR P 219 -44.86 -12.63 5.34
N ASP P 220 -44.28 -12.74 4.15
CA ASP P 220 -43.16 -13.63 3.92
C ASP P 220 -42.16 -13.01 2.94
N LYS P 221 -40.89 -12.93 3.36
CA LYS P 221 -39.79 -12.39 2.55
C LYS P 221 -39.34 -13.37 1.45
N ASP P 222 -39.01 -12.84 0.28
CA ASP P 222 -38.50 -13.66 -0.81
C ASP P 222 -39.40 -14.87 -1.13
N HIS P 223 -40.70 -14.65 -1.10
CA HIS P 223 -41.69 -15.67 -1.47
C HIS P 223 -42.73 -15.17 -2.48
N ALA P 224 -43.18 -16.06 -3.35
CA ALA P 224 -44.31 -15.80 -4.25
C ALA P 224 -45.23 -16.99 -4.21
N ILE P 225 -46.50 -16.81 -4.51
CA ILE P 225 -47.42 -17.94 -4.56
C ILE P 225 -48.17 -17.92 -5.91
N VAL P 226 -48.22 -19.05 -6.58
CA VAL P 226 -48.86 -19.13 -7.89
C VAL P 226 -50.12 -19.95 -7.83
N LEU P 227 -51.19 -19.44 -8.41
CA LEU P 227 -52.36 -20.27 -8.61
C LEU P 227 -52.35 -20.57 -10.11
N SER P 228 -52.52 -21.84 -10.49
CA SER P 228 -52.62 -22.18 -11.90
C SER P 228 -53.45 -23.44 -12.04
N LYS P 229 -53.95 -23.68 -13.25
CA LYS P 229 -54.83 -24.83 -13.52
C LYS P 229 -54.17 -25.90 -14.32
N TYR P 230 -54.37 -27.13 -13.87
CA TYR P 230 -53.76 -28.25 -14.54
C TYR P 230 -54.62 -28.69 -15.73
N LYS P 231 -53.97 -28.96 -16.86
CA LYS P 231 -54.68 -29.38 -18.05
C LYS P 231 -54.35 -30.81 -18.46
N SAH U . 0.07 6.10 -31.81
CA SAH U . 0.65 6.44 -30.51
CB SAH U . 2.15 6.75 -30.58
CG SAH U . 2.99 6.03 -31.64
SD SAH U . 4.70 5.76 -31.06
C SAH U . -0.15 7.54 -29.77
O SAH U . -0.66 7.29 -28.66
OXT SAH U . -0.31 8.67 -30.26
C5' SAH U . 5.18 4.70 -32.46
C4' SAH U . 4.80 3.24 -32.24
O4' SAH U . 4.86 2.51 -33.43
C3' SAH U . 5.72 2.52 -31.25
O3' SAH U . 5.09 2.31 -30.00
C2' SAH U . 6.04 1.21 -31.95
O2' SAH U . 5.90 0.08 -31.12
C1' SAH U . 5.03 1.15 -33.08
N9 SAH U . 5.55 0.30 -34.17
C8 SAH U . 6.73 0.45 -34.84
N7 SAH U . 6.85 -0.55 -35.75
C5 SAH U . 5.77 -1.33 -35.64
C6 SAH U . 5.40 -2.48 -36.32
N6 SAH U . 6.20 -2.97 -37.26
N1 SAH U . 4.22 -3.09 -35.99
C2 SAH U . 3.42 -2.56 -35.00
N3 SAH U . 3.78 -1.42 -34.32
C4 SAH U . 4.94 -0.82 -34.65
N SAH V . 48.76 28.86 -15.95
CA SAH V . 48.24 27.52 -15.63
CB SAH V . 46.73 27.43 -15.36
CG SAH V . 45.76 28.61 -15.55
SD SAH V . 44.04 28.06 -15.32
C SAH V . 48.70 26.48 -16.67
O SAH V . 48.83 25.29 -16.35
OXT SAH V . 48.97 26.85 -17.82
C5' SAH V . 43.50 29.52 -14.37
C4' SAH V . 44.00 29.62 -12.93
O4' SAH V . 43.90 30.96 -12.52
C3' SAH V . 43.20 28.83 -11.89
O3' SAH V . 43.97 27.84 -11.26
C2' SAH V . 42.77 29.85 -10.85
O2' SAH V . 42.87 29.38 -9.51
C1' SAH V . 43.73 30.97 -11.12
N9 SAH V . 43.18 32.26 -10.67
C8 SAH V . 42.04 32.86 -11.11
N7 SAH V . 41.91 34.03 -10.44
C5 SAH V . 42.96 34.17 -9.60
C6 SAH V . 43.31 35.16 -8.72
N6 SAH V . 42.52 36.23 -8.57
N1 SAH V . 44.45 35.01 -7.98
C2 SAH V . 45.25 33.90 -8.13
N3 SAH V . 44.89 32.92 -9.03
C4 SAH V . 43.77 33.06 -9.75
N SAH W . -2.18 3.79 25.45
CA SAH W . -2.33 2.40 25.84
CB SAH W . -3.80 2.00 26.03
CG SAH W . -4.84 3.09 25.77
SD SAH W . -6.54 2.47 25.76
C SAH W . -1.61 1.48 24.85
O SAH W . -1.66 1.68 23.63
OXT SAH W . -0.93 0.54 25.28
C5' SAH W . -7.19 3.92 26.65
C4' SAH W . -7.15 3.88 28.18
O4' SAH W . -7.41 5.18 28.64
C3' SAH W . -8.21 3.03 28.87
O3' SAH W . -7.66 1.92 29.56
C2' SAH W . -8.80 3.91 29.95
O2' SAH W . -8.66 3.25 31.18
C1' SAH W . -7.91 5.12 29.95
N9 SAH W . -8.61 6.36 30.35
C8 SAH W . -9.75 6.92 29.83
N7 SAH W . -10.04 8.06 30.49
C5 SAH W . -9.07 8.26 31.44
C6 SAH W . -8.86 9.26 32.40
N6 SAH W . -9.68 10.28 32.52
N1 SAH W . -7.79 9.17 33.26
C2 SAH W . -6.91 8.11 33.15
N3 SAH W . -7.13 7.13 32.21
C4 SAH W . -8.19 7.20 31.35
N SAH X . -46.61 -25.22 4.83
CA SAH X . -46.30 -25.01 6.23
CB SAH X . -44.79 -24.77 6.43
CG SAH X . -43.87 -25.41 5.36
SD SAH X . -42.13 -25.55 5.89
C SAH X . -47.21 -23.94 6.85
O SAH X . -47.43 -22.86 6.25
OXT SAH X . -47.75 -24.12 7.96
C5' SAH X . -41.58 -26.59 4.52
C4' SAH X . -41.58 -28.08 4.85
O4' SAH X . -41.37 -28.83 3.67
C3' SAH X . -40.50 -28.54 5.82
O3' SAH X . -41.05 -29.01 7.03
C2' SAH X . -39.86 -29.73 5.13
O2' SAH X . -39.76 -30.84 5.98
C1' SAH X . -40.88 -30.07 4.09
N9 SAH X . -40.21 -30.79 3.01
C8 SAH X . -39.05 -30.43 2.37
N7 SAH X . -38.77 -31.36 1.45
C5 SAH X . -39.74 -32.30 1.51
C6 SAH X . -39.91 -33.46 0.79
N6 SAH X . -39.03 -33.76 -0.14
N1 SAH X . -41.00 -34.26 1.07
C2 SAH X . -41.90 -33.90 2.06
N3 SAH X . -41.70 -32.74 2.77
C4 SAH X . -40.64 -31.96 2.49
#